data_5HN7
#
_entry.id   5HN7
#
_cell.length_a   107.783
_cell.length_b   108.378
_cell.length_c   140.041
_cell.angle_alpha   90.00
_cell.angle_beta   90.43
_cell.angle_gamma   90.00
#
_symmetry.space_group_name_H-M   'P 1 21 1'
#
loop_
_entity.id
_entity.type
_entity.pdbx_description
1 polymer 'Farnesyl pyrophosphate synthase, putative'
2 non-polymer '5-(morpholin-4-ylsulfonyl)-2-{[3-(octyloxy)benzyl]oxy}benzoic acid'
3 water water
#
_entity_poly.entity_id   1
_entity_poly.type   'polypeptide(L)'
_entity_poly.pdbx_seq_one_letter_code
;MKETNSEEADSGLAFFRNMYDKYRDAFLSHLNEYSLEEEIKEHISKYYKLLFDYNCLGGKNNRGILVILIYEYVKNRDIN
SSEWEKAACLAWCIEILQAAFLVADDIMDKGEMRRNKYCWYLLKDVETKNAVNDVLLLYNSIYKLIEIYLRNESCYVDVI
ATFRDATLKTIIGQHLDTNIFSDKYSDAHREIDVNNINVPEQPVIDINMINFGVYKNIVIHKTAYYSFFLPIVCGMLLAG
IAVDNLIYKKIEDISMLMGEYFQIHDDYLDIFGDSTKTGKVGSDIQNNKLTWPLIKTFELCSEPDKIKIVKNYGKNNLAC
VKVIDSLYEQYKIRKHYESYEKAQKAKILSAINELHHEGIEYVLKYLLEILFTGV
;
_entity_poly.pdbx_strand_id   A,B,C,D,E,F,G,H
#
loop_
_chem_comp.id
_chem_comp.type
_chem_comp.name
_chem_comp.formula
04M non-polymer '5-(morpholin-4-ylsulfonyl)-2-{[3-(octyloxy)benzyl]oxy}benzoic acid' 'C26 H35 N O7 S'
#
# COMPACT_ATOMS: atom_id res chain seq x y z
N PHE A 15 -26.47 -31.61 -2.31
CA PHE A 15 -27.04 -31.87 -0.95
C PHE A 15 -27.12 -30.59 -0.12
N PHE A 16 -27.38 -29.48 -0.81
CA PHE A 16 -27.27 -28.13 -0.22
C PHE A 16 -28.63 -27.56 0.15
N ARG A 17 -29.65 -28.42 0.12
CA ARG A 17 -31.01 -28.01 0.44
C ARG A 17 -31.15 -27.70 1.92
N ASN A 18 -30.31 -28.35 2.73
CA ASN A 18 -30.39 -28.20 4.18
C ASN A 18 -29.84 -26.89 4.72
N MET A 19 -28.96 -26.24 3.96
CA MET A 19 -28.34 -25.00 4.43
C MET A 19 -29.11 -23.72 4.09
N TYR A 20 -30.24 -23.85 3.41
CA TYR A 20 -31.04 -22.69 3.05
C TYR A 20 -31.32 -21.76 4.23
N ASP A 21 -31.88 -22.32 5.30
CA ASP A 21 -32.27 -21.53 6.47
C ASP A 21 -31.13 -20.70 7.01
N LYS A 22 -29.94 -21.29 7.04
CA LYS A 22 -28.76 -20.60 7.55
C LYS A 22 -28.52 -19.29 6.81
N TYR A 23 -28.45 -19.38 5.48
CA TYR A 23 -28.21 -18.20 4.66
C TYR A 23 -29.34 -17.19 4.76
N ARG A 24 -30.58 -17.66 4.65
CA ARG A 24 -31.73 -16.76 4.85
C ARG A 24 -31.60 -16.04 6.19
N ASP A 25 -31.34 -16.80 7.24
CA ASP A 25 -31.33 -16.26 8.59
C ASP A 25 -30.15 -15.33 8.83
N ALA A 26 -29.02 -15.65 8.20
CA ALA A 26 -27.87 -14.77 8.21
C ALA A 26 -28.29 -13.39 7.67
N PHE A 27 -28.98 -13.38 6.54
CA PHE A 27 -29.37 -12.11 5.95
C PHE A 27 -30.44 -11.42 6.79
N LEU A 28 -31.44 -12.17 7.25
CA LEU A 28 -32.49 -11.58 8.08
C LEU A 28 -31.90 -11.05 9.38
N SER A 29 -30.86 -11.71 9.88
CA SER A 29 -30.16 -11.21 11.07
C SER A 29 -29.55 -9.83 10.84
N HIS A 30 -28.98 -9.61 9.66
CA HIS A 30 -28.43 -8.30 9.32
C HIS A 30 -29.48 -7.20 9.47
N LEU A 31 -30.66 -7.44 8.94
CA LEU A 31 -31.75 -6.45 8.99
C LEU A 31 -32.18 -6.28 10.43
N ASN A 32 -32.14 -7.36 11.18
CA ASN A 32 -32.51 -7.34 12.59
C ASN A 32 -31.61 -6.45 13.44
N GLU A 33 -30.43 -6.12 12.93
CA GLU A 33 -29.50 -5.23 13.65
C GLU A 33 -29.86 -3.76 13.48
N TYR A 34 -30.76 -3.47 12.55
CA TYR A 34 -31.10 -2.08 12.22
C TYR A 34 -31.62 -1.35 13.46
N SER A 35 -31.44 -0.03 13.50
CA SER A 35 -31.97 0.78 14.57
C SER A 35 -33.46 1.03 14.37
N LEU A 36 -34.27 0.07 14.75
CA LEU A 36 -35.71 0.16 14.57
C LEU A 36 -36.36 -0.31 15.86
N GLU A 37 -37.59 0.14 16.12
CA GLU A 37 -38.31 -0.32 17.30
C GLU A 37 -38.55 -1.82 17.20
N GLU A 38 -38.61 -2.49 18.34
CA GLU A 38 -38.76 -3.94 18.37
C GLU A 38 -39.96 -4.46 17.58
N GLU A 39 -41.10 -3.81 17.74
CA GLU A 39 -42.32 -4.22 17.03
C GLU A 39 -42.14 -4.12 15.51
N ILE A 40 -41.59 -2.99 15.06
CA ILE A 40 -41.30 -2.79 13.65
C ILE A 40 -40.38 -3.91 13.14
N LYS A 41 -39.37 -4.25 13.91
CA LYS A 41 -38.44 -5.31 13.52
C LYS A 41 -39.15 -6.64 13.34
N GLU A 42 -40.21 -6.86 14.12
CA GLU A 42 -41.01 -8.08 14.02
C GLU A 42 -41.77 -8.13 12.69
N HIS A 43 -42.33 -7.00 12.28
CA HIS A 43 -43.02 -6.92 11.00
C HIS A 43 -42.05 -7.18 9.84
N ILE A 44 -40.84 -6.63 9.95
CA ILE A 44 -39.82 -6.80 8.93
C ILE A 44 -39.42 -8.26 8.74
N SER A 45 -39.09 -8.94 9.83
CA SER A 45 -38.61 -10.32 9.74
C SER A 45 -39.72 -11.23 9.22
N LYS A 46 -40.95 -10.92 9.60
CA LYS A 46 -42.11 -11.69 9.17
C LYS A 46 -42.27 -11.58 7.67
N TYR A 47 -42.27 -10.34 7.16
CA TYR A 47 -42.45 -10.10 5.75
C TYR A 47 -41.34 -10.72 4.91
N TYR A 48 -40.09 -10.45 5.31
CA TYR A 48 -38.95 -10.83 4.50
C TYR A 48 -38.63 -12.32 4.58
N LYS A 49 -39.06 -12.96 5.67
CA LYS A 49 -38.96 -14.40 5.74
C LYS A 49 -39.88 -15.03 4.69
N LEU A 50 -41.05 -14.44 4.50
CA LEU A 50 -41.96 -14.91 3.47
C LEU A 50 -41.44 -14.60 2.06
N LEU A 51 -40.95 -13.39 1.85
CA LEU A 51 -40.39 -13.04 0.53
C LEU A 51 -39.39 -14.09 0.08
N PHE A 52 -38.41 -14.39 0.93
CA PHE A 52 -37.42 -15.39 0.59
C PHE A 52 -38.00 -16.79 0.35
N ASP A 53 -38.78 -17.28 1.31
CA ASP A 53 -39.28 -18.66 1.23
C ASP A 53 -40.16 -18.83 0.00
N TYR A 54 -41.09 -17.91 -0.17
CA TYR A 54 -42.05 -18.00 -1.25
C TYR A 54 -41.38 -18.05 -2.62
N ASN A 55 -40.36 -17.24 -2.83
CA ASN A 55 -39.76 -17.09 -4.16
C ASN A 55 -38.46 -17.86 -4.40
N CYS A 56 -37.74 -18.20 -3.34
CA CYS A 56 -36.46 -18.92 -3.52
C CYS A 56 -36.62 -20.45 -3.51
N LEU A 57 -37.74 -20.93 -3.00
CA LEU A 57 -37.98 -22.37 -2.88
C LEU A 57 -39.00 -22.83 -3.91
N GLY A 58 -38.92 -24.10 -4.31
CA GLY A 58 -39.89 -24.66 -5.25
C GLY A 58 -39.34 -24.93 -6.64
N GLY A 59 -38.18 -24.34 -6.94
CA GLY A 59 -37.56 -24.53 -8.26
C GLY A 59 -36.75 -25.82 -8.35
N LYS A 60 -36.23 -26.12 -9.53
CA LYS A 60 -35.40 -27.30 -9.73
C LYS A 60 -34.04 -27.10 -9.09
N ASN A 61 -33.67 -25.83 -8.88
CA ASN A 61 -32.39 -25.47 -8.29
C ASN A 61 -31.22 -25.88 -9.16
N ASN A 62 -31.44 -25.98 -10.46
CA ASN A 62 -30.37 -26.35 -11.40
C ASN A 62 -29.13 -25.48 -11.27
N ARG A 63 -29.34 -24.18 -11.15
CA ARG A 63 -28.24 -23.23 -11.11
C ARG A 63 -27.43 -23.39 -9.83
N GLY A 64 -28.13 -23.54 -8.71
CA GLY A 64 -27.46 -23.74 -7.42
C GLY A 64 -26.66 -25.03 -7.37
N ILE A 65 -27.27 -26.12 -7.83
CA ILE A 65 -26.61 -27.43 -7.86
C ILE A 65 -25.37 -27.40 -8.74
N LEU A 66 -25.42 -26.64 -9.83
CA LEU A 66 -24.31 -26.53 -10.75
C LEU A 66 -23.09 -25.94 -10.05
N VAL A 67 -23.30 -24.93 -9.23
CA VAL A 67 -22.20 -24.37 -8.46
C VAL A 67 -21.55 -25.45 -7.60
N ILE A 68 -22.37 -26.16 -6.84
CA ILE A 68 -21.88 -27.16 -5.92
C ILE A 68 -21.09 -28.27 -6.64
N LEU A 69 -21.60 -28.74 -7.77
CA LEU A 69 -20.95 -29.81 -8.52
C LEU A 69 -19.63 -29.35 -9.13
N ILE A 70 -19.64 -28.20 -9.79
CA ILE A 70 -18.40 -27.65 -10.33
C ILE A 70 -17.33 -27.54 -9.22
N TYR A 71 -17.71 -26.91 -8.11
CA TYR A 71 -16.77 -26.72 -7.02
C TYR A 71 -16.14 -28.05 -6.62
N GLU A 72 -16.98 -29.04 -6.38
CA GLU A 72 -16.57 -30.35 -5.94
C GLU A 72 -15.66 -31.08 -6.95
N TYR A 73 -15.99 -30.97 -8.23
CA TYR A 73 -15.21 -31.66 -9.27
C TYR A 73 -14.02 -30.91 -9.88
N VAL A 74 -13.86 -29.63 -9.58
CA VAL A 74 -12.73 -28.88 -10.12
C VAL A 74 -11.43 -29.29 -9.42
N ILE A 79 -12.34 -31.65 0.88
CA ILE A 79 -13.30 -30.55 1.05
C ILE A 79 -13.92 -30.53 2.43
N ASN A 80 -13.49 -29.59 3.27
CA ASN A 80 -14.04 -29.47 4.63
C ASN A 80 -15.34 -28.67 4.68
N SER A 81 -15.99 -28.70 5.85
CA SER A 81 -17.34 -28.13 5.97
C SER A 81 -17.33 -26.60 5.93
N SER A 82 -16.17 -26.00 6.21
CA SER A 82 -16.02 -24.56 6.10
C SER A 82 -16.01 -24.13 4.63
N GLU A 83 -15.37 -24.95 3.80
CA GLU A 83 -15.36 -24.72 2.36
C GLU A 83 -16.76 -24.91 1.75
N TRP A 84 -17.47 -25.93 2.19
CA TRP A 84 -18.83 -26.14 1.71
C TRP A 84 -19.72 -24.95 2.04
N GLU A 85 -19.48 -24.34 3.19
CA GLU A 85 -20.26 -23.20 3.62
C GLU A 85 -20.19 -22.05 2.62
N LYS A 86 -18.99 -21.82 2.08
CA LYS A 86 -18.78 -20.79 1.07
C LYS A 86 -19.42 -21.21 -0.26
N ALA A 87 -19.16 -22.44 -0.67
CA ALA A 87 -19.73 -22.94 -1.91
C ALA A 87 -21.25 -22.91 -1.89
N ALA A 88 -21.85 -23.30 -0.77
CA ALA A 88 -23.31 -23.38 -0.70
C ALA A 88 -23.92 -21.98 -0.58
N CYS A 89 -23.19 -21.06 0.02
CA CYS A 89 -23.59 -19.65 0.04
C CYS A 89 -23.77 -19.15 -1.39
N LEU A 90 -22.77 -19.41 -2.23
CA LEU A 90 -22.80 -18.96 -3.63
C LEU A 90 -23.90 -19.65 -4.42
N ALA A 91 -24.18 -20.90 -4.10
CA ALA A 91 -25.27 -21.64 -4.74
C ALA A 91 -26.60 -20.98 -4.42
N TRP A 92 -26.83 -20.68 -3.15
CA TRP A 92 -28.08 -20.06 -2.75
C TRP A 92 -28.18 -18.61 -3.21
N CYS A 93 -27.03 -17.96 -3.39
CA CYS A 93 -27.00 -16.62 -3.98
C CYS A 93 -27.49 -16.62 -5.41
N ILE A 94 -27.19 -17.67 -6.15
CA ILE A 94 -27.68 -17.74 -7.51
C ILE A 94 -29.17 -18.06 -7.55
N GLU A 95 -29.63 -18.88 -6.61
CA GLU A 95 -31.05 -19.16 -6.49
C GLU A 95 -31.83 -17.91 -6.07
N ILE A 96 -31.24 -17.08 -5.21
CA ILE A 96 -31.85 -15.81 -4.83
C ILE A 96 -31.87 -14.83 -6.01
N LEU A 97 -30.83 -14.87 -6.84
CA LEU A 97 -30.84 -14.08 -8.08
C LEU A 97 -31.98 -14.54 -8.96
N GLN A 98 -32.09 -15.85 -9.15
CA GLN A 98 -33.19 -16.44 -9.89
C GLN A 98 -34.53 -15.93 -9.35
N ALA A 99 -34.66 -15.84 -8.02
CA ALA A 99 -35.88 -15.36 -7.40
C ALA A 99 -36.17 -13.91 -7.78
N ALA A 100 -35.17 -13.05 -7.61
CA ALA A 100 -35.26 -11.65 -8.03
C ALA A 100 -35.71 -11.53 -9.50
N PHE A 101 -35.09 -12.33 -10.37
CA PHE A 101 -35.46 -12.34 -11.79
C PHE A 101 -36.90 -12.79 -12.05
N LEU A 102 -37.34 -13.85 -11.39
CA LEU A 102 -38.68 -14.35 -11.65
C LEU A 102 -39.77 -13.41 -11.15
N VAL A 103 -39.52 -12.79 -10.01
CA VAL A 103 -40.48 -11.82 -9.47
C VAL A 103 -40.58 -10.65 -10.44
N ALA A 104 -39.43 -10.16 -10.90
CA ALA A 104 -39.40 -9.02 -11.81
C ALA A 104 -40.01 -9.40 -13.16
N ASP A 105 -39.66 -10.59 -13.63
CA ASP A 105 -40.15 -11.04 -14.93
C ASP A 105 -41.66 -11.18 -14.93
N ASP A 106 -42.21 -11.65 -13.82
CA ASP A 106 -43.66 -11.78 -13.70
C ASP A 106 -44.36 -10.44 -13.61
N ILE A 107 -43.73 -9.43 -13.01
CA ILE A 107 -44.33 -8.09 -13.05
C ILE A 107 -44.33 -7.62 -14.49
N MET A 108 -43.19 -7.75 -15.15
CA MET A 108 -43.02 -7.19 -16.49
C MET A 108 -43.94 -7.84 -17.53
N ASP A 109 -44.04 -9.16 -17.48
CA ASP A 109 -44.84 -9.90 -18.47
C ASP A 109 -46.25 -10.17 -17.98
N LYS A 110 -46.62 -9.56 -16.84
CA LYS A 110 -47.90 -9.84 -16.20
C LYS A 110 -48.16 -11.36 -16.06
N GLY A 111 -47.25 -12.07 -15.40
CA GLY A 111 -47.46 -13.51 -15.19
C GLY A 111 -48.66 -13.79 -14.32
N GLU A 112 -49.11 -15.06 -14.31
CA GLU A 112 -50.26 -15.48 -13.50
C GLU A 112 -49.78 -16.45 -12.45
N MET A 113 -49.04 -17.45 -12.88
CA MET A 113 -48.55 -18.48 -11.97
C MET A 113 -47.07 -18.72 -12.21
N ARG A 114 -46.37 -19.08 -11.15
CA ARG A 114 -44.96 -19.39 -11.23
C ARG A 114 -44.66 -20.46 -10.20
N ARG A 115 -44.13 -21.59 -10.65
CA ARG A 115 -43.88 -22.72 -9.76
C ARG A 115 -45.17 -23.21 -9.09
N ASN A 116 -46.27 -23.18 -9.83
CA ASN A 116 -47.53 -23.75 -9.39
C ASN A 116 -48.23 -22.97 -8.30
N LYS A 117 -47.91 -21.68 -8.19
CA LYS A 117 -48.58 -20.81 -7.25
C LYS A 117 -48.61 -19.38 -7.77
N TYR A 118 -49.46 -18.55 -7.17
CA TYR A 118 -49.63 -17.20 -7.67
C TYR A 118 -48.31 -16.44 -7.70
N CYS A 119 -48.11 -15.63 -8.74
CA CYS A 119 -46.93 -14.77 -8.79
C CYS A 119 -46.96 -13.83 -7.59
N TRP A 120 -45.79 -13.58 -7.01
CA TRP A 120 -45.65 -12.70 -5.86
C TRP A 120 -46.43 -11.38 -5.99
N TYR A 121 -46.24 -10.69 -7.11
CA TYR A 121 -46.84 -9.37 -7.30
C TYR A 121 -48.39 -9.37 -7.33
N LEU A 122 -48.99 -10.51 -7.62
CA LEU A 122 -50.45 -10.58 -7.69
C LEU A 122 -51.13 -10.63 -6.32
N LEU A 123 -50.35 -10.98 -5.29
CA LEU A 123 -50.88 -11.12 -3.95
C LEU A 123 -51.35 -9.78 -3.41
N LYS A 124 -52.55 -9.76 -2.82
CA LYS A 124 -53.13 -8.51 -2.34
C LYS A 124 -52.33 -7.86 -1.21
N ASP A 125 -51.61 -8.66 -0.44
CA ASP A 125 -50.75 -8.11 0.62
C ASP A 125 -49.43 -7.59 0.06
N VAL A 126 -49.20 -7.82 -1.23
CA VAL A 126 -47.93 -7.45 -1.86
C VAL A 126 -48.13 -6.37 -2.92
N GLU A 127 -48.72 -6.76 -4.05
CA GLU A 127 -48.97 -5.87 -5.19
C GLU A 127 -47.70 -5.40 -5.90
N THR A 128 -47.87 -4.73 -7.03
CA THR A 128 -46.72 -4.31 -7.83
C THR A 128 -45.76 -3.42 -7.05
N LYS A 129 -46.30 -2.56 -6.21
CA LYS A 129 -45.45 -1.61 -5.51
C LYS A 129 -44.48 -2.32 -4.55
N ASN A 130 -44.96 -3.31 -3.79
CA ASN A 130 -44.05 -4.11 -2.98
C ASN A 130 -43.15 -5.02 -3.81
N ALA A 131 -43.68 -5.58 -4.89
CA ALA A 131 -42.89 -6.54 -5.67
C ALA A 131 -41.65 -5.87 -6.25
N VAL A 132 -41.79 -4.61 -6.64
CA VAL A 132 -40.68 -3.85 -7.20
C VAL A 132 -39.61 -3.66 -6.14
N ASN A 133 -40.03 -3.22 -4.95
CA ASN A 133 -39.09 -3.02 -3.86
C ASN A 133 -38.43 -4.34 -3.48
N ASP A 134 -39.17 -5.43 -3.61
CA ASP A 134 -38.69 -6.75 -3.20
C ASP A 134 -37.65 -7.30 -4.19
N VAL A 135 -37.80 -6.98 -5.47
CA VAL A 135 -36.80 -7.36 -6.47
C VAL A 135 -35.44 -6.80 -6.04
N LEU A 136 -35.45 -5.55 -5.61
CA LEU A 136 -34.23 -4.92 -5.20
C LEU A 136 -33.65 -5.48 -3.93
N LEU A 137 -34.52 -5.82 -2.99
CA LEU A 137 -34.08 -6.40 -1.74
C LEU A 137 -33.41 -7.75 -1.99
N LEU A 138 -34.07 -8.61 -2.75
CA LEU A 138 -33.48 -9.93 -3.03
C LEU A 138 -32.15 -9.75 -3.76
N TYR A 139 -32.13 -8.85 -4.74
CA TYR A 139 -30.90 -8.64 -5.51
C TYR A 139 -29.75 -8.21 -4.61
N ASN A 140 -30.00 -7.24 -3.74
CA ASN A 140 -28.94 -6.77 -2.86
C ASN A 140 -28.53 -7.77 -1.78
N SER A 141 -29.46 -8.60 -1.32
CA SER A 141 -29.17 -9.62 -0.31
C SER A 141 -28.03 -10.56 -0.75
N ILE A 142 -27.95 -10.78 -2.06
CA ILE A 142 -26.90 -11.61 -2.64
C ILE A 142 -25.53 -11.06 -2.26
N TYR A 143 -25.35 -9.77 -2.43
CA TYR A 143 -24.06 -9.16 -2.15
C TYR A 143 -23.73 -9.10 -0.67
N LYS A 144 -24.75 -9.00 0.18
CA LYS A 144 -24.52 -9.00 1.62
C LYS A 144 -24.10 -10.39 2.10
N LEU A 145 -24.73 -11.43 1.55
CA LEU A 145 -24.36 -12.81 1.86
C LEU A 145 -22.94 -13.15 1.43
N ILE A 146 -22.56 -12.73 0.23
CA ILE A 146 -21.23 -13.03 -0.28
C ILE A 146 -20.18 -12.35 0.59
N GLU A 147 -20.49 -11.15 1.06
CA GLU A 147 -19.66 -10.46 2.02
C GLU A 147 -19.53 -11.29 3.30
N ILE A 148 -20.65 -11.70 3.86
CA ILE A 148 -20.64 -12.42 5.13
C ILE A 148 -19.77 -13.66 5.08
N TYR A 149 -19.86 -14.41 3.99
CA TYR A 149 -19.21 -15.71 3.91
C TYR A 149 -17.91 -15.73 3.12
N LEU A 150 -17.69 -14.73 2.27
CA LEU A 150 -16.53 -14.75 1.36
C LEU A 150 -15.64 -13.52 1.41
N ARG A 151 -15.94 -12.57 2.30
CA ARG A 151 -15.21 -11.31 2.31
C ARG A 151 -13.69 -11.48 2.44
N ASN A 152 -13.27 -12.59 3.02
CA ASN A 152 -11.84 -12.84 3.24
C ASN A 152 -11.19 -13.75 2.21
N GLU A 153 -11.98 -14.30 1.29
CA GLU A 153 -11.42 -15.08 0.18
C GLU A 153 -10.74 -14.17 -0.83
N SER A 154 -9.68 -14.67 -1.47
CA SER A 154 -8.99 -13.90 -2.49
C SER A 154 -9.82 -13.78 -3.76
N CYS A 155 -10.75 -14.70 -3.96
CA CYS A 155 -11.64 -14.63 -5.13
C CYS A 155 -12.84 -13.71 -4.92
N TYR A 156 -12.88 -13.03 -3.78
CA TYR A 156 -14.05 -12.23 -3.40
C TYR A 156 -14.45 -11.18 -4.44
N VAL A 157 -13.50 -10.38 -4.89
CA VAL A 157 -13.78 -9.33 -5.86
C VAL A 157 -14.25 -9.91 -7.20
N ASP A 158 -13.53 -10.91 -7.70
CA ASP A 158 -13.91 -11.57 -8.95
C ASP A 158 -15.33 -12.16 -8.92
N VAL A 159 -15.69 -12.77 -7.79
CA VAL A 159 -17.02 -13.34 -7.62
C VAL A 159 -18.13 -12.27 -7.71
N ILE A 160 -17.96 -11.14 -7.03
CA ILE A 160 -18.99 -10.11 -7.07
C ILE A 160 -19.06 -9.46 -8.44
N ALA A 161 -17.92 -9.42 -9.13
CA ALA A 161 -17.88 -8.84 -10.46
C ALA A 161 -18.58 -9.77 -11.43
N THR A 162 -18.47 -11.08 -11.20
CA THR A 162 -19.14 -12.06 -12.05
C THR A 162 -20.66 -11.99 -11.89
N PHE A 163 -21.14 -11.85 -10.65
CA PHE A 163 -22.57 -11.68 -10.42
C PHE A 163 -23.05 -10.40 -11.10
N ARG A 164 -22.27 -9.33 -10.93
CA ARG A 164 -22.63 -8.03 -11.47
C ARG A 164 -22.72 -8.04 -12.99
N ASP A 165 -21.69 -8.59 -13.64
CA ASP A 165 -21.66 -8.55 -15.08
C ASP A 165 -22.69 -9.46 -15.70
N ALA A 166 -22.95 -10.60 -15.07
CA ALA A 166 -23.94 -11.53 -15.61
C ALA A 166 -25.29 -10.85 -15.51
N THR A 167 -25.51 -10.14 -14.41
CA THR A 167 -26.79 -9.47 -14.19
C THR A 167 -26.98 -8.39 -15.26
N LEU A 168 -25.91 -7.67 -15.60
CA LEU A 168 -26.00 -6.63 -16.62
C LEU A 168 -26.41 -7.19 -17.96
N LYS A 169 -25.80 -8.31 -18.35
CA LYS A 169 -26.18 -9.00 -19.57
C LYS A 169 -27.64 -9.43 -19.58
N THR A 170 -28.11 -9.92 -18.44
CA THR A 170 -29.48 -10.41 -18.30
C THR A 170 -30.47 -9.27 -18.48
N ILE A 171 -30.16 -8.12 -17.88
CA ILE A 171 -31.00 -6.93 -17.99
C ILE A 171 -31.12 -6.49 -19.46
N ILE A 172 -30.00 -6.53 -20.18
CA ILE A 172 -29.99 -6.14 -21.57
C ILE A 172 -30.77 -7.15 -22.40
N GLY A 173 -30.61 -8.44 -22.09
CA GLY A 173 -31.39 -9.48 -22.74
C GLY A 173 -32.87 -9.32 -22.45
N GLN A 174 -33.21 -9.07 -21.19
CA GLN A 174 -34.60 -8.81 -20.84
C GLN A 174 -35.15 -7.56 -21.55
N HIS A 175 -34.33 -6.54 -21.70
CA HIS A 175 -34.71 -5.33 -22.44
C HIS A 175 -35.10 -5.63 -23.89
N LEU A 176 -34.26 -6.41 -24.57
CA LEU A 176 -34.48 -6.75 -25.98
C LEU A 176 -35.69 -7.63 -26.13
N ASP A 177 -35.84 -8.59 -25.23
CA ASP A 177 -37.00 -9.49 -25.22
C ASP A 177 -38.31 -8.72 -25.09
N THR A 178 -38.26 -7.65 -24.30
CA THR A 178 -39.44 -6.84 -24.00
C THR A 178 -39.79 -5.88 -25.13
N ASN A 179 -38.78 -5.49 -25.91
CA ASN A 179 -38.92 -4.35 -26.81
C ASN A 179 -38.66 -4.66 -28.28
N ILE A 180 -38.29 -5.89 -28.57
CA ILE A 180 -37.86 -6.24 -29.92
C ILE A 180 -38.95 -6.00 -30.99
N PHE A 181 -40.22 -6.08 -30.58
CA PHE A 181 -41.34 -5.87 -31.52
C PHE A 181 -41.96 -4.48 -31.40
N SER A 182 -41.39 -3.63 -30.53
CA SER A 182 -41.99 -2.34 -30.25
C SER A 182 -41.64 -1.33 -31.33
N ASP A 183 -42.45 -0.28 -31.41
CA ASP A 183 -42.29 0.73 -32.45
C ASP A 183 -40.97 1.49 -32.39
N LYS A 184 -40.30 1.46 -31.24
CA LYS A 184 -39.02 2.14 -31.10
C LYS A 184 -37.84 1.32 -31.64
N TYR A 185 -38.07 0.02 -31.85
CA TYR A 185 -37.06 -0.86 -32.44
C TYR A 185 -37.29 -1.04 -33.95
N SER A 186 -38.34 -0.42 -34.47
CA SER A 186 -38.65 -0.53 -35.90
C SER A 186 -37.95 0.55 -36.72
N ILE A 192 -37.65 7.90 -29.00
CA ILE A 192 -38.73 7.82 -28.02
C ILE A 192 -39.46 9.16 -27.86
N ASP A 193 -40.78 9.09 -27.75
CA ASP A 193 -41.61 10.28 -27.57
C ASP A 193 -41.81 10.59 -26.09
N VAL A 194 -41.07 11.57 -25.58
CA VAL A 194 -41.15 11.92 -24.17
C VAL A 194 -42.37 12.79 -23.84
N ASN A 195 -43.19 13.05 -24.84
CA ASN A 195 -44.42 13.82 -24.63
C ASN A 195 -45.67 12.95 -24.69
N ASN A 196 -45.49 11.65 -24.96
CA ASN A 196 -46.64 10.76 -25.09
C ASN A 196 -46.89 9.87 -23.88
N ILE A 197 -47.87 10.25 -23.08
CA ILE A 197 -48.31 9.42 -21.96
C ILE A 197 -49.75 9.01 -22.15
N ASN A 198 -50.27 9.21 -23.37
CA ASN A 198 -51.71 9.06 -23.61
C ASN A 198 -52.07 7.98 -24.63
N VAL A 199 -51.32 7.94 -25.73
CA VAL A 199 -51.59 6.98 -26.80
C VAL A 199 -50.75 5.71 -26.63
N PRO A 200 -51.38 4.61 -26.22
CA PRO A 200 -50.68 3.36 -25.94
C PRO A 200 -50.28 2.57 -27.20
N GLN A 202 -50.05 -0.53 -28.86
CA GLN A 202 -50.70 -1.76 -29.33
C GLN A 202 -49.68 -2.76 -29.87
N PRO A 203 -49.60 -3.94 -29.25
CA PRO A 203 -48.55 -4.90 -29.63
C PRO A 203 -48.74 -5.51 -31.02
N VAL A 204 -47.67 -5.47 -31.82
CA VAL A 204 -47.72 -6.05 -33.16
C VAL A 204 -46.38 -6.76 -33.40
N ILE A 205 -46.35 -7.74 -34.29
CA ILE A 205 -45.06 -8.33 -34.62
C ILE A 205 -44.38 -7.49 -35.69
N ASP A 206 -43.05 -7.43 -35.64
CA ASP A 206 -42.25 -6.82 -36.70
C ASP A 206 -41.48 -7.91 -37.43
N ILE A 207 -41.89 -8.20 -38.67
CA ILE A 207 -41.36 -9.33 -39.43
C ILE A 207 -39.85 -9.29 -39.62
N ASN A 208 -39.28 -8.09 -39.66
CA ASN A 208 -37.83 -7.95 -39.79
C ASN A 208 -37.04 -8.55 -38.63
N MET A 209 -37.70 -8.76 -37.50
CA MET A 209 -37.00 -9.23 -36.30
C MET A 209 -37.23 -10.71 -36.09
N ILE A 210 -38.01 -11.30 -36.97
CA ILE A 210 -38.36 -12.70 -36.81
C ILE A 210 -37.30 -13.61 -37.43
N ASN A 211 -36.11 -13.62 -36.84
CA ASN A 211 -35.04 -14.47 -37.34
C ASN A 211 -34.14 -14.96 -36.23
N PHE A 212 -33.41 -16.02 -36.54
CA PHE A 212 -32.61 -16.73 -35.56
C PHE A 212 -31.46 -15.91 -34.99
N GLY A 213 -30.88 -15.04 -35.81
CA GLY A 213 -29.74 -14.24 -35.38
C GLY A 213 -30.13 -13.30 -34.26
N VAL A 214 -31.24 -12.59 -34.47
CA VAL A 214 -31.81 -11.72 -33.45
C VAL A 214 -32.18 -12.53 -32.21
N TYR A 215 -32.78 -13.69 -32.42
CA TYR A 215 -33.23 -14.52 -31.31
C TYR A 215 -32.06 -14.94 -30.43
N LYS A 216 -30.97 -15.34 -31.05
CA LYS A 216 -29.79 -15.80 -30.32
C LYS A 216 -29.15 -14.68 -29.50
N ASN A 217 -29.07 -13.50 -30.09
CA ASN A 217 -28.66 -12.31 -29.34
C ASN A 217 -29.47 -12.23 -28.06
N ILE A 218 -30.79 -12.33 -28.21
CA ILE A 218 -31.67 -12.11 -27.08
C ILE A 218 -31.50 -13.20 -26.03
N VAL A 219 -31.52 -14.45 -26.47
CA VAL A 219 -31.50 -15.57 -25.51
C VAL A 219 -30.16 -15.73 -24.78
N ILE A 220 -29.05 -15.59 -25.50
CA ILE A 220 -27.73 -15.64 -24.89
C ILE A 220 -27.61 -14.61 -23.75
N HIS A 221 -28.07 -13.39 -23.99
CA HIS A 221 -27.94 -12.35 -22.97
C HIS A 221 -28.93 -12.55 -21.83
N LYS A 222 -30.16 -12.90 -22.18
CA LYS A 222 -31.23 -13.07 -21.19
C LYS A 222 -31.08 -14.31 -20.31
N THR A 223 -30.46 -15.36 -20.85
CA THR A 223 -30.42 -16.68 -20.18
C THR A 223 -29.01 -17.25 -19.95
N ALA A 224 -28.17 -17.25 -20.97
CA ALA A 224 -26.91 -18.00 -20.93
C ALA A 224 -25.97 -17.58 -19.82
N TYR A 225 -25.88 -16.28 -19.60
CA TYR A 225 -24.90 -15.75 -18.67
C TYR A 225 -25.19 -16.04 -17.22
N TYR A 226 -26.43 -15.85 -16.78
CA TYR A 226 -26.73 -16.07 -15.38
C TYR A 226 -27.08 -17.54 -15.07
N SER A 227 -27.54 -18.26 -16.07
CA SER A 227 -27.98 -19.65 -15.85
C SER A 227 -26.85 -20.66 -15.94
N PHE A 228 -25.84 -20.35 -16.74
CA PHE A 228 -24.75 -21.28 -16.98
C PHE A 228 -23.37 -20.70 -16.67
N PHE A 229 -23.02 -19.59 -17.32
CA PHE A 229 -21.71 -19.00 -17.14
C PHE A 229 -21.45 -18.63 -15.68
N LEU A 230 -22.40 -17.94 -15.07
CA LEU A 230 -22.24 -17.49 -13.68
C LEU A 230 -21.97 -18.62 -12.69
N PRO A 231 -22.90 -19.60 -12.60
CA PRO A 231 -22.71 -20.65 -11.60
C PRO A 231 -21.41 -21.43 -11.82
N ILE A 232 -21.05 -21.65 -13.08
CA ILE A 232 -19.83 -22.38 -13.40
C ILE A 232 -18.58 -21.59 -12.97
N VAL A 233 -18.57 -20.30 -13.26
CA VAL A 233 -17.46 -19.43 -12.88
C VAL A 233 -17.32 -19.31 -11.37
N CYS A 234 -18.44 -19.24 -10.66
CA CYS A 234 -18.42 -19.22 -9.21
C CYS A 234 -17.67 -20.45 -8.67
N GLY A 235 -18.10 -21.62 -9.11
CA GLY A 235 -17.45 -22.85 -8.69
C GLY A 235 -15.95 -22.82 -8.96
N MET A 236 -15.59 -22.39 -10.17
CA MET A 236 -14.18 -22.38 -10.56
C MET A 236 -13.36 -21.38 -9.76
N LEU A 237 -13.89 -20.16 -9.62
CA LEU A 237 -13.19 -19.11 -8.89
C LEU A 237 -12.91 -19.57 -7.48
N LEU A 238 -13.95 -20.06 -6.82
CA LEU A 238 -13.83 -20.51 -5.45
C LEU A 238 -12.86 -21.70 -5.34
N ALA A 239 -12.82 -22.52 -6.39
CA ALA A 239 -11.89 -23.64 -6.45
C ALA A 239 -10.44 -23.20 -6.70
N GLY A 240 -10.24 -21.95 -7.09
CA GLY A 240 -8.89 -21.42 -7.27
C GLY A 240 -8.38 -21.43 -8.71
N ILE A 241 -9.27 -21.52 -9.67
CA ILE A 241 -8.87 -21.37 -11.07
C ILE A 241 -8.80 -19.89 -11.41
N ASP A 244 -8.34 -15.45 -16.15
CA ASP A 244 -6.91 -15.60 -16.42
C ASP A 244 -6.65 -16.86 -17.24
N ASN A 245 -7.03 -18.00 -16.69
CA ASN A 245 -6.94 -19.27 -17.40
C ASN A 245 -7.85 -19.27 -18.63
N LEU A 246 -7.31 -19.75 -19.75
CA LEU A 246 -8.04 -19.75 -21.01
C LEU A 246 -9.30 -20.61 -20.96
N ILE A 247 -9.44 -21.44 -19.93
CA ILE A 247 -10.60 -22.29 -19.81
C ILE A 247 -11.89 -21.46 -19.65
N TYR A 248 -11.75 -20.27 -19.08
CA TYR A 248 -12.90 -19.40 -18.85
C TYR A 248 -13.60 -18.99 -20.13
N LYS A 249 -12.82 -18.79 -21.18
CA LYS A 249 -13.39 -18.49 -22.48
C LYS A 249 -14.16 -19.68 -23.03
N LYS A 250 -13.55 -20.86 -22.95
CA LYS A 250 -14.20 -22.08 -23.43
C LYS A 250 -15.54 -22.29 -22.73
N ILE A 251 -15.56 -21.99 -21.44
CA ILE A 251 -16.77 -22.14 -20.64
C ILE A 251 -17.82 -21.12 -21.02
N GLU A 252 -17.38 -19.95 -21.46
CA GLU A 252 -18.29 -18.93 -21.94
C GLU A 252 -18.98 -19.41 -23.20
N ASP A 253 -18.20 -20.04 -24.09
CA ASP A 253 -18.75 -20.53 -25.35
C ASP A 253 -19.75 -21.66 -25.14
N ILE A 254 -19.42 -22.60 -24.26
CA ILE A 254 -20.36 -23.66 -23.93
C ILE A 254 -21.62 -23.10 -23.27
N SER A 255 -21.45 -22.09 -22.43
CA SER A 255 -22.60 -21.49 -21.76
C SER A 255 -23.58 -20.92 -22.77
N MET A 256 -23.06 -20.36 -23.85
CA MET A 256 -23.90 -19.80 -24.88
C MET A 256 -24.72 -20.87 -25.60
N LEU A 257 -24.07 -21.98 -25.94
CA LEU A 257 -24.78 -23.10 -26.57
C LEU A 257 -25.86 -23.66 -25.65
N MET A 258 -25.57 -23.68 -24.35
CA MET A 258 -26.51 -24.24 -23.39
C MET A 258 -27.68 -23.31 -23.11
N GLY A 259 -27.39 -22.02 -23.02
CA GLY A 259 -28.45 -21.02 -22.81
C GLY A 259 -29.45 -21.07 -23.93
N GLU A 260 -28.96 -21.21 -25.16
CA GLU A 260 -29.82 -21.28 -26.33
C GLU A 260 -30.66 -22.56 -26.33
N TYR A 261 -30.01 -23.69 -26.10
CA TYR A 261 -30.68 -24.98 -25.92
C TYR A 261 -31.79 -24.88 -24.87
N PHE A 262 -31.47 -24.24 -23.74
CA PHE A 262 -32.38 -24.15 -22.61
C PHE A 262 -33.62 -23.29 -22.92
N GLN A 263 -33.42 -22.15 -23.56
CA GLN A 263 -34.53 -21.23 -23.83
C GLN A 263 -35.44 -21.76 -24.92
N ILE A 264 -34.86 -22.42 -25.91
CA ILE A 264 -35.64 -23.00 -27.00
C ILE A 264 -36.55 -24.10 -26.46
N HIS A 265 -36.01 -24.89 -25.55
CA HIS A 265 -36.81 -25.88 -24.85
C HIS A 265 -37.91 -25.23 -23.98
N ASP A 266 -37.60 -24.09 -23.37
CA ASP A 266 -38.61 -23.33 -22.63
C ASP A 266 -39.71 -22.82 -23.58
N ASP A 267 -39.29 -22.33 -24.75
CA ASP A 267 -40.23 -21.86 -25.76
C ASP A 267 -41.16 -22.99 -26.22
N TYR A 268 -40.59 -24.20 -26.32
CA TYR A 268 -41.32 -25.36 -26.80
C TYR A 268 -42.40 -25.81 -25.81
N LEU A 269 -42.09 -25.73 -24.53
CA LEU A 269 -43.04 -26.14 -23.50
C LEU A 269 -44.19 -25.14 -23.31
N ASP A 270 -43.90 -23.87 -23.53
CA ASP A 270 -44.92 -22.83 -23.42
C ASP A 270 -46.15 -23.18 -24.24
N ILE A 271 -45.96 -23.75 -25.42
CA ILE A 271 -47.06 -24.22 -26.25
C ILE A 271 -47.40 -25.70 -26.03
N PHE A 272 -46.40 -26.57 -26.11
CA PHE A 272 -46.61 -28.01 -26.08
C PHE A 272 -46.32 -28.67 -24.74
N GLY A 273 -46.78 -28.04 -23.67
CA GLY A 273 -46.58 -28.56 -22.32
C GLY A 273 -47.76 -28.35 -21.39
N ASP A 274 -47.73 -29.01 -20.25
CA ASP A 274 -48.79 -28.86 -19.25
C ASP A 274 -48.31 -27.95 -18.12
N SER A 275 -49.13 -26.97 -17.78
CA SER A 275 -48.79 -26.04 -16.69
C SER A 275 -48.48 -26.81 -15.41
N THR A 276 -49.03 -28.01 -15.31
CA THR A 276 -48.82 -28.88 -14.16
C THR A 276 -47.34 -29.24 -14.03
N LYS A 277 -46.68 -29.44 -15.16
CA LYS A 277 -45.26 -29.78 -15.17
C LYS A 277 -44.39 -28.52 -15.07
N THR A 278 -44.78 -27.47 -15.77
CA THR A 278 -43.99 -26.24 -15.83
C THR A 278 -44.22 -25.33 -14.62
N GLY A 279 -45.38 -25.48 -13.99
CA GLY A 279 -45.73 -24.65 -12.85
C GLY A 279 -46.04 -23.21 -13.21
N LYS A 280 -46.25 -22.94 -14.50
CA LYS A 280 -46.56 -21.59 -14.97
C LYS A 280 -47.53 -21.60 -16.15
N VAL A 281 -48.28 -20.52 -16.34
CA VAL A 281 -49.31 -20.48 -17.37
C VAL A 281 -48.75 -20.12 -18.74
N SER A 283 -48.39 -18.66 -22.38
CA SER A 283 -48.94 -17.36 -22.75
C SER A 283 -48.05 -16.52 -23.67
N ASP A 284 -47.04 -17.16 -24.27
CA ASP A 284 -46.08 -16.46 -25.15
C ASP A 284 -46.76 -15.78 -26.33
N ILE A 285 -47.69 -16.50 -26.96
CA ILE A 285 -48.41 -16.01 -28.12
C ILE A 285 -49.16 -14.72 -27.84
N GLN A 286 -50.09 -14.75 -26.89
CA GLN A 286 -50.85 -13.57 -26.55
C GLN A 286 -49.95 -12.48 -26.00
N ASN A 287 -48.77 -12.85 -25.50
CA ASN A 287 -47.83 -11.87 -24.97
C ASN A 287 -46.89 -11.29 -26.03
N ASN A 288 -47.10 -11.67 -27.29
CA ASN A 288 -46.34 -11.08 -28.40
C ASN A 288 -44.82 -11.31 -28.31
N LYS A 289 -44.43 -12.47 -27.80
CA LYS A 289 -43.02 -12.80 -27.62
C LYS A 289 -42.37 -13.33 -28.88
N LEU A 290 -41.10 -13.00 -29.08
CA LEU A 290 -40.29 -13.63 -30.10
C LEU A 290 -39.85 -14.99 -29.55
N THR A 291 -40.37 -16.06 -30.14
CA THR A 291 -40.06 -17.40 -29.68
C THR A 291 -39.47 -18.23 -30.82
N TRP A 292 -38.87 -19.36 -30.46
CA TRP A 292 -38.30 -20.26 -31.44
C TRP A 292 -39.38 -20.86 -32.35
N PRO A 293 -40.53 -21.24 -31.78
CA PRO A 293 -41.59 -21.78 -32.63
C PRO A 293 -42.11 -20.74 -33.65
N LEU A 294 -42.18 -19.48 -33.26
CA LEU A 294 -42.60 -18.43 -34.18
C LEU A 294 -41.59 -18.29 -35.33
N ILE A 295 -40.30 -18.26 -34.99
CA ILE A 295 -39.25 -18.10 -36.00
C ILE A 295 -39.18 -19.30 -36.95
N LYS A 296 -39.39 -20.50 -36.41
CA LYS A 296 -39.30 -21.72 -37.21
C LYS A 296 -40.50 -21.79 -38.15
N THR A 297 -41.68 -21.55 -37.59
CA THR A 297 -42.90 -21.51 -38.38
C THR A 297 -42.76 -20.49 -39.50
N PHE A 298 -42.23 -19.32 -39.17
CA PHE A 298 -42.14 -18.21 -40.10
C PHE A 298 -41.21 -18.53 -41.28
N GLU A 299 -40.18 -19.32 -41.03
CA GLU A 299 -39.26 -19.68 -42.10
C GLU A 299 -39.78 -20.86 -42.93
N LEU A 300 -40.78 -21.58 -42.41
CA LEU A 300 -41.31 -22.75 -43.09
C LEU A 300 -42.60 -22.47 -43.85
N CYS A 301 -43.33 -21.44 -43.45
CA CYS A 301 -44.71 -21.31 -43.90
C CYS A 301 -44.90 -20.55 -45.20
N SER A 302 -46.08 -20.72 -45.78
CA SER A 302 -46.44 -20.05 -47.02
C SER A 302 -46.67 -18.56 -46.76
N GLU A 303 -46.62 -17.76 -47.81
CA GLU A 303 -46.88 -16.34 -47.69
C GLU A 303 -48.23 -16.05 -47.05
N PRO A 304 -49.27 -16.84 -47.39
CA PRO A 304 -50.56 -16.57 -46.81
C PRO A 304 -50.58 -16.78 -45.29
N ASP A 305 -49.81 -17.74 -44.80
CA ASP A 305 -49.78 -18.02 -43.38
C ASP A 305 -48.92 -17.00 -42.63
N LYS A 306 -48.00 -16.36 -43.33
CA LYS A 306 -47.25 -15.26 -42.75
C LYS A 306 -48.20 -14.12 -42.41
N ILE A 307 -49.16 -13.89 -43.31
CA ILE A 307 -50.20 -12.89 -43.09
C ILE A 307 -51.13 -13.29 -41.94
N LYS A 308 -51.51 -14.56 -41.87
CA LYS A 308 -52.29 -15.05 -40.74
C LYS A 308 -51.56 -14.85 -39.40
N ILE A 309 -50.27 -15.17 -39.37
CA ILE A 309 -49.51 -15.00 -38.14
C ILE A 309 -49.52 -13.54 -37.69
N VAL A 310 -49.22 -12.64 -38.62
CA VAL A 310 -49.21 -11.20 -38.34
C VAL A 310 -50.56 -10.75 -37.79
N LYS A 311 -51.63 -11.21 -38.41
CA LYS A 311 -52.97 -10.82 -38.01
C LYS A 311 -53.42 -11.43 -36.69
N ASN A 312 -52.84 -12.57 -36.32
CA ASN A 312 -53.31 -13.31 -35.15
C ASN A 312 -52.40 -13.33 -33.92
N TYR A 313 -51.11 -13.08 -34.12
CA TYR A 313 -50.14 -13.13 -33.03
C TYR A 313 -50.25 -11.92 -32.11
N GLY A 314 -49.97 -12.13 -30.83
CA GLY A 314 -49.90 -11.05 -29.87
C GLY A 314 -51.26 -10.47 -29.52
N LYS A 315 -52.30 -11.29 -29.64
CA LYS A 315 -53.67 -10.87 -29.34
C LYS A 315 -54.23 -11.65 -28.17
N ASN A 316 -54.70 -10.94 -27.15
CA ASN A 316 -55.40 -11.58 -26.04
C ASN A 316 -56.83 -11.90 -26.45
N ASN A 317 -56.95 -12.99 -27.21
CA ASN A 317 -58.19 -13.37 -27.85
C ASN A 317 -58.09 -14.86 -28.16
N LEU A 318 -59.08 -15.62 -27.72
CA LEU A 318 -59.04 -17.07 -27.78
C LEU A 318 -58.91 -17.60 -29.20
N ALA A 319 -59.74 -17.08 -30.09
CA ALA A 319 -59.71 -17.48 -31.49
C ALA A 319 -58.34 -17.21 -32.09
N CYS A 320 -57.75 -16.07 -31.74
CA CYS A 320 -56.45 -15.68 -32.29
C CYS A 320 -55.34 -16.65 -31.88
N VAL A 321 -55.23 -16.98 -30.60
CA VAL A 321 -54.15 -17.89 -30.18
C VAL A 321 -54.37 -19.28 -30.76
N LYS A 322 -55.63 -19.71 -30.84
CA LYS A 322 -55.92 -21.00 -31.45
C LYS A 322 -55.44 -21.07 -32.90
N VAL A 323 -55.52 -19.95 -33.61
CA VAL A 323 -55.01 -19.92 -34.99
C VAL A 323 -53.53 -20.21 -34.99
N ILE A 324 -52.80 -19.52 -34.10
CA ILE A 324 -51.37 -19.75 -33.94
C ILE A 324 -51.05 -21.19 -33.55
N ASP A 325 -51.73 -21.70 -32.52
CA ASP A 325 -51.56 -23.09 -32.09
C ASP A 325 -51.65 -24.03 -33.29
N SER A 326 -52.68 -23.80 -34.11
CA SER A 326 -52.94 -24.65 -35.26
C SER A 326 -51.82 -24.61 -36.28
N LEU A 327 -51.26 -23.41 -36.49
CA LEU A 327 -50.14 -23.27 -37.41
C LEU A 327 -48.93 -24.04 -36.89
N TYR A 328 -48.71 -24.02 -35.58
CA TYR A 328 -47.58 -24.73 -35.02
C TYR A 328 -47.72 -26.23 -35.24
N GLU A 329 -48.95 -26.72 -35.10
CA GLU A 329 -49.25 -28.12 -35.35
C GLU A 329 -49.17 -28.43 -36.84
N GLN A 330 -49.77 -27.55 -37.64
CA GLN A 330 -49.73 -27.66 -39.09
C GLN A 330 -48.30 -27.80 -39.60
N TYR A 331 -47.41 -26.97 -39.09
CA TYR A 331 -46.02 -26.96 -39.54
C TYR A 331 -45.11 -27.88 -38.74
N LYS A 332 -45.72 -28.83 -38.04
CA LYS A 332 -44.96 -29.88 -37.34
C LYS A 332 -43.83 -29.35 -36.47
N ILE A 333 -44.11 -28.28 -35.72
CA ILE A 333 -43.11 -27.71 -34.82
C ILE A 333 -42.54 -28.74 -33.84
N ARG A 334 -43.40 -29.61 -33.31
CA ARG A 334 -42.94 -30.69 -32.44
C ARG A 334 -41.78 -31.45 -33.07
N LYS A 335 -41.92 -31.77 -34.35
CA LYS A 335 -40.92 -32.56 -35.05
C LYS A 335 -39.64 -31.76 -35.21
N HIS A 336 -39.78 -30.51 -35.61
CA HIS A 336 -38.63 -29.64 -35.80
C HIS A 336 -37.88 -29.36 -34.50
N TYR A 337 -38.59 -29.34 -33.37
CA TYR A 337 -37.93 -29.17 -32.09
C TYR A 337 -37.19 -30.46 -31.74
N GLU A 338 -37.85 -31.59 -31.95
CA GLU A 338 -37.25 -32.89 -31.67
C GLU A 338 -35.88 -33.04 -32.33
N SER A 339 -35.78 -32.57 -33.58
CA SER A 339 -34.52 -32.69 -34.31
C SER A 339 -33.55 -31.54 -34.08
N TYR A 340 -34.05 -30.39 -33.64
CA TYR A 340 -33.15 -29.31 -33.23
C TYR A 340 -32.43 -29.74 -31.96
N GLU A 341 -33.18 -30.27 -31.01
CA GLU A 341 -32.66 -30.77 -29.74
C GLU A 341 -31.50 -31.74 -29.96
N LYS A 342 -31.66 -32.66 -30.91
CA LYS A 342 -30.63 -33.65 -31.22
C LYS A 342 -29.35 -32.99 -31.69
N ALA A 343 -29.47 -32.15 -32.72
CA ALA A 343 -28.32 -31.45 -33.28
C ALA A 343 -27.57 -30.59 -32.25
N GLN A 344 -28.31 -29.88 -31.41
CA GLN A 344 -27.69 -28.97 -30.43
C GLN A 344 -27.01 -29.75 -29.30
N LYS A 345 -27.64 -30.83 -28.86
CA LYS A 345 -27.07 -31.66 -27.81
C LYS A 345 -25.72 -32.24 -28.26
N ALA A 346 -25.63 -32.56 -29.54
CA ALA A 346 -24.39 -33.09 -30.11
C ALA A 346 -23.34 -32.00 -30.25
N LYS A 347 -23.77 -30.79 -30.62
CA LYS A 347 -22.85 -29.68 -30.73
C LYS A 347 -22.29 -29.26 -29.37
N ILE A 348 -23.11 -29.39 -28.33
CA ILE A 348 -22.68 -29.02 -26.99
C ILE A 348 -21.73 -30.08 -26.44
N LEU A 349 -22.05 -31.35 -26.66
CA LEU A 349 -21.19 -32.45 -26.23
C LEU A 349 -19.82 -32.35 -26.86
N SER A 350 -19.76 -31.86 -28.10
CA SER A 350 -18.50 -31.71 -28.81
C SER A 350 -17.70 -30.54 -28.27
N ALA A 351 -18.38 -29.48 -27.84
CA ALA A 351 -17.71 -28.36 -27.22
C ALA A 351 -17.21 -28.76 -25.83
N ILE A 352 -17.96 -29.63 -25.17
CA ILE A 352 -17.59 -30.07 -23.83
C ILE A 352 -16.32 -30.92 -23.82
N ASN A 353 -16.17 -31.77 -24.84
CA ASN A 353 -15.00 -32.65 -24.95
C ASN A 353 -13.69 -31.89 -25.21
N GLU A 354 -13.80 -30.69 -25.77
CA GLU A 354 -12.61 -29.89 -26.09
C GLU A 354 -12.15 -29.03 -24.92
N LEU A 355 -12.72 -29.25 -23.74
CA LEU A 355 -12.34 -28.51 -22.53
C LEU A 355 -11.04 -29.01 -21.91
N HIS A 356 -10.81 -30.32 -22.00
CA HIS A 356 -9.64 -30.96 -21.42
C HIS A 356 -9.57 -30.76 -19.93
N HIS A 357 -10.71 -30.98 -19.27
CA HIS A 357 -10.79 -30.97 -17.84
C HIS A 357 -11.83 -32.00 -17.41
N GLU A 358 -11.34 -33.16 -16.98
CA GLU A 358 -12.18 -34.31 -16.73
C GLU A 358 -13.36 -34.01 -15.80
N GLY A 359 -13.09 -33.30 -14.70
CA GLY A 359 -14.11 -33.01 -13.70
C GLY A 359 -15.24 -32.13 -14.21
N ILE A 360 -14.90 -31.01 -14.82
CA ILE A 360 -15.91 -30.12 -15.38
C ILE A 360 -16.68 -30.79 -16.50
N GLU A 361 -15.98 -31.54 -17.34
CA GLU A 361 -16.66 -32.25 -18.42
C GLU A 361 -17.74 -33.17 -17.90
N TYR A 362 -17.44 -33.89 -16.83
CA TYR A 362 -18.43 -34.76 -16.24
C TYR A 362 -19.67 -33.96 -15.78
N VAL A 363 -19.42 -32.88 -15.03
CA VAL A 363 -20.51 -32.04 -14.51
C VAL A 363 -21.42 -31.52 -15.63
N LEU A 364 -20.81 -31.07 -16.73
CA LEU A 364 -21.59 -30.51 -17.82
C LEU A 364 -22.40 -31.56 -18.57
N LYS A 365 -21.85 -32.76 -18.71
CA LYS A 365 -22.60 -33.86 -19.29
C LYS A 365 -23.77 -34.21 -18.37
N TYR A 366 -23.49 -34.25 -17.08
CA TYR A 366 -24.54 -34.52 -16.10
C TYR A 366 -25.62 -33.43 -16.09
N LEU A 367 -25.19 -32.17 -16.04
CA LEU A 367 -26.12 -31.03 -16.16
C LEU A 367 -27.01 -31.20 -17.38
N LEU A 368 -26.39 -31.54 -18.50
CA LEU A 368 -27.10 -31.68 -19.77
C LEU A 368 -28.22 -32.72 -19.69
N GLU A 369 -27.96 -33.83 -19.01
CA GLU A 369 -28.96 -34.89 -18.83
C GLU A 369 -30.11 -34.42 -17.94
N ILE A 370 -29.74 -33.74 -16.87
CA ILE A 370 -30.69 -33.36 -15.82
C ILE A 370 -31.41 -32.04 -16.10
N LEU A 371 -31.02 -31.38 -17.19
CA LEU A 371 -31.44 -30.00 -17.43
C LEU A 371 -32.94 -29.75 -17.27
N PHE A 372 -33.76 -30.54 -17.96
CA PHE A 372 -35.20 -30.31 -17.98
C PHE A 372 -35.96 -30.78 -16.75
N THR A 373 -35.35 -31.69 -15.98
CA THR A 373 -36.01 -32.25 -14.80
C THR A 373 -35.42 -31.76 -13.48
N GLY A 374 -34.15 -31.40 -13.49
CA GLY A 374 -33.43 -31.08 -12.24
C GLY A 374 -33.02 -32.34 -11.52
N PHE B 15 47.39 25.68 14.01
CA PHE B 15 47.72 24.29 14.45
C PHE B 15 46.65 23.32 13.95
N PHE B 16 45.39 23.74 14.07
CA PHE B 16 44.28 22.97 13.55
C PHE B 16 44.25 23.13 12.03
N ARG B 17 44.31 24.38 11.57
CA ARG B 17 44.25 24.66 10.14
C ARG B 17 45.47 24.13 9.41
N ASN B 18 46.64 24.35 10.01
CA ASN B 18 47.89 23.91 9.42
C ASN B 18 48.12 22.41 9.53
N MET B 19 47.42 21.73 10.43
CA MET B 19 47.63 20.30 10.59
C MET B 19 46.75 19.41 9.71
N TYR B 20 45.93 20.02 8.86
CA TYR B 20 45.06 19.27 7.96
C TYR B 20 45.84 18.19 7.19
N ASP B 21 46.92 18.61 6.53
CA ASP B 21 47.69 17.73 5.66
C ASP B 21 48.23 16.51 6.38
N LYS B 22 48.62 16.71 7.63
CA LYS B 22 49.12 15.60 8.44
C LYS B 22 48.08 14.49 8.55
N TYR B 23 46.86 14.86 8.95
CA TYR B 23 45.81 13.86 9.16
C TYR B 23 45.38 13.22 7.85
N ARG B 24 45.28 14.04 6.81
CA ARG B 24 44.96 13.52 5.48
C ARG B 24 46.02 12.52 5.05
N ASP B 25 47.28 12.88 5.25
CA ASP B 25 48.39 12.05 4.79
C ASP B 25 48.54 10.78 5.63
N ALA B 26 48.20 10.88 6.90
CA ALA B 26 48.21 9.72 7.77
C ALA B 26 47.19 8.69 7.26
N PHE B 27 46.02 9.14 6.86
CA PHE B 27 45.02 8.19 6.33
C PHE B 27 45.45 7.64 4.98
N LEU B 28 45.85 8.53 4.08
CA LEU B 28 46.29 8.08 2.75
C LEU B 28 47.47 7.11 2.85
N SER B 29 48.32 7.34 3.85
CA SER B 29 49.44 6.44 4.09
C SER B 29 48.94 5.04 4.44
N HIS B 30 47.84 4.96 5.19
CA HIS B 30 47.24 3.67 5.49
C HIS B 30 46.85 2.92 4.21
N LEU B 31 46.15 3.59 3.31
CA LEU B 31 45.72 2.98 2.06
C LEU B 31 46.94 2.57 1.25
N ASN B 32 47.98 3.37 1.35
CA ASN B 32 49.21 3.14 0.61
C ASN B 32 49.97 1.90 1.06
N GLU B 33 49.60 1.35 2.22
CA GLU B 33 50.23 0.13 2.72
C GLU B 33 49.59 -1.13 2.14
N TYR B 34 48.46 -0.96 1.47
CA TYR B 34 47.71 -2.07 0.89
C TYR B 34 48.59 -2.81 -0.10
N SER B 35 48.34 -4.11 -0.24
CA SER B 35 49.04 -4.92 -1.24
C SER B 35 48.41 -4.70 -2.61
N LEU B 36 48.89 -3.68 -3.31
CA LEU B 36 48.37 -3.33 -4.63
C LEU B 36 49.57 -2.96 -5.50
N GLU B 37 49.42 -3.08 -6.81
CA GLU B 37 50.49 -2.67 -7.72
C GLU B 37 50.77 -1.18 -7.56
N GLU B 38 52.02 -0.79 -7.76
CA GLU B 38 52.44 0.59 -7.52
C GLU B 38 51.69 1.63 -8.36
N GLU B 39 51.39 1.29 -9.60
CA GLU B 39 50.66 2.20 -10.48
C GLU B 39 49.22 2.39 -10.00
N ILE B 40 48.60 1.31 -9.53
CA ILE B 40 47.27 1.37 -8.95
C ILE B 40 47.26 2.17 -7.64
N LYS B 41 48.33 2.06 -6.85
CA LYS B 41 48.47 2.86 -5.63
C LYS B 41 48.46 4.34 -5.94
N GLU B 42 49.08 4.73 -7.05
CA GLU B 42 49.16 6.15 -7.41
C GLU B 42 47.81 6.69 -7.89
N HIS B 43 47.01 5.86 -8.56
CA HIS B 43 45.65 6.26 -8.92
C HIS B 43 44.83 6.49 -7.66
N ILE B 44 44.95 5.57 -6.71
CA ILE B 44 44.27 5.65 -5.44
C ILE B 44 44.59 6.93 -4.68
N SER B 45 45.87 7.24 -4.52
CA SER B 45 46.27 8.40 -3.71
C SER B 45 45.90 9.71 -4.39
N LYS B 46 45.88 9.70 -5.71
CA LYS B 46 45.49 10.87 -6.47
C LYS B 46 44.01 11.13 -6.28
N TYR B 47 43.20 10.09 -6.41
CA TYR B 47 41.76 10.24 -6.29
C TYR B 47 41.35 10.70 -4.89
N TYR B 48 41.90 10.03 -3.89
CA TYR B 48 41.46 10.24 -2.52
C TYR B 48 42.00 11.51 -1.91
N LYS B 49 43.15 11.95 -2.41
CA LYS B 49 43.68 13.24 -2.00
C LYS B 49 42.70 14.33 -2.39
N LEU B 50 42.12 14.20 -3.58
CA LEU B 50 41.14 15.16 -4.05
C LEU B 50 39.81 15.06 -3.28
N LEU B 51 39.31 13.84 -3.09
CA LEU B 51 38.09 13.68 -2.30
C LEU B 51 38.19 14.42 -0.97
N PHE B 52 39.29 14.20 -0.24
CA PHE B 52 39.49 14.90 1.02
C PHE B 52 39.57 16.41 0.90
N ASP B 53 40.40 16.89 -0.03
CA ASP B 53 40.65 18.32 -0.16
C ASP B 53 39.41 19.05 -0.66
N TYR B 54 38.75 18.48 -1.66
CA TYR B 54 37.58 19.10 -2.28
C TYR B 54 36.44 19.27 -1.28
N ASN B 55 36.25 18.27 -0.43
CA ASN B 55 35.09 18.22 0.44
C ASN B 55 35.33 18.61 1.91
N CYS B 56 36.57 18.51 2.38
CA CYS B 56 36.87 18.85 3.77
C CYS B 56 37.26 20.30 3.99
N LEU B 57 37.71 20.96 2.92
CA LEU B 57 38.18 22.35 3.01
C LEU B 57 37.17 23.31 2.41
N GLY B 58 37.15 24.54 2.91
CA GLY B 58 36.22 25.55 2.40
C GLY B 58 35.09 25.91 3.34
N GLY B 59 34.81 25.06 4.31
CA GLY B 59 33.74 25.33 5.27
C GLY B 59 34.20 26.35 6.30
N LYS B 60 33.30 26.70 7.23
CA LYS B 60 33.62 27.64 8.30
C LYS B 60 34.40 26.92 9.40
N ASN B 61 34.32 25.60 9.40
CA ASN B 61 35.02 24.78 10.39
C ASN B 61 34.57 25.05 11.81
N ASN B 62 33.34 25.50 11.97
CA ASN B 62 32.78 25.74 13.30
C ASN B 62 32.83 24.51 14.21
N ARG B 63 32.54 23.34 13.65
CA ARG B 63 32.51 22.13 14.46
C ARG B 63 33.89 21.75 14.94
N GLY B 64 34.87 21.76 14.03
CA GLY B 64 36.25 21.44 14.36
C GLY B 64 36.87 22.45 15.32
N ILE B 65 36.59 23.72 15.09
CA ILE B 65 37.12 24.76 15.96
C ILE B 65 36.52 24.62 17.37
N LEU B 66 35.27 24.18 17.43
CA LEU B 66 34.61 23.99 18.72
C LEU B 66 35.28 22.91 19.56
N VAL B 67 35.79 21.85 18.91
CA VAL B 67 36.55 20.83 19.63
C VAL B 67 37.78 21.44 20.26
N ILE B 68 38.53 22.19 19.46
CA ILE B 68 39.79 22.75 19.92
C ILE B 68 39.59 23.74 21.08
N LEU B 69 38.55 24.56 20.99
CA LEU B 69 38.26 25.53 22.04
C LEU B 69 37.82 24.85 23.33
N ILE B 70 36.86 23.92 23.22
CA ILE B 70 36.44 23.15 24.40
C ILE B 70 37.65 22.50 25.07
N TYR B 71 38.46 21.79 24.29
CA TYR B 71 39.60 21.09 24.85
C TYR B 71 40.51 22.04 25.64
N GLU B 72 40.84 23.19 25.04
CA GLU B 72 41.72 24.16 25.68
C GLU B 72 41.14 24.78 26.95
N TYR B 73 39.88 25.18 26.89
CA TYR B 73 39.22 25.83 28.04
C TYR B 73 38.68 24.93 29.14
N VAL B 74 38.67 23.61 28.91
CA VAL B 74 38.24 22.69 29.95
C VAL B 74 39.33 22.53 31.00
N ILE B 79 49.26 22.65 27.86
CA ILE B 79 48.97 21.74 26.74
C ILE B 79 50.15 21.58 25.79
N ASN B 80 50.75 20.39 25.80
CA ASN B 80 51.88 20.11 24.90
C ASN B 80 51.42 19.68 23.52
N SER B 81 52.35 19.64 22.57
CA SER B 81 52.01 19.38 21.18
C SER B 81 51.51 17.96 20.94
N SER B 82 51.86 17.03 21.83
CA SER B 82 51.35 15.67 21.75
C SER B 82 49.84 15.67 22.03
N GLU B 83 49.43 16.52 22.96
CA GLU B 83 48.02 16.67 23.26
C GLU B 83 47.27 17.41 22.15
N TRP B 84 47.91 18.42 21.55
CA TRP B 84 47.29 19.14 20.45
C TRP B 84 47.09 18.25 19.22
N GLU B 85 48.03 17.32 19.02
CA GLU B 85 47.92 16.39 17.93
C GLU B 85 46.65 15.56 18.05
N LYS B 86 46.33 15.14 19.27
CA LYS B 86 45.12 14.36 19.53
C LYS B 86 43.86 15.22 19.37
N ALA B 87 43.86 16.38 20.02
CA ALA B 87 42.73 17.29 19.92
C ALA B 87 42.44 17.69 18.47
N ALA B 88 43.48 18.00 17.70
CA ALA B 88 43.31 18.44 16.31
C ALA B 88 42.86 17.29 15.40
N CYS B 89 43.28 16.08 15.73
CA CYS B 89 42.81 14.89 15.03
C CYS B 89 41.29 14.81 15.16
N LEU B 90 40.79 14.97 16.39
CA LEU B 90 39.34 14.91 16.63
C LEU B 90 38.57 16.04 15.93
N ALA B 91 39.19 17.22 15.84
CA ALA B 91 38.56 18.35 15.19
C ALA B 91 38.43 18.06 13.69
N TRP B 92 39.50 17.53 13.11
CA TRP B 92 39.51 17.21 11.69
C TRP B 92 38.62 16.01 11.39
N CYS B 93 38.47 15.11 12.36
CA CYS B 93 37.52 14.00 12.25
C CYS B 93 36.09 14.50 12.15
N ILE B 94 35.76 15.54 12.90
CA ILE B 94 34.41 16.08 12.81
C ILE B 94 34.20 16.82 11.50
N GLU B 95 35.25 17.46 10.99
CA GLU B 95 35.16 18.10 9.69
C GLU B 95 35.06 17.07 8.56
N ILE B 96 35.68 15.91 8.76
CA ILE B 96 35.57 14.83 7.79
C ILE B 96 34.16 14.23 7.81
N LEU B 97 33.57 14.15 8.99
CA LEU B 97 32.17 13.73 9.12
C LEU B 97 31.27 14.72 8.39
N GLN B 98 31.50 16.01 8.66
CA GLN B 98 30.75 17.05 7.98
C GLN B 98 30.86 16.84 6.47
N ALA B 99 32.06 16.48 5.98
CA ALA B 99 32.27 16.25 4.56
C ALA B 99 31.42 15.09 4.05
N ALA B 100 31.48 13.97 4.76
CA ALA B 100 30.67 12.80 4.43
C ALA B 100 29.18 13.16 4.39
N PHE B 101 28.70 13.88 5.41
CA PHE B 101 27.29 14.32 5.44
C PHE B 101 26.97 15.24 4.26
N LEU B 102 27.88 16.17 3.96
CA LEU B 102 27.64 17.13 2.87
C LEU B 102 27.51 16.43 1.53
N VAL B 103 28.39 15.46 1.30
CA VAL B 103 28.37 14.72 0.04
C VAL B 103 27.08 13.93 -0.09
N ALA B 104 26.71 13.23 0.99
CA ALA B 104 25.50 12.42 0.98
C ALA B 104 24.25 13.29 0.85
N ASP B 105 24.24 14.41 1.56
CA ASP B 105 23.08 15.30 1.53
C ASP B 105 22.82 15.83 0.12
N ASP B 106 23.89 16.19 -0.58
CA ASP B 106 23.75 16.70 -1.92
C ASP B 106 23.30 15.64 -2.92
N ILE B 107 23.69 14.39 -2.70
CA ILE B 107 23.15 13.31 -3.55
C ILE B 107 21.65 13.21 -3.28
N MET B 108 21.31 13.13 -2.00
CA MET B 108 19.93 12.91 -1.59
C MET B 108 18.98 14.02 -2.01
N ASP B 109 19.39 15.27 -1.79
CA ASP B 109 18.53 16.41 -2.09
C ASP B 109 18.83 16.97 -3.48
N LYS B 110 19.67 16.26 -4.22
CA LYS B 110 20.06 16.71 -5.55
C LYS B 110 20.59 18.15 -5.53
N GLY B 111 21.61 18.41 -4.71
CA GLY B 111 22.20 19.74 -4.62
C GLY B 111 22.89 20.13 -5.93
N GLU B 112 23.14 21.43 -6.10
CA GLU B 112 23.80 21.96 -7.29
C GLU B 112 25.16 22.49 -6.90
N MET B 113 25.16 23.37 -5.91
CA MET B 113 26.39 23.97 -5.43
C MET B 113 26.51 23.75 -3.93
N ARG B 114 27.75 23.62 -3.46
CA ARG B 114 28.02 23.50 -2.05
C ARG B 114 29.34 24.22 -1.80
N ARG B 115 29.34 25.16 -0.87
CA ARG B 115 30.53 25.99 -0.64
C ARG B 115 31.07 26.65 -1.92
N ASN B 116 30.16 27.14 -2.75
CA ASN B 116 30.54 27.92 -3.94
C ASN B 116 31.24 27.13 -5.03
N LYS B 117 31.07 25.81 -5.02
CA LYS B 117 31.54 24.98 -6.11
C LYS B 117 30.59 23.83 -6.36
N TYR B 118 30.74 23.16 -7.50
CA TYR B 118 29.84 22.08 -7.87
C TYR B 118 29.84 20.97 -6.80
N CYS B 119 28.68 20.39 -6.55
CA CYS B 119 28.60 19.26 -5.65
C CYS B 119 29.44 18.12 -6.20
N TRP B 120 30.16 17.45 -5.31
CA TRP B 120 31.02 16.33 -5.66
C TRP B 120 30.35 15.34 -6.61
N TYR B 121 29.13 14.91 -6.30
CA TYR B 121 28.46 13.87 -7.09
C TYR B 121 28.14 14.30 -8.55
N LEU B 122 28.09 15.60 -8.81
CA LEU B 122 27.78 16.09 -10.15
C LEU B 122 28.95 15.97 -11.12
N LEU B 123 30.17 15.87 -10.59
CA LEU B 123 31.34 15.85 -11.44
C LEU B 123 31.36 14.63 -12.33
N LYS B 124 31.66 14.83 -13.61
CA LYS B 124 31.65 13.76 -14.59
C LYS B 124 32.63 12.65 -14.24
N ASP B 125 33.71 13.00 -13.53
CA ASP B 125 34.71 12.01 -13.14
C ASP B 125 34.33 11.24 -11.89
N VAL B 126 33.24 11.65 -11.25
CA VAL B 126 32.79 11.08 -9.99
C VAL B 126 31.43 10.42 -10.20
N GLU B 127 30.40 11.25 -10.35
CA GLU B 127 29.01 10.78 -10.50
C GLU B 127 28.51 10.14 -9.22
N THR B 128 27.23 9.79 -9.21
CA THR B 128 26.57 9.26 -8.01
C THR B 128 27.22 7.98 -7.53
N LYS B 129 27.62 7.13 -8.46
CA LYS B 129 28.19 5.85 -8.05
C LYS B 129 29.46 6.02 -7.20
N ASN B 130 30.38 6.87 -7.65
CA ASN B 130 31.56 7.16 -6.85
C ASN B 130 31.25 7.92 -5.56
N ALA B 131 30.31 8.85 -5.64
CA ALA B 131 29.97 9.68 -4.47
C ALA B 131 29.45 8.82 -3.31
N VAL B 132 28.64 7.81 -3.63
CA VAL B 132 28.11 6.93 -2.60
C VAL B 132 29.23 6.13 -1.94
N ASN B 133 30.14 5.61 -2.76
CA ASN B 133 31.27 4.87 -2.24
C ASN B 133 32.16 5.81 -1.44
N ASP B 134 32.21 7.08 -1.85
CA ASP B 134 33.08 8.06 -1.19
C ASP B 134 32.56 8.51 0.17
N VAL B 135 31.24 8.60 0.29
CA VAL B 135 30.63 8.83 1.60
C VAL B 135 31.13 7.79 2.61
N LEU B 136 31.11 6.51 2.23
CA LEU B 136 31.55 5.47 3.13
C LEU B 136 33.03 5.55 3.47
N LEU B 137 33.84 5.96 2.50
CA LEU B 137 35.26 6.11 2.73
C LEU B 137 35.54 7.22 3.73
N LEU B 138 35.01 8.39 3.46
CA LEU B 138 35.20 9.52 4.37
C LEU B 138 34.74 9.11 5.76
N TYR B 139 33.53 8.57 5.84
CA TYR B 139 32.99 8.17 7.13
C TYR B 139 33.93 7.21 7.86
N ASN B 140 34.42 6.18 7.16
CA ASN B 140 35.28 5.20 7.82
C ASN B 140 36.66 5.72 8.16
N SER B 141 37.19 6.64 7.33
CA SER B 141 38.52 7.23 7.56
C SER B 141 38.59 7.88 8.96
N ILE B 142 37.45 8.32 9.45
CA ILE B 142 37.37 8.95 10.77
C ILE B 142 37.83 7.99 11.87
N TYR B 143 37.31 6.77 11.80
CA TYR B 143 37.63 5.79 12.82
C TYR B 143 39.05 5.25 12.72
N LYS B 144 39.60 5.28 11.50
CA LYS B 144 40.99 4.88 11.32
C LYS B 144 41.92 5.94 11.92
N LEU B 145 41.58 7.21 11.69
CA LEU B 145 42.36 8.32 12.25
C LEU B 145 42.33 8.34 13.77
N ILE B 146 41.14 8.13 14.34
CA ILE B 146 41.02 8.11 15.79
C ILE B 146 41.84 6.96 16.38
N GLU B 147 41.89 5.84 15.67
CA GLU B 147 42.75 4.73 16.06
C GLU B 147 44.23 5.14 16.02
N ILE B 148 44.65 5.76 14.92
CA ILE B 148 46.06 6.14 14.76
C ILE B 148 46.53 7.05 15.89
N TYR B 149 45.69 8.00 16.28
CA TYR B 149 46.10 9.02 17.22
C TYR B 149 45.65 8.83 18.66
N LEU B 150 44.58 8.06 18.89
CA LEU B 150 43.97 7.95 20.21
C LEU B 150 43.88 6.54 20.75
N ARG B 151 44.33 5.57 19.96
CA ARG B 151 44.31 4.14 20.33
C ARG B 151 44.63 3.89 21.80
N ASN B 152 45.62 4.61 22.32
CA ASN B 152 46.11 4.36 23.67
C ASN B 152 45.55 5.25 24.78
N GLU B 153 44.59 6.10 24.47
CA GLU B 153 43.96 6.94 25.49
C GLU B 153 42.83 6.20 26.19
N SER B 154 42.62 6.52 27.46
CA SER B 154 41.53 5.92 28.21
C SER B 154 40.16 6.32 27.65
N CYS B 155 40.08 7.49 27.01
CA CYS B 155 38.82 7.96 26.44
C CYS B 155 38.49 7.37 25.07
N TYR B 156 39.40 6.55 24.55
CA TYR B 156 39.27 6.01 23.20
C TYR B 156 37.90 5.42 22.85
N VAL B 157 37.45 4.45 23.63
CA VAL B 157 36.19 3.78 23.34
C VAL B 157 35.01 4.74 23.44
N ASP B 158 35.01 5.57 24.47
CA ASP B 158 33.98 6.60 24.61
C ASP B 158 33.96 7.57 23.42
N VAL B 159 35.13 7.88 22.88
CA VAL B 159 35.19 8.77 21.73
C VAL B 159 34.55 8.16 20.49
N ILE B 160 34.86 6.90 20.20
CA ILE B 160 34.26 6.26 19.04
C ILE B 160 32.77 6.04 19.22
N ALA B 161 32.36 5.76 20.46
CA ALA B 161 30.93 5.60 20.74
C ALA B 161 30.17 6.90 20.52
N THR B 162 30.76 8.02 20.94
CA THR B 162 30.12 9.32 20.72
C THR B 162 29.98 9.63 19.22
N PHE B 163 31.02 9.37 18.44
CA PHE B 163 30.93 9.56 16.99
C PHE B 163 29.79 8.70 16.40
N ARG B 164 29.72 7.46 16.84
CA ARG B 164 28.77 6.50 16.31
C ARG B 164 27.34 6.88 16.65
N ASP B 165 27.13 7.25 17.91
CA ASP B 165 25.78 7.53 18.37
C ASP B 165 25.24 8.86 17.84
N ALA B 166 26.14 9.83 17.67
CA ALA B 166 25.73 11.09 17.08
C ALA B 166 25.38 10.83 15.61
N THR B 167 26.16 9.95 14.97
CA THR B 167 25.89 9.63 13.57
C THR B 167 24.55 8.93 13.39
N LEU B 168 24.24 7.99 14.27
CA LEU B 168 22.96 7.31 14.21
C LEU B 168 21.80 8.29 14.33
N LYS B 169 21.89 9.21 15.29
CA LYS B 169 20.88 10.24 15.41
C LYS B 169 20.74 11.11 14.16
N THR B 170 21.86 11.43 13.53
CA THR B 170 21.84 12.27 12.34
C THR B 170 21.15 11.55 11.19
N ILE B 171 21.39 10.25 11.09
CA ILE B 171 20.79 9.43 10.05
C ILE B 171 19.27 9.39 10.18
N ILE B 172 18.79 9.24 11.42
CA ILE B 172 17.37 9.25 11.69
C ILE B 172 16.78 10.63 11.36
N GLY B 173 17.46 11.67 11.81
CA GLY B 173 17.07 13.03 11.48
C GLY B 173 16.99 13.26 9.98
N GLN B 174 17.99 12.79 9.25
CA GLN B 174 17.96 12.92 7.79
C GLN B 174 16.82 12.12 7.17
N HIS B 175 16.51 10.97 7.77
CA HIS B 175 15.43 10.13 7.30
C HIS B 175 14.06 10.81 7.44
N LEU B 176 13.86 11.49 8.56
CA LEU B 176 12.62 12.21 8.81
C LEU B 176 12.50 13.41 7.90
N ASP B 177 13.58 14.18 7.81
CA ASP B 177 13.65 15.32 6.91
C ASP B 177 13.26 14.94 5.47
N THR B 178 13.71 13.77 5.04
CA THR B 178 13.49 13.27 3.69
C THR B 178 12.05 12.78 3.46
N ASN B 179 11.45 12.24 4.51
CA ASN B 179 10.22 11.46 4.36
C ASN B 179 9.00 12.03 5.05
N ILE B 180 9.18 13.14 5.77
CA ILE B 180 8.11 13.69 6.60
C ILE B 180 6.81 13.96 5.83
N PHE B 181 6.93 14.39 4.57
CA PHE B 181 5.76 14.66 3.74
C PHE B 181 5.40 13.50 2.81
N SER B 182 6.11 12.38 2.93
CA SER B 182 5.92 11.26 2.01
C SER B 182 4.69 10.46 2.38
N ASP B 183 4.13 9.76 1.39
CA ASP B 183 2.87 9.07 1.59
C ASP B 183 2.97 7.97 2.65
N LYS B 184 4.15 7.42 2.83
CA LYS B 184 4.35 6.38 3.83
C LYS B 184 4.35 6.96 5.25
N TYR B 185 4.33 8.28 5.36
CA TYR B 185 4.30 8.96 6.65
C TYR B 185 2.91 9.55 6.96
N SER B 186 1.95 9.29 6.08
CA SER B 186 0.58 9.77 6.28
C SER B 186 -0.31 8.65 6.81
N ILE B 192 4.66 0.24 3.17
CA ILE B 192 5.51 0.39 1.99
C ILE B 192 5.19 -0.68 0.96
N ASP B 193 5.09 -0.27 -0.30
CA ASP B 193 4.77 -1.18 -1.39
C ASP B 193 6.03 -1.76 -2.03
N VAL B 194 6.34 -3.02 -1.71
CA VAL B 194 7.56 -3.65 -2.24
C VAL B 194 7.38 -4.17 -3.66
N ASN B 195 6.19 -3.96 -4.21
CA ASN B 195 5.93 -4.32 -5.60
C ASN B 195 5.86 -3.12 -6.53
N ASN B 196 6.03 -1.91 -5.98
CA ASN B 196 5.97 -0.71 -6.79
C ASN B 196 7.32 -0.09 -7.13
N ILE B 197 7.73 -0.26 -8.37
CA ILE B 197 8.96 0.34 -8.85
C ILE B 197 8.63 1.19 -10.07
N ASN B 198 7.35 1.43 -10.29
CA ASN B 198 6.88 2.06 -11.52
C ASN B 198 6.16 3.39 -11.31
N VAL B 199 5.38 3.49 -10.25
CA VAL B 199 4.61 4.70 -10.01
C VAL B 199 5.32 5.64 -9.04
N PRO B 200 5.87 6.75 -9.55
CA PRO B 200 6.60 7.71 -8.72
C PRO B 200 5.66 8.47 -7.77
N GLU B 201 6.17 8.84 -6.60
CA GLU B 201 5.39 9.63 -5.67
C GLU B 201 5.57 11.10 -5.99
N GLN B 202 4.49 11.78 -6.34
CA GLN B 202 4.55 13.23 -6.57
C GLN B 202 4.67 13.92 -5.21
N PRO B 203 5.66 14.81 -5.07
CA PRO B 203 5.87 15.49 -3.79
C PRO B 203 4.73 16.45 -3.46
N VAL B 204 4.14 16.27 -2.28
CA VAL B 204 3.07 17.12 -1.79
C VAL B 204 3.34 17.44 -0.31
N ILE B 205 2.80 18.54 0.19
CA ILE B 205 2.92 18.79 1.61
C ILE B 205 1.79 18.10 2.37
N ASP B 206 2.09 17.67 3.59
CA ASP B 206 1.08 17.09 4.49
C ASP B 206 0.86 18.07 5.64
N ILE B 207 -0.27 18.77 5.62
CA ILE B 207 -0.52 19.81 6.62
C ILE B 207 -0.48 19.34 8.06
N ASN B 208 -0.68 18.05 8.29
CA ASN B 208 -0.60 17.51 9.65
C ASN B 208 0.80 17.61 10.23
N MET B 209 1.79 17.67 9.34
CA MET B 209 3.19 17.64 9.78
C MET B 209 3.77 19.05 9.91
N ILE B 210 2.99 20.04 9.48
CA ILE B 210 3.47 21.40 9.47
C ILE B 210 3.32 22.06 10.84
N ASN B 211 4.16 21.63 11.77
CA ASN B 211 4.15 22.15 13.12
C ASN B 211 5.51 22.05 13.79
N PHE B 212 5.73 22.92 14.76
CA PHE B 212 7.03 23.06 15.40
C PHE B 212 7.47 21.85 16.18
N GLY B 213 6.50 21.11 16.73
CA GLY B 213 6.82 19.91 17.50
C GLY B 213 7.55 18.92 16.62
N VAL B 214 6.98 18.69 15.43
CA VAL B 214 7.56 17.75 14.48
C VAL B 214 8.88 18.31 13.95
N TYR B 215 8.90 19.62 13.69
CA TYR B 215 10.09 20.27 13.17
C TYR B 215 11.28 20.16 14.12
N LYS B 216 11.03 20.32 15.42
CA LYS B 216 12.09 20.21 16.41
C LYS B 216 12.65 18.79 16.52
N ASN B 217 11.76 17.80 16.48
CA ASN B 217 12.19 16.41 16.45
C ASN B 217 13.22 16.24 15.37
N ILE B 218 12.89 16.74 14.18
CA ILE B 218 13.73 16.53 13.01
C ILE B 218 15.06 17.27 13.14
N VAL B 219 14.98 18.56 13.48
CA VAL B 219 16.16 19.41 13.54
C VAL B 219 17.14 19.00 14.64
N ILE B 220 16.62 18.61 15.80
CA ILE B 220 17.49 18.13 16.87
C ILE B 220 18.27 16.88 16.43
N HIS B 221 17.61 15.95 15.76
CA HIS B 221 18.28 14.71 15.37
C HIS B 221 19.20 14.91 14.18
N LYS B 222 18.76 15.72 13.23
CA LYS B 222 19.53 15.96 12.00
C LYS B 222 20.75 16.86 12.19
N THR B 223 20.70 17.75 13.17
CA THR B 223 21.72 18.79 13.33
C THR B 223 22.40 18.86 14.70
N ALA B 224 21.61 18.82 15.77
CA ALA B 224 22.13 19.14 17.10
C ALA B 224 23.22 18.20 17.59
N TYR B 225 23.05 16.91 17.32
CA TYR B 225 23.94 15.94 17.88
C TYR B 225 25.35 15.96 17.32
N TYR B 226 25.46 16.03 15.99
CA TYR B 226 26.77 16.02 15.38
C TYR B 226 27.42 17.42 15.30
N SER B 227 26.60 18.46 15.31
CA SER B 227 27.14 19.83 15.16
C SER B 227 27.56 20.45 16.49
N PHE B 228 26.88 20.07 17.56
CA PHE B 228 27.14 20.66 18.86
C PHE B 228 27.54 19.65 19.94
N PHE B 229 26.69 18.68 20.20
CA PHE B 229 26.95 17.69 21.24
C PHE B 229 28.26 16.94 20.97
N LEU B 230 28.39 16.39 19.77
CA LEU B 230 29.57 15.62 19.43
C LEU B 230 30.90 16.36 19.65
N PRO B 231 31.08 17.54 19.00
CA PRO B 231 32.33 18.28 19.17
C PRO B 231 32.63 18.66 20.62
N ILE B 232 31.60 19.08 21.36
CA ILE B 232 31.76 19.45 22.77
C ILE B 232 32.15 18.25 23.66
N VAL B 233 31.50 17.11 23.45
CA VAL B 233 31.82 15.90 24.20
C VAL B 233 33.22 15.38 23.88
N CYS B 234 33.63 15.52 22.62
CA CYS B 234 34.99 15.19 22.23
C CYS B 234 36.03 15.95 23.06
N GLY B 235 35.90 17.26 23.10
CA GLY B 235 36.84 18.10 23.86
C GLY B 235 36.87 17.69 25.32
N MET B 236 35.68 17.51 25.91
CA MET B 236 35.57 17.17 27.32
C MET B 236 36.15 15.80 27.63
N LEU B 237 35.75 14.80 26.86
CA LEU B 237 36.25 13.44 27.04
C LEU B 237 37.76 13.44 27.01
N LEU B 238 38.32 14.03 25.97
CA LEU B 238 39.76 14.08 25.82
C LEU B 238 40.42 14.90 26.94
N ALA B 239 39.72 15.91 27.45
CA ALA B 239 40.21 16.69 28.57
C ALA B 239 40.19 15.91 29.89
N GLY B 240 39.40 14.84 29.95
CA GLY B 240 39.38 13.98 31.14
C GLY B 240 38.13 14.07 32.01
N ILE B 241 37.09 14.75 31.54
CA ILE B 241 35.85 14.80 32.29
C ILE B 241 35.10 13.48 32.18
N ASP B 244 29.61 10.25 32.68
CA ASP B 244 29.51 10.05 34.12
C ASP B 244 29.09 11.33 34.83
N ASN B 245 29.88 12.37 34.63
CA ASN B 245 29.58 13.68 35.20
C ASN B 245 28.24 14.21 34.68
N LEU B 246 27.46 14.84 35.57
CA LEU B 246 26.14 15.32 35.22
C LEU B 246 26.17 16.48 34.21
N ILE B 247 27.34 17.06 34.01
CA ILE B 247 27.49 18.14 33.06
C ILE B 247 27.15 17.71 31.62
N TYR B 248 27.41 16.44 31.31
CA TYR B 248 27.15 15.91 29.96
C TYR B 248 25.70 16.04 29.56
N LYS B 249 24.82 15.90 30.53
CA LYS B 249 23.39 16.01 30.27
C LYS B 249 23.01 17.46 29.98
N LYS B 250 23.57 18.38 30.75
CA LYS B 250 23.33 19.81 30.53
C LYS B 250 23.86 20.23 29.15
N ILE B 251 24.97 19.63 28.75
CA ILE B 251 25.56 19.93 27.45
C ILE B 251 24.66 19.43 26.32
N GLU B 252 24.01 18.28 26.56
CA GLU B 252 23.07 17.73 25.61
C GLU B 252 21.89 18.67 25.40
N ASP B 253 21.34 19.20 26.49
CA ASP B 253 20.20 20.13 26.43
C ASP B 253 20.55 21.43 25.70
N ILE B 254 21.69 22.01 26.03
CA ILE B 254 22.15 23.19 25.33
C ILE B 254 22.39 22.92 23.83
N SER B 255 22.96 21.76 23.52
CA SER B 255 23.19 21.41 22.12
C SER B 255 21.87 21.41 21.34
N MET B 256 20.82 20.92 21.97
CA MET B 256 19.51 20.84 21.33
C MET B 256 18.98 22.24 21.01
N LEU B 257 19.13 23.17 21.96
CA LEU B 257 18.71 24.54 21.75
C LEU B 257 19.52 25.23 20.65
N MET B 258 20.81 24.91 20.58
CA MET B 258 21.67 25.50 19.56
C MET B 258 21.41 24.92 18.19
N GLY B 259 21.17 23.60 18.13
CA GLY B 259 20.88 22.94 16.88
C GLY B 259 19.64 23.54 16.23
N GLU B 260 18.64 23.80 17.06
CA GLU B 260 17.39 24.38 16.59
C GLU B 260 17.62 25.80 16.09
N TYR B 261 18.34 26.58 16.87
CA TYR B 261 18.72 27.94 16.52
C TYR B 261 19.47 27.94 15.18
N PHE B 262 20.39 26.99 15.03
CA PHE B 262 21.24 26.93 13.87
C PHE B 262 20.46 26.59 12.59
N GLN B 263 19.55 25.63 12.68
CA GLN B 263 18.82 25.19 11.49
C GLN B 263 17.82 26.23 11.06
N ILE B 264 17.18 26.87 12.03
CA ILE B 264 16.21 27.91 11.72
C ILE B 264 16.86 29.05 10.96
N HIS B 265 18.03 29.47 11.41
CA HIS B 265 18.79 30.50 10.70
C HIS B 265 19.17 30.01 9.29
N ASP B 266 19.48 28.72 9.16
CA ASP B 266 19.80 28.13 7.86
C ASP B 266 18.56 28.13 6.95
N ASP B 267 17.40 27.78 7.51
CA ASP B 267 16.15 27.84 6.76
C ASP B 267 15.90 29.27 6.33
N TYR B 268 16.28 30.22 7.18
CA TYR B 268 16.00 31.63 6.97
C TYR B 268 16.83 32.17 5.81
N LEU B 269 18.06 31.68 5.69
CA LEU B 269 18.97 32.13 4.64
C LEU B 269 18.60 31.53 3.30
N ASP B 270 18.04 30.31 3.33
CA ASP B 270 17.67 29.60 2.11
C ASP B 270 16.72 30.44 1.26
N ILE B 271 15.89 31.24 1.91
CA ILE B 271 15.00 32.15 1.19
C ILE B 271 15.51 33.58 1.08
N PHE B 272 16.04 34.13 2.18
CA PHE B 272 16.41 35.54 2.25
C PHE B 272 17.93 35.79 2.22
N GLY B 273 18.63 34.99 1.44
CA GLY B 273 20.09 35.11 1.36
C GLY B 273 20.64 35.02 -0.06
N ASP B 274 21.94 35.23 -0.18
CA ASP B 274 22.62 35.15 -1.47
C ASP B 274 23.55 33.94 -1.47
N SER B 275 23.52 33.17 -2.56
CA SER B 275 24.40 32.00 -2.66
C SER B 275 25.86 32.42 -2.58
N THR B 276 26.11 33.72 -2.75
CA THR B 276 27.46 34.26 -2.67
C THR B 276 27.96 34.24 -1.23
N LYS B 277 27.03 34.28 -0.29
CA LYS B 277 27.36 34.22 1.12
C LYS B 277 27.27 32.80 1.69
N THR B 278 26.30 32.03 1.20
CA THR B 278 26.05 30.68 1.71
C THR B 278 26.84 29.60 0.97
N GLY B 279 27.26 29.92 -0.25
CA GLY B 279 27.97 28.95 -1.08
C GLY B 279 27.09 27.84 -1.64
N LYS B 280 25.78 27.94 -1.45
CA LYS B 280 24.85 26.92 -1.95
C LYS B 280 23.57 27.52 -2.53
N VAL B 281 22.90 26.77 -3.40
CA VAL B 281 21.66 27.25 -4.04
C VAL B 281 20.45 27.05 -3.14
N SER B 283 16.91 26.28 -2.36
CA SER B 283 15.96 25.46 -3.09
C SER B 283 14.98 24.67 -2.21
N ASP B 284 14.84 25.06 -0.94
CA ASP B 284 13.93 24.37 0.00
C ASP B 284 12.48 24.28 -0.51
N ILE B 285 11.96 25.40 -0.98
CA ILE B 285 10.59 25.46 -1.47
C ILE B 285 10.31 24.41 -2.54
N GLN B 286 11.02 24.49 -3.67
CA GLN B 286 10.81 23.52 -4.73
C GLN B 286 11.19 22.11 -4.29
N ASN B 287 12.06 21.98 -3.29
CA ASN B 287 12.42 20.66 -2.81
C ASN B 287 11.45 20.07 -1.80
N ASN B 288 10.38 20.82 -1.51
CA ASN B 288 9.30 20.32 -0.65
C ASN B 288 9.75 20.08 0.79
N LYS B 289 10.64 20.93 1.28
CA LYS B 289 11.19 20.75 2.62
C LYS B 289 10.29 21.32 3.71
N LEU B 290 10.25 20.66 4.86
CA LEU B 290 9.64 21.25 6.05
C LEU B 290 10.61 22.24 6.67
N THR B 291 10.29 23.53 6.59
CA THR B 291 11.16 24.59 7.08
C THR B 291 10.42 25.46 8.11
N TRP B 292 11.18 26.23 8.86
CA TRP B 292 10.60 27.13 9.85
C TRP B 292 9.72 28.20 9.19
N PRO B 293 10.19 28.80 8.09
CA PRO B 293 9.39 29.81 7.40
C PRO B 293 8.05 29.25 6.94
N LEU B 294 8.04 28.00 6.47
CA LEU B 294 6.79 27.36 6.08
C LEU B 294 5.88 27.21 7.30
N ILE B 295 6.41 26.69 8.38
CA ILE B 295 5.61 26.47 9.58
C ILE B 295 5.08 27.76 10.18
N LYS B 296 5.93 28.79 10.23
CA LYS B 296 5.54 30.09 10.76
C LYS B 296 4.47 30.73 9.89
N THR B 297 4.65 30.66 8.58
CA THR B 297 3.68 31.22 7.65
C THR B 297 2.34 30.52 7.81
N PHE B 298 2.40 29.20 8.00
CA PHE B 298 1.20 28.39 8.10
C PHE B 298 0.45 28.71 9.39
N GLU B 299 1.19 29.13 10.40
CA GLU B 299 0.60 29.48 11.68
C GLU B 299 -0.08 30.86 11.63
N LEU B 300 0.37 31.72 10.72
CA LEU B 300 -0.07 33.11 10.67
C LEU B 300 -1.11 33.40 9.59
N CYS B 301 -1.10 32.60 8.53
CA CYS B 301 -1.83 32.96 7.32
C CYS B 301 -3.31 32.62 7.33
N SER B 302 -4.03 33.21 6.36
CA SER B 302 -5.46 32.97 6.21
C SER B 302 -5.71 31.62 5.54
N GLU B 303 -6.90 31.07 5.76
CA GLU B 303 -7.30 29.83 5.09
C GLU B 303 -7.04 29.89 3.59
N PRO B 304 -7.40 31.01 2.95
CA PRO B 304 -7.13 31.09 1.53
C PRO B 304 -5.65 30.90 1.21
N ASP B 305 -4.78 31.47 2.04
CA ASP B 305 -3.35 31.38 1.83
C ASP B 305 -2.78 29.99 2.15
N LYS B 306 -3.45 29.24 3.01
CA LYS B 306 -3.05 27.86 3.30
C LYS B 306 -3.30 26.99 2.08
N ILE B 307 -4.37 27.30 1.35
CA ILE B 307 -4.70 26.58 0.13
C ILE B 307 -3.72 26.95 -0.98
N LYS B 308 -3.36 28.23 -1.03
CA LYS B 308 -2.34 28.73 -1.94
C LYS B 308 -0.99 27.99 -1.69
N ILE B 309 -0.55 27.97 -0.44
CA ILE B 309 0.67 27.25 -0.07
C ILE B 309 0.67 25.78 -0.54
N VAL B 310 -0.40 25.06 -0.20
CA VAL B 310 -0.56 23.67 -0.58
C VAL B 310 -0.47 23.49 -2.09
N LYS B 311 -1.08 24.41 -2.82
CA LYS B 311 -1.13 24.35 -4.28
C LYS B 311 0.20 24.72 -4.95
N ASN B 312 1.04 25.48 -4.26
CA ASN B 312 2.27 25.98 -4.87
C ASN B 312 3.59 25.45 -4.33
N TYR B 313 3.56 24.88 -3.12
CA TYR B 313 4.78 24.43 -2.46
C TYR B 313 5.27 23.13 -3.08
N GLY B 314 6.58 22.94 -3.08
CA GLY B 314 7.19 21.70 -3.51
C GLY B 314 7.12 21.47 -5.01
N LYS B 315 6.95 22.55 -5.76
CA LYS B 315 6.87 22.44 -7.21
C LYS B 315 8.00 23.16 -7.96
N ASN B 316 8.69 22.38 -8.79
CA ASN B 316 9.80 22.91 -9.58
C ASN B 316 9.25 23.78 -10.71
N ASN B 317 8.79 24.97 -10.35
CA ASN B 317 8.09 25.85 -11.27
C ASN B 317 8.21 27.29 -10.79
N LEU B 318 8.74 28.12 -11.67
CA LEU B 318 9.10 29.49 -11.34
C LEU B 318 7.95 30.26 -10.70
N ALA B 319 6.80 30.27 -11.36
CA ALA B 319 5.65 30.97 -10.83
C ALA B 319 5.25 30.43 -9.44
N CYS B 320 5.34 29.12 -9.26
CA CYS B 320 5.01 28.50 -7.99
C CYS B 320 5.89 28.96 -6.83
N VAL B 321 7.21 28.92 -6.99
CA VAL B 321 8.08 29.33 -5.87
C VAL B 321 7.92 30.82 -5.58
N LYS B 322 7.72 31.62 -6.61
CA LYS B 322 7.52 33.05 -6.41
C LYS B 322 6.26 33.34 -5.60
N VAL B 323 5.24 32.48 -5.73
CA VAL B 323 4.04 32.64 -4.90
C VAL B 323 4.39 32.42 -3.44
N ILE B 324 5.18 31.37 -3.18
CA ILE B 324 5.64 31.13 -1.82
C ILE B 324 6.52 32.27 -1.32
N ASP B 325 7.50 32.67 -2.11
CA ASP B 325 8.33 33.84 -1.80
C ASP B 325 7.47 35.02 -1.36
N SER B 326 6.43 35.32 -2.13
CA SER B 326 5.59 36.48 -1.85
C SER B 326 4.77 36.32 -0.58
N LEU B 327 4.38 35.09 -0.28
CA LEU B 327 3.70 34.83 0.99
C LEU B 327 4.65 35.06 2.17
N TYR B 328 5.91 34.63 2.04
CA TYR B 328 6.87 34.84 3.11
C TYR B 328 7.07 36.34 3.34
N GLU B 329 7.14 37.11 2.24
CA GLU B 329 7.23 38.56 2.32
C GLU B 329 5.96 39.17 2.92
N GLN B 330 4.80 38.76 2.41
CA GLN B 330 3.50 39.22 2.92
C GLN B 330 3.31 39.02 4.42
N TYR B 331 3.73 37.87 4.93
CA TYR B 331 3.55 37.57 6.35
C TYR B 331 4.73 37.95 7.22
N LYS B 332 5.64 38.74 6.66
CA LYS B 332 6.71 39.36 7.44
C LYS B 332 7.65 38.35 8.11
N ILE B 333 8.01 37.30 7.37
CA ILE B 333 8.89 36.27 7.92
C ILE B 333 10.21 36.83 8.45
N ARG B 334 10.79 37.80 7.74
CA ARG B 334 12.02 38.44 8.21
C ARG B 334 11.85 38.97 9.63
N LYS B 335 10.74 39.67 9.87
CA LYS B 335 10.48 40.24 11.18
C LYS B 335 10.34 39.14 12.21
N HIS B 336 9.59 38.10 11.86
CA HIS B 336 9.38 36.99 12.78
C HIS B 336 10.67 36.22 13.08
N TYR B 337 11.59 36.21 12.12
CA TYR B 337 12.87 35.53 12.37
C TYR B 337 13.71 36.34 13.34
N GLU B 338 13.83 37.64 13.08
CA GLU B 338 14.57 38.53 13.97
C GLU B 338 14.08 38.31 15.39
N SER B 339 12.76 38.21 15.53
CA SER B 339 12.14 38.08 16.83
C SER B 339 12.39 36.71 17.45
N TYR B 340 12.39 35.66 16.63
CA TYR B 340 12.69 34.32 17.15
C TYR B 340 14.13 34.26 17.60
N GLU B 341 15.01 34.85 16.80
CA GLU B 341 16.44 34.88 17.04
C GLU B 341 16.78 35.47 18.42
N LYS B 342 16.05 36.50 18.81
CA LYS B 342 16.31 37.17 20.10
C LYS B 342 15.90 36.28 21.26
N ALA B 343 14.68 35.76 21.19
CA ALA B 343 14.17 34.93 22.27
C ALA B 343 15.01 33.66 22.46
N GLN B 344 15.44 33.06 21.35
CA GLN B 344 16.23 31.83 21.41
C GLN B 344 17.64 32.10 21.93
N LYS B 345 18.26 33.16 21.44
CA LYS B 345 19.60 33.51 21.92
C LYS B 345 19.58 33.73 23.43
N ALA B 346 18.52 34.36 23.92
CA ALA B 346 18.32 34.55 25.35
C ALA B 346 18.13 33.24 26.11
N LYS B 347 17.28 32.35 25.59
CA LYS B 347 17.04 31.07 26.25
C LYS B 347 18.32 30.23 26.30
N ILE B 348 19.17 30.38 25.29
CA ILE B 348 20.41 29.63 25.24
C ILE B 348 21.43 30.19 26.24
N LEU B 349 21.56 31.53 26.28
CA LEU B 349 22.48 32.16 27.23
C LEU B 349 22.07 31.82 28.65
N SER B 350 20.77 31.74 28.88
CA SER B 350 20.24 31.36 30.18
C SER B 350 20.63 29.93 30.56
N ALA B 351 20.60 29.02 29.58
CA ALA B 351 20.95 27.63 29.86
C ALA B 351 22.45 27.49 30.00
N ILE B 352 23.19 28.36 29.32
CA ILE B 352 24.64 28.34 29.41
C ILE B 352 25.14 28.74 30.80
N ASN B 353 24.45 29.70 31.42
CA ASN B 353 24.81 30.17 32.76
C ASN B 353 24.55 29.15 33.86
N GLU B 354 23.75 28.13 33.56
CA GLU B 354 23.45 27.10 34.54
C GLU B 354 24.40 25.91 34.45
N LEU B 355 25.44 26.06 33.64
CA LEU B 355 26.47 25.03 33.51
C LEU B 355 27.41 24.97 34.71
N HIS B 356 27.74 26.15 35.24
CA HIS B 356 28.69 26.28 36.33
C HIS B 356 30.05 25.73 35.94
N HIS B 357 30.50 26.14 34.75
CA HIS B 357 31.83 25.82 34.29
C HIS B 357 32.30 26.96 33.39
N GLU B 358 33.18 27.80 33.91
CA GLU B 358 33.47 29.06 33.25
C GLU B 358 34.16 28.92 31.91
N GLY B 359 35.02 27.90 31.78
CA GLY B 359 35.71 27.65 30.51
C GLY B 359 34.74 27.28 29.41
N ILE B 360 33.85 26.33 29.70
CA ILE B 360 32.88 25.89 28.70
C ILE B 360 31.86 27.00 28.42
N GLU B 361 31.46 27.71 29.47
CA GLU B 361 30.51 28.81 29.30
C GLU B 361 31.07 29.87 28.38
N TYR B 362 32.36 30.18 28.52
CA TYR B 362 32.99 31.13 27.61
C TYR B 362 32.94 30.65 26.16
N VAL B 363 33.32 29.40 25.95
CA VAL B 363 33.37 28.82 24.61
C VAL B 363 32.02 28.83 23.93
N LEU B 364 30.96 28.55 24.69
CA LEU B 364 29.62 28.50 24.13
C LEU B 364 29.09 29.89 23.81
N LYS B 365 29.50 30.88 24.60
CA LYS B 365 29.19 32.27 24.31
C LYS B 365 29.89 32.72 23.03
N TYR B 366 31.16 32.37 22.92
CA TYR B 366 31.95 32.67 21.73
C TYR B 366 31.38 31.97 20.48
N LEU B 367 31.10 30.68 20.60
CA LEU B 367 30.46 29.93 19.53
C LEU B 367 29.18 30.64 19.09
N LEU B 368 28.42 31.11 20.06
CA LEU B 368 27.13 31.74 19.81
C LEU B 368 27.25 33.03 18.99
N GLU B 369 28.35 33.75 19.17
CA GLU B 369 28.62 34.97 18.42
C GLU B 369 29.09 34.67 17.00
N ILE B 370 29.99 33.70 16.88
CA ILE B 370 30.64 33.40 15.62
C ILE B 370 29.84 32.42 14.76
N LEU B 371 28.67 32.04 15.23
CA LEU B 371 27.93 30.94 14.62
C LEU B 371 27.64 31.11 13.13
N PHE B 372 27.03 32.22 12.76
CA PHE B 372 26.64 32.44 11.37
C PHE B 372 27.81 32.81 10.46
N THR B 373 28.85 33.38 11.04
CA THR B 373 30.02 33.81 10.27
C THR B 373 31.15 32.77 10.24
N GLY B 374 31.31 32.05 11.34
CA GLY B 374 32.39 31.07 11.47
C GLY B 374 33.72 31.70 11.80
N LEU C 13 23.23 -23.07 11.93
CA LEU C 13 22.42 -22.70 10.72
C LEU C 13 20.98 -22.40 11.13
N ALA C 14 20.30 -23.42 11.65
CA ALA C 14 18.97 -23.26 12.22
C ALA C 14 19.06 -22.28 13.39
N PHE C 15 19.93 -22.58 14.35
CA PHE C 15 20.14 -21.71 15.51
C PHE C 15 20.41 -20.27 15.10
N PHE C 16 21.32 -20.08 14.14
CA PHE C 16 21.72 -18.77 13.67
C PHE C 16 20.56 -17.96 13.10
N ARG C 17 19.76 -18.61 12.24
CA ARG C 17 18.61 -17.96 11.62
C ARG C 17 17.53 -17.61 12.64
N ASN C 18 17.39 -18.45 13.67
CA ASN C 18 16.41 -18.20 14.73
C ASN C 18 16.74 -16.95 15.55
N MET C 19 18.00 -16.54 15.55
CA MET C 19 18.45 -15.45 16.38
C MET C 19 18.31 -14.08 15.71
N TYR C 20 17.90 -14.09 14.45
CA TYR C 20 17.77 -12.86 13.67
C TYR C 20 16.89 -11.81 14.33
N ASP C 21 15.68 -12.20 14.72
CA ASP C 21 14.71 -11.28 15.31
C ASP C 21 15.26 -10.58 16.55
N LYS C 22 15.99 -11.32 17.36
CA LYS C 22 16.57 -10.76 18.57
C LYS C 22 17.51 -9.61 18.26
N TYR C 23 18.43 -9.82 17.31
CA TYR C 23 19.41 -8.80 16.99
C TYR C 23 18.77 -7.64 16.24
N ARG C 24 17.82 -7.92 15.37
CA ARG C 24 17.08 -6.84 14.73
C ARG C 24 16.34 -6.01 15.77
N ASP C 25 15.62 -6.68 16.66
CA ASP C 25 14.79 -5.97 17.63
C ASP C 25 15.62 -5.22 18.66
N ALA C 26 16.81 -5.71 18.96
CA ALA C 26 17.71 -4.99 19.85
C ALA C 26 18.09 -3.63 19.24
N PHE C 27 18.45 -3.62 17.95
CA PHE C 27 18.81 -2.36 17.32
C PHE C 27 17.61 -1.44 17.22
N LEU C 28 16.46 -1.99 16.82
CA LEU C 28 15.24 -1.21 16.72
C LEU C 28 14.81 -0.60 18.04
N SER C 29 15.03 -1.32 19.13
CA SER C 29 14.68 -0.77 20.45
C SER C 29 15.63 0.34 20.84
N HIS C 30 16.85 0.31 20.32
CA HIS C 30 17.76 1.45 20.48
C HIS C 30 17.20 2.71 19.83
N LEU C 31 16.70 2.59 18.60
CA LEU C 31 16.10 3.73 17.90
C LEU C 31 14.84 4.19 18.63
N ASN C 32 14.07 3.22 19.11
CA ASN C 32 12.84 3.49 19.84
C ASN C 32 13.09 4.28 21.12
N TYR C 34 14.96 7.19 21.48
CA TYR C 34 15.11 8.54 20.94
C TYR C 34 13.93 9.39 21.39
N SER C 35 14.19 10.66 21.70
CA SER C 35 13.11 11.57 22.08
C SER C 35 12.39 12.06 20.84
N LEU C 36 11.40 11.29 20.40
CA LEU C 36 10.61 11.64 19.24
C LEU C 36 9.13 11.46 19.59
N GLU C 37 8.25 12.18 18.90
CA GLU C 37 6.82 12.01 19.09
C GLU C 37 6.39 10.57 18.78
N GLU C 38 5.41 10.08 19.53
CA GLU C 38 5.00 8.68 19.45
C GLU C 38 4.64 8.22 18.04
N GLU C 39 3.88 9.02 17.31
CA GLU C 39 3.53 8.70 15.93
C GLU C 39 4.80 8.52 15.08
N ILE C 40 5.76 9.41 15.29
CA ILE C 40 7.01 9.37 14.53
C ILE C 40 7.75 8.07 14.82
N LYS C 41 7.86 7.72 16.11
CA LYS C 41 8.52 6.49 16.52
C LYS C 41 7.96 5.26 15.80
N GLU C 42 6.64 5.23 15.64
CA GLU C 42 6.03 4.08 15.00
C GLU C 42 6.25 4.02 13.49
N HIS C 43 6.34 5.18 12.85
CA HIS C 43 6.71 5.22 11.43
C HIS C 43 8.15 4.73 11.26
N ILE C 44 9.04 5.21 12.13
CA ILE C 44 10.43 4.79 12.13
C ILE C 44 10.56 3.27 12.29
N SER C 45 9.85 2.69 13.26
CA SER C 45 9.98 1.26 13.51
C SER C 45 9.48 0.42 12.34
N LYS C 46 8.39 0.86 11.72
CA LYS C 46 7.85 0.17 10.55
C LYS C 46 8.81 0.22 9.34
N TYR C 47 9.39 1.39 9.08
CA TYR C 47 10.33 1.56 7.99
C TYR C 47 11.57 0.70 8.20
N TYR C 48 12.17 0.83 9.38
CA TYR C 48 13.42 0.16 9.65
C TYR C 48 13.33 -1.35 9.85
N LYS C 49 12.21 -1.84 10.36
CA LYS C 49 11.99 -3.28 10.42
C LYS C 49 12.05 -3.84 9.00
N LEU C 50 11.37 -3.16 8.09
CA LEU C 50 11.35 -3.58 6.69
C LEU C 50 12.76 -3.52 6.08
N LEU C 51 13.44 -2.39 6.23
CA LEU C 51 14.80 -2.25 5.71
C LEU C 51 15.65 -3.48 6.06
N PHE C 52 15.67 -3.83 7.34
CA PHE C 52 16.43 -4.99 7.80
C PHE C 52 15.90 -6.28 7.19
N ASP C 53 14.60 -6.50 7.27
CA ASP C 53 14.01 -7.75 6.76
C ASP C 53 14.21 -7.88 5.26
N TYR C 54 13.92 -6.81 4.53
CA TYR C 54 14.02 -6.83 3.08
C TYR C 54 15.41 -7.18 2.60
N ASN C 55 16.43 -6.68 3.30
CA ASN C 55 17.81 -6.75 2.81
C ASN C 55 18.74 -7.72 3.52
N CYS C 56 18.38 -8.15 4.72
CA CYS C 56 19.26 -9.05 5.47
C CYS C 56 18.92 -10.51 5.27
N LEU C 57 17.68 -10.78 4.87
CA LEU C 57 17.18 -12.15 4.77
C LEU C 57 17.15 -12.64 3.33
N GLY C 58 17.33 -13.94 3.14
CA GLY C 58 17.22 -14.55 1.82
C GLY C 58 18.55 -14.86 1.17
N GLY C 59 19.64 -14.44 1.81
CA GLY C 59 20.97 -14.77 1.29
C GLY C 59 21.35 -16.20 1.62
N LYS C 60 22.50 -16.65 1.14
CA LYS C 60 23.02 -17.98 1.50
C LYS C 60 23.54 -18.00 2.94
N ASN C 61 23.86 -16.82 3.48
CA ASN C 61 24.43 -16.70 4.82
C ASN C 61 25.75 -17.47 4.99
N ASN C 62 26.56 -17.54 3.93
CA ASN C 62 27.86 -18.19 4.02
C ASN C 62 28.76 -17.50 5.03
N ARG C 63 28.72 -16.17 5.03
CA ARG C 63 29.63 -15.38 5.88
C ARG C 63 29.26 -15.52 7.35
N GLY C 64 27.98 -15.37 7.67
CA GLY C 64 27.51 -15.56 9.04
C GLY C 64 27.78 -16.96 9.55
N ILE C 65 27.46 -17.96 8.73
CA ILE C 65 27.73 -19.36 9.07
C ILE C 65 29.21 -19.60 9.37
N LEU C 66 30.08 -18.93 8.64
CA LEU C 66 31.51 -19.10 8.79
C LEU C 66 31.97 -18.66 10.17
N VAL C 67 31.38 -17.57 10.68
CA VAL C 67 31.68 -17.13 12.04
C VAL C 67 31.29 -18.20 13.05
N ILE C 68 30.06 -18.69 12.93
CA ILE C 68 29.52 -19.68 13.84
C ILE C 68 30.37 -20.97 13.89
N LEU C 69 30.81 -21.43 12.73
CA LEU C 69 31.60 -22.65 12.64
C LEU C 69 33.02 -22.48 13.13
N ILE C 70 33.63 -21.36 12.79
CA ILE C 70 34.99 -21.10 13.23
C ILE C 70 35.01 -20.89 14.74
N TYR C 71 34.01 -20.19 15.26
CA TYR C 71 33.92 -19.97 16.69
C TYR C 71 33.86 -21.32 17.42
N GLU C 72 33.06 -22.25 16.90
CA GLU C 72 32.94 -23.55 17.53
C GLU C 72 34.19 -24.42 17.41
N TYR C 73 34.77 -24.49 16.22
CA TYR C 73 35.81 -25.47 15.92
C TYR C 73 37.24 -25.01 16.17
N VAL C 74 37.42 -23.74 16.50
CA VAL C 74 38.75 -23.22 16.80
C VAL C 74 39.36 -24.12 17.89
N LYS C 75 38.51 -24.59 18.80
CA LYS C 75 38.94 -25.47 19.87
C LYS C 75 37.75 -26.20 20.46
N ASN C 76 37.84 -27.52 20.51
CA ASN C 76 36.82 -28.34 21.16
C ASN C 76 36.70 -27.92 22.63
N ARG C 77 35.58 -27.31 23.00
CA ARG C 77 35.44 -26.74 24.32
C ARG C 77 33.97 -26.54 24.69
N ASP C 78 33.71 -26.34 25.98
CA ASP C 78 32.35 -26.09 26.44
C ASP C 78 31.99 -24.64 26.14
N ILE C 79 30.89 -24.45 25.43
CA ILE C 79 30.43 -23.09 25.08
C ILE C 79 29.00 -22.92 25.57
N ASN C 80 28.80 -21.99 26.48
CA ASN C 80 27.47 -21.76 27.03
C ASN C 80 26.60 -20.82 26.19
N SER C 81 25.32 -20.72 26.53
CA SER C 81 24.36 -19.96 25.71
C SER C 81 24.66 -18.47 25.65
N SER C 82 25.17 -17.90 26.74
CA SER C 82 25.55 -16.50 26.76
C SER C 82 26.71 -16.25 25.81
N GLU C 83 27.58 -17.24 25.66
CA GLU C 83 28.70 -17.12 24.75
C GLU C 83 28.26 -17.24 23.30
N TRP C 84 27.29 -18.10 23.02
CA TRP C 84 26.75 -18.24 21.69
C TRP C 84 26.02 -17.00 21.21
N GLU C 85 25.38 -16.31 22.16
CA GLU C 85 24.67 -15.09 21.85
C GLU C 85 25.60 -14.06 21.24
N LYS C 86 26.82 -13.99 21.75
CA LYS C 86 27.78 -13.03 21.27
C LYS C 86 28.34 -13.46 19.91
N ALA C 87 28.45 -14.76 19.70
CA ALA C 87 28.95 -15.28 18.42
C ALA C 87 27.90 -15.10 17.31
N ALA C 88 26.64 -15.33 17.64
CA ALA C 88 25.56 -15.15 16.64
C ALA C 88 25.34 -13.67 16.36
N CYS C 89 25.72 -12.81 17.30
CA CYS C 89 25.65 -11.38 17.11
C CYS C 89 26.64 -10.98 16.02
N LEU C 90 27.87 -11.42 16.15
CA LEU C 90 28.88 -11.13 15.15
C LEU C 90 28.46 -11.72 13.81
N ALA C 91 27.97 -12.96 13.83
CA ALA C 91 27.49 -13.62 12.63
C ALA C 91 26.43 -12.77 11.93
N TRP C 92 25.46 -12.28 12.67
CA TRP C 92 24.47 -11.38 12.08
C TRP C 92 25.01 -10.02 11.67
N CYS C 93 26.04 -9.56 12.37
CA CYS C 93 26.72 -8.32 12.02
C CYS C 93 27.39 -8.43 10.67
N ILE C 94 27.90 -9.61 10.33
CA ILE C 94 28.47 -9.80 9.00
C ILE C 94 27.39 -9.90 7.92
N GLU C 95 26.21 -10.39 8.30
CA GLU C 95 25.10 -10.44 7.36
C GLU C 95 24.48 -9.05 7.15
N ILE C 96 24.58 -8.20 8.16
CA ILE C 96 24.09 -6.84 8.05
C ILE C 96 25.07 -6.03 7.19
N LEU C 97 26.34 -6.36 7.29
CA LEU C 97 27.36 -5.73 6.46
C LEU C 97 27.14 -6.07 5.00
N GLN C 98 26.87 -7.34 4.73
CA GLN C 98 26.53 -7.81 3.39
C GLN C 98 25.29 -7.09 2.86
N ALA C 99 24.27 -6.93 3.71
CA ALA C 99 23.08 -6.15 3.34
C ALA C 99 23.41 -4.72 2.91
N ALA C 100 24.25 -4.04 3.68
CA ALA C 100 24.63 -2.67 3.35
C ALA C 100 25.42 -2.61 2.04
N PHE C 101 26.37 -3.54 1.89
CA PHE C 101 27.19 -3.60 0.69
C PHE C 101 26.29 -3.83 -0.52
N LEU C 102 25.29 -4.69 -0.38
CA LEU C 102 24.45 -5.03 -1.51
C LEU C 102 23.47 -3.95 -1.91
N VAL C 103 22.93 -3.20 -0.94
CA VAL C 103 22.06 -2.07 -1.25
C VAL C 103 22.88 -0.98 -1.97
N ALA C 104 24.10 -0.75 -1.50
CA ALA C 104 24.99 0.23 -2.11
C ALA C 104 25.42 -0.19 -3.52
N ASP C 105 25.84 -1.45 -3.65
CA ASP C 105 26.29 -1.97 -4.95
C ASP C 105 25.19 -1.87 -6.01
N ASP C 106 23.94 -2.12 -5.60
CA ASP C 106 22.84 -2.03 -6.54
C ASP C 106 22.56 -0.60 -6.97
N ILE C 107 22.87 0.36 -6.10
CA ILE C 107 22.77 1.78 -6.45
C ILE C 107 23.87 2.11 -7.43
N MET C 108 25.09 1.68 -7.11
CA MET C 108 26.25 2.01 -7.92
C MET C 108 26.23 1.35 -9.30
N ASP C 109 25.91 0.07 -9.36
CA ASP C 109 25.92 -0.67 -10.63
C ASP C 109 24.56 -0.71 -11.32
N LYS C 110 23.62 0.10 -10.83
CA LYS C 110 22.27 0.14 -11.40
C LYS C 110 21.63 -1.24 -11.45
N GLY C 111 21.64 -1.94 -10.33
CA GLY C 111 21.01 -3.27 -10.27
C GLY C 111 19.51 -3.23 -10.50
N GLU C 112 18.94 -4.37 -10.84
CA GLU C 112 17.51 -4.46 -11.05
C GLU C 112 16.86 -5.47 -10.10
N MET C 113 17.56 -6.59 -9.88
CA MET C 113 17.05 -7.64 -9.02
C MET C 113 18.18 -8.09 -8.09
N ARG C 114 17.80 -8.43 -6.87
CA ARG C 114 18.75 -8.92 -5.89
C ARG C 114 18.01 -9.92 -5.02
N ARG C 115 18.54 -11.14 -4.96
CA ARG C 115 17.86 -12.22 -4.25
C ARG C 115 16.42 -12.41 -4.74
N ASN C 116 16.20 -12.29 -6.05
CA ASN C 116 14.91 -12.62 -6.65
C ASN C 116 13.80 -11.61 -6.38
N LYS C 117 14.17 -10.37 -6.09
CA LYS C 117 13.19 -9.30 -5.95
C LYS C 117 13.81 -7.94 -6.24
N TYR C 118 12.97 -6.93 -6.37
CA TYR C 118 13.45 -5.62 -6.76
C TYR C 118 14.50 -5.12 -5.78
N CYS C 119 15.57 -4.55 -6.32
CA CYS C 119 16.54 -3.85 -5.50
C CYS C 119 15.84 -2.80 -4.65
N TRP C 120 16.30 -2.67 -3.42
CA TRP C 120 15.76 -1.73 -2.46
C TRP C 120 15.60 -0.32 -3.04
N TYR C 121 16.63 0.18 -3.72
CA TYR C 121 16.60 1.58 -4.20
C TYR C 121 15.58 1.83 -5.31
N LEU C 122 15.18 0.78 -6.01
CA LEU C 122 14.17 0.91 -7.06
C LEU C 122 12.74 1.13 -6.56
N LEU C 123 12.46 0.75 -5.31
CA LEU C 123 11.12 0.95 -4.76
C LEU C 123 10.80 2.45 -4.67
N LYS C 124 9.66 2.84 -5.23
CA LYS C 124 9.30 4.26 -5.29
C LYS C 124 9.04 4.88 -3.92
N ASP C 125 8.75 4.07 -2.91
CA ASP C 125 8.62 4.55 -1.54
C ASP C 125 10.01 4.80 -0.96
N VAL C 126 11.04 4.28 -1.61
CA VAL C 126 12.41 4.39 -1.12
C VAL C 126 13.23 5.34 -1.96
N GLU C 127 13.55 4.90 -3.17
CA GLU C 127 14.36 5.72 -4.09
C GLU C 127 15.83 5.78 -3.67
N THR C 128 16.66 6.36 -4.53
CA THR C 128 18.10 6.44 -4.27
C THR C 128 18.40 7.23 -3.02
N LYS C 129 17.65 8.31 -2.79
CA LYS C 129 17.91 9.19 -1.65
C LYS C 129 17.79 8.43 -0.32
N ASN C 130 16.72 7.66 -0.15
CA ASN C 130 16.57 6.84 1.05
C ASN C 130 17.61 5.74 1.11
N ALA C 131 17.93 5.15 -0.04
CA ALA C 131 18.83 4.00 -0.07
C ALA C 131 20.24 4.38 0.36
N VAL C 132 20.69 5.58 -0.01
CA VAL C 132 22.00 6.06 0.45
C VAL C 132 21.99 6.23 1.95
N ASN C 133 20.91 6.80 2.47
CA ASN C 133 20.78 6.99 3.91
C ASN C 133 20.68 5.65 4.63
N ASP C 134 20.03 4.68 3.99
CA ASP C 134 19.84 3.36 4.58
C ASP C 134 21.13 2.51 4.60
N VAL C 135 22.00 2.70 3.60
CA VAL C 135 23.29 2.02 3.61
C VAL C 135 24.04 2.39 4.88
N LEU C 136 24.02 3.67 5.21
CA LEU C 136 24.75 4.17 6.34
C LEU C 136 24.13 3.76 7.67
N LEU C 137 22.83 3.55 7.66
CA LEU C 137 22.16 3.10 8.87
C LEU C 137 22.52 1.67 9.16
N LEU C 138 22.41 0.83 8.14
CA LEU C 138 22.74 -0.59 8.26
C LEU C 138 24.20 -0.71 8.72
N TYR C 139 25.07 0.05 8.07
CA TYR C 139 26.49 -0.01 8.39
C TYR C 139 26.73 0.32 9.86
N ASN C 140 26.09 1.38 10.34
CA ASN C 140 26.29 1.80 11.71
C ASN C 140 25.63 0.91 12.74
N SER C 141 24.53 0.26 12.36
CA SER C 141 23.81 -0.63 13.27
C SER C 141 24.72 -1.76 13.75
N ILE C 142 25.64 -2.18 12.88
CA ILE C 142 26.62 -3.19 13.20
C ILE C 142 27.34 -2.86 14.50
N TYR C 143 27.93 -1.67 14.55
CA TYR C 143 28.77 -1.29 15.67
C TYR C 143 27.95 -1.10 16.93
N LYS C 144 26.70 -0.66 16.76
CA LYS C 144 25.80 -0.55 17.90
C LYS C 144 25.48 -1.93 18.48
N LEU C 145 25.28 -2.90 17.60
CA LEU C 145 25.01 -4.26 18.04
C LEU C 145 26.20 -4.87 18.76
N ILE C 146 27.39 -4.70 18.19
CA ILE C 146 28.62 -5.20 18.79
C ILE C 146 28.85 -4.56 20.15
N GLU C 147 28.45 -3.29 20.28
CA GLU C 147 28.52 -2.63 21.59
C GLU C 147 27.51 -3.28 22.54
N ILE C 148 26.29 -3.51 22.08
CA ILE C 148 25.26 -4.03 22.95
C ILE C 148 25.62 -5.40 23.51
N TYR C 149 26.29 -6.22 22.71
CA TYR C 149 26.60 -7.61 23.08
C TYR C 149 28.04 -7.88 23.52
N LEU C 150 29.00 -7.10 23.04
CA LEU C 150 30.41 -7.41 23.26
C LEU C 150 31.15 -6.33 24.03
N ARG C 151 30.42 -5.31 24.44
CA ARG C 151 30.99 -4.17 25.16
C ARG C 151 32.05 -4.56 26.17
N ASN C 152 31.82 -5.65 26.89
CA ASN C 152 32.65 -6.01 28.03
C ASN C 152 33.65 -7.13 27.78
N GLU C 153 33.75 -7.58 26.53
CA GLU C 153 34.72 -8.60 26.17
C GLU C 153 36.07 -7.94 25.96
N SER C 154 37.15 -8.65 26.27
CA SER C 154 38.47 -8.08 26.05
C SER C 154 38.78 -7.92 24.55
N CYS C 155 38.10 -8.69 23.71
CA CYS C 155 38.32 -8.62 22.26
C CYS C 155 37.50 -7.52 21.57
N TYR C 156 36.68 -6.81 22.34
CA TYR C 156 35.78 -5.80 21.79
C TYR C 156 36.46 -4.85 20.79
N VAL C 157 37.54 -4.21 21.22
CA VAL C 157 38.21 -3.23 20.40
C VAL C 157 38.85 -3.82 19.15
N ASP C 158 39.41 -5.03 19.26
CA ASP C 158 39.97 -5.71 18.10
C ASP C 158 38.87 -6.11 17.12
N VAL C 159 37.70 -6.45 17.66
CA VAL C 159 36.59 -6.89 16.81
C VAL C 159 36.01 -5.77 15.98
N ILE C 160 35.87 -4.58 16.57
CA ILE C 160 35.40 -3.43 15.80
C ILE C 160 36.46 -2.95 14.80
N ALA C 161 37.74 -3.05 15.18
CA ALA C 161 38.82 -2.67 14.25
C ALA C 161 38.88 -3.59 13.03
N THR C 162 38.53 -4.86 13.22
CA THR C 162 38.53 -5.81 12.11
C THR C 162 37.40 -5.53 11.12
N PHE C 163 36.22 -5.20 11.63
CA PHE C 163 35.10 -4.78 10.78
C PHE C 163 35.49 -3.53 10.00
N ARG C 164 36.09 -2.57 10.70
CA ARG C 164 36.48 -1.29 10.10
C ARG C 164 37.52 -1.48 8.99
N ASP C 165 38.55 -2.26 9.29
CA ASP C 165 39.65 -2.46 8.36
C ASP C 165 39.21 -3.24 7.12
N ALA C 166 38.42 -4.29 7.33
CA ALA C 166 37.90 -5.05 6.19
C ALA C 166 36.99 -4.17 5.34
N THR C 167 36.24 -3.29 6.01
CA THR C 167 35.30 -2.42 5.29
C THR C 167 36.07 -1.42 4.43
N LEU C 168 37.15 -0.89 4.97
CA LEU C 168 38.01 0.05 4.21
C LEU C 168 38.61 -0.60 2.96
N LYS C 169 39.07 -1.85 3.09
CA LYS C 169 39.59 -2.60 1.94
C LYS C 169 38.53 -2.87 0.89
N THR C 170 37.31 -3.14 1.35
CA THR C 170 36.19 -3.40 0.45
C THR C 170 35.83 -2.13 -0.32
N ILE C 171 35.90 -0.99 0.35
CA ILE C 171 35.62 0.30 -0.30
C ILE C 171 36.65 0.62 -1.40
N ILE C 172 37.92 0.40 -1.10
CA ILE C 172 38.98 0.63 -2.07
C ILE C 172 38.90 -0.38 -3.22
N GLY C 173 38.37 -1.56 -2.91
CA GLY C 173 38.19 -2.59 -3.93
C GLY C 173 37.08 -2.19 -4.88
N GLN C 174 35.99 -1.68 -4.32
CA GLN C 174 34.86 -1.21 -5.10
C GLN C 174 35.21 0.02 -5.93
N HIS C 175 36.02 0.93 -5.35
CA HIS C 175 36.49 2.08 -6.11
C HIS C 175 37.21 1.61 -7.39
N LEU C 176 38.12 0.65 -7.24
CA LEU C 176 38.89 0.15 -8.38
C LEU C 176 37.97 -0.54 -9.39
N ASP C 177 37.08 -1.38 -8.87
CA ASP C 177 36.15 -2.11 -9.72
C ASP C 177 35.29 -1.16 -10.57
N THR C 178 34.98 0.01 -10.00
CA THR C 178 34.11 0.98 -10.64
C THR C 178 34.90 1.87 -11.61
N ASN C 179 36.19 2.05 -11.36
CA ASN C 179 36.97 3.09 -12.02
C ASN C 179 38.17 2.62 -12.83
N ILE C 180 38.43 1.32 -12.85
CA ILE C 180 39.67 0.79 -13.44
C ILE C 180 39.83 1.17 -14.92
N PHE C 181 38.71 1.28 -15.63
CA PHE C 181 38.70 1.61 -17.05
C PHE C 181 38.34 3.06 -17.32
N SER C 182 38.21 3.87 -16.27
CA SER C 182 37.74 5.26 -16.43
C SER C 182 38.79 6.21 -17.00
N ASP C 183 38.30 7.30 -17.56
CA ASP C 183 39.16 8.31 -18.16
C ASP C 183 40.23 8.81 -17.20
N LYS C 184 39.89 8.95 -15.92
CA LYS C 184 40.86 9.43 -14.95
C LYS C 184 42.00 8.44 -14.70
N TYR C 185 41.75 7.16 -14.95
CA TYR C 185 42.76 6.12 -14.74
C TYR C 185 43.61 5.90 -16.01
N SER C 186 42.95 5.91 -17.16
CA SER C 186 43.64 5.65 -18.43
C SER C 186 44.36 6.90 -18.92
N ASP C 187 43.76 8.06 -18.67
CA ASP C 187 44.43 9.33 -18.94
C ASP C 187 45.01 9.85 -17.63
N ALA C 188 45.93 9.07 -17.05
CA ALA C 188 46.50 9.39 -15.74
C ALA C 188 47.23 10.73 -15.70
N HIS C 189 47.52 11.27 -16.88
CA HIS C 189 48.24 12.54 -17.00
C HIS C 189 47.38 13.74 -16.59
N ARG C 190 46.08 13.66 -16.85
CA ARG C 190 45.20 14.80 -16.57
C ARG C 190 44.61 14.72 -15.16
N GLU C 191 44.45 15.88 -14.52
CA GLU C 191 43.78 15.93 -13.23
C GLU C 191 42.26 15.81 -13.44
N ILE C 192 41.57 15.30 -12.43
CA ILE C 192 40.12 15.30 -12.44
C ILE C 192 39.66 16.73 -12.64
N ASP C 193 38.83 16.96 -13.66
CA ASP C 193 38.34 18.30 -13.97
C ASP C 193 37.13 18.64 -13.08
N VAL C 194 37.36 19.44 -12.06
CA VAL C 194 36.31 19.77 -11.11
C VAL C 194 35.34 20.85 -11.61
N ASN C 195 35.39 21.12 -12.91
CA ASN C 195 34.49 22.09 -13.51
C ASN C 195 33.59 21.45 -14.57
N ASN C 196 33.79 20.16 -14.81
CA ASN C 196 32.99 19.44 -15.79
C ASN C 196 31.82 18.68 -15.13
N ILE C 197 30.60 19.17 -15.34
CA ILE C 197 29.40 18.49 -14.87
C ILE C 197 28.48 18.07 -16.02
N ASN C 198 28.88 18.35 -17.25
CA ASN C 198 28.01 18.10 -18.41
C ASN C 198 28.45 16.93 -19.28
N PRO C 200 30.10 13.59 -19.89
CA PRO C 200 30.10 12.19 -19.53
C PRO C 200 30.32 11.32 -20.77
N GLU C 201 31.54 11.31 -21.29
CA GLU C 201 31.84 10.60 -22.53
C GLU C 201 31.83 9.08 -22.38
N GLN C 202 31.25 8.41 -23.37
CA GLN C 202 31.14 6.95 -23.37
C GLN C 202 32.32 6.25 -22.72
N PRO C 203 32.04 5.25 -21.87
CA PRO C 203 33.12 4.50 -21.24
C PRO C 203 33.71 3.47 -22.21
N VAL C 204 35.02 3.31 -22.19
CA VAL C 204 35.68 2.31 -23.01
C VAL C 204 36.65 1.51 -22.15
N ILE C 205 36.91 0.26 -22.53
CA ILE C 205 37.92 -0.52 -21.83
C ILE C 205 39.31 0.03 -22.13
N ASP C 206 40.23 -0.16 -21.19
CA ASP C 206 41.63 0.23 -21.35
C ASP C 206 42.46 -1.06 -21.37
N ILE C 207 43.01 -1.40 -22.53
CA ILE C 207 43.66 -2.68 -22.72
C ILE C 207 44.82 -2.96 -21.78
N ASN C 208 45.46 -1.90 -21.28
CA ASN C 208 46.59 -2.05 -20.36
C ASN C 208 46.19 -2.58 -18.97
N MET C 209 44.92 -2.44 -18.63
CA MET C 209 44.41 -2.92 -17.33
C MET C 209 43.89 -4.35 -17.44
N ILE C 210 43.80 -4.85 -18.66
CA ILE C 210 43.22 -6.15 -18.88
C ILE C 210 44.21 -7.29 -18.61
N ASN C 211 44.53 -7.49 -17.35
CA ASN C 211 45.40 -8.58 -16.96
C ASN C 211 45.05 -9.12 -15.58
N PHE C 212 45.52 -10.33 -15.32
CA PHE C 212 45.19 -11.04 -14.10
C PHE C 212 45.72 -10.35 -12.85
N GLY C 213 46.88 -9.69 -12.96
CA GLY C 213 47.47 -8.99 -11.83
C GLY C 213 46.55 -7.92 -11.28
N VAL C 214 46.10 -7.04 -12.16
CA VAL C 214 45.15 -6.00 -11.80
C VAL C 214 43.90 -6.63 -11.21
N TYR C 215 43.36 -7.63 -11.91
CA TYR C 215 42.14 -8.29 -11.46
C TYR C 215 42.25 -8.78 -10.03
N LYS C 216 43.33 -9.48 -9.72
CA LYS C 216 43.52 -9.95 -8.36
C LYS C 216 43.59 -8.81 -7.34
N ASN C 217 44.29 -7.73 -7.67
CA ASN C 217 44.29 -6.54 -6.83
C ASN C 217 42.86 -6.15 -6.46
N ILE C 218 42.01 -6.06 -7.48
CA ILE C 218 40.66 -5.54 -7.31
C ILE C 218 39.81 -6.50 -6.48
N VAL C 219 39.86 -7.76 -6.90
CA VAL C 219 39.00 -8.80 -6.41
C VAL C 219 39.29 -9.26 -4.98
N ILE C 220 40.56 -9.16 -4.59
CA ILE C 220 40.95 -9.50 -3.23
C ILE C 220 40.47 -8.43 -2.24
N HIS C 221 40.55 -7.19 -2.68
CA HIS C 221 40.09 -6.07 -1.88
C HIS C 221 38.57 -5.97 -1.78
N LYS C 222 37.89 -6.20 -2.91
CA LYS C 222 36.45 -6.04 -2.98
C LYS C 222 35.68 -7.20 -2.34
N THR C 223 36.31 -8.37 -2.26
CA THR C 223 35.62 -9.57 -1.82
C THR C 223 36.32 -10.36 -0.71
N ALA C 224 37.61 -10.59 -0.86
CA ALA C 224 38.36 -11.47 0.05
C ALA C 224 38.27 -11.07 1.52
N TYR C 225 38.58 -9.82 1.80
CA TYR C 225 38.65 -9.40 3.19
C TYR C 225 37.36 -9.55 4.00
N TYR C 226 36.23 -9.13 3.44
CA TYR C 226 35.01 -9.12 4.22
C TYR C 226 34.24 -10.43 4.16
N SER C 227 34.44 -11.18 3.09
CA SER C 227 33.72 -12.43 2.90
C SER C 227 34.37 -13.63 3.58
N PHE C 228 35.69 -13.55 3.80
CA PHE C 228 36.42 -14.68 4.36
C PHE C 228 37.31 -14.30 5.54
N PHE C 229 38.18 -13.33 5.35
CA PHE C 229 39.09 -12.95 6.40
C PHE C 229 38.32 -12.48 7.64
N LEU C 230 37.35 -11.60 7.42
CA LEU C 230 36.62 -10.98 8.52
C LEU C 230 35.87 -11.99 9.39
N PRO C 231 35.05 -12.85 8.77
CA PRO C 231 34.28 -13.85 9.52
C PRO C 231 35.18 -14.79 10.32
N ILE C 232 36.31 -15.18 9.75
CA ILE C 232 37.21 -16.10 10.40
C ILE C 232 37.89 -15.44 11.58
N VAL C 233 38.43 -14.24 11.34
CA VAL C 233 39.08 -13.48 12.38
C VAL C 233 38.13 -13.15 13.52
N CYS C 234 36.86 -12.94 13.19
CA CYS C 234 35.85 -12.69 14.22
C CYS C 234 35.68 -13.90 15.13
N GLY C 235 35.47 -15.06 14.50
CA GLY C 235 35.28 -16.28 15.25
C GLY C 235 36.50 -16.60 16.10
N MET C 236 37.68 -16.31 15.58
CA MET C 236 38.92 -16.58 16.30
C MET C 236 39.19 -15.59 17.42
N LEU C 237 38.90 -14.31 17.18
CA LEU C 237 39.09 -13.29 18.21
C LEU C 237 38.19 -13.58 19.41
N LEU C 238 36.92 -13.86 19.14
CA LEU C 238 35.97 -14.12 20.19
C LEU C 238 36.29 -15.41 20.95
N ALA C 239 36.86 -16.40 20.26
CA ALA C 239 37.23 -17.66 20.92
C ALA C 239 38.34 -17.45 21.93
N GLY C 240 39.27 -16.56 21.61
CA GLY C 240 40.38 -16.23 22.50
C GLY C 240 41.70 -16.65 21.90
N ILE C 241 42.13 -15.90 20.88
CA ILE C 241 43.37 -16.21 20.16
C ILE C 241 43.94 -14.95 19.52
N ASP C 244 47.64 -10.95 16.49
CA ASP C 244 49.02 -11.12 16.98
C ASP C 244 49.57 -12.51 16.67
N ASN C 245 48.77 -13.54 16.92
CA ASN C 245 49.19 -14.92 16.64
C ASN C 245 49.55 -15.13 15.17
N LEU C 246 50.72 -15.72 14.92
CA LEU C 246 51.25 -15.84 13.57
C LEU C 246 50.33 -16.54 12.59
N ILE C 247 49.35 -17.26 13.10
CA ILE C 247 48.42 -18.02 12.24
C ILE C 247 47.53 -17.09 11.41
N TYR C 248 47.22 -15.92 11.95
CA TYR C 248 46.36 -14.96 11.26
C TYR C 248 46.87 -14.64 9.86
N LYS C 249 48.18 -14.46 9.73
CA LYS C 249 48.80 -14.22 8.43
C LYS C 249 48.50 -15.35 7.45
N LYS C 250 48.49 -16.58 7.95
CA LYS C 250 48.21 -17.73 7.08
C LYS C 250 46.73 -17.80 6.69
N ILE C 251 45.86 -17.40 7.61
CA ILE C 251 44.43 -17.32 7.31
C ILE C 251 44.17 -16.23 6.28
N GLU C 252 44.91 -15.13 6.39
CA GLU C 252 44.79 -14.03 5.44
C GLU C 252 45.12 -14.49 4.01
N ASP C 253 46.19 -15.28 3.87
CA ASP C 253 46.56 -15.86 2.57
C ASP C 253 45.50 -16.79 1.97
N ILE C 254 44.97 -17.69 2.80
CA ILE C 254 43.92 -18.59 2.34
C ILE C 254 42.66 -17.81 1.92
N SER C 255 42.34 -16.77 2.67
CA SER C 255 41.18 -15.92 2.37
C SER C 255 41.31 -15.24 1.02
N MET C 256 42.48 -14.67 0.75
CA MET C 256 42.75 -14.06 -0.57
C MET C 256 42.44 -15.04 -1.70
N LEU C 257 42.97 -16.26 -1.60
CA LEU C 257 42.70 -17.30 -2.60
C LEU C 257 41.22 -17.61 -2.71
N MET C 258 40.56 -17.76 -1.55
CA MET C 258 39.13 -18.04 -1.50
C MET C 258 38.32 -16.92 -2.12
N GLY C 259 38.70 -15.69 -1.79
CA GLY C 259 38.03 -14.50 -2.33
C GLY C 259 38.15 -14.39 -3.83
N GLU C 260 39.31 -14.79 -4.35
CA GLU C 260 39.49 -14.83 -5.80
C GLU C 260 38.64 -15.92 -6.42
N TYR C 261 38.67 -17.11 -5.82
CA TYR C 261 37.87 -18.24 -6.29
C TYR C 261 36.38 -17.90 -6.29
N PHE C 262 35.96 -17.13 -5.29
CA PHE C 262 34.55 -16.76 -5.16
C PHE C 262 34.11 -15.72 -6.19
N GLN C 263 34.96 -14.73 -6.42
CA GLN C 263 34.62 -13.63 -7.33
C GLN C 263 34.63 -14.06 -8.79
N ILE C 264 35.55 -14.92 -9.14
CA ILE C 264 35.59 -15.45 -10.51
C ILE C 264 34.35 -16.23 -10.84
N HIS C 265 33.86 -17.01 -9.87
CA HIS C 265 32.61 -17.74 -10.02
C HIS C 265 31.44 -16.76 -10.13
N ASP C 266 31.51 -15.66 -9.38
CA ASP C 266 30.49 -14.60 -9.46
C ASP C 266 30.49 -13.98 -10.87
N ASP C 267 31.68 -13.75 -11.43
CA ASP C 267 31.79 -13.21 -12.78
C ASP C 267 31.19 -14.20 -13.78
N TYR C 268 31.38 -15.49 -13.50
CA TYR C 268 30.82 -16.55 -14.32
C TYR C 268 29.29 -16.52 -14.30
N LEU C 269 28.70 -16.35 -13.13
CA LEU C 269 27.25 -16.35 -12.99
C LEU C 269 26.63 -15.12 -13.67
N ASP C 270 27.35 -14.01 -13.62
CA ASP C 270 26.86 -12.77 -14.19
C ASP C 270 26.49 -12.94 -15.66
N ILE C 271 27.29 -13.67 -16.42
CA ILE C 271 27.05 -13.80 -17.85
C ILE C 271 26.53 -15.16 -18.30
N PHE C 272 26.90 -16.22 -17.57
CA PHE C 272 26.44 -17.58 -17.91
C PHE C 272 25.39 -18.12 -16.94
N GLY C 273 25.22 -17.44 -15.81
CA GLY C 273 24.29 -17.91 -14.78
C GLY C 273 22.84 -17.68 -15.16
N ASP C 274 21.96 -18.43 -14.52
CA ASP C 274 20.53 -18.29 -14.73
C ASP C 274 19.99 -17.29 -13.71
N SER C 275 19.39 -16.20 -14.19
CA SER C 275 18.95 -15.12 -13.31
C SER C 275 17.91 -15.54 -12.26
N THR C 276 17.03 -16.46 -12.64
CA THR C 276 16.05 -17.02 -11.70
C THR C 276 16.74 -17.79 -10.59
N LYS C 277 17.90 -18.38 -10.89
CA LYS C 277 18.69 -19.09 -9.90
C LYS C 277 19.55 -18.17 -9.03
N THR C 278 20.26 -17.24 -9.67
CA THR C 278 21.19 -16.35 -8.99
C THR C 278 20.45 -15.24 -8.22
N GLY C 279 19.23 -14.93 -8.67
CA GLY C 279 18.44 -13.89 -8.05
C GLY C 279 18.76 -12.48 -8.52
N LYS C 280 19.63 -12.38 -9.53
CA LYS C 280 20.03 -11.06 -10.03
C LYS C 280 20.25 -11.06 -11.54
N VAL C 281 20.12 -9.88 -12.14
CA VAL C 281 20.35 -9.73 -13.58
C VAL C 281 21.79 -9.30 -13.83
N SER C 283 24.96 -7.54 -15.64
CA SER C 283 25.29 -6.26 -16.29
C SER C 283 26.77 -5.86 -16.24
N ASP C 284 27.66 -6.80 -15.96
CA ASP C 284 29.09 -6.51 -15.94
C ASP C 284 29.56 -5.92 -17.28
N ILE C 285 29.10 -6.49 -18.38
CA ILE C 285 29.48 -5.99 -19.71
C ILE C 285 29.04 -4.55 -19.90
N GLN C 286 27.74 -4.29 -19.69
CA GLN C 286 27.19 -2.95 -19.84
C GLN C 286 27.89 -1.96 -18.93
N ASN C 287 28.26 -2.41 -17.74
CA ASN C 287 28.86 -1.53 -16.74
C ASN C 287 30.36 -1.33 -16.91
N ASN C 288 30.92 -1.92 -17.97
CA ASN C 288 32.34 -1.74 -18.27
C ASN C 288 33.22 -2.30 -17.16
N LYS C 289 32.88 -3.47 -16.65
CA LYS C 289 33.65 -4.10 -15.56
C LYS C 289 34.84 -4.90 -16.09
N LEU C 290 35.90 -4.94 -15.31
CA LEU C 290 37.02 -5.84 -15.58
C LEU C 290 36.66 -7.21 -15.00
N THR C 291 36.34 -8.16 -15.87
CA THR C 291 35.88 -9.47 -15.44
C THR C 291 36.84 -10.59 -15.86
N TRP C 292 36.73 -11.73 -15.20
CA TRP C 292 37.53 -12.88 -15.53
C TRP C 292 37.25 -13.33 -16.98
N PRO C 293 35.96 -13.43 -17.34
CA PRO C 293 35.62 -13.77 -18.71
C PRO C 293 36.22 -12.82 -19.73
N LEU C 294 36.31 -11.54 -19.38
CA LEU C 294 36.95 -10.56 -20.26
C LEU C 294 38.45 -10.80 -20.41
N ILE C 295 39.13 -10.98 -19.29
CA ILE C 295 40.57 -11.20 -19.29
C ILE C 295 40.92 -12.51 -20.01
N LYS C 296 40.11 -13.54 -19.79
CA LYS C 296 40.36 -14.83 -20.41
C LYS C 296 40.22 -14.72 -21.94
N THR C 297 39.15 -14.05 -22.38
CA THR C 297 38.89 -13.91 -23.80
C THR C 297 40.01 -13.09 -24.46
N PHE C 298 40.42 -12.03 -23.77
CA PHE C 298 41.40 -11.12 -24.33
C PHE C 298 42.76 -11.76 -24.58
N GLU C 299 43.17 -12.67 -23.71
CA GLU C 299 44.48 -13.31 -23.86
C GLU C 299 44.46 -14.48 -24.84
N LEU C 300 43.27 -14.91 -25.24
CA LEU C 300 43.14 -16.04 -26.16
C LEU C 300 42.66 -15.67 -27.58
N CYS C 301 41.96 -14.54 -27.70
CA CYS C 301 41.33 -14.21 -28.97
C CYS C 301 42.27 -13.58 -29.99
N SER C 302 41.81 -13.48 -31.23
CA SER C 302 42.59 -12.96 -32.35
C SER C 302 42.66 -11.43 -32.25
N GLU C 303 43.47 -10.82 -33.09
CA GLU C 303 43.59 -9.36 -33.07
C GLU C 303 42.34 -8.64 -33.52
N PRO C 304 41.62 -9.19 -34.52
CA PRO C 304 40.40 -8.49 -34.90
C PRO C 304 39.32 -8.62 -33.83
N ASP C 305 39.40 -9.68 -33.02
CA ASP C 305 38.42 -9.85 -31.96
C ASP C 305 38.67 -8.90 -30.79
N LYS C 306 39.94 -8.51 -30.59
CA LYS C 306 40.28 -7.52 -29.57
C LYS C 306 39.72 -6.16 -29.95
N ILE C 307 39.79 -5.82 -31.23
CA ILE C 307 39.25 -4.55 -31.70
C ILE C 307 37.74 -4.55 -31.53
N LYS C 308 37.10 -5.68 -31.84
CA LYS C 308 35.66 -5.83 -31.65
C LYS C 308 35.26 -5.75 -30.17
N ILE C 309 36.11 -6.27 -29.28
CA ILE C 309 35.87 -6.11 -27.85
C ILE C 309 35.93 -4.62 -27.46
N VAL C 310 36.98 -3.94 -27.90
CA VAL C 310 37.16 -2.52 -27.60
C VAL C 310 35.99 -1.69 -28.12
N LYS C 311 35.42 -2.11 -29.25
CA LYS C 311 34.34 -1.36 -29.88
C LYS C 311 33.00 -1.59 -29.20
N ASN C 312 32.83 -2.75 -28.56
CA ASN C 312 31.51 -3.15 -28.08
C ASN C 312 31.33 -3.22 -26.56
N TYR C 313 32.42 -3.26 -25.82
CA TYR C 313 32.36 -3.47 -24.38
C TYR C 313 32.06 -2.16 -23.63
N GLY C 314 31.26 -2.25 -22.57
CA GLY C 314 30.96 -1.10 -21.75
C GLY C 314 29.84 -0.22 -22.30
N LYS C 315 28.98 -0.82 -23.12
CA LYS C 315 27.87 -0.09 -23.74
C LYS C 315 26.53 -0.72 -23.36
N ASN C 316 25.53 0.13 -23.14
CA ASN C 316 24.17 -0.33 -22.81
C ASN C 316 23.49 -1.00 -23.98
N ASN C 317 23.85 -0.59 -25.19
CA ASN C 317 23.27 -1.18 -26.38
C ASN C 317 23.23 -2.70 -26.25
N LEU C 318 22.03 -3.27 -26.34
CA LEU C 318 21.86 -4.70 -26.22
C LEU C 318 22.59 -5.45 -27.33
N ALA C 319 22.63 -4.86 -28.52
CA ALA C 319 23.34 -5.45 -29.65
C ALA C 319 24.84 -5.52 -29.36
N CYS C 320 25.34 -4.50 -28.67
CA CYS C 320 26.74 -4.47 -28.27
C CYS C 320 27.11 -5.56 -27.28
N VAL C 321 26.30 -5.73 -26.22
CA VAL C 321 26.61 -6.76 -25.24
C VAL C 321 26.51 -8.14 -25.87
N LYS C 322 25.59 -8.29 -26.81
CA LYS C 322 25.45 -9.54 -27.54
C LYS C 322 26.73 -9.89 -28.30
N VAL C 323 27.38 -8.89 -28.88
CA VAL C 323 28.65 -9.13 -29.55
C VAL C 323 29.65 -9.77 -28.58
N ILE C 324 29.75 -9.19 -27.39
CA ILE C 324 30.66 -9.70 -26.36
C ILE C 324 30.27 -11.11 -25.94
N ASP C 325 28.99 -11.30 -25.70
CA ASP C 325 28.45 -12.59 -25.26
C ASP C 325 28.69 -13.69 -26.30
N SER C 326 28.55 -13.36 -27.58
CA SER C 326 28.82 -14.33 -28.63
C SER C 326 30.28 -14.75 -28.61
N LEU C 327 31.15 -13.77 -28.39
CA LEU C 327 32.59 -14.05 -28.33
C LEU C 327 32.91 -15.01 -27.19
N TYR C 328 32.22 -14.83 -26.06
CA TYR C 328 32.44 -15.70 -24.92
C TYR C 328 32.00 -17.12 -25.28
N GLU C 329 30.93 -17.23 -26.04
CA GLU C 329 30.47 -18.51 -26.55
C GLU C 329 31.48 -19.08 -27.55
N GLN C 330 31.88 -18.23 -28.50
CA GLN C 330 32.82 -18.62 -29.54
C GLN C 330 34.11 -19.19 -28.97
N TYR C 331 34.64 -18.55 -27.94
CA TYR C 331 35.89 -18.96 -27.33
C TYR C 331 35.67 -19.88 -26.12
N LYS C 332 34.46 -20.42 -26.00
CA LYS C 332 34.15 -21.40 -24.96
C LYS C 332 34.68 -21.01 -23.57
N ILE C 333 34.34 -19.79 -23.15
CA ILE C 333 34.78 -19.29 -21.86
C ILE C 333 34.22 -20.12 -20.70
N ARG C 334 32.93 -20.45 -20.77
CA ARG C 334 32.32 -21.32 -19.77
C ARG C 334 33.25 -22.50 -19.49
N LYS C 335 33.53 -23.28 -20.54
CA LYS C 335 34.41 -24.43 -20.39
C LYS C 335 35.73 -24.05 -19.74
N HIS C 336 36.29 -22.89 -20.08
CA HIS C 336 37.54 -22.44 -19.46
C HIS C 336 37.37 -22.26 -17.95
N TYR C 337 36.19 -21.80 -17.54
CA TYR C 337 35.93 -21.62 -16.11
C TYR C 337 35.98 -22.95 -15.36
N GLU C 338 35.27 -23.95 -15.88
CA GLU C 338 35.27 -25.28 -15.28
C GLU C 338 36.71 -25.69 -14.95
N SER C 339 37.62 -25.33 -15.84
CA SER C 339 39.02 -25.71 -15.69
C SER C 339 39.74 -24.89 -14.63
N TYR C 340 39.51 -23.58 -14.62
CA TYR C 340 40.10 -22.74 -13.58
C TYR C 340 39.63 -23.20 -12.21
N GLU C 341 38.36 -23.59 -12.14
CA GLU C 341 37.73 -23.94 -10.86
C GLU C 341 38.38 -25.16 -10.23
N LYS C 342 38.72 -26.14 -11.07
CA LYS C 342 39.34 -27.36 -10.59
C LYS C 342 40.72 -27.08 -10.01
N ALA C 343 41.53 -26.33 -10.75
CA ALA C 343 42.86 -25.97 -10.31
C ALA C 343 42.87 -25.08 -9.07
N GLN C 344 41.95 -24.13 -9.01
CA GLN C 344 41.90 -23.21 -7.87
C GLN C 344 41.46 -23.92 -6.59
N LYS C 345 40.42 -24.74 -6.70
CA LYS C 345 39.97 -25.50 -5.54
C LYS C 345 41.14 -26.29 -4.96
N ALA C 346 41.91 -26.93 -5.84
CA ALA C 346 43.07 -27.69 -5.42
C ALA C 346 44.08 -26.78 -4.73
N LYS C 347 44.39 -25.64 -5.33
CA LYS C 347 45.30 -24.71 -4.71
C LYS C 347 44.84 -24.36 -3.29
N ILE C 348 43.55 -24.07 -3.13
CA ILE C 348 43.00 -23.73 -1.83
C ILE C 348 43.13 -24.88 -0.83
N LEU C 349 42.73 -26.08 -1.25
CA LEU C 349 42.85 -27.25 -0.39
C LEU C 349 44.30 -27.49 0.02
N SER C 350 45.21 -27.20 -0.91
CA SER C 350 46.63 -27.36 -0.63
C SER C 350 47.12 -26.39 0.45
N ALA C 351 46.64 -25.14 0.42
CA ALA C 351 47.07 -24.16 1.42
C ALA C 351 46.39 -24.39 2.76
N ILE C 352 45.19 -24.94 2.72
CA ILE C 352 44.44 -25.28 3.92
C ILE C 352 45.13 -26.41 4.69
N ASN C 353 45.60 -27.41 3.97
CA ASN C 353 46.34 -28.52 4.57
C ASN C 353 47.67 -28.11 5.21
N GLU C 354 48.16 -26.92 4.88
CA GLU C 354 49.39 -26.42 5.48
C GLU C 354 49.16 -25.52 6.70
N LEU C 355 47.91 -25.44 7.17
CA LEU C 355 47.58 -24.63 8.35
C LEU C 355 48.09 -25.22 9.66
N HIS C 356 48.08 -26.55 9.75
CA HIS C 356 48.43 -27.23 10.97
C HIS C 356 47.49 -26.80 12.09
N HIS C 357 46.20 -26.90 11.81
CA HIS C 357 45.15 -26.65 12.79
C HIS C 357 43.90 -27.38 12.38
N GLU C 358 43.69 -28.56 12.97
CA GLU C 358 42.66 -29.48 12.52
C GLU C 358 41.25 -28.89 12.49
N GLY C 359 40.89 -28.15 13.53
CA GLY C 359 39.55 -27.56 13.62
C GLY C 359 39.27 -26.56 12.52
N ILE C 360 40.17 -25.62 12.31
CA ILE C 360 39.93 -24.59 11.29
C ILE C 360 39.97 -25.16 9.87
N GLU C 361 40.95 -26.03 9.60
CA GLU C 361 41.04 -26.71 8.30
C GLU C 361 39.72 -27.39 8.00
N TYR C 362 39.14 -28.00 9.04
CA TYR C 362 37.90 -28.72 8.90
C TYR C 362 36.76 -27.76 8.51
N VAL C 363 36.76 -26.57 9.10
CA VAL C 363 35.76 -25.58 8.73
C VAL C 363 35.98 -25.07 7.31
N LEU C 364 37.24 -24.87 6.95
CA LEU C 364 37.53 -24.31 5.65
C LEU C 364 37.24 -25.30 4.52
N LYS C 365 37.49 -26.59 4.75
CA LYS C 365 37.21 -27.60 3.74
C LYS C 365 35.72 -27.67 3.48
N TYR C 366 34.95 -27.69 4.56
CA TYR C 366 33.50 -27.72 4.45
C TYR C 366 33.01 -26.44 3.76
N LEU C 367 33.65 -25.32 4.09
CA LEU C 367 33.30 -24.04 3.49
C LEU C 367 33.44 -24.14 1.98
N LEU C 368 34.56 -24.72 1.55
CA LEU C 368 34.89 -24.80 0.14
C LEU C 368 33.83 -25.62 -0.59
N GLU C 369 33.36 -26.69 0.04
CA GLU C 369 32.36 -27.56 -0.57
C GLU C 369 31.01 -26.87 -0.75
N ILE C 370 30.70 -25.97 0.17
CA ILE C 370 29.36 -25.40 0.24
C ILE C 370 29.28 -23.96 -0.31
N LEU C 371 30.41 -23.40 -0.72
CA LEU C 371 30.45 -22.00 -1.18
C LEU C 371 29.30 -21.57 -2.09
N PHE C 372 29.13 -22.26 -3.21
CA PHE C 372 28.27 -21.78 -4.27
C PHE C 372 26.80 -22.11 -4.08
N THR C 373 26.52 -22.97 -3.11
CA THR C 373 25.15 -23.40 -2.87
C THR C 373 24.63 -22.89 -1.53
N GLY C 374 25.54 -22.70 -0.58
CA GLY C 374 25.18 -22.35 0.78
C GLY C 374 24.92 -23.60 1.60
N ALA D 14 22.48 4.23 -62.38
CA ALA D 14 23.67 5.13 -62.27
C ALA D 14 23.36 6.55 -62.74
N PHE D 15 22.44 6.67 -63.69
CA PHE D 15 22.00 7.96 -64.18
C PHE D 15 21.11 8.65 -63.14
N PHE D 16 20.08 7.94 -62.70
CA PHE D 16 19.17 8.41 -61.68
C PHE D 16 19.95 8.93 -60.49
N ARG D 17 21.03 8.23 -60.14
CA ARG D 17 21.86 8.63 -59.01
C ARG D 17 22.73 9.84 -59.34
N ASN D 18 22.98 10.07 -60.63
CA ASN D 18 23.76 11.21 -61.05
C ASN D 18 22.94 12.50 -61.08
N MET D 19 21.62 12.36 -60.98
CA MET D 19 20.72 13.51 -61.06
C MET D 19 20.30 14.01 -59.68
N TYR D 20 20.74 13.31 -58.63
CA TYR D 20 20.40 13.68 -57.27
C TYR D 20 20.64 15.16 -56.95
N ASP D 21 21.88 15.59 -57.15
CA ASP D 21 22.27 16.98 -56.90
C ASP D 21 21.29 18.00 -57.47
N LYS D 22 20.85 17.76 -58.70
CA LYS D 22 19.93 18.68 -59.39
C LYS D 22 18.66 18.88 -58.56
N TYR D 23 18.09 17.79 -58.08
CA TYR D 23 16.84 17.88 -57.33
C TYR D 23 17.03 18.48 -55.94
N ARG D 24 18.09 18.06 -55.27
CA ARG D 24 18.45 18.67 -53.99
C ARG D 24 18.66 20.18 -54.10
N ASP D 25 19.55 20.59 -55.00
CA ASP D 25 19.88 22.00 -55.17
C ASP D 25 18.66 22.82 -55.62
N ALA D 26 17.79 22.23 -56.44
CA ALA D 26 16.55 22.91 -56.80
C ALA D 26 15.74 23.25 -55.54
N PHE D 27 15.65 22.31 -54.60
CA PHE D 27 14.92 22.59 -53.36
C PHE D 27 15.64 23.62 -52.50
N LEU D 28 16.95 23.43 -52.36
CA LEU D 28 17.75 24.34 -51.56
C LEU D 28 17.74 25.74 -52.14
N SER D 29 17.49 25.86 -53.44
CA SER D 29 17.49 27.15 -54.10
C SER D 29 16.20 27.89 -53.82
N HIS D 30 15.14 27.13 -53.52
CA HIS D 30 13.90 27.70 -53.05
C HIS D 30 14.04 28.27 -51.63
N LEU D 31 14.75 27.54 -50.77
CA LEU D 31 15.00 28.05 -49.42
C LEU D 31 15.85 29.31 -49.51
N ASN D 32 16.80 29.31 -50.44
CA ASN D 32 17.73 30.42 -50.60
C ASN D 32 17.07 31.71 -51.06
N GLU D 33 15.87 31.61 -51.61
CA GLU D 33 15.11 32.78 -52.03
C GLU D 33 14.51 33.55 -50.86
N TYR D 34 14.44 32.92 -49.67
CA TYR D 34 13.76 33.57 -48.55
C TYR D 34 14.44 34.89 -48.17
N SER D 35 13.64 35.82 -47.64
CA SER D 35 14.16 37.08 -47.12
C SER D 35 14.80 36.83 -45.78
N LEU D 36 16.04 36.38 -45.80
CA LEU D 36 16.83 36.19 -44.60
C LEU D 36 18.17 36.90 -44.77
N GLU D 37 18.81 37.25 -43.65
CA GLU D 37 20.16 37.81 -43.71
C GLU D 37 21.11 36.79 -44.34
N GLU D 38 22.20 37.28 -44.90
CA GLU D 38 23.09 36.44 -45.68
C GLU D 38 23.81 35.36 -44.87
N GLU D 39 24.30 35.72 -43.69
CA GLU D 39 24.92 34.73 -42.81
C GLU D 39 23.93 33.61 -42.50
N ILE D 40 22.70 33.99 -42.17
CA ILE D 40 21.65 33.02 -41.88
C ILE D 40 21.43 32.10 -43.08
N LYS D 41 21.23 32.69 -44.25
CA LYS D 41 21.02 31.92 -45.48
C LYS D 41 22.12 30.90 -45.68
N GLU D 42 23.35 31.30 -45.34
CA GLU D 42 24.51 30.42 -45.49
C GLU D 42 24.47 29.24 -44.51
N HIS D 43 24.12 29.51 -43.26
CA HIS D 43 23.96 28.43 -42.30
C HIS D 43 22.83 27.48 -42.72
N ILE D 44 21.71 28.06 -43.12
CA ILE D 44 20.57 27.28 -43.62
C ILE D 44 20.98 26.32 -44.75
N SER D 45 21.76 26.82 -45.71
CA SER D 45 22.18 25.98 -46.82
C SER D 45 23.02 24.80 -46.36
N LYS D 46 23.97 25.05 -45.46
CA LYS D 46 24.83 24.01 -44.93
C LYS D 46 24.04 22.92 -44.21
N TYR D 47 23.22 23.33 -43.26
CA TYR D 47 22.43 22.36 -42.51
C TYR D 47 21.56 21.49 -43.43
N TYR D 48 20.79 22.12 -44.29
CA TYR D 48 19.84 21.38 -45.11
C TYR D 48 20.47 20.56 -46.23
N LYS D 49 21.63 21.01 -46.70
CA LYS D 49 22.39 20.20 -47.63
C LYS D 49 22.80 18.89 -46.95
N LEU D 50 23.23 18.99 -45.69
CA LEU D 50 23.60 17.79 -44.94
C LEU D 50 22.39 16.90 -44.62
N LEU D 51 21.26 17.52 -44.27
CA LEU D 51 20.06 16.74 -43.97
C LEU D 51 19.71 15.82 -45.14
N PHE D 52 19.60 16.40 -46.33
CA PHE D 52 19.33 15.62 -47.54
C PHE D 52 20.43 14.59 -47.85
N ASP D 53 21.67 15.03 -47.96
CA ASP D 53 22.78 14.13 -48.27
C ASP D 53 22.83 12.98 -47.29
N TYR D 54 22.77 13.32 -46.01
CA TYR D 54 22.91 12.34 -44.95
C TYR D 54 21.84 11.27 -45.01
N ASN D 55 20.60 11.68 -45.27
CA ASN D 55 19.47 10.76 -45.16
C ASN D 55 18.90 10.24 -46.46
N CYS D 56 19.25 10.89 -47.57
CA CYS D 56 18.70 10.50 -48.87
C CYS D 56 19.57 9.51 -49.64
N LEU D 57 20.87 9.49 -49.34
CA LEU D 57 21.84 8.69 -50.07
C LEU D 57 22.28 7.46 -49.28
N GLY D 58 22.56 6.36 -49.97
CA GLY D 58 23.16 5.18 -49.32
C GLY D 58 22.21 4.00 -49.15
N GLY D 59 20.99 4.16 -49.66
CA GLY D 59 20.02 3.07 -49.65
C GLY D 59 20.11 2.33 -50.97
N LYS D 60 19.23 1.35 -51.15
CA LYS D 60 19.20 0.58 -52.39
C LYS D 60 18.49 1.30 -53.53
N ASN D 61 17.71 2.31 -53.20
CA ASN D 61 16.95 3.06 -54.20
C ASN D 61 15.97 2.23 -55.03
N ASN D 62 15.56 1.09 -54.49
CA ASN D 62 14.53 0.26 -55.11
C ASN D 62 13.29 1.06 -55.52
N ARG D 63 12.82 1.92 -54.63
CA ARG D 63 11.59 2.66 -54.89
C ARG D 63 11.75 3.62 -56.06
N GLY D 64 12.79 4.44 -56.04
CA GLY D 64 13.05 5.38 -57.14
C GLY D 64 13.30 4.69 -58.47
N ILE D 65 14.13 3.65 -58.45
CA ILE D 65 14.41 2.86 -59.65
C ILE D 65 13.14 2.27 -60.26
N LEU D 66 12.21 1.86 -59.39
CA LEU D 66 10.93 1.33 -59.84
C LEU D 66 10.10 2.37 -60.60
N VAL D 67 10.25 3.63 -60.22
CA VAL D 67 9.59 4.71 -60.95
C VAL D 67 10.18 4.79 -62.37
N ILE D 68 11.51 4.82 -62.44
CA ILE D 68 12.20 5.00 -63.70
C ILE D 68 11.88 3.88 -64.67
N LEU D 69 11.97 2.64 -64.19
CA LEU D 69 11.65 1.48 -65.00
C LEU D 69 10.20 1.45 -65.47
N ILE D 70 9.27 1.63 -64.55
CA ILE D 70 7.87 1.69 -64.94
C ILE D 70 7.63 2.75 -66.01
N TYR D 71 8.13 3.95 -65.81
CA TYR D 71 7.95 5.00 -66.81
C TYR D 71 8.51 4.59 -68.17
N GLU D 72 9.67 3.93 -68.17
CA GLU D 72 10.36 3.59 -69.41
C GLU D 72 9.66 2.50 -70.18
N TYR D 73 8.98 1.60 -69.47
CA TYR D 73 8.36 0.45 -70.12
C TYR D 73 6.85 0.56 -70.29
N VAL D 74 6.24 1.59 -69.69
CA VAL D 74 4.83 1.86 -69.90
C VAL D 74 4.61 2.76 -71.11
N ASN D 80 13.50 10.16 -74.01
CA ASN D 80 13.72 11.60 -74.11
C ASN D 80 14.19 12.26 -72.80
N SER D 81 15.20 13.14 -72.91
CA SER D 81 15.86 13.72 -71.74
C SER D 81 14.97 14.59 -70.85
N SER D 82 14.27 15.54 -71.45
CA SER D 82 13.34 16.39 -70.70
C SER D 82 12.34 15.52 -69.94
N GLU D 83 11.88 14.46 -70.58
CA GLU D 83 10.93 13.56 -69.96
C GLU D 83 11.55 12.78 -68.81
N TRP D 84 12.80 12.36 -68.97
CA TRP D 84 13.53 11.73 -67.89
C TRP D 84 13.68 12.68 -66.70
N GLU D 85 13.60 13.97 -66.97
CA GLU D 85 13.77 14.95 -65.92
C GLU D 85 12.58 14.95 -64.97
N LYS D 86 11.38 14.79 -65.50
CA LYS D 86 10.18 14.76 -64.68
C LYS D 86 10.09 13.43 -63.93
N ALA D 87 10.50 12.35 -64.59
CA ALA D 87 10.42 11.01 -64.02
C ALA D 87 11.41 10.84 -62.88
N ALA D 88 12.61 11.36 -63.08
CA ALA D 88 13.67 11.30 -62.06
C ALA D 88 13.35 12.19 -60.86
N CYS D 89 12.62 13.26 -61.10
CA CYS D 89 12.13 14.11 -60.03
C CYS D 89 11.23 13.28 -59.12
N LEU D 90 10.20 12.67 -59.70
CA LEU D 90 9.30 11.82 -58.93
C LEU D 90 10.05 10.69 -58.25
N ALA D 91 11.03 10.12 -58.95
CA ALA D 91 11.82 9.04 -58.38
C ALA D 91 12.60 9.51 -57.15
N TRP D 92 13.24 10.66 -57.26
CA TRP D 92 13.95 11.22 -56.12
C TRP D 92 12.98 11.67 -55.02
N CYS D 93 11.76 12.07 -55.40
CA CYS D 93 10.76 12.46 -54.42
C CYS D 93 10.36 11.28 -53.53
N ILE D 94 10.24 10.10 -54.13
CA ILE D 94 9.98 8.92 -53.33
C ILE D 94 11.13 8.57 -52.40
N GLU D 95 12.36 8.83 -52.83
CA GLU D 95 13.52 8.54 -51.99
C GLU D 95 13.59 9.54 -50.84
N ILE D 96 13.14 10.76 -51.09
CA ILE D 96 13.08 11.78 -50.05
C ILE D 96 11.98 11.43 -49.03
N LEU D 97 10.91 10.81 -49.50
CA LEU D 97 9.83 10.32 -48.62
C LEU D 97 10.35 9.20 -47.71
N GLN D 98 11.09 8.28 -48.31
CA GLN D 98 11.78 7.20 -47.59
C GLN D 98 12.72 7.77 -46.53
N ALA D 99 13.44 8.84 -46.88
CA ALA D 99 14.29 9.53 -45.90
C ALA D 99 13.46 10.05 -44.72
N ALA D 100 12.39 10.79 -45.01
CA ALA D 100 11.53 11.33 -43.97
C ALA D 100 11.00 10.21 -43.07
N PHE D 101 10.60 9.10 -43.68
CA PHE D 101 10.06 7.96 -42.93
C PHE D 101 11.12 7.31 -42.04
N LEU D 102 12.33 7.16 -42.56
CA LEU D 102 13.39 6.52 -41.78
C LEU D 102 13.90 7.39 -40.65
N VAL D 103 13.99 8.70 -40.88
CA VAL D 103 14.39 9.59 -39.80
C VAL D 103 13.35 9.52 -38.68
N ALA D 104 12.08 9.51 -39.05
CA ALA D 104 10.99 9.51 -38.09
C ALA D 104 10.85 8.14 -37.39
N ASP D 105 10.97 7.07 -38.16
CA ASP D 105 10.94 5.73 -37.59
C ASP D 105 12.04 5.56 -36.53
N ASP D 106 13.22 6.10 -36.81
CA ASP D 106 14.33 5.99 -35.86
C ASP D 106 14.11 6.76 -34.56
N ILE D 107 13.51 7.95 -34.65
CA ILE D 107 13.08 8.67 -33.46
C ILE D 107 12.06 7.82 -32.69
N MET D 108 11.05 7.35 -33.42
CA MET D 108 9.94 6.63 -32.80
C MET D 108 10.34 5.31 -32.16
N ASP D 109 11.19 4.54 -32.85
CA ASP D 109 11.58 3.21 -32.39
C ASP D 109 12.93 3.23 -31.68
N LYS D 110 13.41 4.42 -31.32
CA LYS D 110 14.74 4.56 -30.72
C LYS D 110 15.82 3.81 -31.50
N GLY D 111 15.99 4.16 -32.77
CA GLY D 111 17.03 3.53 -33.58
C GLY D 111 18.44 3.91 -33.16
N GLU D 112 19.41 3.13 -33.63
CA GLU D 112 20.82 3.39 -33.34
C GLU D 112 21.60 3.61 -34.63
N MET D 113 21.39 2.73 -35.60
CA MET D 113 22.08 2.78 -36.88
C MET D 113 21.10 2.61 -38.02
N ARG D 114 21.40 3.25 -39.15
CA ARG D 114 20.57 3.21 -40.33
C ARG D 114 21.48 3.43 -41.51
N ARG D 115 21.45 2.50 -42.46
CA ARG D 115 22.37 2.56 -43.60
C ARG D 115 23.82 2.60 -43.14
N ASN D 116 24.11 1.93 -42.04
CA ASN D 116 25.49 1.74 -41.58
C ASN D 116 26.11 2.95 -40.91
N LYS D 117 25.28 3.88 -40.49
CA LYS D 117 25.75 5.04 -39.75
C LYS D 117 24.74 5.47 -38.70
N TYR D 118 25.20 6.27 -37.74
CA TYR D 118 24.33 6.80 -36.69
C TYR D 118 23.05 7.39 -37.27
N CYS D 119 21.94 7.09 -36.62
CA CYS D 119 20.68 7.73 -36.91
C CYS D 119 20.82 9.25 -36.73
N TRP D 120 20.21 9.99 -37.65
CA TRP D 120 20.22 11.46 -37.63
C TRP D 120 19.85 12.05 -36.26
N TYR D 121 18.78 11.56 -35.65
CA TYR D 121 18.31 12.15 -34.40
C TYR D 121 19.34 12.03 -33.28
N LEU D 122 20.27 11.11 -33.43
CA LEU D 122 21.28 10.86 -32.40
C LEU D 122 22.43 11.85 -32.38
N LEU D 123 22.67 12.54 -33.50
CA LEU D 123 23.78 13.48 -33.60
C LEU D 123 23.57 14.64 -32.65
N LYS D 124 24.59 14.93 -31.82
CA LYS D 124 24.50 15.99 -30.82
C LYS D 124 24.22 17.35 -31.45
N ASP D 125 24.61 17.52 -32.71
CA ASP D 125 24.30 18.74 -33.43
C ASP D 125 22.85 18.81 -33.92
N VAL D 126 22.13 17.70 -33.76
CA VAL D 126 20.76 17.60 -34.26
C VAL D 126 19.78 17.37 -33.12
N GLU D 127 19.85 16.19 -32.52
CA GLU D 127 18.96 15.83 -31.42
C GLU D 127 17.52 15.64 -31.89
N THR D 128 16.70 15.08 -31.03
CA THR D 128 15.31 14.79 -31.37
C THR D 128 14.53 16.02 -31.85
N LYS D 129 14.79 17.17 -31.25
CA LYS D 129 14.01 18.36 -31.57
C LYS D 129 14.18 18.78 -33.03
N ASN D 130 15.42 18.83 -33.51
CA ASN D 130 15.69 19.08 -34.92
C ASN D 130 15.20 17.97 -35.83
N ALA D 131 15.38 16.73 -35.40
CA ALA D 131 15.02 15.60 -36.24
C ALA D 131 13.52 15.66 -36.56
N VAL D 132 12.72 16.02 -35.56
CA VAL D 132 11.27 16.10 -35.74
C VAL D 132 10.96 17.13 -36.81
N ASN D 133 11.53 18.31 -36.64
CA ASN D 133 11.34 19.41 -37.55
C ASN D 133 11.85 19.02 -38.94
N ASP D 134 12.90 18.21 -38.95
CA ASP D 134 13.50 17.78 -40.20
C ASP D 134 12.64 16.79 -40.98
N VAL D 135 11.90 15.94 -40.28
CA VAL D 135 10.96 15.02 -40.93
C VAL D 135 9.96 15.80 -41.77
N LEU D 136 9.42 16.87 -41.18
CA LEU D 136 8.42 17.67 -41.87
C LEU D 136 9.04 18.46 -43.02
N LEU D 137 10.28 18.89 -42.86
CA LEU D 137 10.93 19.58 -43.97
C LEU D 137 11.12 18.65 -45.16
N LEU D 138 11.77 17.51 -44.91
CA LEU D 138 11.93 16.49 -45.93
C LEU D 138 10.59 16.19 -46.62
N TYR D 139 9.55 15.99 -45.82
CA TYR D 139 8.23 15.64 -46.34
C TYR D 139 7.68 16.73 -47.23
N ASN D 140 7.76 17.97 -46.77
CA ASN D 140 7.25 19.07 -47.55
C ASN D 140 8.05 19.37 -48.83
N SER D 141 9.36 19.12 -48.79
CA SER D 141 10.22 19.37 -49.95
C SER D 141 9.74 18.59 -51.16
N ILE D 142 9.16 17.42 -50.92
CA ILE D 142 8.61 16.59 -51.97
C ILE D 142 7.60 17.35 -52.82
N TYR D 143 6.65 17.99 -52.16
CA TYR D 143 5.61 18.70 -52.89
C TYR D 143 6.11 19.94 -53.62
N LYS D 144 7.14 20.58 -53.08
CA LYS D 144 7.77 21.73 -53.73
C LYS D 144 8.51 21.31 -55.01
N LEU D 145 9.20 20.17 -54.98
CA LEU D 145 9.86 19.65 -56.16
C LEU D 145 8.86 19.24 -57.25
N ILE D 146 7.79 18.57 -56.85
CA ILE D 146 6.76 18.18 -57.80
C ILE D 146 6.15 19.42 -58.43
N GLU D 147 6.03 20.48 -57.65
CA GLU D 147 5.57 21.75 -58.19
C GLU D 147 6.59 22.28 -59.21
N ILE D 148 7.85 22.28 -58.82
CA ILE D 148 8.89 22.85 -59.68
C ILE D 148 8.95 22.18 -61.05
N TYR D 149 8.83 20.85 -61.06
CA TYR D 149 9.02 20.08 -62.29
C TYR D 149 7.76 19.62 -63.03
N LEU D 150 6.65 19.46 -62.30
CA LEU D 150 5.43 18.90 -62.92
C LEU D 150 4.25 19.85 -62.86
N ARG D 151 4.48 21.04 -62.32
CA ARG D 151 3.45 22.07 -62.20
C ARG D 151 2.51 22.13 -63.40
N ASN D 152 3.07 22.01 -64.60
CA ASN D 152 2.29 22.22 -65.82
C ASN D 152 1.85 20.95 -66.55
N GLU D 153 2.08 19.79 -65.93
CA GLU D 153 1.61 18.51 -66.48
C GLU D 153 0.16 18.30 -66.08
N SER D 154 -0.59 17.55 -66.89
CA SER D 154 -2.00 17.29 -66.59
C SER D 154 -2.17 16.31 -65.43
N CYS D 155 -1.16 15.47 -65.20
CA CYS D 155 -1.18 14.48 -64.14
C CYS D 155 -0.78 15.06 -62.77
N TYR D 156 -0.42 16.34 -62.76
CA TYR D 156 0.06 16.98 -61.56
C TYR D 156 -0.78 16.69 -60.31
N VAL D 157 -2.06 17.03 -60.35
CA VAL D 157 -2.91 16.87 -59.18
C VAL D 157 -3.04 15.40 -58.76
N ASP D 158 -3.10 14.50 -59.74
CA ASP D 158 -3.17 13.08 -59.46
C ASP D 158 -1.90 12.56 -58.79
N VAL D 159 -0.77 13.13 -59.17
CA VAL D 159 0.50 12.73 -58.59
C VAL D 159 0.60 13.18 -57.13
N ILE D 160 0.22 14.43 -56.85
CA ILE D 160 0.30 14.89 -55.45
C ILE D 160 -0.69 14.16 -54.55
N ALA D 161 -1.78 13.69 -55.15
CA ALA D 161 -2.79 12.94 -54.41
C ALA D 161 -2.31 11.53 -54.10
N THR D 162 -1.51 10.96 -55.00
CA THR D 162 -0.97 9.62 -54.78
C THR D 162 0.05 9.61 -53.63
N PHE D 163 0.95 10.60 -53.61
CA PHE D 163 1.89 10.77 -52.50
C PHE D 163 1.13 10.96 -51.19
N ARG D 164 0.13 11.82 -51.21
CA ARG D 164 -0.63 12.16 -50.02
C ARG D 164 -1.41 10.95 -49.47
N ASP D 165 -2.18 10.30 -50.35
CA ASP D 165 -2.95 9.12 -49.96
C ASP D 165 -2.06 7.98 -49.46
N ALA D 166 -0.95 7.75 -50.11
CA ALA D 166 -0.04 6.69 -49.69
C ALA D 166 0.62 7.03 -48.36
N THR D 167 0.97 8.30 -48.17
CA THR D 167 1.55 8.72 -46.90
C THR D 167 0.55 8.49 -45.75
N LEU D 168 -0.72 8.82 -46.01
CA LEU D 168 -1.77 8.57 -45.02
C LEU D 168 -1.88 7.09 -44.64
N LYS D 169 -1.88 6.21 -45.64
CA LYS D 169 -1.86 4.77 -45.35
C LYS D 169 -0.68 4.43 -44.46
N THR D 170 0.50 4.91 -44.84
CA THR D 170 1.73 4.60 -44.12
C THR D 170 1.65 5.04 -42.67
N ILE D 171 1.08 6.21 -42.44
CA ILE D 171 0.93 6.75 -41.10
C ILE D 171 -0.01 5.88 -40.25
N ILE D 172 -1.13 5.44 -40.83
CA ILE D 172 -2.02 4.52 -40.12
C ILE D 172 -1.31 3.19 -39.85
N GLY D 173 -0.52 2.74 -40.82
CA GLY D 173 0.33 1.56 -40.65
C GLY D 173 1.27 1.67 -39.46
N GLN D 174 2.04 2.77 -39.42
CA GLN D 174 2.98 3.02 -38.33
C GLN D 174 2.24 3.08 -36.98
N HIS D 175 1.06 3.66 -36.99
CA HIS D 175 0.26 3.75 -35.79
C HIS D 175 -0.05 2.37 -35.20
N LEU D 176 -0.52 1.46 -36.05
CA LEU D 176 -0.83 0.11 -35.61
C LEU D 176 0.43 -0.66 -35.18
N ASP D 177 1.50 -0.49 -35.95
CA ASP D 177 2.77 -1.13 -35.65
C ASP D 177 3.30 -0.67 -34.28
N THR D 178 2.96 0.54 -33.90
CA THR D 178 3.47 1.10 -32.66
C THR D 178 2.58 0.72 -31.46
N ASN D 179 1.30 0.53 -31.72
CA ASN D 179 0.32 0.44 -30.65
C ASN D 179 -0.40 -0.90 -30.57
N ILE D 180 -0.03 -1.84 -31.43
CA ILE D 180 -0.81 -3.06 -31.55
C ILE D 180 -0.88 -3.85 -30.24
N PHE D 181 0.20 -3.82 -29.46
CA PHE D 181 0.27 -4.54 -28.19
C PHE D 181 -0.10 -3.67 -26.99
N SER D 182 -0.54 -2.43 -27.22
CA SER D 182 -0.84 -1.53 -26.11
C SER D 182 -2.28 -1.67 -25.60
N ASP D 183 -2.57 -1.05 -24.46
CA ASP D 183 -3.88 -1.15 -23.84
C ASP D 183 -5.04 -0.69 -24.72
N LYS D 184 -4.80 0.31 -25.56
CA LYS D 184 -5.85 0.86 -26.40
C LYS D 184 -6.16 -0.03 -27.61
N TYR D 185 -5.56 -1.21 -27.65
CA TYR D 185 -5.85 -2.16 -28.71
C TYR D 185 -6.19 -3.54 -28.15
N SER D 186 -6.49 -3.57 -26.85
CA SER D 186 -6.87 -4.80 -26.17
C SER D 186 -8.38 -4.96 -26.16
N ILE D 192 -7.70 6.21 -24.16
CA ILE D 192 -6.61 7.05 -23.66
C ILE D 192 -6.98 7.73 -22.34
N ASP D 193 -6.06 7.67 -21.38
CA ASP D 193 -6.21 8.36 -20.11
C ASP D 193 -5.53 9.72 -20.21
N VAL D 194 -6.32 10.76 -20.38
CA VAL D 194 -5.75 12.09 -20.55
C VAL D 194 -5.22 12.69 -19.25
N ASN D 195 -5.29 11.94 -18.16
CA ASN D 195 -4.84 12.46 -16.87
C ASN D 195 -3.54 11.82 -16.40
N ASN D 196 -3.01 10.90 -17.19
CA ASN D 196 -1.79 10.21 -16.78
C ASN D 196 -0.55 10.64 -17.55
N ILE D 197 0.33 11.39 -16.89
CA ILE D 197 1.62 11.74 -17.46
C ILE D 197 2.80 11.09 -16.73
N ASN D 198 2.52 10.38 -15.65
CA ASN D 198 3.54 9.58 -14.96
C ASN D 198 2.96 8.23 -14.55
N VAL D 199 3.68 7.16 -14.87
CA VAL D 199 3.15 5.81 -14.72
C VAL D 199 3.10 5.17 -16.10
N PRO D 200 4.28 4.87 -16.66
CA PRO D 200 4.45 4.34 -18.01
C PRO D 200 4.03 2.87 -18.14
N GLN D 202 4.15 0.00 -19.84
CA GLN D 202 4.21 -1.43 -19.53
C GLN D 202 4.05 -2.29 -20.79
N PRO D 203 5.15 -2.55 -21.50
CA PRO D 203 5.12 -3.26 -22.77
C PRO D 203 4.98 -4.78 -22.63
N VAL D 204 3.76 -5.27 -22.80
CA VAL D 204 3.47 -6.71 -22.82
C VAL D 204 2.97 -7.08 -24.22
N ILE D 205 2.86 -8.38 -24.50
CA ILE D 205 2.26 -8.82 -25.76
C ILE D 205 0.82 -9.29 -25.55
N ASP D 206 -0.02 -9.06 -26.56
CA ASP D 206 -1.42 -9.45 -26.48
C ASP D 206 -1.65 -10.62 -27.44
N ILE D 207 -1.85 -11.81 -26.88
CA ILE D 207 -1.93 -13.03 -27.69
C ILE D 207 -3.01 -13.01 -28.77
N ASN D 208 -4.04 -12.19 -28.58
CA ASN D 208 -5.11 -12.10 -29.56
C ASN D 208 -4.72 -11.27 -30.79
N MET D 209 -3.65 -10.49 -30.66
CA MET D 209 -3.14 -9.71 -31.78
C MET D 209 -2.02 -10.45 -32.50
N ILE D 210 -1.63 -11.59 -31.96
CA ILE D 210 -0.58 -12.41 -32.57
C ILE D 210 -1.17 -13.35 -33.63
N ASN D 211 -1.58 -12.79 -34.76
CA ASN D 211 -2.06 -13.59 -35.88
C ASN D 211 -1.79 -12.92 -37.22
N PHE D 212 -1.84 -13.70 -38.28
CA PHE D 212 -1.48 -13.22 -39.61
C PHE D 212 -2.45 -12.16 -40.12
N GLY D 213 -3.71 -12.28 -39.73
CA GLY D 213 -4.73 -11.33 -40.17
C GLY D 213 -4.36 -9.91 -39.79
N VAL D 214 -4.16 -9.69 -38.50
CA VAL D 214 -3.77 -8.38 -37.99
C VAL D 214 -2.44 -7.91 -38.59
N TYR D 215 -1.48 -8.82 -38.68
CA TYR D 215 -0.15 -8.48 -39.16
C TYR D 215 -0.18 -7.99 -40.61
N LYS D 216 -0.96 -8.66 -41.45
CA LYS D 216 -1.10 -8.22 -42.84
C LYS D 216 -1.76 -6.86 -42.95
N ASN D 217 -2.76 -6.62 -42.10
CA ASN D 217 -3.37 -5.30 -41.99
C ASN D 217 -2.29 -4.25 -41.82
N ILE D 218 -1.41 -4.48 -40.84
CA ILE D 218 -0.37 -3.53 -40.50
C ILE D 218 0.68 -3.37 -41.61
N VAL D 219 1.19 -4.49 -42.11
CA VAL D 219 2.28 -4.44 -43.07
C VAL D 219 1.86 -3.84 -44.41
N ILE D 220 0.66 -4.19 -44.86
CA ILE D 220 0.13 -3.61 -46.08
C ILE D 220 0.11 -2.08 -46.00
N HIS D 221 -0.34 -1.55 -44.87
CA HIS D 221 -0.46 -0.10 -44.73
C HIS D 221 0.87 0.59 -44.47
N LYS D 222 1.73 -0.06 -43.72
CA LYS D 222 3.01 0.52 -43.35
C LYS D 222 4.04 0.46 -44.48
N THR D 223 3.87 -0.51 -45.39
CA THR D 223 4.90 -0.74 -46.41
C THR D 223 4.41 -0.76 -47.86
N ALA D 224 3.28 -1.41 -48.11
CA ALA D 224 2.84 -1.68 -49.49
C ALA D 224 2.57 -0.43 -50.31
N TYR D 225 1.81 0.50 -49.75
CA TYR D 225 1.41 1.68 -50.49
C TYR D 225 2.54 2.61 -50.91
N TYR D 226 3.52 2.83 -50.03
CA TYR D 226 4.58 3.77 -50.34
C TYR D 226 5.78 3.12 -51.02
N SER D 227 5.95 1.82 -50.82
CA SER D 227 7.11 1.13 -51.38
C SER D 227 6.88 0.52 -52.77
N PHE D 228 5.61 0.29 -53.12
CA PHE D 228 5.28 -0.40 -54.36
C PHE D 228 4.18 0.29 -55.12
N PHE D 229 3.04 0.50 -54.47
CA PHE D 229 1.96 1.23 -55.12
C PHE D 229 2.37 2.62 -55.64
N LEU D 230 2.94 3.44 -54.78
CA LEU D 230 3.23 4.83 -55.12
C LEU D 230 4.22 4.98 -56.29
N PRO D 231 5.36 4.30 -56.22
CA PRO D 231 6.33 4.40 -57.31
C PRO D 231 5.80 3.87 -58.65
N ILE D 232 5.01 2.81 -58.61
CA ILE D 232 4.44 2.28 -59.84
C ILE D 232 3.43 3.24 -60.44
N VAL D 233 2.53 3.76 -59.59
CA VAL D 233 1.50 4.67 -60.05
C VAL D 233 2.12 5.97 -60.56
N CYS D 234 3.24 6.37 -59.98
CA CYS D 234 3.92 7.59 -60.42
C CYS D 234 4.33 7.48 -61.87
N GLY D 235 5.01 6.39 -62.21
CA GLY D 235 5.41 6.15 -63.59
C GLY D 235 4.23 6.01 -64.55
N MET D 236 3.15 5.39 -64.08
CA MET D 236 1.97 5.17 -64.90
C MET D 236 1.21 6.47 -65.16
N LEU D 237 1.08 7.28 -64.11
CA LEU D 237 0.38 8.55 -64.26
C LEU D 237 1.16 9.44 -65.21
N LEU D 238 2.47 9.49 -65.00
CA LEU D 238 3.33 10.35 -65.81
C LEU D 238 3.33 9.93 -67.27
N ALA D 239 3.27 8.62 -67.52
CA ALA D 239 3.21 8.09 -68.87
C ALA D 239 1.83 8.24 -69.50
N GLY D 240 0.86 8.68 -68.72
CA GLY D 240 -0.46 9.03 -69.23
C GLY D 240 -1.51 7.93 -69.18
N ILE D 241 -1.33 6.93 -68.32
CA ILE D 241 -2.32 5.87 -68.19
C ILE D 241 -3.56 6.32 -67.42
N ASP D 244 -8.22 5.74 -62.94
CA ASP D 244 -8.38 5.84 -64.39
C ASP D 244 -8.67 4.47 -65.00
N ASN D 245 -7.66 3.91 -65.68
CA ASN D 245 -7.72 2.56 -66.23
C ASN D 245 -7.89 1.55 -65.09
N LEU D 246 -8.62 0.47 -65.36
CA LEU D 246 -8.90 -0.54 -64.33
C LEU D 246 -7.63 -1.28 -63.92
N ILE D 247 -6.53 -0.93 -64.55
CA ILE D 247 -5.25 -1.56 -64.23
C ILE D 247 -4.71 -1.09 -62.89
N TYR D 248 -5.14 0.09 -62.45
CA TYR D 248 -4.67 0.65 -61.18
C TYR D 248 -5.07 -0.20 -59.98
N LYS D 249 -6.29 -0.74 -60.00
CA LYS D 249 -6.77 -1.59 -58.92
C LYS D 249 -5.98 -2.91 -58.88
N LYS D 250 -5.61 -3.41 -60.05
CA LYS D 250 -4.84 -4.65 -60.13
C LYS D 250 -3.40 -4.38 -59.70
N ILE D 251 -2.93 -3.17 -59.90
CA ILE D 251 -1.62 -2.77 -59.42
C ILE D 251 -1.64 -2.65 -57.89
N GLU D 252 -2.73 -2.12 -57.35
CA GLU D 252 -2.87 -2.02 -55.91
C GLU D 252 -2.85 -3.40 -55.23
N ASP D 253 -3.48 -4.39 -55.87
CA ASP D 253 -3.52 -5.74 -55.31
C ASP D 253 -2.15 -6.40 -55.30
N ILE D 254 -1.39 -6.22 -56.39
CA ILE D 254 -0.04 -6.75 -56.44
C ILE D 254 0.88 -6.06 -55.43
N SER D 255 0.69 -4.75 -55.27
CA SER D 255 1.49 -3.98 -54.31
C SER D 255 1.30 -4.51 -52.89
N MET D 256 0.05 -4.82 -52.54
CA MET D 256 -0.25 -5.45 -51.27
C MET D 256 0.52 -6.76 -51.07
N LEU D 257 0.58 -7.59 -52.12
CA LEU D 257 1.29 -8.86 -52.03
C LEU D 257 2.80 -8.63 -51.92
N MET D 258 3.30 -7.63 -52.62
CA MET D 258 4.73 -7.33 -52.60
C MET D 258 5.16 -6.72 -51.28
N GLY D 259 4.30 -5.91 -50.68
CA GLY D 259 4.62 -5.28 -49.40
C GLY D 259 4.74 -6.32 -48.30
N GLU D 260 3.75 -7.20 -48.23
CA GLU D 260 3.76 -8.28 -47.26
C GLU D 260 5.05 -9.09 -47.43
N TYR D 261 5.36 -9.38 -48.69
CA TYR D 261 6.57 -10.11 -49.03
C TYR D 261 7.81 -9.34 -48.57
N PHE D 262 7.86 -8.05 -48.89
CA PHE D 262 8.97 -7.21 -48.47
C PHE D 262 9.14 -7.19 -46.94
N GLN D 263 8.06 -6.97 -46.21
CA GLN D 263 8.16 -6.82 -44.76
C GLN D 263 8.58 -8.12 -44.05
N ILE D 264 7.95 -9.23 -44.43
CA ILE D 264 8.28 -10.53 -43.84
C ILE D 264 9.75 -10.84 -44.02
N HIS D 265 10.29 -10.51 -45.18
CA HIS D 265 11.72 -10.63 -45.40
C HIS D 265 12.52 -9.68 -44.49
N ASP D 266 11.98 -8.50 -44.25
CA ASP D 266 12.64 -7.54 -43.36
C ASP D 266 12.64 -8.12 -41.94
N ASP D 267 11.51 -8.65 -41.52
CA ASP D 267 11.36 -9.27 -40.20
C ASP D 267 12.39 -10.40 -40.05
N TYR D 268 12.54 -11.17 -41.12
CA TYR D 268 13.45 -12.30 -41.13
C TYR D 268 14.90 -11.87 -40.87
N LEU D 269 15.33 -10.82 -41.55
CA LEU D 269 16.70 -10.34 -41.39
C LEU D 269 16.95 -9.70 -40.03
N ASP D 270 15.90 -9.19 -39.40
CA ASP D 270 16.06 -8.55 -38.10
C ASP D 270 16.67 -9.52 -37.08
N ILE D 271 16.33 -10.80 -37.23
CA ILE D 271 16.92 -11.83 -36.37
C ILE D 271 18.09 -12.55 -37.05
N PHE D 272 17.89 -12.95 -38.30
CA PHE D 272 18.85 -13.80 -39.01
C PHE D 272 19.78 -13.03 -39.94
N GLY D 273 19.84 -11.71 -39.77
CA GLY D 273 20.60 -10.85 -40.68
C GLY D 273 21.81 -10.18 -40.07
N ASP D 274 22.91 -10.17 -40.82
CA ASP D 274 24.12 -9.48 -40.41
C ASP D 274 23.93 -7.96 -40.56
N SER D 275 24.09 -7.23 -39.47
CA SER D 275 23.83 -5.79 -39.47
C SER D 275 24.75 -5.04 -40.42
N THR D 276 25.85 -5.67 -40.80
CA THR D 276 26.75 -5.12 -41.81
C THR D 276 26.04 -5.13 -43.16
N LYS D 277 25.09 -6.04 -43.32
CA LYS D 277 24.31 -6.15 -44.55
C LYS D 277 23.09 -5.22 -44.54
N THR D 278 22.32 -5.25 -43.44
CA THR D 278 21.09 -4.47 -43.32
C THR D 278 21.36 -2.98 -43.11
N GLY D 279 22.49 -2.69 -42.45
CA GLY D 279 22.84 -1.30 -42.15
C GLY D 279 22.17 -0.76 -40.91
N LYS D 280 21.50 -1.63 -40.17
CA LYS D 280 20.76 -1.22 -38.98
C LYS D 280 20.79 -2.32 -37.92
N VAL D 281 20.39 -1.97 -36.71
CA VAL D 281 20.29 -2.94 -35.62
C VAL D 281 18.86 -3.45 -35.48
N SER D 283 16.40 -5.52 -33.60
CA SER D 283 15.87 -4.96 -32.37
C SER D 283 14.36 -5.19 -32.19
N ASP D 284 13.75 -5.95 -33.09
CA ASP D 284 12.32 -6.23 -33.01
C ASP D 284 11.92 -6.90 -31.70
N ILE D 285 12.74 -7.84 -31.23
CA ILE D 285 12.42 -8.59 -30.01
C ILE D 285 12.35 -7.70 -28.77
N GLN D 286 13.44 -7.00 -28.45
CA GLN D 286 13.44 -6.10 -27.30
C GLN D 286 12.44 -4.94 -27.42
N ASN D 287 12.07 -4.59 -28.66
CA ASN D 287 11.13 -3.51 -28.89
C ASN D 287 9.67 -3.95 -28.91
N ASN D 288 9.44 -5.24 -28.71
CA ASN D 288 8.08 -5.74 -28.54
C ASN D 288 7.24 -5.63 -29.81
N LYS D 289 7.88 -5.83 -30.95
CA LYS D 289 7.21 -5.69 -32.25
C LYS D 289 6.46 -6.96 -32.62
N LEU D 290 5.28 -6.79 -33.22
CA LEU D 290 4.60 -7.89 -33.87
C LEU D 290 5.32 -8.21 -35.18
N THR D 291 5.95 -9.39 -35.23
CA THR D 291 6.71 -9.77 -36.40
C THR D 291 6.21 -11.10 -36.95
N TRP D 292 6.68 -11.45 -38.14
CA TRP D 292 6.25 -12.68 -38.79
C TRP D 292 6.80 -13.89 -38.05
N PRO D 293 8.06 -13.79 -37.59
CA PRO D 293 8.63 -14.90 -36.82
C PRO D 293 7.97 -15.10 -35.45
N LEU D 294 7.55 -14.03 -34.78
CA LEU D 294 6.80 -14.17 -33.53
C LEU D 294 5.46 -14.90 -33.73
N ILE D 295 4.75 -14.53 -34.78
CA ILE D 295 3.46 -15.12 -35.10
C ILE D 295 3.62 -16.59 -35.48
N LYS D 296 4.55 -16.85 -36.38
CA LYS D 296 4.80 -18.23 -36.82
C LYS D 296 5.18 -19.10 -35.61
N THR D 297 6.10 -18.61 -34.78
CA THR D 297 6.60 -19.37 -33.65
C THR D 297 5.51 -19.65 -32.62
N PHE D 298 4.76 -18.60 -32.30
CA PHE D 298 3.73 -18.68 -31.28
C PHE D 298 2.67 -19.71 -31.62
N GLU D 299 2.21 -19.72 -32.86
CA GLU D 299 1.14 -20.62 -33.24
C GLU D 299 1.62 -22.03 -33.54
N LEU D 300 2.92 -22.23 -33.38
CA LEU D 300 3.57 -23.49 -33.73
C LEU D 300 4.16 -24.21 -32.51
N CYS D 301 4.25 -23.51 -31.38
CA CYS D 301 5.01 -24.04 -30.24
C CYS D 301 4.16 -24.63 -29.10
N SER D 302 4.83 -25.40 -28.25
CA SER D 302 4.18 -26.03 -27.09
C SER D 302 3.65 -24.97 -26.13
N GLU D 303 2.76 -25.38 -25.23
CA GLU D 303 2.12 -24.45 -24.31
C GLU D 303 3.09 -23.84 -23.31
N PRO D 304 4.14 -24.60 -22.94
CA PRO D 304 5.19 -24.07 -22.06
C PRO D 304 6.05 -23.03 -22.76
N ASP D 305 6.32 -23.25 -24.04
CA ASP D 305 7.12 -22.30 -24.80
C ASP D 305 6.36 -21.02 -25.06
N LYS D 306 5.03 -21.09 -25.02
CA LYS D 306 4.20 -19.90 -25.14
C LYS D 306 4.32 -19.02 -23.90
N ILE D 307 4.59 -19.64 -22.75
CA ILE D 307 4.80 -18.89 -21.52
C ILE D 307 6.19 -18.29 -21.55
N LYS D 308 7.12 -18.99 -22.17
CA LYS D 308 8.46 -18.46 -22.36
C LYS D 308 8.46 -17.21 -23.25
N ILE D 309 7.56 -17.17 -24.22
CA ILE D 309 7.47 -16.03 -25.12
C ILE D 309 6.91 -14.82 -24.39
N VAL D 310 5.77 -15.01 -23.74
CA VAL D 310 5.11 -13.93 -23.00
C VAL D 310 6.00 -13.36 -21.90
N LYS D 311 6.86 -14.20 -21.34
CA LYS D 311 7.73 -13.78 -20.24
C LYS D 311 8.98 -13.06 -20.72
N ASN D 312 9.45 -13.41 -21.92
CA ASN D 312 10.73 -12.94 -22.40
C ASN D 312 10.69 -11.93 -23.55
N TYR D 313 9.54 -11.78 -24.21
CA TYR D 313 9.44 -10.89 -25.35
C TYR D 313 9.24 -9.45 -24.91
N GLY D 314 9.85 -8.53 -25.64
CA GLY D 314 9.69 -7.10 -25.38
C GLY D 314 10.43 -6.64 -24.13
N LYS D 315 11.52 -7.33 -23.82
CA LYS D 315 12.32 -6.99 -22.64
C LYS D 315 13.71 -6.56 -23.05
N ASN D 316 14.13 -5.40 -22.56
CA ASN D 316 15.47 -4.90 -22.81
C ASN D 316 16.43 -5.67 -21.90
N ASN D 317 16.68 -6.93 -22.26
CA ASN D 317 17.41 -7.86 -21.41
C ASN D 317 18.04 -8.96 -22.28
N LEU D 318 19.36 -9.02 -22.28
CA LEU D 318 20.09 -9.98 -23.11
C LEU D 318 19.59 -11.41 -22.95
N ALA D 319 19.39 -11.84 -21.71
CA ALA D 319 18.94 -13.20 -21.45
C ALA D 319 17.54 -13.43 -22.02
N CYS D 320 16.69 -12.42 -21.93
CA CYS D 320 15.33 -12.52 -22.45
C CYS D 320 15.31 -12.60 -23.98
N VAL D 321 16.11 -11.75 -24.62
CA VAL D 321 16.23 -11.79 -26.07
C VAL D 321 16.76 -13.15 -26.54
N LYS D 322 17.83 -13.62 -25.91
CA LYS D 322 18.42 -14.92 -26.26
C LYS D 322 17.41 -16.06 -26.20
N VAL D 323 16.49 -16.00 -25.25
CA VAL D 323 15.46 -17.02 -25.16
C VAL D 323 14.58 -17.01 -26.40
N ILE D 324 14.18 -15.82 -26.82
CA ILE D 324 13.39 -15.66 -28.02
C ILE D 324 14.18 -16.16 -29.24
N ASP D 325 15.45 -15.75 -29.33
CA ASP D 325 16.32 -16.21 -30.40
C ASP D 325 16.38 -17.74 -30.44
N SER D 326 16.54 -18.36 -29.26
CA SER D 326 16.61 -19.82 -29.18
C SER D 326 15.32 -20.49 -29.63
N LEU D 327 14.18 -19.87 -29.39
CA LEU D 327 12.92 -20.44 -29.86
C LEU D 327 12.81 -20.40 -31.39
N TYR D 328 13.13 -19.26 -31.98
CA TYR D 328 13.08 -19.15 -33.44
C TYR D 328 13.98 -20.21 -34.07
N GLU D 329 15.14 -20.42 -33.45
CA GLU D 329 16.09 -21.42 -33.91
C GLU D 329 15.49 -22.81 -33.73
N GLN D 330 14.95 -23.05 -32.54
CA GLN D 330 14.40 -24.35 -32.21
C GLN D 330 13.23 -24.72 -33.10
N TYR D 331 12.35 -23.76 -33.37
CA TYR D 331 11.19 -24.00 -34.21
C TYR D 331 11.45 -23.76 -35.71
N LYS D 332 12.73 -23.69 -36.07
CA LYS D 332 13.15 -23.62 -37.47
C LYS D 332 12.48 -22.52 -38.30
N ILE D 333 12.39 -21.31 -37.74
CA ILE D 333 11.81 -20.19 -38.47
C ILE D 333 12.48 -19.97 -39.83
N ARG D 334 13.78 -20.23 -39.91
CA ARG D 334 14.51 -20.14 -41.17
C ARG D 334 13.81 -20.95 -42.27
N LYS D 335 13.55 -22.22 -42.00
CA LYS D 335 12.91 -23.09 -42.98
C LYS D 335 11.49 -22.63 -43.31
N HIS D 336 10.78 -22.12 -42.32
CA HIS D 336 9.45 -21.59 -42.56
C HIS D 336 9.47 -20.29 -43.37
N TYR D 337 10.53 -19.49 -43.23
CA TYR D 337 10.68 -18.33 -44.09
C TYR D 337 10.94 -18.75 -45.54
N GLU D 338 11.95 -19.60 -45.74
CA GLU D 338 12.29 -20.08 -47.08
C GLU D 338 11.08 -20.66 -47.79
N SER D 339 10.15 -21.20 -47.02
CA SER D 339 8.95 -21.77 -47.59
C SER D 339 7.94 -20.68 -47.95
N TYR D 340 7.77 -19.71 -47.05
CA TYR D 340 6.85 -18.61 -47.31
C TYR D 340 7.29 -17.88 -48.56
N GLU D 341 8.61 -17.66 -48.66
CA GLU D 341 9.18 -16.90 -49.75
C GLU D 341 8.81 -17.48 -51.12
N LYS D 342 8.91 -18.81 -51.25
CA LYS D 342 8.61 -19.47 -52.53
C LYS D 342 7.12 -19.37 -52.85
N ALA D 343 6.29 -19.56 -51.85
CA ALA D 343 4.85 -19.54 -52.03
C ALA D 343 4.32 -18.14 -52.35
N GLN D 344 4.89 -17.13 -51.71
CA GLN D 344 4.44 -15.76 -51.94
C GLN D 344 4.93 -15.28 -53.31
N LYS D 345 6.15 -15.67 -53.67
CA LYS D 345 6.70 -15.33 -54.96
C LYS D 345 5.82 -15.85 -56.10
N ALA D 346 5.37 -17.10 -55.97
CA ALA D 346 4.46 -17.67 -56.96
C ALA D 346 3.10 -16.98 -57.01
N LYS D 347 2.62 -16.53 -55.85
CA LYS D 347 1.36 -15.78 -55.82
C LYS D 347 1.51 -14.44 -56.54
N ILE D 348 2.64 -13.78 -56.32
CA ILE D 348 2.88 -12.48 -56.92
C ILE D 348 3.00 -12.60 -58.44
N LEU D 349 3.75 -13.60 -58.90
CA LEU D 349 3.92 -13.82 -60.33
C LEU D 349 2.60 -14.17 -60.99
N SER D 350 1.79 -14.95 -60.28
CA SER D 350 0.46 -15.28 -60.77
C SER D 350 -0.38 -14.01 -60.93
N ALA D 351 -0.21 -13.08 -60.00
CA ALA D 351 -0.98 -11.83 -60.04
C ALA D 351 -0.46 -10.89 -61.12
N ILE D 352 0.85 -10.88 -61.31
CA ILE D 352 1.49 -10.07 -62.33
C ILE D 352 1.06 -10.52 -63.72
N ASN D 353 0.76 -11.81 -63.86
CA ASN D 353 0.41 -12.38 -65.15
C ASN D 353 -1.00 -12.11 -65.60
N GLU D 354 -1.79 -11.49 -64.73
CA GLU D 354 -3.15 -11.08 -65.07
C GLU D 354 -3.23 -9.57 -65.30
N LEU D 355 -2.08 -8.95 -65.48
CA LEU D 355 -2.02 -7.52 -65.77
C LEU D 355 -2.41 -7.18 -67.20
N HIS D 356 -1.97 -8.00 -68.14
CA HIS D 356 -2.22 -7.75 -69.56
C HIS D 356 -1.50 -6.48 -70.01
N HIS D 357 -0.23 -6.37 -69.65
CA HIS D 357 0.62 -5.25 -70.03
C HIS D 357 2.07 -5.71 -69.94
N GLU D 358 2.61 -6.11 -71.10
CA GLU D 358 3.93 -6.73 -71.15
C GLU D 358 5.03 -5.90 -70.53
N GLY D 359 4.98 -4.59 -70.73
CA GLY D 359 6.03 -3.71 -70.22
C GLY D 359 6.09 -3.70 -68.71
N ILE D 360 4.93 -3.53 -68.07
CA ILE D 360 4.85 -3.48 -66.62
C ILE D 360 5.12 -4.85 -65.99
N GLU D 361 4.61 -5.91 -66.61
CA GLU D 361 4.85 -7.26 -66.10
C GLU D 361 6.34 -7.55 -66.14
N TYR D 362 7.00 -7.06 -67.18
CA TYR D 362 8.44 -7.21 -67.31
C TYR D 362 9.17 -6.51 -66.15
N VAL D 363 8.77 -5.28 -65.87
CA VAL D 363 9.42 -4.54 -64.78
C VAL D 363 9.17 -5.21 -63.42
N LEU D 364 7.93 -5.59 -63.15
CA LEU D 364 7.61 -6.18 -61.87
C LEU D 364 8.31 -7.53 -61.64
N LYS D 365 8.37 -8.35 -62.68
CA LYS D 365 9.07 -9.62 -62.58
C LYS D 365 10.55 -9.40 -62.31
N TYR D 366 11.11 -8.35 -62.90
CA TYR D 366 12.50 -7.98 -62.66
C TYR D 366 12.69 -7.46 -61.23
N LEU D 367 11.88 -6.50 -60.83
CA LEU D 367 11.91 -5.99 -59.46
C LEU D 367 11.87 -7.15 -58.47
N LEU D 368 10.88 -8.02 -58.64
CA LEU D 368 10.73 -9.17 -57.76
C LEU D 368 12.07 -9.85 -57.57
N GLU D 369 12.85 -9.92 -58.64
CA GLU D 369 14.11 -10.65 -58.63
C GLU D 369 15.20 -9.93 -57.86
N ILE D 370 15.28 -8.62 -58.04
CA ILE D 370 16.36 -7.85 -57.45
C ILE D 370 15.86 -7.14 -56.19
N LEU D 371 14.70 -7.56 -55.71
CA LEU D 371 14.05 -6.91 -54.56
C LEU D 371 14.92 -6.89 -53.30
N PHE D 372 15.64 -7.98 -53.05
CA PHE D 372 16.43 -8.09 -51.84
C PHE D 372 17.84 -7.51 -51.93
N THR D 373 18.39 -7.47 -53.14
CA THR D 373 19.76 -6.99 -53.33
C THR D 373 19.82 -5.53 -53.77
N GLY D 374 18.76 -5.06 -54.41
CA GLY D 374 18.73 -3.68 -54.92
C GLY D 374 18.81 -3.60 -56.42
N LEU E 13 -20.01 22.79 -8.70
CA LEU E 13 -21.22 22.29 -9.44
C LEU E 13 -20.95 22.25 -10.94
N ALA E 14 -20.22 23.25 -11.44
CA ALA E 14 -19.89 23.31 -12.86
C ALA E 14 -19.04 22.13 -13.30
N PHE E 15 -17.88 21.98 -12.67
CA PHE E 15 -16.97 20.86 -12.97
C PHE E 15 -17.70 19.51 -12.91
N PHE E 16 -18.33 19.24 -11.76
CA PHE E 16 -19.07 18.00 -11.55
C PHE E 16 -20.07 17.76 -12.68
N ARG E 17 -20.82 18.79 -13.04
CA ARG E 17 -21.84 18.70 -14.08
C ARG E 17 -21.27 18.52 -15.47
N ASN E 18 -20.10 19.08 -15.72
CA ASN E 18 -19.44 18.92 -17.02
C ASN E 18 -18.85 17.54 -17.21
N MET E 19 -18.70 16.79 -16.12
CA MET E 19 -18.12 15.45 -16.16
C MET E 19 -19.18 14.38 -16.43
N TYR E 20 -20.44 14.78 -16.49
CA TYR E 20 -21.55 13.85 -16.65
C TYR E 20 -21.40 12.92 -17.84
N ASP E 21 -21.20 13.52 -19.00
CA ASP E 21 -21.12 12.82 -20.28
C ASP E 21 -20.07 11.73 -20.29
N LYS E 22 -18.93 12.03 -19.70
CA LYS E 22 -17.84 11.07 -19.58
C LYS E 22 -18.29 9.79 -18.88
N TYR E 23 -18.94 9.92 -17.73
CA TYR E 23 -19.33 8.75 -16.96
C TYR E 23 -20.48 8.01 -17.64
N ARG E 24 -21.42 8.74 -18.21
CA ARG E 24 -22.49 8.11 -18.97
C ARG E 24 -21.91 7.35 -20.16
N ASP E 25 -21.02 7.98 -20.91
CA ASP E 25 -20.45 7.37 -22.11
C ASP E 25 -19.59 6.16 -21.80
N ALA E 26 -18.95 6.18 -20.64
CA ALA E 26 -18.13 5.06 -20.23
C ALA E 26 -19.00 3.84 -19.95
N PHE E 27 -20.15 4.06 -19.30
CA PHE E 27 -21.08 2.94 -19.09
C PHE E 27 -21.71 2.47 -20.39
N LEU E 28 -22.14 3.39 -21.25
CA LEU E 28 -22.69 3.02 -22.55
C LEU E 28 -21.67 2.27 -23.42
N SER E 29 -20.40 2.63 -23.27
CA SER E 29 -19.34 1.98 -24.02
C SER E 29 -19.21 0.52 -23.60
N HIS E 30 -19.40 0.29 -22.32
CA HIS E 30 -19.42 -1.07 -21.79
C HIS E 30 -20.51 -1.94 -22.44
N LEU E 31 -21.72 -1.40 -22.59
CA LEU E 31 -22.81 -2.16 -23.21
C LEU E 31 -22.53 -2.38 -24.70
N ASN E 32 -21.84 -1.41 -25.29
CA ASN E 32 -21.52 -1.44 -26.69
C ASN E 32 -20.51 -2.52 -27.03
N GLU E 33 -19.84 -3.03 -26.00
CA GLU E 33 -18.90 -4.14 -26.15
C GLU E 33 -19.58 -5.51 -26.26
N TYR E 34 -20.87 -5.59 -25.95
CA TYR E 34 -21.63 -6.83 -25.99
C TYR E 34 -21.68 -7.42 -27.40
N SER E 35 -21.73 -8.75 -27.50
CA SER E 35 -21.79 -9.41 -28.79
C SER E 35 -23.21 -9.36 -29.34
N LEU E 36 -23.54 -8.26 -29.99
CA LEU E 36 -24.87 -8.06 -30.54
C LEU E 36 -24.77 -7.52 -31.96
N GLU E 37 -25.79 -7.78 -32.76
CA GLU E 37 -25.85 -7.22 -34.11
C GLU E 37 -25.80 -5.68 -34.06
N GLU E 38 -25.07 -5.10 -34.99
CA GLU E 38 -24.82 -3.66 -35.00
C GLU E 38 -26.10 -2.84 -34.82
N GLU E 39 -27.15 -3.20 -35.55
CA GLU E 39 -28.43 -2.52 -35.46
C GLU E 39 -28.99 -2.55 -34.04
N ILE E 40 -28.88 -3.70 -33.38
CA ILE E 40 -29.39 -3.83 -32.01
C ILE E 40 -28.57 -2.94 -31.08
N LYS E 41 -27.26 -2.89 -31.33
CA LYS E 41 -26.36 -2.04 -30.57
C LYS E 41 -26.76 -0.57 -30.65
N GLU E 42 -27.21 -0.15 -31.82
CA GLU E 42 -27.62 1.24 -31.95
C GLU E 42 -28.95 1.57 -31.32
N HIS E 43 -29.87 0.60 -31.28
CA HIS E 43 -31.12 0.79 -30.54
C HIS E 43 -30.86 0.83 -29.05
N ILE E 44 -30.02 -0.09 -28.60
CA ILE E 44 -29.61 -0.14 -27.21
C ILE E 44 -29.01 1.20 -26.78
N SER E 45 -28.05 1.71 -27.53
CA SER E 45 -27.36 2.92 -27.11
C SER E 45 -28.30 4.12 -27.12
N LYS E 46 -29.23 4.14 -28.05
CA LYS E 46 -30.19 5.23 -28.12
C LYS E 46 -31.14 5.22 -26.92
N TYR E 47 -31.69 4.05 -26.59
CA TYR E 47 -32.61 3.91 -25.46
C TYR E 47 -31.94 4.27 -24.15
N TYR E 48 -30.75 3.73 -23.93
CA TYR E 48 -30.06 3.95 -22.67
C TYR E 48 -29.44 5.32 -22.48
N LYS E 49 -29.01 5.95 -23.56
CA LYS E 49 -28.60 7.35 -23.46
C LYS E 49 -29.76 8.19 -22.91
N LEU E 50 -30.95 7.95 -23.44
CA LEU E 50 -32.12 8.69 -22.98
C LEU E 50 -32.49 8.37 -21.52
N LEU E 51 -32.47 7.09 -21.16
CA LEU E 51 -32.74 6.68 -19.77
C LEU E 51 -31.89 7.47 -18.79
N PHE E 52 -30.60 7.55 -19.05
CA PHE E 52 -29.69 8.29 -18.20
C PHE E 52 -29.98 9.79 -18.22
N ASP E 53 -30.03 10.38 -19.41
CA ASP E 53 -30.27 11.81 -19.52
C ASP E 53 -31.60 12.22 -18.87
N TYR E 54 -32.65 11.45 -19.15
CA TYR E 54 -33.98 11.82 -18.73
C TYR E 54 -34.08 11.85 -17.22
N ASN E 55 -33.45 10.87 -16.57
CA ASN E 55 -33.63 10.63 -15.14
C ASN E 55 -32.48 11.11 -14.27
N CYS E 56 -31.30 11.28 -14.87
CA CYS E 56 -30.14 11.71 -14.08
C CYS E 56 -29.98 13.22 -13.97
N LEU E 57 -30.48 13.94 -14.97
CA LEU E 57 -30.25 15.38 -15.08
C LEU E 57 -31.46 16.18 -14.60
N GLY E 58 -31.20 17.41 -14.14
CA GLY E 58 -32.28 18.31 -13.74
C GLY E 58 -32.60 18.27 -12.27
N GLY E 59 -31.84 17.49 -11.51
CA GLY E 59 -32.01 17.48 -10.05
C GLY E 59 -31.26 18.63 -9.41
N LYS E 60 -31.41 18.79 -8.10
CA LYS E 60 -30.60 19.77 -7.37
C LYS E 60 -29.13 19.31 -7.25
N ASN E 61 -28.92 18.00 -7.33
CA ASN E 61 -27.58 17.42 -7.21
C ASN E 61 -26.91 17.67 -5.85
N ASN E 62 -27.71 17.79 -4.79
CA ASN E 62 -27.16 17.97 -3.46
C ASN E 62 -26.24 16.83 -3.05
N ARG E 63 -26.64 15.60 -3.38
CA ARG E 63 -25.89 14.44 -2.94
C ARG E 63 -24.55 14.32 -3.66
N GLY E 64 -24.55 14.61 -4.97
CA GLY E 64 -23.30 14.59 -5.75
C GLY E 64 -22.34 15.67 -5.31
N ILE E 65 -22.86 16.89 -5.19
CA ILE E 65 -22.08 18.01 -4.69
C ILE E 65 -21.45 17.69 -3.34
N LEU E 66 -22.21 17.03 -2.48
CA LEU E 66 -21.74 16.70 -1.15
C LEU E 66 -20.51 15.78 -1.20
N VAL E 67 -20.48 14.85 -2.16
CA VAL E 67 -19.29 14.01 -2.33
C VAL E 67 -18.07 14.86 -2.69
N ILE E 68 -18.27 15.77 -3.63
CA ILE E 68 -17.20 16.62 -4.14
C ILE E 68 -16.61 17.54 -3.07
N LEU E 69 -17.49 18.15 -2.28
CA LEU E 69 -17.06 19.08 -1.24
C LEU E 69 -16.38 18.38 -0.08
N ILE E 70 -16.92 17.23 0.31
CA ILE E 70 -16.32 16.47 1.40
C ILE E 70 -14.97 15.93 0.96
N TYR E 71 -14.88 15.50 -0.29
CA TYR E 71 -13.62 14.98 -0.80
C TYR E 71 -12.54 16.05 -0.71
N GLU E 72 -12.87 17.25 -1.16
CA GLU E 72 -11.94 18.36 -1.10
C GLU E 72 -11.56 18.81 0.31
N TYR E 73 -12.56 18.94 1.19
CA TYR E 73 -12.37 19.59 2.47
C TYR E 73 -12.01 18.68 3.64
N VAL E 74 -12.06 17.38 3.42
CA VAL E 74 -11.62 16.42 4.43
C VAL E 74 -10.22 16.82 4.91
N LYS E 75 -9.39 17.25 3.97
CA LYS E 75 -8.04 17.69 4.29
C LYS E 75 -7.50 18.57 3.17
N ASN E 76 -7.06 19.76 3.54
CA ASN E 76 -6.41 20.67 2.61
C ASN E 76 -5.16 19.98 2.03
N ARG E 77 -5.20 19.72 0.74
CA ARG E 77 -4.15 18.94 0.12
C ARG E 77 -4.15 19.10 -1.40
N ASP E 78 -3.03 18.75 -2.01
CA ASP E 78 -2.94 18.77 -3.46
C ASP E 78 -3.74 17.60 -4.00
N ILE E 79 -4.65 17.89 -4.93
CA ILE E 79 -5.48 16.85 -5.55
C ILE E 79 -5.36 16.98 -7.04
N ASN E 80 -4.82 15.96 -7.69
CA ASN E 80 -4.60 16.04 -9.12
C ASN E 80 -5.85 15.68 -9.93
N SER E 81 -5.79 15.93 -11.23
CA SER E 81 -6.94 15.73 -12.09
C SER E 81 -7.41 14.28 -12.17
N SER E 82 -6.48 13.32 -12.04
CA SER E 82 -6.82 11.91 -12.04
C SER E 82 -7.58 11.52 -10.76
N GLU E 83 -7.22 12.15 -9.66
CA GLU E 83 -7.90 11.91 -8.41
C GLU E 83 -9.33 12.46 -8.44
N TRP E 84 -9.49 13.63 -9.04
CA TRP E 84 -10.80 14.24 -9.20
C TRP E 84 -11.75 13.37 -10.01
N GLU E 85 -11.22 12.82 -11.10
CA GLU E 85 -11.97 11.89 -11.94
C GLU E 85 -12.67 10.82 -11.11
N LYS E 86 -11.95 10.30 -10.12
CA LYS E 86 -12.50 9.26 -9.27
C LYS E 86 -13.54 9.80 -8.30
N ALA E 87 -13.37 11.05 -7.87
CA ALA E 87 -14.33 11.65 -6.95
C ALA E 87 -15.60 12.04 -7.70
N ALA E 88 -15.45 12.53 -8.92
CA ALA E 88 -16.62 12.92 -9.71
C ALA E 88 -17.41 11.69 -10.16
N CYS E 89 -16.70 10.57 -10.36
CA CYS E 89 -17.34 9.29 -10.65
C CYS E 89 -18.26 8.89 -9.49
N LEU E 90 -17.75 8.94 -8.27
CA LEU E 90 -18.56 8.59 -7.12
C LEU E 90 -19.73 9.57 -6.97
N ALA E 91 -19.48 10.86 -7.24
CA ALA E 91 -20.52 11.87 -7.18
C ALA E 91 -21.65 11.56 -8.15
N TRP E 92 -21.31 11.20 -9.38
CA TRP E 92 -22.34 10.84 -10.35
C TRP E 92 -22.98 9.49 -10.06
N CYS E 93 -22.25 8.61 -9.39
CA CYS E 93 -22.81 7.35 -8.96
C CYS E 93 -23.95 7.55 -7.95
N ILE E 94 -23.83 8.53 -7.06
CA ILE E 94 -24.92 8.79 -6.13
C ILE E 94 -26.10 9.47 -6.85
N GLU E 95 -25.81 10.22 -7.90
CA GLU E 95 -26.87 10.83 -8.71
C GLU E 95 -27.58 9.79 -9.58
N ILE E 96 -26.85 8.76 -9.98
CA ILE E 96 -27.45 7.64 -10.70
C ILE E 96 -28.35 6.83 -9.75
N LEU E 97 -27.89 6.65 -8.51
CA LEU E 97 -28.67 5.96 -7.48
C LEU E 97 -29.97 6.71 -7.19
N GLN E 98 -29.87 8.03 -7.07
CA GLN E 98 -31.05 8.88 -6.89
C GLN E 98 -31.97 8.72 -8.11
N ALA E 99 -31.42 8.68 -9.31
CA ALA E 99 -32.21 8.44 -10.52
C ALA E 99 -32.97 7.11 -10.41
N ALA E 100 -32.27 6.06 -10.01
CA ALA E 100 -32.90 4.73 -9.86
C ALA E 100 -34.01 4.75 -8.82
N PHE E 101 -33.75 5.41 -7.68
CA PHE E 101 -34.74 5.46 -6.60
C PHE E 101 -35.99 6.20 -7.04
N LEU E 102 -35.81 7.29 -7.77
CA LEU E 102 -36.95 8.09 -8.17
C LEU E 102 -37.79 7.47 -9.26
N VAL E 103 -37.18 6.75 -10.19
CA VAL E 103 -37.95 5.99 -11.17
C VAL E 103 -38.77 4.91 -10.45
N ALA E 104 -38.16 4.25 -9.47
CA ALA E 104 -38.86 3.19 -8.72
C ALA E 104 -39.96 3.79 -7.85
N ASP E 105 -39.64 4.85 -7.14
CA ASP E 105 -40.63 5.49 -6.27
C ASP E 105 -41.85 5.97 -7.05
N ASP E 106 -41.64 6.52 -8.24
CA ASP E 106 -42.75 6.97 -9.07
C ASP E 106 -43.63 5.82 -9.55
N ILE E 107 -43.04 4.66 -9.75
CA ILE E 107 -43.81 3.46 -10.07
C ILE E 107 -44.66 3.06 -8.85
N MET E 108 -43.99 2.96 -7.70
CA MET E 108 -44.63 2.48 -6.49
C MET E 108 -45.68 3.45 -5.97
N ASP E 109 -45.37 4.75 -5.99
CA ASP E 109 -46.28 5.78 -5.45
C ASP E 109 -47.24 6.36 -6.49
N LYS E 110 -47.24 5.80 -7.70
CA LYS E 110 -48.06 6.30 -8.78
C LYS E 110 -47.80 7.77 -9.09
N GLY E 111 -46.53 8.12 -9.24
CA GLY E 111 -46.16 9.50 -9.57
C GLY E 111 -46.74 9.96 -10.89
N GLU E 112 -46.83 11.28 -11.07
CA GLU E 112 -47.29 11.83 -12.31
C GLU E 112 -46.21 12.73 -12.91
N MET E 113 -45.58 13.55 -12.06
CA MET E 113 -44.55 14.46 -12.52
C MET E 113 -43.33 14.34 -11.62
N ARG E 114 -42.17 14.43 -12.23
CA ARG E 114 -40.92 14.40 -11.49
C ARG E 114 -39.97 15.34 -12.18
N ARG E 115 -39.44 16.29 -11.42
CA ARG E 115 -38.57 17.32 -12.00
C ARG E 115 -39.25 18.02 -13.17
N ASN E 116 -40.55 18.27 -13.02
CA ASN E 116 -41.28 19.10 -13.98
C ASN E 116 -41.56 18.44 -15.32
N LYS E 117 -41.49 17.11 -15.35
CA LYS E 117 -41.84 16.37 -16.56
C LYS E 117 -42.41 15.00 -16.22
N TYR E 118 -43.07 14.39 -17.20
CA TYR E 118 -43.71 13.11 -17.01
C TYR E 118 -42.77 12.09 -16.38
N CYS E 119 -43.26 11.36 -15.39
CA CYS E 119 -42.49 10.24 -14.86
C CYS E 119 -42.16 9.26 -15.98
N TRP E 120 -40.92 8.77 -15.95
CA TRP E 120 -40.43 7.80 -16.91
C TRP E 120 -41.41 6.65 -17.17
N TYR E 121 -41.95 6.04 -16.12
CA TYR E 121 -42.81 4.87 -16.30
C TYR E 121 -44.12 5.15 -17.04
N LEU E 122 -44.54 6.42 -17.05
CA LEU E 122 -45.77 6.83 -17.75
C LEU E 122 -45.62 6.91 -19.27
N LEU E 123 -44.40 7.10 -19.76
CA LEU E 123 -44.19 7.20 -21.19
C LEU E 123 -44.64 5.92 -21.88
N LYS E 124 -45.45 6.07 -22.92
CA LYS E 124 -46.03 4.91 -23.61
C LYS E 124 -44.98 4.06 -24.31
N ASP E 125 -43.81 4.65 -24.62
CA ASP E 125 -42.68 3.91 -25.16
C ASP E 125 -41.93 3.13 -24.08
N VAL E 126 -42.25 3.41 -22.83
CA VAL E 126 -41.52 2.84 -21.69
C VAL E 126 -42.44 1.91 -20.93
N GLU E 127 -43.39 2.50 -20.20
CA GLU E 127 -44.35 1.72 -19.41
C GLU E 127 -43.67 1.07 -18.20
N THR E 128 -44.48 0.52 -17.31
CA THR E 128 -43.99 -0.05 -16.06
C THR E 128 -43.00 -1.18 -16.31
N LYS E 129 -43.25 -1.99 -17.33
CA LYS E 129 -42.39 -3.14 -17.58
C LYS E 129 -40.95 -2.72 -17.85
N ASN E 130 -40.76 -1.71 -18.71
CA ASN E 130 -39.42 -1.19 -18.95
C ASN E 130 -38.86 -0.48 -17.75
N ALA E 131 -39.71 0.28 -17.04
CA ALA E 131 -39.22 1.09 -15.94
C ALA E 131 -38.63 0.18 -14.86
N VAL E 132 -39.29 -0.93 -14.57
CA VAL E 132 -38.79 -1.88 -13.59
C VAL E 132 -37.41 -2.38 -14.01
N ASN E 133 -37.29 -2.76 -15.28
CA ASN E 133 -36.03 -3.24 -15.81
C ASN E 133 -34.98 -2.14 -15.77
N ASP E 134 -35.41 -0.91 -16.02
CA ASP E 134 -34.50 0.24 -16.03
C ASP E 134 -34.00 0.63 -14.65
N VAL E 135 -34.80 0.38 -13.62
CA VAL E 135 -34.35 0.62 -12.25
C VAL E 135 -33.12 -0.25 -11.98
N LEU E 136 -33.21 -1.52 -12.35
CA LEU E 136 -32.13 -2.47 -12.12
C LEU E 136 -30.89 -2.09 -12.94
N LEU E 137 -31.10 -1.58 -14.15
CA LEU E 137 -29.96 -1.19 -14.97
C LEU E 137 -29.22 -0.04 -14.36
N LEU E 138 -29.94 1.04 -14.06
CA LEU E 138 -29.35 2.22 -13.44
C LEU E 138 -28.58 1.79 -12.18
N TYR E 139 -29.22 0.96 -11.36
CA TYR E 139 -28.63 0.56 -10.10
C TYR E 139 -27.34 -0.20 -10.31
N ASN E 140 -27.36 -1.14 -11.24
CA ASN E 140 -26.17 -1.90 -11.57
C ASN E 140 -25.07 -1.10 -12.28
N SER E 141 -25.45 -0.04 -13.01
CA SER E 141 -24.46 0.80 -13.69
C SER E 141 -23.50 1.45 -12.69
N ILE E 142 -24.01 1.78 -11.51
CA ILE E 142 -23.22 2.42 -10.47
C ILE E 142 -21.97 1.57 -10.20
N TYR E 143 -22.18 0.28 -9.95
CA TYR E 143 -21.08 -0.60 -9.60
C TYR E 143 -20.10 -0.80 -10.73
N LYS E 144 -20.60 -0.86 -11.96
CA LYS E 144 -19.73 -0.97 -13.13
C LYS E 144 -18.84 0.25 -13.25
N LEU E 145 -19.41 1.43 -13.00
CA LEU E 145 -18.65 2.68 -13.03
C LEU E 145 -17.58 2.71 -11.95
N ILE E 146 -17.94 2.34 -10.74
CA ILE E 146 -17.00 2.28 -9.63
C ILE E 146 -15.87 1.28 -9.95
N GLU E 147 -16.17 0.23 -10.68
CA GLU E 147 -15.13 -0.69 -11.12
C GLU E 147 -14.25 -0.04 -12.18
N ILE E 148 -14.85 0.59 -13.17
CA ILE E 148 -14.08 1.25 -14.23
C ILE E 148 -13.09 2.26 -13.66
N TYR E 149 -13.50 3.02 -12.64
CA TYR E 149 -12.69 4.10 -12.11
C TYR E 149 -11.87 3.82 -10.84
N LEU E 150 -12.38 2.95 -9.97
CA LEU E 150 -11.77 2.76 -8.66
C LEU E 150 -11.23 1.38 -8.37
N ARG E 151 -11.39 0.45 -9.30
CA ARG E 151 -11.05 -0.94 -8.99
C ARG E 151 -9.63 -1.14 -8.41
N ASN E 152 -8.72 -0.21 -8.69
CA ASN E 152 -7.35 -0.33 -8.19
C ASN E 152 -7.07 0.44 -6.91
N GLU E 153 -8.06 1.19 -6.43
CA GLU E 153 -7.92 1.95 -5.20
C GLU E 153 -8.06 1.01 -4.01
N SER E 154 -7.35 1.29 -2.92
CA SER E 154 -7.48 0.45 -1.74
C SER E 154 -8.85 0.52 -1.08
N CYS E 155 -9.56 1.64 -1.28
CA CYS E 155 -10.88 1.80 -0.68
C CYS E 155 -12.01 1.20 -1.53
N TYR E 156 -11.66 0.60 -2.65
CA TYR E 156 -12.63 0.04 -3.58
C TYR E 156 -13.70 -0.83 -2.91
N VAL E 157 -13.28 -1.85 -2.20
CA VAL E 157 -14.23 -2.75 -1.56
C VAL E 157 -15.10 -2.04 -0.53
N ASP E 158 -14.50 -1.16 0.26
CA ASP E 158 -15.25 -0.40 1.26
C ASP E 158 -16.31 0.50 0.60
N VAL E 159 -15.96 1.06 -0.56
CA VAL E 159 -16.84 1.97 -1.26
C VAL E 159 -18.06 1.28 -1.84
N ILE E 160 -17.88 0.09 -2.42
CA ILE E 160 -19.05 -0.67 -2.87
C ILE E 160 -19.90 -1.21 -1.73
N ALA E 161 -19.25 -1.56 -0.61
CA ALA E 161 -19.98 -1.98 0.59
C ALA E 161 -20.87 -0.87 1.13
N THR E 162 -20.39 0.37 1.09
CA THR E 162 -21.14 1.52 1.60
C THR E 162 -22.36 1.79 0.71
N PHE E 163 -22.17 1.74 -0.61
CA PHE E 163 -23.30 1.83 -1.53
C PHE E 163 -24.33 0.73 -1.23
N ARG E 164 -23.85 -0.50 -1.08
CA ARG E 164 -24.72 -1.65 -0.83
C ARG E 164 -25.54 -1.49 0.44
N ASP E 165 -24.84 -1.18 1.54
CA ASP E 165 -25.47 -1.07 2.84
C ASP E 165 -26.46 0.09 2.93
N ALA E 166 -26.13 1.21 2.28
CA ALA E 166 -27.03 2.36 2.25
C ALA E 166 -28.29 2.00 1.49
N THR E 167 -28.13 1.27 0.39
CA THR E 167 -29.24 0.88 -0.44
C THR E 167 -30.17 -0.06 0.29
N LEU E 168 -29.59 -1.02 1.01
CA LEU E 168 -30.38 -1.92 1.86
C LEU E 168 -31.22 -1.19 2.92
N LYS E 169 -30.64 -0.20 3.59
CA LYS E 169 -31.41 0.61 4.52
C LYS E 169 -32.55 1.39 3.86
N THR E 170 -32.28 1.91 2.66
CA THR E 170 -33.27 2.66 1.89
C THR E 170 -34.44 1.77 1.45
N ILE E 171 -34.14 0.53 1.05
CA ILE E 171 -35.19 -0.41 0.68
C ILE E 171 -36.10 -0.76 1.86
N ILE E 172 -35.49 -0.96 3.03
CA ILE E 172 -36.25 -1.23 4.25
C ILE E 172 -37.10 -0.02 4.66
N GLY E 173 -36.52 1.18 4.50
CA GLY E 173 -37.24 2.41 4.78
C GLY E 173 -38.43 2.58 3.84
N GLN E 174 -38.22 2.28 2.57
CA GLN E 174 -39.29 2.34 1.58
C GLN E 174 -40.35 1.27 1.86
N HIS E 175 -39.90 0.08 2.25
CA HIS E 175 -40.85 -0.96 2.63
C HIS E 175 -41.79 -0.45 3.72
N LEU E 176 -41.22 0.18 4.75
CA LEU E 176 -42.02 0.65 5.89
C LEU E 176 -42.95 1.79 5.47
N ASP E 177 -42.41 2.73 4.70
CA ASP E 177 -43.17 3.88 4.20
C ASP E 177 -44.42 3.41 3.45
N THR E 178 -44.28 2.31 2.72
CA THR E 178 -45.33 1.77 1.87
C THR E 178 -46.32 0.89 2.67
N ASN E 179 -45.86 0.31 3.77
CA ASN E 179 -46.64 -0.73 4.47
C ASN E 179 -47.04 -0.43 5.91
N ILE E 180 -46.60 0.70 6.45
CA ILE E 180 -46.79 1.00 7.86
C ILE E 180 -48.26 0.96 8.28
N PHE E 181 -49.16 1.28 7.36
CA PHE E 181 -50.62 1.26 7.62
C PHE E 181 -51.32 0.03 7.06
N SER E 182 -50.59 -0.83 6.36
CA SER E 182 -51.20 -1.96 5.68
C SER E 182 -51.84 -2.99 6.64
N ASP E 183 -52.81 -3.71 6.10
CA ASP E 183 -53.50 -4.78 6.81
C ASP E 183 -52.54 -5.72 7.52
N LYS E 184 -51.45 -6.09 6.85
CA LYS E 184 -50.51 -7.07 7.42
C LYS E 184 -49.75 -6.57 8.64
N TYR E 185 -49.60 -5.25 8.76
CA TYR E 185 -48.95 -4.66 9.94
C TYR E 185 -49.99 -4.40 11.03
N SER E 186 -51.16 -3.91 10.63
CA SER E 186 -52.27 -3.66 11.58
C SER E 186 -52.77 -4.96 12.18
N ASP E 187 -53.12 -5.91 11.32
CA ASP E 187 -53.51 -7.25 11.74
C ASP E 187 -52.29 -8.15 11.83
N ALA E 188 -51.37 -7.83 12.74
CA ALA E 188 -50.10 -8.55 12.84
C ALA E 188 -50.25 -10.00 13.26
N HIS E 189 -51.42 -10.34 13.78
CA HIS E 189 -51.73 -11.69 14.24
C HIS E 189 -51.97 -12.64 13.05
N ARG E 190 -52.38 -12.09 11.92
CA ARG E 190 -52.74 -12.91 10.77
C ARG E 190 -51.60 -12.96 9.77
N GLU E 191 -51.32 -14.15 9.23
CA GLU E 191 -50.27 -14.32 8.23
C GLU E 191 -50.69 -13.73 6.89
N ILE E 192 -49.72 -13.33 6.09
CA ILE E 192 -49.98 -12.90 4.73
C ILE E 192 -50.69 -14.04 4.00
N ASP E 193 -51.84 -13.73 3.40
CA ASP E 193 -52.65 -14.72 2.70
C ASP E 193 -52.17 -14.93 1.26
N VAL E 194 -51.39 -15.99 1.05
CA VAL E 194 -50.82 -16.25 -0.27
C VAL E 194 -51.83 -16.85 -1.26
N ASN E 195 -53.10 -16.79 -0.93
CA ASN E 195 -54.14 -17.31 -1.83
C ASN E 195 -55.13 -16.22 -2.23
N ASN E 196 -54.89 -15.01 -1.75
CA ASN E 196 -55.75 -13.89 -2.05
C ASN E 196 -55.15 -12.97 -3.12
N ILE E 197 -55.76 -12.97 -4.31
CA ILE E 197 -55.35 -12.09 -5.40
C ILE E 197 -56.48 -11.18 -5.88
N ASN E 198 -57.60 -11.14 -5.16
CA ASN E 198 -58.71 -10.28 -5.56
C ASN E 198 -59.27 -9.38 -4.47
N PRO E 200 -58.43 -6.64 -2.26
CA PRO E 200 -57.68 -5.39 -2.19
C PRO E 200 -58.47 -4.27 -1.53
N GLU E 201 -58.92 -4.49 -0.30
CA GLU E 201 -59.75 -3.52 0.40
C GLU E 201 -58.97 -2.24 0.72
N PRO E 203 -57.80 0.43 2.44
CA PRO E 203 -56.63 1.02 3.05
C PRO E 203 -57.00 2.16 4.01
N VAL E 204 -56.62 2.02 5.26
CA VAL E 204 -56.95 3.00 6.28
C VAL E 204 -55.74 3.22 7.18
N ILE E 205 -55.70 4.35 7.86
CA ILE E 205 -54.62 4.61 8.80
C ILE E 205 -54.78 3.73 10.03
N ASP E 206 -53.67 3.43 10.68
CA ASP E 206 -53.64 2.69 11.93
C ASP E 206 -53.14 3.65 13.01
N ILE E 207 -54.06 4.20 13.78
CA ILE E 207 -53.74 5.23 14.78
C ILE E 207 -52.58 4.85 15.69
N ASN E 208 -52.35 3.55 15.88
CA ASN E 208 -51.23 3.07 16.69
C ASN E 208 -49.85 3.45 16.13
N MET E 209 -49.78 3.59 14.81
CA MET E 209 -48.52 3.88 14.12
C MET E 209 -48.28 5.37 13.96
N ILE E 210 -49.27 6.17 14.34
CA ILE E 210 -49.19 7.61 14.15
C ILE E 210 -48.43 8.29 15.27
N ASN E 211 -47.12 8.10 15.29
CA ASN E 211 -46.27 8.78 16.25
C ASN E 211 -44.88 9.06 15.69
N PHE E 212 -44.21 10.03 16.31
CA PHE E 212 -42.92 10.49 15.83
C PHE E 212 -41.86 9.38 15.89
N GLY E 213 -42.00 8.46 16.83
CA GLY E 213 -41.04 7.36 16.99
C GLY E 213 -40.98 6.50 15.75
N VAL E 214 -42.15 6.12 15.25
CA VAL E 214 -42.27 5.32 14.04
C VAL E 214 -41.82 6.13 12.83
N TYR E 215 -42.24 7.39 12.77
CA TYR E 215 -41.85 8.24 11.67
C TYR E 215 -40.32 8.33 11.53
N LYS E 216 -39.61 8.61 12.62
CA LYS E 216 -38.16 8.68 12.55
C LYS E 216 -37.52 7.37 12.08
N ASN E 217 -37.99 6.23 12.63
CA ASN E 217 -37.56 4.92 12.12
C ASN E 217 -37.63 4.88 10.59
N ILE E 218 -38.80 5.24 10.05
CA ILE E 218 -39.06 5.13 8.63
C ILE E 218 -38.18 6.09 7.84
N VAL E 219 -38.20 7.34 8.28
CA VAL E 219 -37.58 8.43 7.56
C VAL E 219 -36.05 8.40 7.57
N ILE E 220 -35.48 7.85 8.64
CA ILE E 220 -34.03 7.74 8.74
C ILE E 220 -33.49 6.65 7.80
N HIS E 221 -34.27 5.58 7.67
CA HIS E 221 -33.93 4.52 6.74
C HIS E 221 -34.21 4.85 5.28
N LYS E 222 -35.31 5.52 5.03
CA LYS E 222 -35.71 5.85 3.67
C LYS E 222 -34.86 6.96 3.04
N THR E 223 -34.33 7.85 3.88
CA THR E 223 -33.67 9.04 3.35
C THR E 223 -32.24 9.29 3.87
N ALA E 224 -32.06 9.23 5.19
CA ALA E 224 -30.81 9.68 5.78
C ALA E 224 -29.56 8.95 5.29
N TYR E 225 -29.65 7.63 5.14
CA TYR E 225 -28.47 6.87 4.81
C TYR E 225 -27.91 7.15 3.42
N TYR E 226 -28.77 7.28 2.42
CA TYR E 226 -28.28 7.43 1.07
C TYR E 226 -28.09 8.89 0.67
N SER E 227 -28.80 9.79 1.34
CA SER E 227 -28.77 11.19 0.99
C SER E 227 -27.65 11.97 1.70
N PHE E 228 -27.25 11.48 2.86
CA PHE E 228 -26.23 12.17 3.65
C PHE E 228 -25.08 11.26 4.08
N PHE E 229 -25.39 10.16 4.74
CA PHE E 229 -24.33 9.32 5.24
C PHE E 229 -23.45 8.80 4.08
N LEU E 230 -24.09 8.28 3.05
CA LEU E 230 -23.38 7.67 1.93
C LEU E 230 -22.41 8.62 1.24
N PRO E 231 -22.91 9.78 0.77
CA PRO E 231 -22.08 10.77 0.09
C PRO E 231 -20.88 11.22 0.92
N ILE E 232 -21.10 11.45 2.20
CA ILE E 232 -20.03 11.90 3.08
C ILE E 232 -18.97 10.81 3.25
N VAL E 233 -19.44 9.60 3.54
CA VAL E 233 -18.55 8.46 3.70
C VAL E 233 -17.78 8.16 2.42
N CYS E 234 -18.41 8.34 1.27
CA CYS E 234 -17.70 8.16 0.00
C CYS E 234 -16.53 9.10 -0.11
N GLY E 235 -16.79 10.38 0.13
CA GLY E 235 -15.77 11.42 0.08
C GLY E 235 -14.63 11.16 1.04
N MET E 236 -14.94 10.69 2.24
CA MET E 236 -13.90 10.43 3.25
C MET E 236 -13.12 9.15 2.95
N LEU E 237 -13.82 8.09 2.53
CA LEU E 237 -13.16 6.86 2.13
C LEU E 237 -12.15 7.13 1.03
N LEU E 238 -12.59 7.82 -0.02
CA LEU E 238 -11.74 8.13 -1.16
C LEU E 238 -10.54 9.01 -0.75
N ALA E 239 -10.76 9.92 0.21
CA ALA E 239 -9.71 10.83 0.66
C ALA E 239 -8.64 10.11 1.49
N GLY E 240 -8.97 8.93 1.99
CA GLY E 240 -8.02 8.15 2.76
C GLY E 240 -8.17 8.41 4.25
N ILE E 241 -9.16 7.75 4.83
CA ILE E 241 -9.46 7.88 6.26
C ILE E 241 -10.36 6.71 6.67
N ASP E 244 -12.77 2.08 10.61
CA ASP E 244 -12.30 2.06 11.99
C ASP E 244 -12.48 3.42 12.67
N ASN E 245 -11.98 4.47 12.02
CA ASN E 245 -12.04 5.82 12.58
C ASN E 245 -13.37 6.14 13.26
N LEU E 246 -13.31 6.53 14.52
CA LEU E 246 -14.51 6.71 15.34
C LEU E 246 -15.39 7.88 14.90
N ILE E 247 -14.88 8.72 14.01
CA ILE E 247 -15.60 9.90 13.56
C ILE E 247 -16.81 9.54 12.71
N TYR E 248 -16.75 8.39 12.04
CA TYR E 248 -17.86 7.95 11.20
C TYR E 248 -19.16 7.89 11.97
N LYS E 249 -19.11 7.39 13.20
CA LYS E 249 -20.31 7.27 14.03
C LYS E 249 -20.92 8.64 14.30
N LYS E 250 -20.08 9.66 14.44
CA LYS E 250 -20.56 11.00 14.71
C LYS E 250 -21.20 11.65 13.48
N ILE E 251 -20.68 11.29 12.31
CA ILE E 251 -21.23 11.77 11.04
C ILE E 251 -22.52 11.02 10.72
N GLU E 252 -22.64 9.81 11.22
CA GLU E 252 -23.85 9.02 11.08
C GLU E 252 -25.00 9.64 11.87
N ASP E 253 -24.71 10.05 13.11
CA ASP E 253 -25.71 10.75 13.93
C ASP E 253 -26.15 12.07 13.27
N ILE E 254 -25.21 12.85 12.75
CA ILE E 254 -25.56 14.08 12.04
C ILE E 254 -26.44 13.80 10.82
N SER E 255 -26.09 12.75 10.08
CA SER E 255 -26.86 12.34 8.91
C SER E 255 -28.31 12.02 9.24
N MET E 256 -28.51 11.24 10.31
CA MET E 256 -29.86 10.90 10.75
C MET E 256 -30.69 12.17 10.99
N LEU E 257 -30.11 13.13 11.70
CA LEU E 257 -30.78 14.41 11.92
C LEU E 257 -31.03 15.19 10.64
N MET E 258 -30.07 15.15 9.72
CA MET E 258 -30.23 15.82 8.42
C MET E 258 -31.30 15.13 7.58
N GLY E 259 -31.35 13.80 7.66
CA GLY E 259 -32.35 13.03 6.92
C GLY E 259 -33.77 13.30 7.40
N GLU E 260 -33.93 13.39 8.71
CA GLU E 260 -35.23 13.71 9.29
C GLU E 260 -35.65 15.12 8.87
N TYR E 261 -34.71 16.06 8.92
CA TYR E 261 -34.97 17.46 8.58
C TYR E 261 -35.33 17.62 7.11
N PHE E 262 -34.70 16.82 6.26
CA PHE E 262 -34.93 16.86 4.83
C PHE E 262 -36.29 16.25 4.45
N GLN E 263 -36.63 15.13 5.07
CA GLN E 263 -37.88 14.42 4.77
C GLN E 263 -39.12 15.16 5.26
N ILE E 264 -39.03 15.76 6.43
CA ILE E 264 -40.14 16.55 6.94
C ILE E 264 -40.42 17.74 6.05
N HIS E 265 -39.37 18.37 5.54
CA HIS E 265 -39.53 19.46 4.59
C HIS E 265 -40.15 18.95 3.29
N ASP E 266 -39.77 17.73 2.91
CA ASP E 266 -40.36 17.08 1.73
C ASP E 266 -41.85 16.80 1.96
N ASP E 267 -42.21 16.31 3.14
CA ASP E 267 -43.63 16.10 3.48
C ASP E 267 -44.39 17.44 3.40
N TYR E 268 -43.73 18.50 3.85
CA TYR E 268 -44.30 19.85 3.80
C TYR E 268 -44.62 20.26 2.36
N LEU E 269 -43.69 20.00 1.45
CA LEU E 269 -43.83 20.39 0.05
C LEU E 269 -44.92 19.62 -0.67
N ASP E 270 -45.03 18.33 -0.34
CA ASP E 270 -46.00 17.45 -0.95
C ASP E 270 -47.40 18.05 -0.88
N ILE E 271 -47.74 18.68 0.23
CA ILE E 271 -49.07 19.22 0.42
C ILE E 271 -49.19 20.76 0.37
N PHE E 272 -48.19 21.47 0.87
CA PHE E 272 -48.20 22.93 0.83
C PHE E 272 -47.33 23.50 -0.30
N GLY E 273 -46.61 22.64 -1.01
CA GLY E 273 -45.70 23.09 -2.04
C GLY E 273 -46.38 23.41 -3.36
N ASP E 274 -45.71 24.21 -4.17
CA ASP E 274 -46.20 24.57 -5.49
C ASP E 274 -45.62 23.61 -6.54
N SER E 275 -46.48 22.76 -7.12
CA SER E 275 -46.02 21.72 -8.02
C SER E 275 -45.12 22.21 -9.16
N THR E 276 -45.35 23.43 -9.63
CA THR E 276 -44.51 24.03 -10.65
C THR E 276 -43.12 24.35 -10.11
N LYS E 277 -43.02 24.56 -8.80
CA LYS E 277 -41.74 24.81 -8.17
C LYS E 277 -41.02 23.52 -7.75
N THR E 278 -41.76 22.58 -7.21
CA THR E 278 -41.20 21.33 -6.72
C THR E 278 -40.97 20.35 -7.87
N GLY E 279 -41.75 20.51 -8.93
CA GLY E 279 -41.64 19.62 -10.07
C GLY E 279 -42.41 18.32 -9.95
N LYS E 280 -43.16 18.15 -8.86
CA LYS E 280 -43.95 16.94 -8.66
C LYS E 280 -45.32 17.22 -8.05
N VAL E 281 -46.27 16.32 -8.29
CA VAL E 281 -47.61 16.46 -7.74
C VAL E 281 -47.72 15.66 -6.44
N SER E 283 -49.19 13.42 -3.41
CA SER E 283 -50.05 12.24 -3.35
C SER E 283 -49.97 11.48 -2.03
N ASP E 284 -49.23 12.03 -1.06
CA ASP E 284 -49.04 11.36 0.24
C ASP E 284 -50.36 11.01 0.90
N ILE E 285 -51.30 11.95 0.89
CA ILE E 285 -52.60 11.71 1.52
C ILE E 285 -53.33 10.55 0.85
N GLN E 286 -53.53 10.64 -0.47
CA GLN E 286 -54.23 9.59 -1.18
C GLN E 286 -53.45 8.28 -1.27
N ASN E 287 -52.17 8.35 -0.94
CA ASN E 287 -51.35 7.14 -0.92
C ASN E 287 -51.28 6.52 0.47
N ASN E 288 -51.95 7.17 1.43
CA ASN E 288 -52.03 6.61 2.77
C ASN E 288 -50.67 6.56 3.46
N LYS E 289 -49.89 7.61 3.30
CA LYS E 289 -48.55 7.70 3.89
C LYS E 289 -48.57 8.29 5.30
N LEU E 290 -47.66 7.81 6.14
CA LEU E 290 -47.40 8.43 7.43
C LEU E 290 -46.53 9.66 7.21
N THR E 291 -47.10 10.84 7.38
CA THR E 291 -46.39 12.07 7.13
C THR E 291 -46.30 12.92 8.40
N TRP E 292 -45.36 13.86 8.41
CA TRP E 292 -45.23 14.79 9.50
C TRP E 292 -46.50 15.63 9.66
N PRO E 293 -47.06 16.13 8.55
CA PRO E 293 -48.28 16.89 8.70
C PRO E 293 -49.40 16.08 9.37
N LEU E 294 -49.48 14.80 9.05
CA LEU E 294 -50.48 13.93 9.67
C LEU E 294 -50.27 13.73 11.17
N ILE E 295 -49.02 13.45 11.54
CA ILE E 295 -48.68 13.24 12.93
C ILE E 295 -48.92 14.51 13.75
N LYS E 296 -48.58 15.65 13.18
CA LYS E 296 -48.74 16.91 13.88
C LYS E 296 -50.22 17.25 14.11
N THR E 297 -51.05 17.00 13.11
CA THR E 297 -52.48 17.24 13.23
C THR E 297 -53.08 16.28 14.23
N PHE E 298 -52.66 15.02 14.16
CA PHE E 298 -53.22 14.01 15.00
C PHE E 298 -53.02 14.28 16.48
N GLU E 299 -51.86 14.84 16.84
CA GLU E 299 -51.58 15.11 18.25
C GLU E 299 -52.13 16.45 18.76
N LEU E 300 -52.64 17.27 17.85
CA LEU E 300 -53.20 18.58 18.21
C LEU E 300 -54.73 18.69 18.05
N CYS E 301 -55.32 17.83 17.24
CA CYS E 301 -56.73 17.99 16.88
C CYS E 301 -57.70 17.35 17.86
N SER E 302 -59.00 17.66 17.71
CA SER E 302 -60.04 17.16 18.61
C SER E 302 -60.42 15.72 18.28
N GLU E 303 -61.20 15.10 19.15
CA GLU E 303 -61.67 13.74 18.93
C GLU E 303 -62.51 13.57 17.66
N PRO E 304 -63.45 14.50 17.42
CA PRO E 304 -64.23 14.40 16.19
C PRO E 304 -63.36 14.53 14.94
N ASP E 305 -62.30 15.33 15.02
CA ASP E 305 -61.41 15.50 13.89
C ASP E 305 -60.50 14.29 13.64
N LYS E 306 -60.25 13.50 14.68
CA LYS E 306 -59.50 12.25 14.51
C LYS E 306 -60.33 11.23 13.74
N ILE E 307 -61.62 11.20 14.04
CA ILE E 307 -62.52 10.30 13.36
C ILE E 307 -62.71 10.72 11.91
N LYS E 308 -62.68 12.02 11.66
CA LYS E 308 -62.74 12.55 10.31
C LYS E 308 -61.47 12.18 9.53
N ILE E 309 -60.31 12.28 10.18
CA ILE E 309 -59.06 11.88 9.54
C ILE E 309 -59.14 10.40 9.15
N VAL E 310 -59.52 9.57 10.11
CA VAL E 310 -59.65 8.14 9.86
C VAL E 310 -60.54 7.83 8.67
N LYS E 311 -61.65 8.55 8.52
CA LYS E 311 -62.62 8.25 7.47
C LYS E 311 -62.17 8.72 6.09
N ASN E 312 -61.34 9.76 6.04
CA ASN E 312 -61.02 10.41 4.78
C ASN E 312 -59.61 10.17 4.24
N TYR E 313 -58.70 9.74 5.11
CA TYR E 313 -57.29 9.62 4.76
C TYR E 313 -57.02 8.34 3.97
N GLY E 314 -56.21 8.44 2.93
CA GLY E 314 -55.82 7.27 2.14
C GLY E 314 -56.81 6.91 1.05
N LYS E 315 -57.59 7.89 0.62
CA LYS E 315 -58.57 7.69 -0.45
C LYS E 315 -58.24 8.57 -1.65
N ASN E 316 -58.52 8.06 -2.86
CA ASN E 316 -58.24 8.80 -4.08
C ASN E 316 -59.22 9.93 -4.35
N ASN E 317 -60.42 9.81 -3.77
CA ASN E 317 -61.45 10.83 -3.99
C ASN E 317 -60.91 12.19 -3.59
N LEU E 318 -60.99 13.14 -4.53
CA LEU E 318 -60.49 14.48 -4.28
C LEU E 318 -61.21 15.13 -3.10
N ALA E 319 -62.48 14.84 -2.93
CA ALA E 319 -63.26 15.40 -1.83
C ALA E 319 -62.72 14.90 -0.49
N CYS E 320 -62.25 13.66 -0.46
CA CYS E 320 -61.65 13.10 0.74
C CYS E 320 -60.32 13.79 1.05
N VAL E 321 -59.51 14.00 0.02
CA VAL E 321 -58.24 14.71 0.20
C VAL E 321 -58.48 16.14 0.67
N LYS E 322 -59.47 16.81 0.08
CA LYS E 322 -59.83 18.16 0.50
C LYS E 322 -60.13 18.23 2.00
N VAL E 323 -60.83 17.22 2.52
CA VAL E 323 -61.12 17.20 3.94
C VAL E 323 -59.83 17.24 4.75
N ILE E 324 -58.86 16.41 4.36
CA ILE E 324 -57.59 16.37 5.06
C ILE E 324 -56.85 17.69 4.92
N ASP E 325 -56.79 18.20 3.70
CA ASP E 325 -56.12 19.45 3.40
C ASP E 325 -56.73 20.62 4.20
N SER E 326 -58.05 20.65 4.29
CA SER E 326 -58.74 21.69 5.04
C SER E 326 -58.39 21.64 6.52
N LEU E 327 -58.19 20.43 7.04
CA LEU E 327 -57.78 20.27 8.43
C LEU E 327 -56.38 20.83 8.68
N TYR E 328 -55.49 20.58 7.73
CA TYR E 328 -54.13 21.10 7.83
C TYR E 328 -54.18 22.64 7.81
N GLU E 329 -55.08 23.19 7.01
CA GLU E 329 -55.30 24.64 7.00
C GLU E 329 -55.91 25.10 8.33
N GLN E 330 -56.94 24.38 8.77
CA GLN E 330 -57.62 24.66 10.02
C GLN E 330 -56.67 24.67 11.23
N TYR E 331 -55.77 23.69 11.29
CA TYR E 331 -54.83 23.57 12.40
C TYR E 331 -53.50 24.26 12.12
N LYS E 332 -53.45 25.08 11.07
CA LYS E 332 -52.26 25.87 10.77
C LYS E 332 -50.99 25.01 10.79
N ILE E 333 -50.98 23.93 10.03
CA ILE E 333 -49.84 23.03 9.99
C ILE E 333 -48.60 23.68 9.37
N ARG E 334 -48.81 24.44 8.29
CA ARG E 334 -47.72 25.22 7.68
C ARG E 334 -46.89 25.90 8.76
N LYS E 335 -47.54 26.73 9.55
CA LYS E 335 -46.87 27.48 10.60
C LYS E 335 -46.16 26.59 11.60
N HIS E 336 -46.75 25.44 11.95
CA HIS E 336 -46.06 24.51 12.85
C HIS E 336 -44.74 24.06 12.21
N TYR E 337 -44.73 23.89 10.89
CA TYR E 337 -43.51 23.50 10.19
C TYR E 337 -42.39 24.53 10.35
N GLU E 338 -42.71 25.81 10.17
CA GLU E 338 -41.70 26.86 10.30
C GLU E 338 -41.00 26.74 11.65
N SER E 339 -41.77 26.37 12.67
CA SER E 339 -41.25 26.22 14.02
C SER E 339 -40.33 25.01 14.14
N TYR E 340 -40.75 23.88 13.58
CA TYR E 340 -39.91 22.69 13.57
C TYR E 340 -38.59 23.00 12.85
N GLU E 341 -38.70 23.72 11.74
CA GLU E 341 -37.53 24.00 10.91
C GLU E 341 -36.46 24.74 11.68
N LYS E 342 -36.88 25.70 12.50
CA LYS E 342 -35.95 26.49 13.29
C LYS E 342 -35.29 25.67 14.39
N ALA E 343 -36.08 24.87 15.10
CA ALA E 343 -35.53 24.03 16.16
C ALA E 343 -34.58 22.95 15.66
N GLN E 344 -34.93 22.33 14.53
CA GLN E 344 -34.13 21.23 14.01
C GLN E 344 -32.83 21.74 13.38
N LYS E 345 -32.91 22.81 12.62
CA LYS E 345 -31.70 23.40 12.04
C LYS E 345 -30.69 23.71 13.14
N ALA E 346 -31.20 24.15 14.30
CA ALA E 346 -30.34 24.48 15.43
C ALA E 346 -29.76 23.23 16.10
N LYS E 347 -30.59 22.20 16.22
CA LYS E 347 -30.09 20.94 16.76
C LYS E 347 -29.01 20.37 15.84
N ILE E 348 -29.19 20.52 14.53
CA ILE E 348 -28.20 20.03 13.57
C ILE E 348 -26.90 20.84 13.62
N LEU E 349 -27.03 22.16 13.63
CA LEU E 349 -25.85 23.01 13.77
C LEU E 349 -25.11 22.71 15.07
N SER E 350 -25.86 22.38 16.11
CA SER E 350 -25.27 22.06 17.40
C SER E 350 -24.45 20.77 17.37
N ALA E 351 -24.92 19.80 16.59
CA ALA E 351 -24.20 18.52 16.47
C ALA E 351 -22.97 18.66 15.56
N ILE E 352 -23.12 19.51 14.54
CA ILE E 352 -22.03 19.77 13.61
C ILE E 352 -20.83 20.41 14.29
N ASN E 353 -21.09 21.46 15.08
CA ASN E 353 -20.05 22.17 15.83
C ASN E 353 -19.32 21.30 16.85
N GLU E 354 -19.90 20.18 17.20
CA GLU E 354 -19.29 19.24 18.15
C GLU E 354 -18.54 18.11 17.45
N LEU E 355 -18.33 18.25 16.14
CA LEU E 355 -17.66 17.22 15.35
C LEU E 355 -16.14 17.35 15.46
N HIS E 356 -15.67 18.58 15.71
CA HIS E 356 -14.24 18.85 15.84
C HIS E 356 -13.49 18.41 14.59
N HIS E 357 -13.93 18.94 13.46
CA HIS E 357 -13.25 18.76 12.19
C HIS E 357 -13.63 19.93 11.30
N GLU E 358 -12.84 21.00 11.39
CA GLU E 358 -13.17 22.25 10.72
C GLU E 358 -13.63 22.06 9.27
N GLY E 359 -12.88 21.24 8.53
CA GLY E 359 -13.16 21.02 7.11
C GLY E 359 -14.53 20.42 6.87
N ILE E 360 -14.83 19.31 7.55
CA ILE E 360 -16.13 18.69 7.38
C ILE E 360 -17.29 19.55 7.91
N GLU E 361 -17.08 20.22 9.04
CA GLU E 361 -18.09 21.12 9.61
C GLU E 361 -18.45 22.21 8.61
N TYR E 362 -17.43 22.72 7.93
CA TYR E 362 -17.60 23.77 6.95
C TYR E 362 -18.49 23.33 5.79
N VAL E 363 -18.32 22.09 5.36
CA VAL E 363 -19.13 21.56 4.24
C VAL E 363 -20.57 21.33 4.68
N LEU E 364 -20.76 20.76 5.86
CA LEU E 364 -22.09 20.47 6.37
C LEU E 364 -22.90 21.74 6.65
N LYS E 365 -22.25 22.77 7.19
CA LYS E 365 -22.94 24.03 7.45
C LYS E 365 -23.39 24.64 6.15
N TYR E 366 -22.52 24.58 5.13
CA TYR E 366 -22.87 25.10 3.83
C TYR E 366 -23.98 24.24 3.23
N LEU E 367 -23.90 22.93 3.48
CA LEU E 367 -24.93 22.00 3.04
C LEU E 367 -26.27 22.41 3.64
N LEU E 368 -26.27 22.66 4.94
CA LEU E 368 -27.49 22.97 5.65
C LEU E 368 -28.14 24.22 5.05
N GLU E 369 -27.32 25.16 4.64
CA GLU E 369 -27.81 26.42 4.11
C GLU E 369 -28.46 26.30 2.74
N ILE E 370 -27.99 25.35 1.94
CA ILE E 370 -28.43 25.24 0.56
C ILE E 370 -29.31 24.02 0.27
N LEU E 371 -29.67 23.27 1.31
CA LEU E 371 -30.45 22.04 1.16
C LEU E 371 -31.66 22.13 0.23
N PHE E 372 -32.49 23.14 0.44
CA PHE E 372 -33.80 23.19 -0.20
C PHE E 372 -33.84 23.86 -1.55
N THR E 373 -32.77 24.55 -1.90
CA THR E 373 -32.71 25.23 -3.19
C THR E 373 -31.60 24.67 -4.06
N GLY E 374 -30.63 24.03 -3.41
CA GLY E 374 -29.47 23.49 -4.08
C GLY E 374 -28.45 24.55 -4.47
N VAL E 375 -27.28 24.10 -4.91
CA VAL E 375 -26.21 24.98 -5.40
C VAL E 375 -25.23 25.38 -4.31
N ALA F 14 -2.78 -26.04 15.42
CA ALA F 14 -1.99 -24.80 15.72
C ALA F 14 -2.86 -23.54 15.65
N PHE F 15 -4.17 -23.71 15.69
CA PHE F 15 -5.08 -22.57 15.83
C PHE F 15 -5.09 -22.12 17.28
N PHE F 16 -4.94 -23.10 18.18
CA PHE F 16 -4.84 -22.82 19.61
C PHE F 16 -3.60 -21.98 19.88
N ARG F 17 -2.47 -22.41 19.31
CA ARG F 17 -1.23 -21.69 19.51
C ARG F 17 -1.26 -20.30 18.87
N ASN F 18 -2.03 -20.15 17.80
CA ASN F 18 -2.20 -18.85 17.15
C ASN F 18 -2.96 -17.86 18.02
N MET F 19 -3.73 -18.38 18.97
CA MET F 19 -4.57 -17.55 19.82
C MET F 19 -3.81 -16.92 20.99
N TYR F 20 -2.67 -17.52 21.32
CA TYR F 20 -1.87 -17.07 22.46
C TYR F 20 -1.71 -15.57 22.57
N ASP F 21 -1.16 -14.94 21.52
CA ASP F 21 -0.93 -13.50 21.55
C ASP F 21 -2.14 -12.71 21.98
N LYS F 22 -3.31 -13.16 21.56
CA LYS F 22 -4.53 -12.40 21.82
C LYS F 22 -4.78 -12.28 23.32
N TYR F 23 -4.80 -13.43 24.00
CA TYR F 23 -5.04 -13.46 25.45
C TYR F 23 -3.91 -12.82 26.27
N ARG F 24 -2.66 -13.08 25.87
CA ARG F 24 -1.53 -12.43 26.52
C ARG F 24 -1.69 -10.92 26.47
N ASP F 25 -1.98 -10.41 25.29
CA ASP F 25 -2.05 -8.96 25.08
C ASP F 25 -3.31 -8.37 25.69
N ALA F 26 -4.37 -9.17 25.77
CA ALA F 26 -5.57 -8.75 26.47
C ALA F 26 -5.25 -8.51 27.95
N PHE F 27 -4.43 -9.38 28.53
CA PHE F 27 -4.02 -9.18 29.93
C PHE F 27 -3.08 -7.99 30.12
N LEU F 28 -2.02 -7.95 29.32
CA LEU F 28 -1.06 -6.84 29.38
C LEU F 28 -1.77 -5.52 29.13
N SER F 29 -2.78 -5.55 28.28
CA SER F 29 -3.52 -4.36 27.96
C SER F 29 -4.21 -3.86 29.22
N HIS F 30 -4.74 -4.79 30.01
CA HIS F 30 -5.33 -4.44 31.29
C HIS F 30 -4.34 -3.75 32.24
N LEU F 31 -3.13 -4.28 32.34
CA LEU F 31 -2.11 -3.66 33.21
C LEU F 31 -1.74 -2.28 32.72
N ASN F 32 -1.71 -2.13 31.40
CA ASN F 32 -1.36 -0.88 30.75
C ASN F 32 -2.35 0.25 31.04
N GLU F 33 -3.50 -0.08 31.60
CA GLU F 33 -4.50 0.93 31.94
C GLU F 33 -4.29 1.49 33.34
N TYR F 34 -3.32 0.94 34.08
CA TYR F 34 -3.05 1.42 35.44
C TYR F 34 -2.50 2.84 35.42
N SER F 35 -2.78 3.61 36.48
CA SER F 35 -2.25 4.96 36.61
C SER F 35 -0.77 4.91 36.97
N LEU F 36 0.07 4.80 35.96
CA LEU F 36 1.50 4.74 36.16
C LEU F 36 2.18 5.70 35.19
N GLU F 37 3.34 6.21 35.57
CA GLU F 37 4.13 7.04 34.65
C GLU F 37 4.43 6.24 33.40
N GLU F 38 4.41 6.92 32.26
CA GLU F 38 4.51 6.25 30.97
C GLU F 38 5.75 5.37 30.83
N GLU F 39 6.88 5.83 31.34
CA GLU F 39 8.11 5.06 31.25
C GLU F 39 8.03 3.78 32.06
N ILE F 40 7.45 3.88 33.26
CA ILE F 40 7.22 2.72 34.11
C ILE F 40 6.37 1.70 33.35
N LYS F 41 5.27 2.17 32.77
CA LYS F 41 4.39 1.29 32.01
C LYS F 41 5.16 0.50 30.95
N GLU F 42 5.99 1.20 30.19
CA GLU F 42 6.77 0.57 29.14
C GLU F 42 7.62 -0.56 29.68
N HIS F 43 8.26 -0.33 30.83
CA HIS F 43 9.13 -1.33 31.45
C HIS F 43 8.35 -2.51 32.02
N ILE F 44 7.16 -2.23 32.55
CA ILE F 44 6.28 -3.28 33.06
C ILE F 44 5.81 -4.22 31.95
N SER F 45 5.41 -3.64 30.83
CA SER F 45 4.91 -4.44 29.72
C SER F 45 6.00 -5.36 29.15
N LYS F 46 7.24 -4.89 29.15
CA LYS F 46 8.37 -5.71 28.68
C LYS F 46 8.61 -6.89 29.62
N TYR F 47 8.78 -6.60 30.90
CA TYR F 47 9.00 -7.64 31.89
C TYR F 47 7.92 -8.72 31.85
N TYR F 48 6.66 -8.31 31.84
CA TYR F 48 5.55 -9.27 31.90
C TYR F 48 5.29 -9.98 30.58
N LYS F 49 5.58 -9.33 29.48
CA LYS F 49 5.58 -10.01 28.19
C LYS F 49 6.53 -11.22 28.24
N LEU F 50 7.72 -11.02 28.79
CA LEU F 50 8.69 -12.11 28.92
C LEU F 50 8.24 -13.17 29.91
N LEU F 51 7.64 -12.75 31.02
CA LEU F 51 7.10 -13.68 32.01
C LEU F 51 6.15 -14.67 31.35
N PHE F 52 5.18 -14.15 30.59
CA PHE F 52 4.21 -15.03 29.93
C PHE F 52 4.88 -15.90 28.86
N ASP F 53 5.59 -15.27 27.93
CA ASP F 53 6.28 -15.98 26.85
C ASP F 53 7.22 -17.06 27.38
N TYR F 54 8.09 -16.67 28.30
CA TYR F 54 9.12 -17.57 28.79
C TYR F 54 8.51 -18.79 29.47
N ASN F 55 7.37 -18.59 30.15
CA ASN F 55 6.84 -19.65 31.00
C ASN F 55 5.60 -20.35 30.50
N CYS F 56 4.86 -19.71 29.59
CA CYS F 56 3.64 -20.30 29.04
C CYS F 56 3.86 -21.10 27.76
N LEU F 57 4.99 -20.86 27.11
CA LEU F 57 5.25 -21.46 25.79
C LEU F 57 6.34 -22.54 25.86
N GLY F 58 6.28 -23.51 24.96
CA GLY F 58 7.29 -24.56 24.89
C GLY F 58 6.83 -25.91 25.41
N GLY F 59 5.67 -25.94 26.06
CA GLY F 59 5.13 -27.18 26.61
C GLY F 59 4.25 -27.93 25.62
N LYS F 60 3.89 -29.17 25.99
CA LYS F 60 3.09 -30.02 25.12
C LYS F 60 1.66 -29.49 24.91
N ASN F 61 1.23 -28.57 25.76
CA ASN F 61 -0.11 -27.99 25.69
C ASN F 61 -1.23 -29.04 25.71
N ASN F 62 -1.00 -30.17 26.36
CA ASN F 62 -2.01 -31.23 26.47
C ASN F 62 -3.27 -30.75 27.17
N ARG F 63 -3.08 -30.00 28.24
CA ARG F 63 -4.21 -29.58 29.07
C ARG F 63 -5.13 -28.60 28.35
N GLY F 64 -4.56 -27.63 27.66
CA GLY F 64 -5.37 -26.70 26.86
C GLY F 64 -6.06 -27.41 25.72
N ILE F 65 -5.30 -28.23 25.00
CA ILE F 65 -5.84 -29.00 23.89
C ILE F 65 -7.04 -29.83 24.33
N LEU F 66 -6.98 -30.35 25.55
CA LEU F 66 -8.07 -31.15 26.09
C LEU F 66 -9.33 -30.30 26.26
N VAL F 67 -9.15 -29.04 26.58
CA VAL F 67 -10.26 -28.09 26.66
C VAL F 67 -10.90 -27.91 25.29
N ILE F 68 -10.07 -27.55 24.30
CA ILE F 68 -10.58 -27.34 22.95
C ILE F 68 -11.31 -28.57 22.43
N LEU F 69 -10.74 -29.74 22.71
CA LEU F 69 -11.33 -30.98 22.21
C LEU F 69 -12.67 -31.33 22.87
N ILE F 70 -12.70 -31.39 24.20
CA ILE F 70 -13.92 -31.75 24.89
C ILE F 70 -15.08 -30.83 24.54
N TYR F 71 -14.77 -29.55 24.36
CA TYR F 71 -15.79 -28.57 23.99
C TYR F 71 -16.36 -28.87 22.60
N GLU F 72 -15.48 -29.19 21.66
CA GLU F 72 -15.89 -29.46 20.29
C GLU F 72 -16.71 -30.73 20.18
N TYR F 73 -16.19 -31.81 20.77
CA TYR F 73 -16.86 -33.10 20.71
C TYR F 73 -18.07 -33.22 21.64
N VAL F 74 -18.21 -32.31 22.61
CA VAL F 74 -19.28 -32.43 23.60
C VAL F 74 -20.65 -32.43 22.93
N LYS F 75 -20.81 -31.57 21.94
CA LYS F 75 -22.03 -31.51 21.15
C LYS F 75 -21.85 -30.65 19.90
N ASN F 80 -19.01 -21.31 16.13
CA ASN F 80 -18.59 -20.06 15.51
C ASN F 80 -17.40 -19.41 16.23
N SER F 81 -16.96 -18.27 15.70
CA SER F 81 -15.75 -17.61 16.19
C SER F 81 -15.89 -17.08 17.62
N SER F 82 -17.06 -16.54 17.95
CA SER F 82 -17.29 -15.99 19.27
C SER F 82 -17.25 -17.10 20.33
N GLU F 83 -17.85 -18.23 20.02
CA GLU F 83 -17.80 -19.39 20.90
C GLU F 83 -16.37 -19.93 21.01
N TRP F 84 -15.64 -19.91 19.90
CA TRP F 84 -14.24 -20.36 19.86
C TRP F 84 -13.32 -19.47 20.69
N GLU F 85 -13.62 -18.18 20.71
CA GLU F 85 -12.82 -17.22 21.46
C GLU F 85 -12.83 -17.53 22.95
N LYS F 86 -14.00 -17.89 23.47
CA LYS F 86 -14.17 -18.18 24.89
C LYS F 86 -13.51 -19.50 25.26
N ALA F 87 -13.67 -20.50 24.40
CA ALA F 87 -13.08 -21.80 24.61
C ALA F 87 -11.54 -21.74 24.62
N ALA F 88 -10.98 -21.01 23.66
CA ALA F 88 -9.53 -20.84 23.59
C ALA F 88 -9.04 -20.09 24.81
N CYS F 89 -9.84 -19.13 25.26
CA CYS F 89 -9.53 -18.42 26.49
C CYS F 89 -9.32 -19.39 27.64
N LEU F 90 -10.29 -20.26 27.89
CA LEU F 90 -10.17 -21.24 28.97
C LEU F 90 -8.97 -22.15 28.77
N ALA F 91 -8.64 -22.43 27.51
CA ALA F 91 -7.57 -23.36 27.20
C ALA F 91 -6.23 -22.74 27.54
N TRP F 92 -6.08 -21.47 27.22
CA TRP F 92 -4.88 -20.74 27.57
C TRP F 92 -4.73 -20.47 29.07
N CYS F 93 -5.85 -20.22 29.74
CA CYS F 93 -5.83 -20.00 31.19
C CYS F 93 -5.27 -21.22 31.92
N ILE F 94 -5.51 -22.40 31.37
CA ILE F 94 -5.01 -23.62 31.98
C ILE F 94 -3.53 -23.82 31.70
N GLU F 95 -3.08 -23.30 30.56
CA GLU F 95 -1.66 -23.27 30.27
C GLU F 95 -0.97 -22.24 31.14
N ILE F 96 -1.68 -21.15 31.42
CA ILE F 96 -1.14 -20.12 32.30
C ILE F 96 -1.03 -20.64 33.74
N LEU F 97 -2.01 -21.44 34.16
CA LEU F 97 -1.98 -22.08 35.47
C LEU F 97 -0.79 -23.02 35.52
N GLN F 98 -0.64 -23.82 34.48
CA GLN F 98 0.50 -24.72 34.34
C GLN F 98 1.82 -23.93 34.46
N ALA F 99 1.85 -22.74 33.87
CA ALA F 99 3.03 -21.88 33.94
C ALA F 99 3.30 -21.45 35.38
N ALA F 100 2.26 -21.01 36.08
CA ALA F 100 2.37 -20.61 37.49
C ALA F 100 2.84 -21.79 38.34
N PHE F 101 2.26 -22.97 38.07
CA PHE F 101 2.62 -24.15 38.83
C PHE F 101 4.09 -24.54 38.64
N LEU F 102 4.59 -24.44 37.42
CA LEU F 102 5.97 -24.85 37.16
C LEU F 102 7.01 -23.87 37.69
N VAL F 103 6.72 -22.57 37.63
CA VAL F 103 7.61 -21.59 38.24
C VAL F 103 7.69 -21.84 39.75
N ALA F 104 6.55 -22.10 40.37
CA ALA F 104 6.51 -22.31 41.80
C ALA F 104 7.18 -23.63 42.17
N ASP F 105 6.89 -24.66 41.38
CA ASP F 105 7.44 -25.99 41.63
C ASP F 105 8.97 -25.97 41.52
N ASP F 106 9.50 -25.19 40.58
CA ASP F 106 10.96 -25.09 40.45
C ASP F 106 11.62 -24.35 41.60
N ILE F 107 10.94 -23.34 42.15
CA ILE F 107 11.44 -22.65 43.34
C ILE F 107 11.46 -23.64 44.50
N MET F 108 10.37 -24.38 44.66
CA MET F 108 10.20 -25.29 45.79
C MET F 108 11.14 -26.49 45.74
N ASP F 109 11.31 -27.04 44.54
CA ASP F 109 12.14 -28.25 44.37
C ASP F 109 13.52 -27.95 43.84
N LYS F 110 13.90 -26.68 43.86
CA LYS F 110 15.23 -26.28 43.39
C LYS F 110 15.54 -26.82 42.01
N GLY F 111 14.65 -26.55 41.06
CA GLY F 111 14.87 -26.96 39.68
C GLY F 111 16.04 -26.24 39.05
N GLU F 112 16.59 -26.83 38.00
CA GLU F 112 17.67 -26.22 37.23
C GLU F 112 17.14 -25.81 35.88
N MET F 113 16.47 -26.74 35.24
CA MET F 113 16.01 -26.57 33.88
C MET F 113 14.54 -26.96 33.80
N ARG F 114 13.82 -26.31 32.92
CA ARG F 114 12.43 -26.61 32.66
C ARG F 114 12.16 -26.31 31.20
N ARG F 115 11.63 -27.30 30.47
CA ARG F 115 11.40 -27.15 29.04
C ARG F 115 12.69 -26.80 28.30
N ASN F 116 13.80 -27.38 28.75
CA ASN F 116 15.11 -27.25 28.09
C ASN F 116 15.79 -25.91 28.28
N LYS F 117 15.35 -25.14 29.29
CA LYS F 117 15.98 -23.86 29.54
C LYS F 117 15.99 -23.53 31.01
N TYR F 118 16.86 -22.61 31.41
CA TYR F 118 17.00 -22.27 32.83
C TYR F 118 15.65 -21.96 33.44
N CYS F 119 15.44 -22.42 34.68
CA CYS F 119 14.22 -22.05 35.40
C CYS F 119 14.18 -20.56 35.65
N TRP F 120 12.98 -19.99 35.47
CA TRP F 120 12.73 -18.57 35.64
C TRP F 120 13.35 -18.00 36.91
N TYR F 121 13.17 -18.68 38.03
CA TYR F 121 13.68 -18.18 39.31
C TYR F 121 15.20 -18.11 39.40
N LEU F 122 15.90 -18.82 38.52
CA LEU F 122 17.37 -18.83 38.55
C LEU F 122 17.99 -17.63 37.85
N LEU F 123 17.24 -17.01 36.94
CA LEU F 123 17.79 -15.88 36.22
C LEU F 123 18.16 -14.77 37.20
N LYS F 124 19.38 -14.24 37.05
CA LYS F 124 19.89 -13.23 37.99
C LYS F 124 19.08 -11.96 37.94
N ASP F 125 18.42 -11.71 36.81
CA ASP F 125 17.57 -10.51 36.67
C ASP F 125 16.20 -10.71 37.32
N VAL F 126 15.90 -11.94 37.70
CA VAL F 126 14.60 -12.31 38.27
C VAL F 126 14.77 -12.71 39.73
N GLU F 127 15.38 -13.88 39.93
CA GLU F 127 15.67 -14.39 41.26
C GLU F 127 14.42 -14.85 41.98
N THR F 128 14.59 -15.40 43.18
CA THR F 128 13.47 -15.96 43.91
C THR F 128 12.44 -14.90 44.30
N LYS F 129 12.91 -13.70 44.62
CA LYS F 129 12.00 -12.66 45.08
C LYS F 129 10.97 -12.27 44.02
N ASN F 130 11.38 -12.18 42.76
CA ASN F 130 10.44 -11.87 41.69
C ASN F 130 9.60 -13.09 41.30
N ALA F 131 10.24 -14.26 41.25
CA ALA F 131 9.55 -15.46 40.82
C ALA F 131 8.31 -15.73 41.69
N VAL F 132 8.42 -15.42 42.98
CA VAL F 132 7.31 -15.62 43.90
C VAL F 132 6.17 -14.68 43.56
N ASN F 133 6.52 -13.41 43.35
CA ASN F 133 5.55 -12.40 42.97
C ASN F 133 4.94 -12.72 41.60
N ASP F 134 5.75 -13.34 40.75
CA ASP F 134 5.33 -13.69 39.39
C ASP F 134 4.33 -14.84 39.36
N VAL F 135 4.52 -15.81 40.25
CA VAL F 135 3.57 -16.91 40.38
C VAL F 135 2.17 -16.37 40.69
N LEU F 136 2.10 -15.43 41.62
CA LEU F 136 0.82 -14.84 41.96
C LEU F 136 0.25 -13.99 40.86
N LEU F 137 1.12 -13.37 40.07
CA LEU F 137 0.67 -12.58 38.96
C LEU F 137 0.07 -13.49 37.91
N LEU F 138 0.79 -14.56 37.56
CA LEU F 138 0.27 -15.51 36.58
C LEU F 138 -1.05 -16.11 37.05
N TYR F 139 -1.09 -16.56 38.30
CA TYR F 139 -2.31 -17.17 38.83
C TYR F 139 -3.51 -16.23 38.73
N ASN F 140 -3.32 -14.99 39.13
CA ASN F 140 -4.40 -14.01 39.07
C ASN F 140 -4.82 -13.59 37.66
N SER F 141 -3.88 -13.64 36.71
CA SER F 141 -4.17 -13.24 35.33
C SER F 141 -5.25 -14.13 34.74
N ILE F 142 -5.26 -15.39 35.18
CA ILE F 142 -6.28 -16.34 34.76
C ILE F 142 -7.70 -15.81 34.99
N TYR F 143 -7.97 -15.34 36.20
CA TYR F 143 -9.30 -14.86 36.55
C TYR F 143 -9.66 -13.53 35.85
N LYS F 144 -8.64 -12.72 35.55
CA LYS F 144 -8.90 -11.51 34.77
C LYS F 144 -9.34 -11.85 33.35
N LEU F 145 -8.64 -12.81 32.74
CA LEU F 145 -8.97 -13.23 31.38
C LEU F 145 -10.33 -13.88 31.33
N ILE F 146 -10.61 -14.75 32.30
CA ILE F 146 -11.90 -15.40 32.33
C ILE F 146 -13.00 -14.35 32.47
N GLU F 147 -12.78 -13.36 33.31
CA GLU F 147 -13.74 -12.26 33.41
C GLU F 147 -13.90 -11.56 32.07
N ILE F 148 -12.76 -11.18 31.46
CA ILE F 148 -12.78 -10.47 30.19
C ILE F 148 -13.59 -11.16 29.11
N TYR F 149 -13.48 -12.48 29.02
CA TYR F 149 -14.11 -13.21 27.93
C TYR F 149 -15.40 -13.95 28.28
N LEU F 150 -15.63 -14.23 29.56
CA LEU F 150 -16.77 -15.06 29.94
C LEU F 150 -17.70 -14.42 30.95
N ARG F 151 -17.49 -13.14 31.25
CA ARG F 151 -18.23 -12.48 32.32
C ARG F 151 -19.75 -12.55 32.18
N ASN F 152 -20.24 -12.62 30.95
CA ASN F 152 -21.68 -12.68 30.70
C ASN F 152 -22.22 -14.08 30.42
N GLU F 153 -21.36 -15.09 30.56
CA GLU F 153 -21.80 -16.45 30.34
C GLU F 153 -22.46 -17.01 31.59
N SER F 154 -23.41 -17.91 31.41
CA SER F 154 -24.14 -18.46 32.54
C SER F 154 -23.25 -19.40 33.35
N CYS F 155 -22.24 -19.95 32.69
CA CYS F 155 -21.32 -20.86 33.34
C CYS F 155 -20.19 -20.14 34.08
N TYR F 156 -20.17 -18.82 33.97
CA TYR F 156 -19.10 -18.01 34.53
C TYR F 156 -18.67 -18.44 35.93
N VAL F 157 -19.59 -18.29 36.89
CA VAL F 157 -19.31 -18.62 38.28
C VAL F 157 -18.82 -20.05 38.47
N ASP F 158 -19.45 -21.00 37.78
CA ASP F 158 -19.06 -22.40 37.84
C ASP F 158 -17.64 -22.61 37.35
N VAL F 159 -17.26 -21.89 36.29
CA VAL F 159 -15.91 -21.99 35.73
C VAL F 159 -14.86 -21.47 36.71
N ILE F 160 -15.05 -20.26 37.22
CA ILE F 160 -14.09 -19.73 38.18
C ILE F 160 -14.00 -20.61 39.42
N ALA F 161 -15.12 -21.21 39.82
CA ALA F 161 -15.13 -22.14 40.94
C ALA F 161 -14.35 -23.42 40.65
N THR F 162 -14.36 -23.86 39.40
CA THR F 162 -13.64 -25.08 39.05
C THR F 162 -12.13 -24.87 39.09
N PHE F 163 -11.70 -23.71 38.59
CA PHE F 163 -10.30 -23.33 38.69
C PHE F 163 -9.84 -23.23 40.15
N ARG F 164 -10.64 -22.57 40.97
CA ARG F 164 -10.31 -22.33 42.37
C ARG F 164 -10.19 -23.64 43.14
N ASP F 165 -11.17 -24.51 42.96
CA ASP F 165 -11.20 -25.77 43.69
C ASP F 165 -10.13 -26.74 43.22
N ALA F 166 -9.89 -26.79 41.92
CA ALA F 166 -8.82 -27.61 41.37
C ALA F 166 -7.45 -27.12 41.88
N THR F 167 -7.26 -25.80 41.93
CA THR F 167 -6.04 -25.25 42.49
C THR F 167 -5.85 -25.63 43.95
N LEU F 168 -6.92 -25.53 44.75
CA LEU F 168 -6.85 -25.90 46.18
C LEU F 168 -6.39 -27.34 46.38
N LYS F 169 -6.99 -28.26 45.63
CA LYS F 169 -6.57 -29.66 45.65
C LYS F 169 -5.08 -29.80 45.31
N THR F 170 -4.63 -29.06 44.29
CA THR F 170 -3.25 -29.13 43.84
C THR F 170 -2.29 -28.64 44.93
N ILE F 171 -2.69 -27.58 45.62
CA ILE F 171 -1.91 -27.04 46.72
C ILE F 171 -1.75 -28.04 47.86
N ILE F 172 -2.84 -28.72 48.24
CA ILE F 172 -2.72 -29.78 49.23
C ILE F 172 -1.88 -30.95 48.72
N GLY F 173 -2.05 -31.31 47.45
CA GLY F 173 -1.21 -32.35 46.84
C GLY F 173 0.26 -31.99 46.91
N GLN F 174 0.57 -30.74 46.56
CA GLN F 174 1.95 -30.27 46.59
C GLN F 174 2.47 -30.21 48.02
N HIS F 175 1.60 -29.83 48.94
CA HIS F 175 1.99 -29.81 50.35
C HIS F 175 2.42 -31.20 50.85
N LEU F 176 1.66 -32.23 50.48
CA LEU F 176 1.96 -33.59 50.91
C LEU F 176 3.22 -34.10 50.20
N ASP F 177 3.27 -33.87 48.90
CA ASP F 177 4.43 -34.22 48.10
C ASP F 177 5.71 -33.69 48.74
N THR F 178 5.60 -32.52 49.36
CA THR F 178 6.76 -31.84 49.93
C THR F 178 7.10 -32.31 51.35
N ASN F 179 6.09 -32.78 52.09
CA ASN F 179 6.25 -33.01 53.51
C ASN F 179 6.01 -34.44 54.00
N ILE F 180 5.58 -35.31 53.09
CA ILE F 180 5.19 -36.66 53.50
C ILE F 180 6.23 -37.37 54.36
N PHE F 181 7.51 -37.11 54.12
CA PHE F 181 8.57 -37.79 54.87
C PHE F 181 9.10 -36.96 56.04
N SER F 182 8.57 -35.75 56.21
CA SER F 182 9.05 -34.86 57.27
C SER F 182 8.48 -35.30 58.63
N ASP F 183 9.02 -34.72 59.70
CA ASP F 183 8.65 -35.11 61.06
C ASP F 183 7.19 -34.87 61.38
N LYS F 184 6.70 -33.70 61.01
CA LYS F 184 5.31 -33.35 61.26
C LYS F 184 4.35 -34.33 60.59
N TYR F 185 4.91 -35.41 60.06
CA TYR F 185 4.12 -36.47 59.44
C TYR F 185 4.51 -37.84 60.00
N SER F 186 5.43 -37.85 60.95
CA SER F 186 5.88 -39.09 61.60
C SER F 186 4.97 -39.50 62.75
N ILE F 192 5.09 -28.70 65.18
CA ILE F 192 5.97 -27.65 64.70
C ILE F 192 6.49 -26.81 65.86
N ASP F 193 7.80 -26.58 65.90
CA ASP F 193 8.39 -25.73 66.92
C ASP F 193 8.52 -24.29 66.41
N VAL F 194 7.53 -23.47 66.73
CA VAL F 194 7.51 -22.08 66.25
C VAL F 194 8.70 -21.29 66.76
N ASN F 195 9.60 -21.97 67.47
CA ASN F 195 10.79 -21.32 68.02
C ASN F 195 12.09 -21.81 67.40
N ASN F 196 12.00 -22.75 66.47
CA ASN F 196 13.18 -23.31 65.84
C ASN F 196 13.44 -22.75 64.45
N ILE F 197 14.51 -21.97 64.31
CA ILE F 197 14.95 -21.51 63.00
C ILE F 197 16.38 -21.97 62.76
N ASN F 198 16.85 -22.88 63.61
CA ASN F 198 18.25 -23.29 63.69
C ASN F 198 19.27 -22.15 63.83
N PRO F 203 17.13 -34.76 56.15
CA PRO F 203 15.88 -35.37 55.74
C PRO F 203 16.04 -36.87 55.48
N VAL F 204 15.06 -37.65 55.91
CA VAL F 204 15.13 -39.10 55.80
C VAL F 204 13.78 -39.65 55.37
N ILE F 205 13.78 -40.80 54.71
CA ILE F 205 12.54 -41.45 54.29
C ILE F 205 11.86 -42.11 55.47
N ASP F 206 10.53 -42.20 55.40
CA ASP F 206 9.73 -42.80 56.47
C ASP F 206 9.00 -44.01 55.89
N ILE F 207 9.42 -45.22 56.29
CA ILE F 207 8.89 -46.44 55.71
C ILE F 207 7.40 -46.60 55.88
N ASN F 208 6.85 -46.01 56.94
CA ASN F 208 5.41 -46.05 57.17
C ASN F 208 4.62 -45.35 56.07
N MET F 209 5.28 -44.49 55.31
CA MET F 209 4.62 -43.71 54.27
C MET F 209 4.85 -44.28 52.88
N ILE F 210 5.68 -45.31 52.79
CA ILE F 210 6.05 -45.88 51.50
C ILE F 210 5.09 -46.96 51.05
N ASN F 211 3.92 -46.52 50.60
CA ASN F 211 2.90 -47.42 50.07
C ASN F 211 2.04 -46.74 49.01
N PHE F 212 1.39 -47.56 48.20
CA PHE F 212 0.61 -47.09 47.07
C PHE F 212 -0.60 -46.27 47.51
N GLY F 213 -1.16 -46.58 48.67
CA GLY F 213 -2.35 -45.89 49.15
C GLY F 213 -2.05 -44.41 49.35
N VAL F 214 -0.97 -44.14 50.09
CA VAL F 214 -0.53 -42.79 50.36
C VAL F 214 -0.13 -42.08 49.07
N TYR F 215 0.65 -42.77 48.25
CA TYR F 215 1.10 -42.20 46.99
C TYR F 215 -0.08 -41.77 46.12
N LYS F 216 -1.15 -42.57 46.10
CA LYS F 216 -2.36 -42.23 45.35
C LYS F 216 -3.01 -40.95 45.87
N ASN F 217 -3.20 -40.86 47.19
CA ASN F 217 -3.67 -39.62 47.80
C ASN F 217 -2.89 -38.44 47.23
N ILE F 218 -1.57 -38.56 47.26
CA ILE F 218 -0.71 -37.43 46.87
C ILE F 218 -0.87 -37.06 45.41
N VAL F 219 -0.75 -38.04 44.52
CA VAL F 219 -0.73 -37.75 43.10
C VAL F 219 -2.08 -37.29 42.56
N ILE F 220 -3.16 -37.89 43.04
CA ILE F 220 -4.50 -37.50 42.61
C ILE F 220 -4.73 -36.02 42.92
N HIS F 221 -4.37 -35.60 44.13
CA HIS F 221 -4.51 -34.19 44.48
C HIS F 221 -3.56 -33.26 43.74
N LYS F 222 -2.35 -33.73 43.48
CA LYS F 222 -1.31 -32.90 42.90
C LYS F 222 -1.40 -32.72 41.39
N THR F 223 -2.00 -33.70 40.71
CA THR F 223 -1.94 -33.75 39.25
C THR F 223 -3.31 -33.94 38.59
N ALA F 224 -4.11 -34.87 39.11
CA ALA F 224 -5.34 -35.28 38.45
C ALA F 224 -6.37 -34.16 38.28
N TYR F 225 -6.54 -33.35 39.31
CA TYR F 225 -7.57 -32.32 39.26
C TYR F 225 -7.28 -31.17 38.29
N TYR F 226 -6.09 -30.62 38.33
CA TYR F 226 -5.78 -29.51 37.41
C TYR F 226 -5.41 -29.97 36.01
N SER F 227 -4.92 -31.20 35.89
CA SER F 227 -4.44 -31.71 34.60
C SER F 227 -5.55 -32.38 33.78
N PHE F 228 -6.50 -33.02 34.45
CA PHE F 228 -7.57 -33.72 33.73
C PHE F 228 -8.96 -33.20 34.07
N PHE F 229 -9.33 -33.26 35.35
CA PHE F 229 -10.66 -32.86 35.76
C PHE F 229 -11.00 -31.43 35.34
N LEU F 230 -10.09 -30.50 35.60
CA LEU F 230 -10.31 -29.08 35.29
C LEU F 230 -10.57 -28.78 33.81
N PRO F 231 -9.67 -29.24 32.91
CA PRO F 231 -9.85 -28.90 31.51
C PRO F 231 -11.06 -29.61 30.88
N ILE F 232 -11.33 -30.84 31.33
CA ILE F 232 -12.50 -31.58 30.85
C ILE F 232 -13.80 -30.90 31.27
N VAL F 233 -13.84 -30.44 32.52
CA VAL F 233 -15.02 -29.80 33.07
C VAL F 233 -15.24 -28.41 32.47
N CYS F 234 -14.14 -27.74 32.10
CA CYS F 234 -14.19 -26.44 31.45
C CYS F 234 -14.96 -26.52 30.14
N GLY F 235 -14.58 -27.50 29.32
CA GLY F 235 -15.21 -27.70 28.03
C GLY F 235 -16.66 -28.10 28.18
N MET F 236 -16.93 -29.00 29.11
CA MET F 236 -18.29 -29.45 29.35
C MET F 236 -19.15 -28.27 29.77
N LEU F 237 -18.72 -27.54 30.79
CA LEU F 237 -19.47 -26.40 31.29
C LEU F 237 -19.76 -25.40 30.19
N LEU F 238 -18.72 -25.05 29.44
CA LEU F 238 -18.83 -24.01 28.43
C LEU F 238 -19.77 -24.43 27.31
N ALA F 239 -19.81 -25.72 27.02
CA ALA F 239 -20.74 -26.28 26.06
C ALA F 239 -22.18 -26.26 26.60
N GLY F 240 -22.31 -26.38 27.92
CA GLY F 240 -23.61 -26.23 28.56
C GLY F 240 -24.13 -27.43 29.32
N ILE F 241 -23.26 -28.38 29.64
CA ILE F 241 -23.67 -29.54 30.43
C ILE F 241 -23.87 -29.18 31.90
N ASP F 244 -24.14 -31.05 38.08
CA ASP F 244 -25.51 -31.54 38.21
C ASP F 244 -25.71 -32.89 37.52
N ASN F 245 -25.31 -32.95 36.25
CA ASN F 245 -25.37 -34.20 35.49
C ASN F 245 -24.46 -35.26 36.12
N LEU F 246 -24.96 -36.47 36.24
CA LEU F 246 -24.22 -37.57 36.88
C LEU F 246 -22.90 -37.89 36.17
N ILE F 247 -22.73 -37.36 34.96
CA ILE F 247 -21.52 -37.61 34.21
C ILE F 247 -20.29 -36.99 34.88
N TYR F 248 -20.48 -35.83 35.50
CA TYR F 248 -19.37 -35.12 36.13
C TYR F 248 -18.66 -35.99 37.14
N LYS F 249 -19.43 -36.84 37.82
CA LYS F 249 -18.87 -37.76 38.79
C LYS F 249 -18.01 -38.84 38.14
N LYS F 250 -18.46 -39.36 37.00
CA LYS F 250 -17.71 -40.38 36.28
C LYS F 250 -16.44 -39.77 35.68
N ILE F 251 -16.53 -38.53 35.21
CA ILE F 251 -15.35 -37.81 34.76
C ILE F 251 -14.34 -37.62 35.89
N GLU F 252 -14.82 -37.36 37.10
CA GLU F 252 -13.93 -37.19 38.22
C GLU F 252 -13.11 -38.45 38.48
N ASP F 253 -13.79 -39.59 38.52
CA ASP F 253 -13.13 -40.85 38.84
C ASP F 253 -12.11 -41.20 37.79
N ILE F 254 -12.49 -41.05 36.52
CA ILE F 254 -11.58 -41.29 35.40
C ILE F 254 -10.37 -40.36 35.50
N SER F 255 -10.63 -39.10 35.84
CA SER F 255 -9.57 -38.13 36.02
C SER F 255 -8.56 -38.59 37.06
N MET F 256 -9.05 -39.25 38.10
CA MET F 256 -8.18 -39.77 39.15
C MET F 256 -7.26 -40.88 38.62
N LEU F 257 -7.74 -41.66 37.66
CA LEU F 257 -6.97 -42.77 37.12
C LEU F 257 -5.90 -42.28 36.17
N MET F 258 -6.25 -41.29 35.37
CA MET F 258 -5.34 -40.72 34.39
C MET F 258 -4.26 -39.91 35.10
N GLY F 259 -4.67 -39.18 36.14
CA GLY F 259 -3.74 -38.38 36.92
C GLY F 259 -2.65 -39.26 37.49
N GLU F 260 -3.06 -40.38 38.10
CA GLU F 260 -2.14 -41.36 38.64
C GLU F 260 -1.25 -41.88 37.51
N TYR F 261 -1.89 -42.27 36.42
CA TYR F 261 -1.19 -42.74 35.23
C TYR F 261 -0.11 -41.75 34.83
N PHE F 262 -0.50 -40.50 34.69
CA PHE F 262 0.41 -39.44 34.26
C PHE F 262 1.57 -39.23 35.24
N GLN F 263 1.28 -39.21 36.54
CA GLN F 263 2.33 -38.90 37.50
C GLN F 263 3.37 -40.02 37.61
N ILE F 264 2.94 -41.25 37.41
CA ILE F 264 3.84 -42.38 37.46
C ILE F 264 4.81 -42.37 36.28
N HIS F 265 4.29 -41.96 35.12
CA HIS F 265 5.14 -41.77 33.96
C HIS F 265 6.13 -40.65 34.23
N ASP F 266 5.66 -39.58 34.89
CA ASP F 266 6.53 -38.46 35.27
C ASP F 266 7.62 -38.92 36.23
N ASP F 267 7.24 -39.75 37.20
CA ASP F 267 8.23 -40.34 38.12
C ASP F 267 9.28 -41.11 37.34
N TYR F 268 8.83 -41.89 36.35
CA TYR F 268 9.70 -42.72 35.53
C TYR F 268 10.67 -41.86 34.72
N LEU F 269 10.18 -40.73 34.21
CA LEU F 269 11.02 -39.81 33.44
C LEU F 269 12.11 -39.18 34.29
N ASP F 270 11.78 -38.87 35.54
CA ASP F 270 12.72 -38.22 36.43
C ASP F 270 14.04 -38.98 36.54
N ILE F 271 13.98 -40.30 36.52
CA ILE F 271 15.18 -41.10 36.71
C ILE F 271 15.68 -41.87 35.47
N PHE F 272 14.76 -42.26 34.60
CA PHE F 272 15.09 -43.06 33.42
C PHE F 272 15.08 -42.30 32.10
N GLY F 273 14.53 -41.08 32.11
CA GLY F 273 14.42 -40.29 30.88
C GLY F 273 15.61 -39.37 30.64
N ASP F 274 15.88 -39.11 29.37
CA ASP F 274 16.98 -38.23 28.97
C ASP F 274 16.57 -36.77 29.18
N SER F 275 17.42 -36.00 29.86
CA SER F 275 17.13 -34.61 30.15
C SER F 275 16.87 -33.76 28.91
N THR F 276 17.47 -34.17 27.79
CA THR F 276 17.32 -33.45 26.53
C THR F 276 15.90 -33.58 25.98
N LYS F 277 15.30 -34.76 26.17
CA LYS F 277 13.93 -35.01 25.74
C LYS F 277 12.91 -34.46 26.74
N THR F 278 13.14 -34.71 28.02
CA THR F 278 12.22 -34.27 29.06
C THR F 278 12.27 -32.75 29.25
N GLY F 279 13.46 -32.18 29.13
CA GLY F 279 13.63 -30.73 29.28
C GLY F 279 13.92 -30.29 30.69
N LYS F 280 14.15 -31.25 31.58
CA LYS F 280 14.46 -30.94 32.97
C LYS F 280 15.37 -32.01 33.58
N VAL F 281 15.98 -31.67 34.71
CA VAL F 281 16.83 -32.61 35.45
C VAL F 281 16.14 -33.01 36.76
N SER F 283 15.81 -35.18 39.90
CA SER F 283 16.08 -34.68 41.25
C SER F 283 15.20 -35.28 42.36
N ASP F 284 14.21 -36.08 41.99
CA ASP F 284 13.30 -36.66 42.99
C ASP F 284 14.05 -37.35 44.14
N ILE F 285 15.07 -38.12 43.80
CA ILE F 285 15.85 -38.84 44.82
C ILE F 285 16.53 -37.88 45.78
N GLN F 286 17.20 -36.85 45.23
CA GLN F 286 17.89 -35.85 46.05
C GLN F 286 16.93 -35.09 46.95
N ASN F 287 15.73 -34.86 46.43
CA ASN F 287 14.76 -34.07 47.16
C ASN F 287 13.94 -34.89 48.15
N ASN F 288 14.24 -36.19 48.22
CA ASN F 288 13.58 -37.08 49.18
C ASN F 288 12.09 -37.22 48.87
N LYS F 289 11.77 -37.44 47.59
CA LYS F 289 10.37 -37.55 47.16
C LYS F 289 9.87 -38.98 47.24
N LEU F 290 8.59 -39.12 47.58
CA LEU F 290 7.93 -40.40 47.52
C LEU F 290 7.52 -40.64 46.08
N THR F 291 8.20 -41.56 45.41
CA THR F 291 7.93 -41.86 44.01
C THR F 291 7.49 -43.31 43.79
N TRP F 292 6.88 -43.58 42.64
CA TRP F 292 6.49 -44.93 42.26
C TRP F 292 7.69 -45.87 42.23
N PRO F 293 8.81 -45.43 41.63
CA PRO F 293 10.00 -46.28 41.62
C PRO F 293 10.49 -46.63 43.02
N LEU F 294 10.36 -45.68 43.96
CA LEU F 294 10.74 -45.93 45.35
C LEU F 294 9.83 -46.98 45.98
N ILE F 295 8.54 -46.83 45.76
CA ILE F 295 7.55 -47.75 46.31
C ILE F 295 7.68 -49.14 45.70
N LYS F 296 7.82 -49.21 44.39
CA LYS F 296 7.95 -50.47 43.69
C LYS F 296 9.22 -51.20 44.13
N THR F 297 10.32 -50.46 44.16
CA THR F 297 11.62 -51.02 44.58
C THR F 297 11.55 -51.55 46.00
N PHE F 298 10.77 -50.87 46.83
CA PHE F 298 10.67 -51.19 48.25
C PHE F 298 9.83 -52.44 48.50
N GLU F 299 9.14 -52.90 47.48
CA GLU F 299 8.34 -54.11 47.64
C GLU F 299 8.96 -55.32 46.92
N LEU F 300 10.00 -55.06 46.14
CA LEU F 300 10.72 -56.13 45.45
C LEU F 300 12.08 -56.42 46.09
N CYS F 301 12.51 -55.53 46.98
CA CYS F 301 13.89 -55.58 47.47
C CYS F 301 14.06 -56.27 48.82
N SER F 302 15.27 -56.76 49.06
CA SER F 302 15.63 -57.42 50.32
C SER F 302 15.72 -56.42 51.48
N GLU F 303 15.71 -56.95 52.70
CA GLU F 303 15.79 -56.12 53.90
C GLU F 303 17.12 -55.37 53.98
N PRO F 304 18.20 -55.97 53.44
CA PRO F 304 19.49 -55.29 53.39
C PRO F 304 19.47 -54.13 52.42
N ASP F 305 18.80 -54.31 51.28
CA ASP F 305 18.70 -53.25 50.29
C ASP F 305 17.82 -52.09 50.77
N LYS F 306 16.89 -52.39 51.67
CA LYS F 306 16.07 -51.34 52.29
C LYS F 306 16.92 -50.43 53.16
N ILE F 307 17.81 -51.02 53.95
CA ILE F 307 18.71 -50.25 54.79
C ILE F 307 19.61 -49.35 53.94
N LYS F 308 20.07 -49.90 52.82
CA LYS F 308 20.92 -49.15 51.89
C LYS F 308 20.15 -48.00 51.25
N ILE F 309 18.87 -48.24 50.93
CA ILE F 309 18.02 -47.19 50.41
C ILE F 309 17.84 -46.08 51.44
N VAL F 310 17.52 -46.48 52.67
CA VAL F 310 17.31 -45.56 53.78
C VAL F 310 18.56 -44.73 54.07
N LYS F 311 19.72 -45.37 53.93
CA LYS F 311 20.99 -44.72 54.18
C LYS F 311 21.36 -43.75 53.06
N ASN F 312 20.80 -43.97 51.87
CA ASN F 312 21.24 -43.26 50.67
C ASN F 312 20.27 -42.30 49.99
N TYR F 313 18.97 -42.47 50.25
CA TYR F 313 17.95 -41.70 49.56
C TYR F 313 17.85 -40.29 50.13
N GLY F 314 17.49 -39.33 49.29
CA GLY F 314 17.22 -37.97 49.74
C GLY F 314 18.47 -37.17 50.06
N LYS F 315 19.61 -37.62 49.54
CA LYS F 315 20.87 -36.89 49.72
C LYS F 315 21.34 -36.27 48.42
N ASN F 316 22.00 -35.12 48.54
CA ASN F 316 22.55 -34.42 47.38
C ASN F 316 23.69 -35.13 46.67
N ASN F 317 24.46 -35.92 47.42
CA ASN F 317 25.60 -36.62 46.84
C ASN F 317 25.24 -37.44 45.61
N LEU F 318 26.01 -37.26 44.55
CA LEU F 318 25.91 -38.09 43.36
C LEU F 318 26.20 -39.55 43.66
N ALA F 319 27.10 -39.79 44.62
CA ALA F 319 27.45 -41.15 45.00
C ALA F 319 26.25 -41.87 45.62
N CYS F 320 25.54 -41.16 46.50
CA CYS F 320 24.35 -41.70 47.12
C CYS F 320 23.25 -41.92 46.07
N VAL F 321 23.04 -40.91 45.24
CA VAL F 321 22.04 -40.98 44.18
C VAL F 321 22.33 -42.16 43.26
N LYS F 322 23.61 -42.34 42.94
CA LYS F 322 24.04 -43.46 42.10
C LYS F 322 23.69 -44.82 42.71
N VAL F 323 23.74 -44.90 44.04
CA VAL F 323 23.37 -46.14 44.74
C VAL F 323 21.90 -46.47 44.50
N ILE F 324 21.03 -45.48 44.72
CA ILE F 324 19.60 -45.67 44.47
C ILE F 324 19.37 -46.03 43.00
N ASP F 325 19.99 -45.27 42.10
CA ASP F 325 19.86 -45.51 40.67
C ASP F 325 20.28 -46.93 40.32
N SER F 326 21.38 -47.38 40.91
CA SER F 326 21.85 -48.74 40.68
C SER F 326 20.83 -49.76 41.16
N LEU F 327 20.13 -49.44 42.25
CA LEU F 327 19.09 -50.33 42.77
C LEU F 327 17.87 -50.40 41.85
N TYR F 328 17.54 -49.28 41.21
CA TYR F 328 16.42 -49.26 40.27
C TYR F 328 16.72 -50.16 39.07
N GLU F 329 17.98 -50.17 38.62
CA GLU F 329 18.40 -51.04 37.53
C GLU F 329 18.36 -52.51 37.95
N GLN F 330 18.85 -52.79 39.15
CA GLN F 330 18.91 -54.15 39.68
C GLN F 330 17.54 -54.83 39.74
N TYR F 331 16.53 -54.11 40.21
CA TYR F 331 15.19 -54.70 40.33
C TYR F 331 14.32 -54.44 39.11
N LYS F 332 14.95 -54.05 38.01
CA LYS F 332 14.24 -53.87 36.74
C LYS F 332 13.00 -52.99 36.87
N ILE F 333 13.15 -51.83 37.50
CA ILE F 333 12.03 -50.90 37.66
C ILE F 333 11.47 -50.49 36.31
N ARG F 334 12.36 -50.27 35.35
CA ARG F 334 11.96 -49.94 33.98
C ARG F 334 10.96 -50.95 33.40
N LYS F 335 11.18 -52.23 33.68
CA LYS F 335 10.30 -53.29 33.19
C LYS F 335 8.97 -53.30 33.92
N HIS F 336 9.03 -53.19 35.23
CA HIS F 336 7.83 -53.17 36.06
C HIS F 336 6.91 -51.99 35.72
N TYR F 337 7.50 -50.86 35.35
CA TYR F 337 6.69 -49.72 34.91
C TYR F 337 5.94 -50.05 33.63
N GLU F 338 6.66 -50.59 32.65
CA GLU F 338 6.06 -51.00 31.38
C GLU F 338 4.87 -51.93 31.63
N SER F 339 4.96 -52.70 32.71
CA SER F 339 3.89 -53.61 33.09
C SER F 339 2.75 -52.90 33.82
N TYR F 340 3.07 -51.80 34.48
CA TYR F 340 2.03 -51.01 35.13
C TYR F 340 1.31 -50.17 34.09
N GLU F 341 2.07 -49.61 33.15
CA GLU F 341 1.51 -48.75 32.12
C GLU F 341 0.43 -49.47 31.32
N LYS F 342 0.70 -50.71 30.97
CA LYS F 342 -0.25 -51.49 30.18
C LYS F 342 -1.51 -51.79 30.97
N ALA F 343 -1.36 -52.14 32.24
CA ALA F 343 -2.52 -52.49 33.08
C ALA F 343 -3.35 -51.27 33.48
N GLN F 344 -2.68 -50.14 33.71
CA GLN F 344 -3.37 -48.92 34.07
C GLN F 344 -4.10 -48.34 32.86
N LYS F 345 -3.43 -48.37 31.71
CA LYS F 345 -3.99 -47.83 30.48
C LYS F 345 -5.25 -48.57 30.06
N ALA F 346 -5.26 -49.89 30.27
CA ALA F 346 -6.45 -50.67 29.97
C ALA F 346 -7.58 -50.26 30.90
N LYS F 347 -7.25 -50.06 32.18
CA LYS F 347 -8.25 -49.69 33.19
C LYS F 347 -8.88 -48.32 32.95
N ILE F 348 -8.15 -47.41 32.34
CA ILE F 348 -8.73 -46.11 32.02
C ILE F 348 -9.68 -46.27 30.85
N LEU F 349 -9.22 -46.98 29.83
CA LEU F 349 -10.06 -47.26 28.66
C LEU F 349 -11.40 -47.88 29.08
N SER F 350 -11.33 -48.91 29.91
CA SER F 350 -12.52 -49.57 30.41
C SER F 350 -13.45 -48.59 31.11
N ALA F 351 -12.91 -47.81 32.04
CA ALA F 351 -13.69 -46.82 32.76
C ALA F 351 -14.32 -45.83 31.78
N ILE F 352 -13.54 -45.44 30.78
CA ILE F 352 -14.03 -44.50 29.78
C ILE F 352 -15.23 -45.05 29.03
N ASN F 353 -15.25 -46.37 28.81
CA ASN F 353 -16.34 -46.99 28.07
C ASN F 353 -17.66 -47.03 28.84
N GLU F 354 -17.62 -46.70 30.11
CA GLU F 354 -18.84 -46.65 30.91
C GLU F 354 -19.47 -45.25 30.91
N LEU F 355 -18.83 -44.32 30.21
CA LEU F 355 -19.29 -42.93 30.15
C LEU F 355 -20.62 -42.78 29.41
N HIS F 356 -20.85 -43.65 28.43
CA HIS F 356 -22.04 -43.59 27.61
C HIS F 356 -22.18 -42.24 26.91
N HIS F 357 -21.05 -41.66 26.52
CA HIS F 357 -21.03 -40.46 25.69
C HIS F 357 -19.92 -40.64 24.64
N GLU F 358 -20.32 -40.89 23.40
CA GLU F 358 -19.36 -41.24 22.35
C GLU F 358 -18.33 -40.15 22.06
N GLY F 359 -18.76 -38.90 22.10
CA GLY F 359 -17.87 -37.78 21.80
C GLY F 359 -16.79 -37.56 22.84
N ILE F 360 -17.15 -37.71 24.11
CA ILE F 360 -16.20 -37.51 25.19
C ILE F 360 -15.28 -38.71 25.31
N GLU F 361 -15.85 -39.90 25.20
CA GLU F 361 -15.06 -41.13 25.22
C GLU F 361 -13.96 -41.09 24.17
N TYR F 362 -14.29 -40.64 22.97
CA TYR F 362 -13.28 -40.58 21.92
C TYR F 362 -12.12 -39.69 22.30
N VAL F 363 -12.42 -38.42 22.61
CA VAL F 363 -11.41 -37.47 23.06
C VAL F 363 -10.51 -38.03 24.16
N LEU F 364 -11.10 -38.67 25.17
CA LEU F 364 -10.34 -39.25 26.28
C LEU F 364 -9.44 -40.39 25.85
N LYS F 365 -9.95 -41.24 24.96
CA LYS F 365 -9.18 -42.33 24.40
C LYS F 365 -8.03 -41.80 23.54
N TYR F 366 -8.31 -40.67 22.88
CA TYR F 366 -7.30 -40.00 22.07
C TYR F 366 -6.22 -39.37 22.94
N LEU F 367 -6.66 -38.67 23.98
CA LEU F 367 -5.75 -37.97 24.88
C LEU F 367 -4.76 -38.95 25.51
N LEU F 368 -5.27 -40.11 25.91
CA LEU F 368 -4.45 -41.14 26.49
C LEU F 368 -3.23 -41.42 25.59
N GLU F 369 -3.44 -41.35 24.27
CA GLU F 369 -2.41 -41.72 23.30
C GLU F 369 -1.35 -40.66 23.09
N ILE F 370 -1.76 -39.41 23.00
CA ILE F 370 -0.84 -38.30 22.77
C ILE F 370 -0.38 -37.69 24.10
N LEU F 371 -0.71 -38.36 25.20
CA LEU F 371 -0.49 -37.80 26.52
C LEU F 371 0.98 -37.53 26.84
N PHE F 372 1.87 -38.36 26.29
CA PHE F 372 3.29 -38.27 26.64
C PHE F 372 4.15 -37.59 25.59
N THR F 373 3.59 -37.42 24.39
CA THR F 373 4.32 -36.75 23.30
C THR F 373 3.65 -35.44 22.90
N GLY F 374 2.33 -35.37 23.04
CA GLY F 374 1.58 -34.21 22.60
C GLY F 374 1.32 -34.23 21.10
N LEU G 13 -18.14 33.11 -34.16
CA LEU G 13 -17.34 31.99 -33.58
C LEU G 13 -18.22 30.78 -33.31
N ALA G 14 -19.50 31.02 -33.06
CA ALA G 14 -20.44 29.95 -32.76
C ALA G 14 -20.69 29.05 -33.97
N PHE G 15 -21.05 29.66 -35.10
CA PHE G 15 -21.28 28.89 -36.34
C PHE G 15 -20.02 28.15 -36.76
N PHE G 16 -18.91 28.88 -36.83
CA PHE G 16 -17.63 28.30 -37.18
C PHE G 16 -17.32 27.12 -36.26
N ARG G 17 -17.58 27.31 -34.97
CA ARG G 17 -17.32 26.26 -33.99
C ARG G 17 -18.30 25.10 -34.13
N ASN G 18 -19.47 25.37 -34.72
CA ASN G 18 -20.45 24.32 -34.95
C ASN G 18 -20.10 23.41 -36.12
N MET G 19 -19.24 23.88 -37.01
CA MET G 19 -18.85 23.14 -38.21
C MET G 19 -17.73 22.12 -37.97
N TYR G 20 -17.03 22.26 -36.85
CA TYR G 20 -15.96 21.35 -36.47
C TYR G 20 -16.26 19.89 -36.72
N ASP G 21 -17.30 19.38 -36.05
CA ASP G 21 -17.67 17.98 -36.14
C ASP G 21 -17.73 17.50 -37.58
N LYS G 22 -18.29 18.33 -38.44
CA LYS G 22 -18.48 18.00 -39.84
C LYS G 22 -17.15 17.62 -40.51
N TYR G 23 -16.15 18.47 -40.34
CA TYR G 23 -14.85 18.28 -40.99
C TYR G 23 -14.04 17.16 -40.36
N ARG G 24 -14.02 17.13 -39.03
CA ARG G 24 -13.39 16.03 -38.30
C ARG G 24 -13.94 14.71 -38.81
N ASP G 25 -15.26 14.59 -38.88
CA ASP G 25 -15.88 13.32 -39.20
C ASP G 25 -15.72 12.98 -40.67
N ALA G 26 -15.66 14.00 -41.51
CA ALA G 26 -15.38 13.80 -42.95
C ALA G 26 -14.02 13.12 -43.10
N PHE G 27 -13.04 13.59 -42.33
CA PHE G 27 -11.72 12.95 -42.33
C PHE G 27 -11.72 11.54 -41.73
N LEU G 28 -12.29 11.37 -40.54
CA LEU G 28 -12.35 10.05 -39.92
C LEU G 28 -13.08 9.06 -40.81
N SER G 29 -14.08 9.55 -41.54
CA SER G 29 -14.81 8.70 -42.46
C SER G 29 -13.87 8.17 -43.55
N HIS G 30 -12.96 9.02 -44.03
CA HIS G 30 -11.96 8.59 -45.00
C HIS G 30 -11.08 7.46 -44.48
N LEU G 31 -10.64 7.55 -43.22
CA LEU G 31 -9.85 6.47 -42.62
C LEU G 31 -10.67 5.20 -42.48
N ASN G 32 -11.93 5.38 -42.11
CA ASN G 32 -12.81 4.24 -41.88
C ASN G 32 -13.07 3.41 -43.14
N GLU G 33 -12.70 3.94 -44.29
CA GLU G 33 -12.83 3.22 -45.56
C GLU G 33 -11.65 2.31 -45.83
N TYR G 34 -10.59 2.42 -45.03
CA TYR G 34 -9.40 1.59 -45.22
C TYR G 34 -9.73 0.10 -45.05
N SER G 35 -8.93 -0.76 -45.66
CA SER G 35 -9.11 -2.20 -45.53
C SER G 35 -8.48 -2.72 -44.24
N LEU G 36 -9.21 -2.60 -43.14
CA LEU G 36 -8.73 -3.02 -41.85
C LEU G 36 -9.78 -3.91 -41.20
N GLU G 37 -9.35 -4.85 -40.37
CA GLU G 37 -10.29 -5.66 -39.60
C GLU G 37 -11.21 -4.74 -38.80
N GLU G 38 -12.44 -5.19 -38.59
CA GLU G 38 -13.49 -4.31 -38.08
C GLU G 38 -13.21 -3.77 -36.67
N GLU G 39 -12.55 -4.56 -35.84
CA GLU G 39 -12.23 -4.12 -34.48
C GLU G 39 -11.06 -3.14 -34.49
N ILE G 40 -10.10 -3.36 -35.40
CA ILE G 40 -9.00 -2.44 -35.59
C ILE G 40 -9.55 -1.07 -35.93
N LYS G 41 -10.51 -1.05 -36.85
CA LYS G 41 -11.10 0.19 -37.32
C LYS G 41 -11.67 1.03 -36.19
N GLU G 42 -12.47 0.40 -35.32
CA GLU G 42 -13.09 1.12 -34.20
C GLU G 42 -12.06 1.63 -33.19
N HIS G 43 -10.96 0.90 -33.04
CA HIS G 43 -9.84 1.36 -32.22
C HIS G 43 -9.18 2.60 -32.82
N ILE G 44 -8.95 2.56 -34.14
CA ILE G 44 -8.35 3.67 -34.87
C ILE G 44 -9.25 4.90 -34.77
N SER G 45 -10.54 4.66 -34.89
CA SER G 45 -11.55 5.70 -34.84
C SER G 45 -11.55 6.44 -33.51
N LYS G 46 -11.46 5.71 -32.40
CA LYS G 46 -11.42 6.32 -31.08
C LYS G 46 -10.14 7.15 -30.88
N TYR G 47 -9.00 6.58 -31.24
CA TYR G 47 -7.74 7.26 -31.04
C TYR G 47 -7.66 8.58 -31.80
N TYR G 48 -8.05 8.56 -33.06
CA TYR G 48 -7.94 9.77 -33.88
C TYR G 48 -8.99 10.80 -33.58
N LYS G 49 -10.13 10.36 -33.05
CA LYS G 49 -11.17 11.30 -32.64
C LYS G 49 -10.64 12.12 -31.45
N LEU G 50 -9.89 11.47 -30.57
CA LEU G 50 -9.28 12.18 -29.44
C LEU G 50 -8.16 13.11 -29.89
N LEU G 51 -7.28 12.59 -30.75
CA LEU G 51 -6.21 13.40 -31.33
C LEU G 51 -6.75 14.74 -31.84
N PHE G 52 -7.76 14.68 -32.70
CA PHE G 52 -8.36 15.91 -33.22
C PHE G 52 -9.02 16.76 -32.11
N ASP G 53 -9.84 16.15 -31.28
CA ASP G 53 -10.56 16.87 -30.21
C ASP G 53 -9.62 17.51 -29.18
N TYR G 54 -8.63 16.74 -28.76
CA TYR G 54 -7.68 17.19 -27.74
C TYR G 54 -6.88 18.38 -28.23
N ASN G 55 -6.52 18.37 -29.52
CA ASN G 55 -5.52 19.31 -30.01
C ASN G 55 -6.05 20.45 -30.87
N CYS G 56 -7.24 20.27 -31.43
CA CYS G 56 -7.84 21.27 -32.30
C CYS G 56 -8.77 22.25 -31.57
N LEU G 57 -9.28 21.84 -30.41
CA LEU G 57 -10.25 22.64 -29.66
C LEU G 57 -9.62 23.28 -28.43
N GLY G 58 -10.20 24.39 -27.98
CA GLY G 58 -9.72 25.08 -26.79
C GLY G 58 -8.95 26.36 -27.08
N GLY G 59 -8.55 26.55 -28.33
CA GLY G 59 -7.81 27.74 -28.74
C GLY G 59 -8.72 28.90 -29.05
N LYS G 60 -8.13 30.08 -29.21
CA LYS G 60 -8.87 31.29 -29.55
C LYS G 60 -9.49 31.23 -30.95
N ASN G 61 -8.99 30.33 -31.79
CA ASN G 61 -9.43 30.22 -33.18
C ASN G 61 -9.30 31.52 -33.97
N ASN G 62 -8.30 32.35 -33.66
CA ASN G 62 -8.09 33.60 -34.39
C ASN G 62 -7.82 33.40 -35.88
N ARG G 63 -7.01 32.40 -36.19
CA ARG G 63 -6.62 32.16 -37.57
C ARG G 63 -7.80 31.68 -38.44
N GLY G 64 -8.60 30.78 -37.90
CA GLY G 64 -9.80 30.33 -38.59
C GLY G 64 -10.78 31.46 -38.83
N ILE G 65 -11.04 32.23 -37.79
CA ILE G 65 -11.95 33.36 -37.89
C ILE G 65 -11.53 34.29 -39.01
N LEU G 66 -10.22 34.56 -39.08
CA LEU G 66 -9.67 35.49 -40.04
C LEU G 66 -10.02 35.05 -41.46
N VAL G 67 -10.09 33.75 -41.67
CA VAL G 67 -10.48 33.18 -42.94
C VAL G 67 -11.94 33.51 -43.25
N ILE G 68 -12.83 33.10 -42.35
CA ILE G 68 -14.25 33.37 -42.50
C ILE G 68 -14.54 34.85 -42.72
N LEU G 69 -13.87 35.72 -41.97
CA LEU G 69 -14.09 37.16 -42.11
C LEU G 69 -13.61 37.70 -43.45
N ILE G 70 -12.34 37.48 -43.76
CA ILE G 70 -11.78 37.97 -45.01
C ILE G 70 -12.62 37.50 -46.21
N TYR G 71 -13.11 36.27 -46.13
CA TYR G 71 -13.92 35.71 -47.20
C TYR G 71 -15.22 36.49 -47.35
N GLU G 72 -15.86 36.73 -46.21
CA GLU G 72 -17.16 37.40 -46.20
C GLU G 72 -17.05 38.85 -46.62
N TYR G 73 -15.99 39.52 -46.17
CA TYR G 73 -15.82 40.93 -46.43
C TYR G 73 -15.15 41.26 -47.77
N VAL G 74 -14.47 40.29 -48.37
CA VAL G 74 -13.69 40.55 -49.58
C VAL G 74 -14.55 41.18 -50.69
N LYS G 75 -15.83 40.81 -50.71
CA LYS G 75 -16.77 41.40 -51.65
C LYS G 75 -18.19 41.36 -51.09
N ASN G 80 -24.47 32.07 -48.93
CA ASN G 80 -24.74 30.82 -49.62
C ASN G 80 -24.17 29.61 -48.89
N SER G 81 -25.03 28.63 -48.64
CA SER G 81 -24.66 27.45 -47.85
C SER G 81 -23.42 26.72 -48.38
N SER G 82 -23.46 26.34 -49.64
CA SER G 82 -22.36 25.59 -50.26
C SER G 82 -21.04 26.36 -50.25
N GLU G 83 -21.10 27.65 -50.57
CA GLU G 83 -19.91 28.49 -50.51
C GLU G 83 -19.37 28.55 -49.08
N TRP G 84 -20.28 28.61 -48.11
CA TRP G 84 -19.91 28.67 -46.70
C TRP G 84 -19.24 27.39 -46.21
N GLU G 85 -19.65 26.26 -46.78
CA GLU G 85 -19.09 24.97 -46.43
C GLU G 85 -17.61 24.91 -46.78
N LYS G 86 -17.25 25.58 -47.86
CA LYS G 86 -15.87 25.57 -48.35
C LYS G 86 -15.01 26.51 -47.53
N ALA G 87 -15.55 27.69 -47.24
CA ALA G 87 -14.84 28.66 -46.42
C ALA G 87 -14.52 28.09 -45.03
N ALA G 88 -15.51 27.45 -44.41
CA ALA G 88 -15.33 26.84 -43.08
C ALA G 88 -14.32 25.70 -43.13
N CYS G 89 -14.31 24.95 -44.23
CA CYS G 89 -13.31 23.92 -44.41
C CYS G 89 -11.91 24.51 -44.25
N LEU G 90 -11.59 25.52 -45.06
CA LEU G 90 -10.28 26.15 -45.00
C LEU G 90 -10.00 26.69 -43.61
N ALA G 91 -11.03 27.19 -42.96
CA ALA G 91 -10.86 27.79 -41.63
C ALA G 91 -10.42 26.72 -40.65
N TRP G 92 -11.12 25.60 -40.64
CA TRP G 92 -10.75 24.48 -39.78
C TRP G 92 -9.40 23.85 -40.13
N CYS G 93 -9.07 23.84 -41.41
CA CYS G 93 -7.77 23.31 -41.86
C CYS G 93 -6.60 24.09 -41.26
N ILE G 94 -6.79 25.38 -41.04
CA ILE G 94 -5.74 26.20 -40.44
C ILE G 94 -5.67 25.99 -38.93
N GLU G 95 -6.80 25.66 -38.32
CA GLU G 95 -6.81 25.28 -36.92
C GLU G 95 -6.16 23.91 -36.73
N ILE G 96 -6.34 23.05 -37.72
CA ILE G 96 -5.70 21.73 -37.69
C ILE G 96 -4.19 21.85 -37.87
N LEU G 97 -3.77 22.80 -38.70
CA LEU G 97 -2.35 23.10 -38.88
C LEU G 97 -1.78 23.58 -37.56
N GLN G 98 -2.45 24.57 -36.97
CA GLN G 98 -2.12 25.06 -35.64
C GLN G 98 -1.97 23.90 -34.65
N ALA G 99 -2.90 22.95 -34.69
CA ALA G 99 -2.85 21.81 -33.80
C ALA G 99 -1.60 20.97 -34.09
N ALA G 100 -1.33 20.73 -35.36
CA ALA G 100 -0.10 20.02 -35.76
C ALA G 100 1.13 20.77 -35.27
N PHE G 101 1.13 22.09 -35.41
CA PHE G 101 2.26 22.88 -34.98
C PHE G 101 2.47 22.82 -33.46
N LEU G 102 1.39 22.85 -32.70
CA LEU G 102 1.53 22.89 -31.24
C LEU G 102 1.97 21.56 -30.64
N VAL G 103 1.49 20.45 -31.21
CA VAL G 103 1.94 19.13 -30.79
C VAL G 103 3.45 18.97 -31.05
N ALA G 104 3.91 19.45 -32.19
CA ALA G 104 5.31 19.33 -32.54
C ALA G 104 6.17 20.28 -31.68
N ASP G 105 5.68 21.50 -31.50
CA ASP G 105 6.44 22.51 -30.76
C ASP G 105 6.61 22.10 -29.30
N ASP G 106 5.57 21.46 -28.76
CA ASP G 106 5.67 20.95 -27.41
C ASP G 106 6.67 19.80 -27.29
N ILE G 107 6.74 18.94 -28.30
CA ILE G 107 7.75 17.88 -28.31
C ILE G 107 9.12 18.52 -28.34
N MET G 108 9.30 19.44 -29.28
CA MET G 108 10.59 20.08 -29.50
C MET G 108 11.04 20.94 -28.31
N ASP G 109 10.11 21.68 -27.73
CA ASP G 109 10.45 22.59 -26.63
C ASP G 109 10.22 22.01 -25.24
N LYS G 110 9.97 20.71 -25.16
CA LYS G 110 9.72 20.06 -23.87
C LYS G 110 8.59 20.75 -23.10
N GLY G 111 7.47 20.98 -23.78
CA GLY G 111 6.32 21.62 -23.15
C GLY G 111 5.73 20.77 -22.04
N GLU G 112 4.97 21.42 -21.15
CA GLU G 112 4.30 20.73 -20.06
C GLU G 112 2.79 20.82 -20.20
N MET G 113 2.33 22.04 -20.46
CA MET G 113 0.91 22.34 -20.55
C MET G 113 0.67 23.13 -21.81
N ARG G 114 -0.47 22.90 -22.44
CA ARG G 114 -0.88 23.67 -23.59
C ARG G 114 -2.40 23.80 -23.53
N ARG G 115 -2.91 25.03 -23.59
CA ARG G 115 -4.34 25.29 -23.47
C ARG G 115 -4.92 24.73 -22.16
N ASN G 116 -4.13 24.86 -21.09
CA ASN G 116 -4.57 24.48 -19.74
C ASN G 116 -4.67 22.99 -19.48
N LYS G 117 -3.96 22.19 -20.27
CA LYS G 117 -3.97 20.75 -20.04
C LYS G 117 -2.67 20.11 -20.52
N TYR G 118 -2.38 18.91 -20.05
CA TYR G 118 -1.10 18.26 -20.38
C TYR G 118 -0.85 18.25 -21.89
N CYS G 119 0.38 18.47 -22.32
CA CYS G 119 0.70 18.34 -23.74
C CYS G 119 0.48 16.90 -24.18
N TRP G 120 -0.02 16.76 -25.40
CA TRP G 120 -0.32 15.47 -26.02
C TRP G 120 0.82 14.47 -25.87
N TYR G 121 2.05 14.91 -26.14
CA TYR G 121 3.19 14.00 -26.11
C TYR G 121 3.52 13.43 -24.72
N LEU G 122 3.06 14.11 -23.67
CA LEU G 122 3.37 13.71 -22.29
C LEU G 122 2.49 12.59 -21.78
N LEU G 123 1.33 12.38 -22.39
CA LEU G 123 0.43 11.33 -21.96
C LEU G 123 1.09 9.96 -22.14
N LYS G 124 1.05 9.13 -21.10
CA LYS G 124 1.70 7.82 -21.11
C LYS G 124 1.10 6.85 -22.13
N ASP G 125 -0.14 7.09 -22.54
CA ASP G 125 -0.76 6.28 -23.61
C ASP G 125 -0.33 6.77 -25.00
N VAL G 126 0.32 7.93 -25.04
CA VAL G 126 0.70 8.55 -26.31
C VAL G 126 2.21 8.54 -26.48
N GLU G 127 2.90 9.30 -25.63
CA GLU G 127 4.35 9.36 -25.65
C GLU G 127 4.88 10.02 -26.91
N THR G 128 6.19 10.22 -26.97
CA THR G 128 6.82 10.89 -28.10
C THR G 128 6.66 10.14 -29.41
N LYS G 129 6.72 8.83 -29.33
CA LYS G 129 6.64 8.00 -30.53
C LYS G 129 5.31 8.19 -31.28
N ASN G 130 4.20 8.22 -30.56
CA ASN G 130 2.92 8.50 -31.20
C ASN G 130 2.78 9.95 -31.61
N ALA G 131 3.20 10.86 -30.75
CA ALA G 131 3.03 12.30 -31.02
C ALA G 131 3.67 12.72 -32.34
N VAL G 132 4.84 12.17 -32.63
CA VAL G 132 5.51 12.45 -33.88
C VAL G 132 4.66 11.98 -35.04
N ASN G 133 4.18 10.75 -34.94
CA ASN G 133 3.35 10.17 -35.99
C ASN G 133 2.05 10.95 -36.12
N ASP G 134 1.60 11.53 -35.01
CA ASP G 134 0.35 12.28 -34.97
C ASP G 134 0.47 13.66 -35.62
N VAL G 135 1.65 14.27 -35.54
CA VAL G 135 1.89 15.55 -36.19
C VAL G 135 1.74 15.37 -37.71
N LEU G 136 2.32 14.30 -38.23
CA LEU G 136 2.24 14.02 -39.65
C LEU G 136 0.82 13.70 -40.07
N LEU G 137 0.09 12.98 -39.21
CA LEU G 137 -1.29 12.69 -39.51
C LEU G 137 -2.11 13.96 -39.58
N LEU G 138 -2.03 14.81 -38.57
CA LEU G 138 -2.76 16.08 -38.56
C LEU G 138 -2.40 16.92 -39.78
N TYR G 139 -1.10 17.02 -40.08
CA TYR G 139 -0.65 17.82 -41.21
C TYR G 139 -1.25 17.34 -42.53
N ASN G 140 -1.28 16.03 -42.72
CA ASN G 140 -1.80 15.47 -43.96
C ASN G 140 -3.31 15.52 -44.12
N SER G 141 -4.03 15.43 -43.00
CA SER G 141 -5.48 15.50 -43.01
C SER G 141 -5.96 16.80 -43.64
N ILE G 142 -5.20 17.87 -43.40
CA ILE G 142 -5.48 19.16 -44.03
C ILE G 142 -5.73 19.03 -45.54
N TYR G 143 -4.82 18.32 -46.21
CA TYR G 143 -4.85 18.21 -47.66
C TYR G 143 -5.96 17.25 -48.13
N LYS G 144 -6.29 16.28 -47.28
CA LYS G 144 -7.42 15.41 -47.58
C LYS G 144 -8.73 16.18 -47.52
N LEU G 145 -8.87 17.02 -46.49
CA LEU G 145 -10.09 17.80 -46.33
C LEU G 145 -10.24 18.81 -47.46
N ILE G 146 -9.13 19.40 -47.87
CA ILE G 146 -9.16 20.38 -48.93
C ILE G 146 -9.51 19.73 -50.26
N GLU G 147 -9.07 18.50 -50.46
CA GLU G 147 -9.50 17.73 -51.62
C GLU G 147 -11.01 17.48 -51.56
N ILE G 148 -11.48 17.00 -50.42
CA ILE G 148 -12.89 16.66 -50.26
C ILE G 148 -13.83 17.82 -50.58
N TYR G 149 -13.46 19.02 -50.16
CA TYR G 149 -14.35 20.17 -50.29
C TYR G 149 -14.02 21.17 -51.39
N LEU G 150 -12.78 21.15 -51.88
CA LEU G 150 -12.38 22.13 -52.89
C LEU G 150 -11.78 21.51 -54.15
N ARG G 151 -11.89 20.19 -54.27
CA ARG G 151 -11.35 19.44 -55.40
C ARG G 151 -11.63 20.11 -56.75
N ASN G 152 -12.88 20.54 -56.93
CA ASN G 152 -13.32 21.06 -58.22
C ASN G 152 -13.30 22.59 -58.33
N GLU G 153 -12.75 23.25 -57.32
CA GLU G 153 -12.64 24.70 -57.36
C GLU G 153 -11.42 25.12 -58.16
N SER G 154 -11.52 26.26 -58.83
CA SER G 154 -10.43 26.77 -59.64
C SER G 154 -9.22 27.13 -58.79
N CYS G 155 -9.47 27.62 -57.58
CA CYS G 155 -8.41 28.05 -56.67
C CYS G 155 -7.74 26.87 -55.96
N TYR G 156 -8.19 25.66 -56.27
CA TYR G 156 -7.72 24.47 -55.59
C TYR G 156 -6.19 24.42 -55.49
N VAL G 157 -5.52 24.42 -56.63
CA VAL G 157 -4.07 24.30 -56.68
C VAL G 157 -3.38 25.41 -55.90
N ASP G 158 -3.84 26.65 -56.09
CA ASP G 158 -3.28 27.80 -55.39
C ASP G 158 -3.43 27.70 -53.87
N VAL G 159 -4.58 27.18 -53.43
CA VAL G 159 -4.83 27.04 -52.00
C VAL G 159 -3.88 26.04 -51.37
N ILE G 160 -3.79 24.84 -51.94
CA ILE G 160 -2.84 23.88 -51.39
C ILE G 160 -1.41 24.38 -51.46
N ALA G 161 -1.09 25.16 -52.49
CA ALA G 161 0.23 25.75 -52.60
C ALA G 161 0.48 26.76 -51.49
N THR G 162 -0.55 27.52 -51.14
CA THR G 162 -0.39 28.49 -50.07
C THR G 162 -0.14 27.81 -48.73
N PHE G 163 -0.85 26.71 -48.48
CA PHE G 163 -0.65 25.94 -47.27
C PHE G 163 0.77 25.41 -47.21
N ARG G 164 1.23 24.88 -48.34
CA ARG G 164 2.53 24.21 -48.42
C ARG G 164 3.68 25.20 -48.27
N ASP G 165 3.56 26.33 -48.95
CA ASP G 165 4.62 27.32 -48.87
C ASP G 165 4.69 28.00 -47.52
N ALA G 166 3.52 28.23 -46.91
CA ALA G 166 3.46 28.83 -45.59
C ALA G 166 4.05 27.87 -44.54
N THR G 167 3.77 26.59 -44.69
CA THR G 167 4.34 25.57 -43.82
C THR G 167 5.86 25.51 -43.94
N LEU G 168 6.39 25.57 -45.17
CA LEU G 168 7.85 25.56 -45.38
C LEU G 168 8.56 26.71 -44.69
N LYS G 169 7.98 27.91 -44.78
CA LYS G 169 8.50 29.05 -44.05
C LYS G 169 8.46 28.86 -42.53
N THR G 170 7.37 28.28 -42.03
CA THR G 170 7.23 28.04 -40.60
C THR G 170 8.28 27.06 -40.11
N ILE G 171 8.55 26.05 -40.93
CA ILE G 171 9.57 25.06 -40.61
C ILE G 171 10.95 25.71 -40.52
N ILE G 172 11.30 26.55 -41.50
CA ILE G 172 12.55 27.29 -41.43
C ILE G 172 12.58 28.24 -40.24
N GLY G 173 11.48 28.94 -39.99
CA GLY G 173 11.42 29.82 -38.80
C GLY G 173 11.69 29.04 -37.54
N GLN G 174 11.08 27.85 -37.46
CA GLN G 174 11.21 27.00 -36.28
C GLN G 174 12.63 26.45 -36.19
N HIS G 175 13.26 26.22 -37.33
CA HIS G 175 14.64 25.75 -37.34
C HIS G 175 15.59 26.79 -36.77
N LEU G 176 15.41 28.05 -37.16
CA LEU G 176 16.25 29.14 -36.66
C LEU G 176 15.96 29.37 -35.19
N ASP G 177 14.68 29.38 -34.84
CA ASP G 177 14.25 29.55 -33.46
C ASP G 177 14.96 28.55 -32.55
N THR G 178 15.14 27.33 -33.06
CA THR G 178 15.68 26.23 -32.26
C THR G 178 17.20 26.24 -32.20
N ASN G 179 17.83 26.84 -33.21
CA ASN G 179 19.28 26.68 -33.39
C ASN G 179 20.10 27.98 -33.44
N ILE G 180 19.44 29.13 -33.34
CA ILE G 180 20.11 30.41 -33.55
C ILE G 180 21.35 30.61 -32.68
N PHE G 181 21.33 30.01 -31.50
CA PHE G 181 22.46 30.17 -30.57
C PHE G 181 23.37 28.95 -30.56
N SER G 182 23.05 27.96 -31.38
CA SER G 182 23.75 26.68 -31.34
C SER G 182 25.19 26.76 -31.85
N ASP G 183 26.01 25.87 -31.31
CA ASP G 183 27.44 25.79 -31.66
C ASP G 183 27.63 25.82 -33.19
N LYS G 184 26.84 25.01 -33.89
CA LYS G 184 26.95 24.90 -35.33
C LYS G 184 26.81 26.26 -36.01
N TYR G 185 25.95 27.11 -35.46
CA TYR G 185 25.62 28.41 -36.06
C TYR G 185 26.55 29.54 -35.61
N SER G 186 27.53 29.21 -34.80
CA SER G 186 28.47 30.21 -34.27
C SER G 186 29.75 30.27 -35.11
N ILE G 192 28.90 20.42 -38.50
CA ILE G 192 28.22 19.30 -37.87
C ILE G 192 29.10 18.06 -37.93
N ASP G 193 29.43 17.52 -36.76
CA ASP G 193 30.22 16.29 -36.70
C ASP G 193 29.30 15.08 -36.74
N VAL G 194 29.26 14.40 -37.89
CA VAL G 194 28.37 13.27 -38.08
C VAL G 194 28.86 12.03 -37.35
N ASN G 195 29.91 12.21 -36.55
CA ASN G 195 30.44 11.12 -35.74
C ASN G 195 30.32 11.40 -34.26
N ASN G 196 29.66 12.50 -33.91
CA ASN G 196 29.46 12.88 -32.52
C ASN G 196 28.04 12.56 -32.06
N ILE G 197 27.89 11.51 -31.26
CA ILE G 197 26.59 11.18 -30.66
C ILE G 197 26.60 11.25 -29.13
N ASN G 198 27.70 11.73 -28.57
CA ASN G 198 27.87 11.83 -27.12
C ASN G 198 28.02 13.28 -26.66
N PRO G 203 24.61 24.53 -23.68
CA PRO G 203 24.09 25.58 -24.55
C PRO G 203 24.25 26.97 -23.93
N VAL G 204 24.74 27.91 -24.71
CA VAL G 204 24.94 29.27 -24.25
C VAL G 204 24.46 30.25 -25.31
N ILE G 205 24.22 31.49 -24.93
CA ILE G 205 23.80 32.50 -25.89
C ILE G 205 24.99 33.04 -26.67
N ASP G 206 24.73 33.45 -27.91
CA ASP G 206 25.76 34.05 -28.76
C ASP G 206 25.37 35.51 -28.99
N ILE G 207 26.15 36.42 -28.41
CA ILE G 207 25.78 37.84 -28.37
C ILE G 207 25.68 38.46 -29.77
N ASN G 208 26.30 37.82 -30.75
CA ASN G 208 26.28 38.32 -32.11
C ASN G 208 24.93 38.15 -32.79
N MET G 209 24.09 37.29 -32.20
CA MET G 209 22.78 36.99 -32.76
C MET G 209 21.68 37.73 -32.03
N ILE G 210 22.06 38.50 -31.01
CA ILE G 210 21.08 39.22 -30.19
C ILE G 210 20.76 40.60 -30.75
N ASN G 211 19.89 40.63 -31.74
CA ASN G 211 19.46 41.88 -32.34
C ASN G 211 18.13 41.73 -33.06
N PHE G 212 17.48 42.85 -33.30
CA PHE G 212 16.14 42.88 -33.85
C PHE G 212 16.10 42.37 -35.29
N GLY G 213 17.22 42.51 -35.99
CA GLY G 213 17.31 42.10 -37.39
C GLY G 213 17.13 40.60 -37.52
N VAL G 214 17.90 39.86 -36.74
CA VAL G 214 17.83 38.42 -36.70
C VAL G 214 16.50 37.95 -36.16
N TYR G 215 16.06 38.54 -35.06
CA TYR G 215 14.81 38.17 -34.43
C TYR G 215 13.62 38.34 -35.39
N LYS G 216 13.65 39.40 -36.21
CA LYS G 216 12.60 39.61 -37.19
C LYS G 216 12.62 38.51 -38.26
N ASN G 217 13.82 38.11 -38.68
CA ASN G 217 13.94 36.99 -39.61
C ASN G 217 13.25 35.76 -39.05
N ILE G 218 13.56 35.44 -37.80
CA ILE G 218 13.01 34.26 -37.16
C ILE G 218 11.51 34.36 -37.03
N VAL G 219 11.06 35.50 -36.49
CA VAL G 219 9.68 35.71 -36.11
C VAL G 219 8.72 35.72 -37.30
N ILE G 220 9.14 36.38 -38.38
CA ILE G 220 8.33 36.48 -39.58
C ILE G 220 8.15 35.11 -40.22
N HIS G 221 9.20 34.31 -40.23
CA HIS G 221 9.10 32.96 -40.81
C HIS G 221 8.36 31.97 -39.91
N LYS G 222 8.53 32.12 -38.60
CA LYS G 222 7.92 31.22 -37.63
C LYS G 222 6.40 31.38 -37.47
N THR G 223 5.90 32.60 -37.61
CA THR G 223 4.55 32.92 -37.18
C THR G 223 3.73 33.65 -38.24
N ALA G 224 4.34 34.64 -38.88
CA ALA G 224 3.63 35.55 -39.76
C ALA G 224 2.95 34.86 -40.93
N TYR G 225 3.66 33.95 -41.59
CA TYR G 225 3.11 33.32 -42.78
C TYR G 225 1.92 32.39 -42.55
N TYR G 226 1.99 31.55 -41.53
CA TYR G 226 0.86 30.65 -41.27
C TYR G 226 -0.27 31.28 -40.47
N SER G 227 0.06 32.33 -39.70
CA SER G 227 -0.90 32.92 -38.78
C SER G 227 -1.69 34.08 -39.40
N PHE G 228 -1.07 34.77 -40.34
CA PHE G 228 -1.72 35.91 -40.98
C PHE G 228 -1.80 35.78 -42.49
N PHE G 229 -0.66 35.60 -43.13
CA PHE G 229 -0.65 35.52 -44.59
C PHE G 229 -1.55 34.42 -45.12
N LEU G 230 -1.41 33.22 -44.56
CA LEU G 230 -2.15 32.06 -45.03
C LEU G 230 -3.68 32.21 -44.95
N PRO G 231 -4.21 32.60 -43.78
CA PRO G 231 -5.66 32.68 -43.63
C PRO G 231 -6.29 33.79 -44.47
N ILE G 232 -5.57 34.91 -44.60
CA ILE G 232 -6.03 35.99 -45.46
C ILE G 232 -6.05 35.59 -46.93
N VAL G 233 -4.96 34.98 -47.39
CA VAL G 233 -4.88 34.55 -48.78
C VAL G 233 -5.91 33.48 -49.10
N CYS G 234 -6.23 32.63 -48.13
CA CYS G 234 -7.25 31.61 -48.29
C CYS G 234 -8.60 32.23 -48.61
N GLY G 235 -9.01 33.16 -47.75
CA GLY G 235 -10.28 33.84 -47.92
C GLY G 235 -10.33 34.59 -49.24
N MET G 236 -9.23 35.26 -49.59
CA MET G 236 -9.16 35.98 -50.84
C MET G 236 -9.21 35.05 -52.05
N LEU G 237 -8.39 34.01 -52.04
CA LEU G 237 -8.41 33.05 -53.14
C LEU G 237 -9.81 32.50 -53.35
N LEU G 238 -10.43 32.03 -52.27
CA LEU G 238 -11.74 31.41 -52.34
C LEU G 238 -12.79 32.41 -52.84
N ALA G 239 -12.62 33.66 -52.47
CA ALA G 239 -13.51 34.72 -52.94
C ALA G 239 -13.29 35.03 -54.41
N GLY G 240 -12.12 34.65 -54.92
CA GLY G 240 -11.82 34.76 -56.35
C GLY G 240 -11.02 35.99 -56.76
N ILE G 241 -10.09 36.42 -55.91
CA ILE G 241 -9.23 37.54 -56.25
C ILE G 241 -8.03 37.12 -57.09
N ASP G 244 -2.05 37.25 -58.64
CA ASP G 244 -1.77 38.22 -59.71
C ASP G 244 -1.97 39.66 -59.24
N ASN G 245 -3.04 39.88 -58.47
CA ASN G 245 -3.37 41.22 -58.00
C ASN G 245 -2.28 41.79 -57.09
N LEU G 246 -1.99 43.07 -57.25
CA LEU G 246 -0.92 43.71 -56.49
C LEU G 246 -1.24 43.78 -55.00
N ILE G 247 -2.48 43.45 -54.65
CA ILE G 247 -2.90 43.51 -53.25
C ILE G 247 -2.27 42.40 -52.41
N TYR G 248 -1.94 41.28 -53.04
CA TYR G 248 -1.32 40.16 -52.33
C TYR G 248 0.01 40.54 -51.72
N LYS G 249 0.78 41.35 -52.44
CA LYS G 249 2.06 41.82 -51.96
C LYS G 249 1.92 42.75 -50.74
N LYS G 250 0.94 43.65 -50.78
CA LYS G 250 0.70 44.58 -49.67
C LYS G 250 0.22 43.82 -48.42
N ILE G 251 -0.58 42.79 -48.63
CA ILE G 251 -1.00 41.95 -47.55
C ILE G 251 0.14 41.10 -46.96
N GLU G 252 1.12 40.74 -47.79
CA GLU G 252 2.26 39.99 -47.28
C GLU G 252 3.03 40.85 -46.30
N ASP G 253 3.31 42.09 -46.69
CA ASP G 253 4.07 43.00 -45.85
C ASP G 253 3.33 43.32 -44.56
N ILE G 254 2.01 43.47 -44.64
CA ILE G 254 1.19 43.70 -43.45
C ILE G 254 1.22 42.47 -42.54
N SER G 255 1.13 41.29 -43.15
CA SER G 255 1.25 40.03 -42.43
C SER G 255 2.55 39.96 -41.63
N MET G 256 3.64 40.41 -42.24
CA MET G 256 4.94 40.41 -41.56
C MET G 256 4.94 41.29 -40.32
N LEU G 257 4.23 42.43 -40.40
CA LEU G 257 4.15 43.37 -39.27
C LEU G 257 3.34 42.76 -38.13
N MET G 258 2.22 42.15 -38.48
CA MET G 258 1.33 41.58 -37.50
C MET G 258 1.95 40.35 -36.85
N GLY G 259 2.78 39.66 -37.61
CA GLY G 259 3.43 38.45 -37.11
C GLY G 259 4.41 38.82 -36.02
N GLU G 260 5.25 39.80 -36.33
CA GLU G 260 6.21 40.33 -35.37
C GLU G 260 5.47 40.80 -34.13
N TYR G 261 4.36 41.49 -34.35
CA TYR G 261 3.51 42.00 -33.28
C TYR G 261 2.98 40.88 -32.40
N PHE G 262 2.46 39.84 -33.04
CA PHE G 262 1.93 38.69 -32.33
C PHE G 262 3.03 37.95 -31.56
N GLN G 263 4.16 37.69 -32.21
CA GLN G 263 5.20 36.90 -31.56
C GLN G 263 5.82 37.60 -30.36
N ILE G 264 5.98 38.91 -30.45
CA ILE G 264 6.52 39.70 -29.36
C ILE G 264 5.58 39.67 -28.14
N HIS G 265 4.28 39.63 -28.39
CA HIS G 265 3.31 39.51 -27.30
C HIS G 265 3.37 38.12 -26.68
N ASP G 266 3.59 37.11 -27.52
CA ASP G 266 3.81 35.74 -27.05
C ASP G 266 5.06 35.68 -26.14
N ASP G 267 6.12 36.36 -26.54
CA ASP G 267 7.33 36.42 -25.73
C ASP G 267 7.02 37.02 -24.36
N TYR G 268 6.29 38.11 -24.36
CA TYR G 268 5.87 38.78 -23.13
C TYR G 268 5.10 37.81 -22.24
N LEU G 269 4.15 37.08 -22.84
CA LEU G 269 3.34 36.12 -22.09
C LEU G 269 4.18 35.00 -21.47
N ASP G 270 5.18 34.52 -22.20
CA ASP G 270 6.02 33.43 -21.71
C ASP G 270 6.58 33.70 -20.31
N ILE G 271 6.93 34.95 -20.03
CA ILE G 271 7.56 35.28 -18.75
C ILE G 271 6.71 36.14 -17.80
N PHE G 272 5.93 37.08 -18.37
CA PHE G 272 5.13 38.00 -17.56
C PHE G 272 3.65 37.62 -17.46
N GLY G 273 3.26 36.56 -18.14
CA GLY G 273 1.88 36.11 -18.12
C GLY G 273 1.62 35.07 -17.06
N ASP G 274 0.35 34.80 -16.79
CA ASP G 274 -0.05 33.81 -15.80
C ASP G 274 -0.47 32.53 -16.52
N SER G 275 0.06 31.39 -16.07
CA SER G 275 -0.20 30.12 -16.72
C SER G 275 -1.68 29.76 -16.80
N THR G 276 -2.43 30.17 -15.77
CA THR G 276 -3.87 29.91 -15.74
C THR G 276 -4.58 30.62 -16.91
N LYS G 277 -4.05 31.78 -17.31
CA LYS G 277 -4.66 32.56 -18.38
C LYS G 277 -4.08 32.25 -19.76
N THR G 278 -2.80 31.91 -19.82
CA THR G 278 -2.14 31.57 -21.07
C THR G 278 -2.37 30.09 -21.41
N GLY G 279 -2.53 29.27 -20.37
CA GLY G 279 -2.76 27.85 -20.54
C GLY G 279 -1.49 27.08 -20.82
N LYS G 280 -0.34 27.72 -20.57
CA LYS G 280 0.95 27.07 -20.76
C LYS G 280 2.03 27.66 -19.86
N VAL G 281 3.14 26.93 -19.73
CA VAL G 281 4.27 27.39 -18.91
C VAL G 281 5.46 27.78 -19.79
N SER G 283 8.91 28.88 -20.59
CA SER G 283 10.16 28.13 -20.64
C SER G 283 11.19 28.67 -21.64
N ASP G 284 10.94 29.85 -22.22
CA ASP G 284 11.86 30.43 -23.20
C ASP G 284 13.28 30.56 -22.67
N ILE G 285 13.41 31.08 -21.46
CA ILE G 285 14.72 31.25 -20.83
C ILE G 285 15.45 29.91 -20.68
N GLN G 286 14.76 28.92 -20.11
CA GLN G 286 15.35 27.59 -19.92
C GLN G 286 15.79 27.00 -21.25
N ASN G 287 14.99 27.24 -22.28
CA ASN G 287 15.25 26.66 -23.59
C ASN G 287 16.26 27.44 -24.42
N ASN G 288 16.79 28.51 -23.82
CA ASN G 288 17.81 29.32 -24.50
C ASN G 288 17.29 29.95 -25.78
N LYS G 289 16.09 30.52 -25.73
CA LYS G 289 15.48 31.14 -26.90
C LYS G 289 15.89 32.59 -27.06
N LEU G 290 15.97 33.04 -28.31
CA LEU G 290 16.15 34.45 -28.61
C LEU G 290 14.79 35.11 -28.56
N THR G 291 14.55 35.88 -27.51
CA THR G 291 13.25 36.52 -27.33
C THR G 291 13.39 38.06 -27.36
N TRP G 292 12.26 38.74 -27.47
CA TRP G 292 12.23 40.20 -27.42
C TRP G 292 12.68 40.71 -26.05
N PRO G 293 12.21 40.07 -24.97
CA PRO G 293 12.69 40.46 -23.65
C PRO G 293 14.22 40.39 -23.55
N LEU G 294 14.80 39.29 -24.03
CA LEU G 294 16.26 39.15 -24.03
C LEU G 294 16.90 40.30 -24.81
N ILE G 295 16.47 40.48 -26.05
CA ILE G 295 17.03 41.51 -26.91
C ILE G 295 16.89 42.90 -26.29
N LYS G 296 15.68 43.21 -25.79
CA LYS G 296 15.43 44.51 -25.19
C LYS G 296 16.31 44.74 -23.96
N THR G 297 16.50 43.69 -23.16
CA THR G 297 17.31 43.77 -21.94
C THR G 297 18.78 44.06 -22.25
N PHE G 298 19.31 43.39 -23.28
CA PHE G 298 20.67 43.62 -23.74
C PHE G 298 20.87 45.04 -24.27
N GLU G 299 19.79 45.64 -24.72
CA GLU G 299 19.86 46.99 -25.26
C GLU G 299 19.92 48.07 -24.17
N LEU G 300 19.57 47.71 -22.95
CA LEU G 300 19.46 48.68 -21.87
C LEU G 300 20.34 48.39 -20.65
N CYS G 301 20.96 47.21 -20.63
CA CYS G 301 21.66 46.76 -19.43
C CYS G 301 23.15 47.06 -19.37
N SER G 302 23.67 47.13 -18.15
CA SER G 302 25.08 47.35 -17.90
C SER G 302 25.93 46.24 -18.48
N GLU G 303 27.23 46.49 -18.57
CA GLU G 303 28.17 45.50 -19.07
C GLU G 303 28.31 44.30 -18.15
N PRO G 304 28.16 44.51 -16.84
CA PRO G 304 28.22 43.38 -15.91
C PRO G 304 26.93 42.57 -15.93
N ASP G 305 25.79 43.24 -16.10
CA ASP G 305 24.50 42.55 -16.20
C ASP G 305 24.43 41.63 -17.42
N LYS G 306 25.28 41.91 -18.42
CA LYS G 306 25.36 41.05 -19.60
C LYS G 306 26.12 39.76 -19.29
N ILE G 307 27.18 39.87 -18.49
CA ILE G 307 27.94 38.69 -18.07
C ILE G 307 27.01 37.79 -17.26
N LYS G 308 26.19 38.41 -16.41
CA LYS G 308 25.27 37.66 -15.58
C LYS G 308 24.21 36.97 -16.45
N ILE G 309 23.76 37.65 -17.49
CA ILE G 309 22.82 37.06 -18.44
C ILE G 309 23.44 35.83 -19.10
N VAL G 310 24.63 36.01 -19.68
CA VAL G 310 25.34 34.92 -20.32
C VAL G 310 25.59 33.76 -19.36
N LYS G 311 25.85 34.10 -18.10
CA LYS G 311 26.12 33.10 -17.09
C LYS G 311 24.86 32.32 -16.72
N ASN G 312 23.71 32.98 -16.82
CA ASN G 312 22.47 32.42 -16.28
C ASN G 312 21.40 31.95 -17.27
N TYR G 313 21.53 32.34 -18.53
CA TYR G 313 20.49 32.08 -19.51
C TYR G 313 20.62 30.70 -20.14
N GLY G 314 19.48 30.11 -20.51
CA GLY G 314 19.47 28.84 -21.21
C GLY G 314 19.76 27.68 -20.29
N LYS G 315 19.60 27.90 -18.99
CA LYS G 315 19.80 26.83 -18.03
C LYS G 315 18.47 26.35 -17.46
N ASN G 316 18.17 25.09 -17.75
CA ASN G 316 16.95 24.48 -17.27
C ASN G 316 17.02 24.33 -15.76
N ASN G 317 16.95 25.45 -15.06
CA ASN G 317 17.25 25.51 -13.64
C ASN G 317 16.61 26.76 -13.01
N LEU G 318 15.86 26.56 -11.94
CA LEU G 318 15.09 27.64 -11.33
C LEU G 318 15.89 28.81 -10.80
N ALA G 319 17.00 28.51 -10.13
CA ALA G 319 17.85 29.57 -9.56
C ALA G 319 18.34 30.52 -10.65
N CYS G 320 18.85 29.94 -11.75
CA CYS G 320 19.35 30.72 -12.87
C CYS G 320 18.23 31.50 -13.55
N VAL G 321 17.08 30.86 -13.74
CA VAL G 321 15.96 31.52 -14.40
C VAL G 321 15.47 32.72 -13.59
N LYS G 322 15.50 32.59 -12.27
CA LYS G 322 15.11 33.68 -11.37
C LYS G 322 16.02 34.91 -11.52
N VAL G 323 17.29 34.66 -11.83
CA VAL G 323 18.24 35.76 -12.05
C VAL G 323 17.84 36.58 -13.27
N ILE G 324 17.49 35.90 -14.36
CA ILE G 324 17.07 36.58 -15.59
C ILE G 324 15.73 37.27 -15.34
N ASP G 325 14.82 36.57 -14.69
CA ASP G 325 13.49 37.10 -14.40
C ASP G 325 13.61 38.40 -13.61
N SER G 326 14.50 38.41 -12.63
CA SER G 326 14.73 39.62 -11.84
C SER G 326 15.34 40.74 -12.69
N LEU G 327 16.18 40.38 -13.66
CA LEU G 327 16.73 41.37 -14.59
C LEU G 327 15.65 41.98 -15.48
N TYR G 328 14.67 41.17 -15.88
CA TYR G 328 13.59 41.67 -16.70
C TYR G 328 12.74 42.67 -15.90
N GLU G 329 12.63 42.43 -14.59
CA GLU G 329 11.92 43.34 -13.71
C GLU G 329 12.73 44.61 -13.44
N GLN G 330 14.05 44.46 -13.27
CA GLN G 330 14.93 45.59 -12.99
C GLN G 330 14.95 46.63 -14.10
N TYR G 331 14.88 46.17 -15.35
CA TYR G 331 14.95 47.07 -16.49
C TYR G 331 13.58 47.40 -17.08
N LYS G 332 12.54 47.21 -16.29
CA LYS G 332 11.18 47.59 -16.69
C LYS G 332 10.78 47.08 -18.07
N ILE G 333 11.02 45.80 -18.32
CA ILE G 333 10.70 45.20 -19.61
C ILE G 333 9.21 45.25 -19.91
N ARG G 334 8.40 44.95 -18.90
CA ARG G 334 6.95 45.08 -19.00
C ARG G 334 6.54 46.45 -19.56
N LYS G 335 7.20 47.51 -19.11
CA LYS G 335 6.85 48.86 -19.54
C LYS G 335 7.32 49.14 -20.95
N HIS G 336 8.50 48.64 -21.30
CA HIS G 336 9.04 48.82 -22.64
C HIS G 336 8.18 48.11 -23.71
N TYR G 337 7.59 46.97 -23.35
CA TYR G 337 6.69 46.26 -24.25
C TYR G 337 5.43 47.07 -24.53
N GLU G 338 4.76 47.50 -23.46
CA GLU G 338 3.53 48.29 -23.60
C GLU G 338 3.78 49.50 -24.50
N SER G 339 5.03 49.96 -24.53
CA SER G 339 5.44 51.05 -25.39
C SER G 339 5.66 50.58 -26.83
N TYR G 340 6.27 49.41 -26.97
CA TYR G 340 6.44 48.82 -28.29
C TYR G 340 5.07 48.53 -28.89
N GLU G 341 4.18 47.98 -28.07
CA GLU G 341 2.83 47.62 -28.49
C GLU G 341 2.10 48.82 -29.09
N LYS G 342 2.19 49.97 -28.43
CA LYS G 342 1.56 51.20 -28.94
C LYS G 342 2.12 51.59 -30.30
N ALA G 343 3.44 51.54 -30.45
CA ALA G 343 4.09 51.95 -31.69
C ALA G 343 3.88 50.97 -32.85
N GLN G 344 4.10 49.68 -32.59
CA GLN G 344 3.90 48.67 -33.62
C GLN G 344 2.46 48.68 -34.13
N LYS G 345 1.50 48.75 -33.21
CA LYS G 345 0.09 48.76 -33.57
C LYS G 345 -0.25 49.92 -34.51
N ALA G 346 0.46 51.03 -34.34
CA ALA G 346 0.22 52.20 -35.18
C ALA G 346 0.73 51.95 -36.59
N LYS G 347 1.92 51.35 -36.70
CA LYS G 347 2.50 51.05 -38.00
C LYS G 347 1.65 50.05 -38.80
N ILE G 348 0.95 49.15 -38.10
CA ILE G 348 0.08 48.18 -38.76
C ILE G 348 -1.18 48.88 -39.27
N LEU G 349 -1.89 49.55 -38.38
CA LEU G 349 -3.07 50.30 -38.77
C LEU G 349 -2.74 51.20 -39.96
N SER G 350 -1.63 51.92 -39.85
CA SER G 350 -1.15 52.76 -40.93
C SER G 350 -1.06 51.98 -42.24
N ALA G 351 -0.21 50.96 -42.26
CA ALA G 351 -0.01 50.14 -43.46
C ALA G 351 -1.35 49.65 -43.98
N ILE G 352 -2.25 49.28 -43.08
CA ILE G 352 -3.55 48.75 -43.47
C ILE G 352 -4.35 49.75 -44.28
N ASN G 353 -4.16 51.04 -43.99
CA ASN G 353 -4.92 52.08 -44.66
C ASN G 353 -4.50 52.34 -46.10
N GLU G 354 -3.38 51.73 -46.50
CA GLU G 354 -2.88 51.89 -47.87
C GLU G 354 -3.32 50.74 -48.77
N LEU G 355 -4.18 49.87 -48.24
CA LEU G 355 -4.70 48.73 -49.01
C LEU G 355 -5.69 49.16 -50.09
N HIS G 356 -6.42 50.24 -49.80
CA HIS G 356 -7.45 50.71 -50.70
C HIS G 356 -8.50 49.63 -50.95
N HIS G 357 -8.87 48.93 -49.88
CA HIS G 357 -9.98 47.98 -49.91
C HIS G 357 -10.68 48.01 -48.56
N GLU G 358 -11.87 48.60 -48.54
CA GLU G 358 -12.60 48.84 -47.28
C GLU G 358 -12.98 47.56 -46.53
N GLY G 359 -13.43 46.55 -47.24
CA GLY G 359 -13.80 45.28 -46.61
C GLY G 359 -12.65 44.61 -45.87
N ILE G 360 -11.49 44.56 -46.52
CA ILE G 360 -10.33 43.92 -45.92
C ILE G 360 -9.72 44.79 -44.84
N GLU G 361 -9.67 46.10 -45.09
CA GLU G 361 -9.14 47.03 -44.10
C GLU G 361 -9.84 46.92 -42.75
N TYR G 362 -11.16 46.73 -42.76
CA TYR G 362 -11.87 46.62 -41.50
C TYR G 362 -11.64 45.30 -40.78
N VAL G 363 -11.71 44.20 -41.53
CA VAL G 363 -11.40 42.91 -40.97
C VAL G 363 -10.04 42.93 -40.28
N LEU G 364 -9.06 43.54 -40.93
CA LEU G 364 -7.70 43.60 -40.39
C LEU G 364 -7.59 44.43 -39.12
N LYS G 365 -8.30 45.56 -39.09
CA LYS G 365 -8.35 46.43 -37.92
C LYS G 365 -9.06 45.74 -36.76
N TYR G 366 -10.15 45.05 -37.07
CA TYR G 366 -10.88 44.28 -36.09
C TYR G 366 -10.02 43.16 -35.53
N LEU G 367 -9.28 42.49 -36.42
CA LEU G 367 -8.41 41.40 -36.04
C LEU G 367 -7.39 41.84 -35.00
N LEU G 368 -6.80 43.01 -35.25
CA LEU G 368 -5.80 43.58 -34.37
C LEU G 368 -6.32 43.77 -32.94
N GLU G 369 -7.58 44.16 -32.80
CA GLU G 369 -8.17 44.43 -31.49
C GLU G 369 -8.47 43.18 -30.68
N ILE G 370 -8.86 42.11 -31.36
CA ILE G 370 -9.25 40.88 -30.69
C ILE G 370 -8.15 39.83 -30.75
N LEU G 371 -6.97 40.25 -31.18
CA LEU G 371 -5.88 39.32 -31.47
C LEU G 371 -5.33 38.60 -30.25
N PHE G 372 -5.48 39.22 -29.08
CA PHE G 372 -4.89 38.67 -27.86
C PHE G 372 -5.91 37.93 -26.99
N THR G 373 -7.17 38.33 -27.10
CA THR G 373 -8.24 37.66 -26.37
C THR G 373 -9.06 36.74 -27.26
N GLY G 374 -9.20 37.12 -28.53
CA GLY G 374 -10.10 36.41 -29.44
C GLY G 374 -11.53 36.89 -29.30
N ALA H 14 -13.48 -6.77 69.42
CA ALA H 14 -13.71 -8.02 70.21
C ALA H 14 -14.70 -8.94 69.49
N PHE H 15 -15.78 -8.37 68.99
CA PHE H 15 -16.79 -9.13 68.26
C PHE H 15 -16.17 -9.75 67.01
N PHE H 16 -15.46 -8.93 66.24
CA PHE H 16 -14.81 -9.37 65.03
C PHE H 16 -13.72 -10.37 65.37
N ARG H 17 -13.02 -10.12 66.47
CA ARG H 17 -11.96 -11.02 66.89
C ARG H 17 -12.53 -12.32 67.46
N ASN H 18 -13.79 -12.28 67.88
CA ASN H 18 -14.46 -13.46 68.40
C ASN H 18 -14.84 -14.46 67.33
N MET H 19 -15.04 -13.97 66.11
CA MET H 19 -15.54 -14.80 65.00
C MET H 19 -14.42 -15.46 64.19
N TYR H 20 -13.17 -15.17 64.53
CA TYR H 20 -12.03 -15.72 63.79
C TYR H 20 -12.12 -17.24 63.59
N ASP H 21 -12.18 -17.98 64.69
CA ASP H 21 -12.28 -19.44 64.66
C ASP H 21 -13.32 -19.94 63.66
N LYS H 22 -14.48 -19.30 63.67
CA LYS H 22 -15.56 -19.68 62.79
C LYS H 22 -15.10 -19.72 61.34
N TYR H 23 -14.44 -18.65 60.89
CA TYR H 23 -14.00 -18.58 59.50
C TYR H 23 -12.85 -19.54 59.19
N ARG H 24 -11.90 -19.65 60.11
CA ARG H 24 -10.83 -20.62 59.96
C ARG H 24 -11.38 -22.04 59.86
N ASP H 25 -12.24 -22.42 60.80
CA ASP H 25 -12.77 -23.79 60.84
C ASP H 25 -13.63 -24.13 59.64
N ALA H 26 -14.38 -23.15 59.14
CA ALA H 26 -15.12 -23.34 57.89
C ALA H 26 -14.16 -23.71 56.75
N PHE H 27 -13.03 -23.03 56.66
CA PHE H 27 -12.08 -23.36 55.60
C PHE H 27 -11.45 -24.72 55.83
N LEU H 28 -10.94 -24.92 57.03
CA LEU H 28 -10.29 -26.17 57.38
C LEU H 28 -11.24 -27.34 57.18
N SER H 29 -12.54 -27.05 57.31
CA SER H 29 -13.57 -28.08 57.18
C SER H 29 -13.76 -28.47 55.73
N HIS H 30 -13.55 -27.52 54.83
CA HIS H 30 -13.52 -27.81 53.41
C HIS H 30 -12.35 -28.72 53.05
N LEU H 31 -11.18 -28.47 53.65
CA LEU H 31 -10.02 -29.32 53.38
C LEU H 31 -10.32 -30.74 53.88
N ASN H 32 -10.97 -30.82 55.04
CA ASN H 32 -11.19 -32.10 55.71
C ASN H 32 -12.15 -33.00 54.94
N GLU H 33 -12.87 -32.42 53.99
CA GLU H 33 -13.72 -33.20 53.11
C GLU H 33 -12.94 -33.97 52.04
N TYR H 34 -11.67 -33.61 51.81
CA TYR H 34 -10.91 -34.28 50.77
C TYR H 34 -10.80 -35.79 51.03
N SER H 35 -10.87 -36.58 49.96
CA SER H 35 -10.69 -38.02 50.05
C SER H 35 -9.22 -38.34 50.31
N LEU H 36 -8.82 -38.27 51.57
CA LEU H 36 -7.46 -38.60 51.98
C LEU H 36 -7.54 -39.58 53.14
N GLU H 37 -6.45 -40.30 53.40
CA GLU H 37 -6.38 -41.17 54.56
C GLU H 37 -6.48 -40.37 55.85
N GLU H 38 -7.07 -40.98 56.88
CA GLU H 38 -7.39 -40.25 58.10
C GLU H 38 -6.19 -39.68 58.82
N GLU H 39 -5.10 -40.44 58.89
CA GLU H 39 -3.88 -39.96 59.51
C GLU H 39 -3.41 -38.71 58.76
N ILE H 40 -3.49 -38.78 57.43
CA ILE H 40 -3.06 -37.68 56.59
C ILE H 40 -3.96 -36.47 56.83
N LYS H 41 -5.27 -36.71 56.85
CA LYS H 41 -6.23 -35.65 57.12
C LYS H 41 -5.93 -34.96 58.43
N GLU H 42 -5.52 -35.74 59.43
CA GLU H 42 -5.20 -35.19 60.75
C GLU H 42 -3.92 -34.35 60.76
N HIS H 43 -2.93 -34.76 59.96
CA HIS H 43 -1.70 -33.99 59.81
C HIS H 43 -1.97 -32.67 59.10
N ILE H 44 -2.69 -32.74 57.99
CA ILE H 44 -3.06 -31.54 57.22
C ILE H 44 -3.81 -30.53 58.10
N SER H 45 -4.74 -31.03 58.90
CA SER H 45 -5.49 -30.18 59.80
C SER H 45 -4.58 -29.44 60.78
N LYS H 46 -3.63 -30.15 61.38
CA LYS H 46 -2.68 -29.55 62.30
C LYS H 46 -1.82 -28.48 61.64
N TYR H 47 -1.25 -28.81 60.48
CA TYR H 47 -0.40 -27.86 59.78
C TYR H 47 -1.16 -26.57 59.44
N TYR H 48 -2.34 -26.72 58.86
CA TYR H 48 -3.05 -25.55 58.35
C TYR H 48 -3.72 -24.69 59.41
N LYS H 49 -4.06 -25.29 60.54
CA LYS H 49 -4.54 -24.51 61.67
C LYS H 49 -3.43 -23.58 62.16
N LEU H 50 -2.20 -24.08 62.21
CA LEU H 50 -1.08 -23.23 62.63
C LEU H 50 -0.77 -22.14 61.60
N LEU H 51 -0.81 -22.49 60.31
CA LEU H 51 -0.60 -21.51 59.25
C LEU H 51 -1.50 -20.30 59.47
N PHE H 52 -2.79 -20.55 59.63
CA PHE H 52 -3.74 -19.47 59.81
C PHE H 52 -3.52 -18.73 61.12
N ASP H 53 -3.41 -19.48 62.21
CA ASP H 53 -3.23 -18.85 63.52
C ASP H 53 -1.96 -18.05 63.56
N TYR H 54 -0.89 -18.63 63.04
CA TYR H 54 0.44 -18.01 63.12
C TYR H 54 0.49 -16.72 62.36
N ASN H 55 -0.25 -16.65 61.25
CA ASN H 55 -0.11 -15.53 60.33
C ASN H 55 -1.29 -14.58 60.26
N CYS H 56 -2.45 -14.99 60.76
CA CYS H 56 -3.64 -14.15 60.69
C CYS H 56 -3.91 -13.36 61.96
N LEU H 57 -3.28 -13.78 63.05
CA LEU H 57 -3.51 -13.19 64.37
C LEU H 57 -2.32 -12.37 64.84
N GLY H 58 -2.57 -11.27 65.55
CA GLY H 58 -1.50 -10.50 66.13
C GLY H 58 -1.26 -9.16 65.46
N GLY H 59 -2.02 -8.89 64.40
CA GLY H 59 -1.92 -7.60 63.74
C GLY H 59 -2.90 -6.62 64.37
N LYS H 60 -3.03 -5.44 63.78
CA LYS H 60 -3.94 -4.43 64.30
C LYS H 60 -5.36 -4.56 63.72
N ASN H 61 -5.50 -5.41 62.71
CA ASN H 61 -6.79 -5.64 62.08
C ASN H 61 -7.51 -4.36 61.62
N ASN H 62 -6.74 -3.34 61.26
CA ASN H 62 -7.31 -2.12 60.71
C ASN H 62 -8.13 -2.37 59.44
N ARG H 63 -7.64 -3.23 58.57
CA ARG H 63 -8.35 -3.50 57.32
C ARG H 63 -9.68 -4.19 57.57
N GLY H 64 -9.69 -5.16 58.48
CA GLY H 64 -10.92 -5.88 58.80
C GLY H 64 -11.95 -5.00 59.47
N ILE H 65 -11.53 -4.29 60.51
CA ILE H 65 -12.40 -3.36 61.21
C ILE H 65 -13.07 -2.39 60.26
N LEU H 66 -12.31 -1.90 59.28
CA LEU H 66 -12.82 -0.92 58.31
C LEU H 66 -14.02 -1.45 57.52
N VAL H 67 -14.00 -2.74 57.21
CA VAL H 67 -15.12 -3.37 56.51
C VAL H 67 -16.36 -3.31 57.41
N ILE H 68 -16.18 -3.72 58.66
CA ILE H 68 -17.26 -3.81 59.61
C ILE H 68 -17.86 -2.44 59.91
N LEU H 69 -17.00 -1.47 60.19
CA LEU H 69 -17.46 -0.10 60.42
C LEU H 69 -18.18 0.49 59.22
N ILE H 70 -17.64 0.29 58.02
CA ILE H 70 -18.26 0.82 56.81
C ILE H 70 -19.62 0.18 56.53
N TYR H 71 -19.69 -1.14 56.69
CA TYR H 71 -20.95 -1.84 56.48
C TYR H 71 -21.99 -1.31 57.45
N GLU H 72 -21.56 -1.02 58.67
CA GLU H 72 -22.46 -0.62 59.73
C GLU H 72 -23.00 0.79 59.54
N TYR H 73 -22.16 1.68 59.02
CA TYR H 73 -22.54 3.07 58.86
C TYR H 73 -23.10 3.42 57.49
N VAL H 74 -23.02 2.48 56.56
CA VAL H 74 -23.58 2.68 55.23
C VAL H 74 -25.09 2.38 55.23
N ILE H 79 -28.87 -3.92 62.20
CA ILE H 79 -28.13 -5.01 61.53
C ILE H 79 -28.24 -6.31 62.32
N ASN H 80 -28.78 -7.35 61.70
CA ASN H 80 -28.92 -8.62 62.37
C ASN H 80 -27.64 -9.46 62.33
N SER H 81 -27.64 -10.56 63.09
CA SER H 81 -26.45 -11.39 63.21
C SER H 81 -26.10 -12.11 61.90
N SER H 82 -27.11 -12.49 61.15
CA SER H 82 -26.91 -13.13 59.84
C SER H 82 -26.13 -12.19 58.91
N GLU H 83 -26.43 -10.90 59.02
CA GLU H 83 -25.77 -9.90 58.20
C GLU H 83 -24.35 -9.67 58.67
N TRP H 84 -24.17 -9.63 59.99
CA TRP H 84 -22.84 -9.49 60.56
C TRP H 84 -21.96 -10.69 60.21
N GLU H 85 -22.59 -11.82 59.92
CA GLU H 85 -21.86 -13.02 59.59
C GLU H 85 -21.17 -12.87 58.24
N LYS H 86 -21.89 -12.29 57.28
CA LYS H 86 -21.35 -12.06 55.94
C LYS H 86 -20.30 -10.96 55.97
N ALA H 87 -20.57 -9.90 56.72
CA ALA H 87 -19.65 -8.77 56.81
C ALA H 87 -18.33 -9.20 57.43
N ALA H 88 -18.43 -9.94 58.53
CA ALA H 88 -17.28 -10.44 59.24
C ALA H 88 -16.45 -11.41 58.39
N CYS H 89 -17.14 -12.13 57.51
CA CYS H 89 -16.47 -13.03 56.59
C CYS H 89 -15.54 -12.24 55.69
N LEU H 90 -16.07 -11.21 55.04
CA LEU H 90 -15.26 -10.31 54.22
C LEU H 90 -14.14 -9.66 55.02
N ALA H 91 -14.43 -9.29 56.27
CA ALA H 91 -13.43 -8.67 57.13
C ALA H 91 -12.26 -9.62 57.43
N TRP H 92 -12.57 -10.87 57.76
CA TRP H 92 -11.51 -11.85 57.96
C TRP H 92 -10.78 -12.22 56.67
N CYS H 93 -11.52 -12.24 55.55
CA CYS H 93 -10.91 -12.50 54.26
C CYS H 93 -9.80 -11.50 53.92
N ILE H 94 -10.04 -10.23 54.21
CA ILE H 94 -9.02 -9.22 54.01
C ILE H 94 -7.84 -9.40 54.93
N GLU H 95 -8.09 -9.86 56.15
CA GLU H 95 -7.00 -10.13 57.09
C GLU H 95 -6.20 -11.35 56.63
N ILE H 96 -6.89 -12.29 56.00
CA ILE H 96 -6.24 -13.47 55.46
C ILE H 96 -5.38 -13.06 54.23
N LEU H 97 -5.87 -12.08 53.47
CA LEU H 97 -5.11 -11.54 52.33
C LEU H 97 -3.83 -10.86 52.85
N GLN H 98 -3.97 -10.10 53.92
CA GLN H 98 -2.85 -9.47 54.61
C GLN H 98 -1.84 -10.52 55.03
N ALA H 99 -2.34 -11.63 55.58
CA ALA H 99 -1.48 -12.75 55.96
C ALA H 99 -0.66 -13.28 54.79
N ALA H 100 -1.33 -13.54 53.67
CA ALA H 100 -0.65 -14.02 52.47
C ALA H 100 0.41 -13.04 51.99
N PHE H 101 0.06 -11.74 51.99
CA PHE H 101 1.00 -10.70 51.58
C PHE H 101 2.21 -10.62 52.49
N LEU H 102 1.98 -10.76 53.79
CA LEU H 102 3.09 -10.65 54.73
C LEU H 102 4.01 -11.86 54.69
N VAL H 103 3.44 -13.05 54.54
CA VAL H 103 4.25 -14.24 54.39
C VAL H 103 5.13 -14.11 53.14
N ALA H 104 4.53 -13.68 52.03
CA ALA H 104 5.25 -13.58 50.77
C ALA H 104 6.27 -12.44 50.78
N ASP H 105 5.89 -11.32 51.38
CA ASP H 105 6.79 -10.18 51.47
C ASP H 105 8.04 -10.56 52.27
N ASP H 106 7.87 -11.37 53.30
CA ASP H 106 9.01 -11.77 54.13
C ASP H 106 9.92 -12.77 53.41
N ILE H 107 9.35 -13.58 52.54
CA ILE H 107 10.15 -14.44 51.68
C ILE H 107 10.94 -13.56 50.70
N MET H 108 10.27 -12.59 50.11
CA MET H 108 10.86 -11.78 49.06
C MET H 108 11.94 -10.84 49.60
N ASP H 109 11.66 -10.20 50.73
CA ASP H 109 12.58 -9.20 51.29
C ASP H 109 13.48 -9.80 52.36
N LYS H 110 13.58 -11.13 52.40
CA LYS H 110 14.25 -11.83 53.48
C LYS H 110 13.97 -11.23 54.86
N GLY H 111 12.70 -11.27 55.28
CA GLY H 111 12.33 -10.76 56.60
C GLY H 111 12.88 -11.61 57.73
N GLU H 112 12.84 -11.06 58.94
CA GLU H 112 13.32 -11.78 60.12
C GLU H 112 12.21 -11.95 61.15
N MET H 113 11.56 -10.84 61.49
CA MET H 113 10.49 -10.84 62.46
C MET H 113 9.26 -10.17 61.86
N ARG H 114 8.09 -10.56 62.35
CA ARG H 114 6.83 -10.01 61.88
C ARG H 114 5.84 -10.22 63.00
N ARG H 115 5.19 -9.13 63.43
CA ARG H 115 4.32 -9.18 64.58
C ARG H 115 5.02 -9.75 65.82
N ASN H 116 6.32 -9.47 65.93
CA ASN H 116 7.07 -9.80 67.14
C ASN H 116 7.51 -11.26 67.28
N LYS H 117 7.45 -12.00 66.18
CA LYS H 117 7.91 -13.38 66.21
C LYS H 117 8.52 -13.75 64.86
N TYR H 118 9.19 -14.90 64.81
CA TYR H 118 9.87 -15.35 63.60
C TYR H 118 8.95 -15.36 62.39
N CYS H 119 9.47 -14.92 61.26
CA CYS H 119 8.80 -15.04 59.98
C CYS H 119 8.53 -16.51 59.70
N TRP H 120 7.33 -16.81 59.23
CA TRP H 120 6.91 -18.16 58.91
C TRP H 120 7.93 -18.94 58.07
N TYR H 121 8.46 -18.32 57.03
CA TYR H 121 9.37 -19.00 56.12
C TYR H 121 10.68 -19.42 56.77
N LEU H 122 11.01 -18.81 57.91
CA LEU H 122 12.25 -19.13 58.63
C LEU H 122 12.17 -20.39 59.49
N LEU H 123 10.97 -20.79 59.88
CA LEU H 123 10.81 -21.95 60.76
C LEU H 123 11.33 -23.21 60.07
N LYS H 124 12.18 -23.97 60.76
CA LYS H 124 12.82 -25.13 60.17
C LYS H 124 11.83 -26.19 59.72
N ASP H 125 10.66 -26.24 60.35
CA ASP H 125 9.59 -27.15 59.95
C ASP H 125 8.81 -26.68 58.70
N VAL H 126 9.11 -25.46 58.25
CA VAL H 126 8.37 -24.82 57.16
C VAL H 126 9.29 -24.57 55.97
N GLU H 127 10.19 -23.61 56.14
CA GLU H 127 11.16 -23.24 55.11
C GLU H 127 10.51 -22.56 53.92
N THR H 128 11.33 -22.05 53.02
CA THR H 128 10.85 -21.33 51.86
C THR H 128 9.90 -22.14 50.98
N LYS H 129 10.18 -23.43 50.81
CA LYS H 129 9.36 -24.26 49.94
C LYS H 129 7.91 -24.37 50.41
N ASN H 130 7.71 -24.59 51.71
CA ASN H 130 6.35 -24.55 52.26
C ASN H 130 5.74 -23.15 52.28
N ALA H 131 6.54 -22.14 52.62
CA ALA H 131 6.01 -20.79 52.73
C ALA H 131 5.42 -20.33 51.39
N VAL H 132 6.12 -20.66 50.30
CA VAL H 132 5.63 -20.30 48.97
C VAL H 132 4.27 -20.92 48.69
N ASN H 133 4.16 -22.22 48.96
CA ASN H 133 2.94 -22.96 48.74
C ASN H 133 1.84 -22.45 49.67
N ASP H 134 2.23 -22.02 50.86
CA ASP H 134 1.30 -21.50 51.84
C ASP H 134 0.72 -20.12 51.48
N VAL H 135 1.49 -19.29 50.80
CA VAL H 135 0.97 -18.00 50.30
C VAL H 135 -0.22 -18.29 49.40
N LEU H 136 -0.06 -19.27 48.53
CA LEU H 136 -1.11 -19.61 47.60
C LEU H 136 -2.31 -20.27 48.30
N LEU H 137 -2.05 -21.01 49.37
CA LEU H 137 -3.15 -21.59 50.13
C LEU H 137 -3.97 -20.48 50.78
N LEU H 138 -3.31 -19.64 51.56
CA LEU H 138 -3.98 -18.51 52.22
C LEU H 138 -4.79 -17.68 51.22
N TYR H 139 -4.16 -17.34 50.09
CA TYR H 139 -4.80 -16.51 49.08
C TYR H 139 -6.05 -17.18 48.52
N ASN H 140 -5.95 -18.45 48.18
CA ASN H 140 -7.11 -19.17 47.68
C ASN H 140 -8.23 -19.39 48.70
N SER H 141 -7.86 -19.52 49.97
CA SER H 141 -8.85 -19.73 51.03
C SER H 141 -9.84 -18.57 51.10
N ILE H 142 -9.37 -17.38 50.75
CA ILE H 142 -10.23 -16.20 50.70
C ILE H 142 -11.44 -16.46 49.83
N TYR H 143 -11.20 -16.95 48.63
CA TYR H 143 -12.27 -17.13 47.65
C TYR H 143 -13.23 -18.27 47.99
N LYS H 144 -12.74 -19.29 48.69
CA LYS H 144 -13.59 -20.38 49.16
C LYS H 144 -14.51 -19.89 50.29
N LEU H 145 -13.97 -19.09 51.19
CA LEU H 145 -14.78 -18.47 52.23
C LEU H 145 -15.89 -17.58 51.69
N ILE H 146 -15.55 -16.71 50.75
CA ILE H 146 -16.53 -15.83 50.14
C ILE H 146 -17.62 -16.64 49.44
N GLU H 147 -17.24 -17.78 48.86
CA GLU H 147 -18.22 -18.70 48.31
C GLU H 147 -19.09 -19.29 49.41
N ILE H 148 -18.47 -19.77 50.48
CA ILE H 148 -19.21 -20.37 51.57
C ILE H 148 -20.30 -19.43 52.13
N TYR H 149 -19.93 -18.18 52.39
CA TYR H 149 -20.84 -17.22 53.03
C TYR H 149 -21.65 -16.30 52.12
N LEU H 150 -21.16 -16.02 50.91
CA LEU H 150 -21.81 -15.03 50.05
C LEU H 150 -22.22 -15.57 48.69
N ARG H 151 -22.06 -16.88 48.52
CA ARG H 151 -22.46 -17.55 47.29
C ARG H 151 -23.78 -17.01 46.72
N ASN H 152 -24.76 -16.77 47.59
CA ASN H 152 -26.09 -16.39 47.13
C ASN H 152 -26.44 -14.90 47.20
N GLU H 153 -25.46 -14.07 47.56
CA GLU H 153 -25.66 -12.63 47.55
C GLU H 153 -25.55 -12.09 46.12
N SER H 154 -26.20 -10.95 45.87
CA SER H 154 -26.19 -10.36 44.53
C SER H 154 -24.84 -9.68 44.24
N CYS H 155 -24.19 -9.18 45.29
CA CYS H 155 -22.88 -8.54 45.15
C CYS H 155 -21.72 -9.54 45.04
N TYR H 156 -22.02 -10.83 45.15
CA TYR H 156 -21.02 -11.87 45.10
C TYR H 156 -19.96 -11.65 44.00
N VAL H 157 -20.40 -11.63 42.75
CA VAL H 157 -19.47 -11.51 41.64
C VAL H 157 -18.64 -10.23 41.68
N ASP H 158 -19.24 -9.17 42.24
CA ASP H 158 -18.54 -7.90 42.42
C ASP H 158 -17.50 -7.96 43.54
N VAL H 159 -17.83 -8.64 44.63
CA VAL H 159 -16.89 -8.81 45.72
C VAL H 159 -15.63 -9.57 45.24
N ILE H 160 -15.82 -10.68 44.53
CA ILE H 160 -14.69 -11.47 44.08
C ILE H 160 -13.80 -10.67 43.13
N ALA H 161 -14.41 -9.78 42.34
CA ALA H 161 -13.66 -8.93 41.42
C ALA H 161 -12.85 -7.87 42.13
N THR H 162 -13.43 -7.27 43.16
CA THR H 162 -12.71 -6.27 43.97
C THR H 162 -11.45 -6.89 44.60
N PHE H 163 -11.56 -8.09 45.16
CA PHE H 163 -10.41 -8.78 45.72
C PHE H 163 -9.37 -9.05 44.64
N ARG H 164 -9.83 -9.60 43.52
CA ARG H 164 -8.96 -9.95 42.41
C ARG H 164 -8.25 -8.73 41.83
N ASP H 165 -9.00 -7.66 41.60
CA ASP H 165 -8.43 -6.43 41.05
C ASP H 165 -7.46 -5.75 42.00
N ALA H 166 -7.82 -5.69 43.27
CA ALA H 166 -6.95 -5.06 44.24
C ALA H 166 -5.66 -5.86 44.42
N THR H 167 -5.77 -7.19 44.35
CA THR H 167 -4.59 -8.04 44.49
C THR H 167 -3.66 -7.82 43.29
N LEU H 168 -4.25 -7.73 42.10
CA LEU H 168 -3.46 -7.41 40.89
C LEU H 168 -2.65 -6.12 41.02
N LYS H 169 -3.29 -5.05 41.49
CA LYS H 169 -2.59 -3.79 41.68
C LYS H 169 -1.50 -3.91 42.77
N THR H 170 -1.77 -4.70 43.79
CA THR H 170 -0.76 -4.94 44.82
C THR H 170 0.45 -5.71 44.26
N ILE H 171 0.20 -6.65 43.38
CA ILE H 171 1.28 -7.43 42.78
C ILE H 171 2.17 -6.54 41.91
N ILE H 172 1.56 -5.64 41.14
CA ILE H 172 2.33 -4.70 40.30
C ILE H 172 3.10 -3.69 41.16
N GLY H 173 2.50 -3.24 42.24
CA GLY H 173 3.20 -2.40 43.21
C GLY H 173 4.41 -3.11 43.78
N GLN H 174 4.20 -4.33 44.26
CA GLN H 174 5.28 -5.10 44.85
C GLN H 174 6.40 -5.28 43.81
N HIS H 175 6.01 -5.55 42.56
CA HIS H 175 6.98 -5.67 41.50
C HIS H 175 7.88 -4.42 41.37
N LEU H 176 7.26 -3.24 41.38
CA LEU H 176 8.00 -1.99 41.25
C LEU H 176 8.88 -1.74 42.47
N ASP H 177 8.35 -2.08 43.64
CA ASP H 177 9.06 -1.91 44.89
C ASP H 177 10.32 -2.78 44.92
N THR H 178 10.29 -3.88 44.19
CA THR H 178 11.37 -4.85 44.22
C THR H 178 12.41 -4.55 43.15
N ASN H 179 11.98 -3.90 42.08
CA ASN H 179 12.80 -3.78 40.88
C ASN H 179 13.15 -2.36 40.46
N ILE H 180 12.70 -1.36 41.23
CA ILE H 180 12.78 0.03 40.78
C ILE H 180 14.23 0.51 40.58
N PHE H 181 15.16 0.01 41.38
CA PHE H 181 16.56 0.38 41.25
C PHE H 181 17.38 -0.58 40.38
N SER H 182 16.75 -1.65 39.90
CA SER H 182 17.47 -2.65 39.11
C SER H 182 17.67 -2.17 37.67
N ASP H 183 18.41 -2.94 36.88
CA ASP H 183 18.71 -2.56 35.49
C ASP H 183 17.49 -2.43 34.60
N LYS H 184 16.54 -3.35 34.74
CA LYS H 184 15.37 -3.37 33.88
C LYS H 184 14.44 -2.17 34.12
N TYR H 185 14.96 -1.14 34.78
CA TYR H 185 14.21 0.08 34.99
C TYR H 185 15.11 1.30 34.88
N SER H 186 16.24 1.12 34.20
CA SER H 186 17.21 2.21 34.01
C SER H 186 17.11 2.78 32.61
N ILE H 192 16.42 -7.92 30.11
CA ILE H 192 16.51 -9.16 30.89
C ILE H 192 17.29 -10.23 30.15
N ASP H 193 18.31 -10.73 30.83
CA ASP H 193 19.22 -11.69 30.25
C ASP H 193 18.81 -13.10 30.65
N VAL H 194 18.22 -13.82 29.71
CA VAL H 194 17.75 -15.18 29.99
C VAL H 194 18.88 -16.22 29.97
N ASN H 195 20.11 -15.78 29.72
CA ASN H 195 21.25 -16.71 29.73
C ASN H 195 22.13 -16.54 30.95
N ASN H 196 21.76 -15.61 31.82
CA ASN H 196 22.56 -15.32 33.00
C ASN H 196 22.00 -15.88 34.31
N ILE H 197 22.51 -17.04 34.72
CA ILE H 197 22.20 -17.60 36.03
C ILE H 197 23.41 -17.55 36.95
N ASN H 198 24.55 -17.12 36.39
CA ASN H 198 25.80 -16.99 37.13
C ASN H 198 26.39 -15.59 36.91
N VAL H 199 26.24 -14.72 37.90
CA VAL H 199 26.73 -13.34 37.79
C VAL H 199 25.69 -12.36 38.34
N PRO H 200 25.59 -12.28 39.67
CA PRO H 200 24.59 -11.46 40.34
C PRO H 200 24.87 -9.96 40.27
N GLN H 202 23.94 -6.97 41.53
CA GLN H 202 24.59 -5.99 42.40
C GLN H 202 23.76 -4.73 42.56
N PRO H 203 23.27 -4.48 43.78
CA PRO H 203 22.33 -3.39 44.08
C PRO H 203 22.96 -2.00 44.09
N VAL H 204 22.36 -1.08 43.35
CA VAL H 204 22.77 0.33 43.32
C VAL H 204 21.50 1.17 43.30
N ILE H 205 21.62 2.46 43.53
CA ILE H 205 20.46 3.34 43.43
C ILE H 205 20.48 4.13 42.12
N ASP H 206 19.34 4.10 41.41
CA ASP H 206 19.20 4.87 40.18
C ASP H 206 18.64 6.25 40.54
N ILE H 207 19.47 7.27 40.40
CA ILE H 207 19.11 8.62 40.86
C ILE H 207 17.85 9.17 40.19
N ASN H 208 17.62 8.80 38.95
CA ASN H 208 16.44 9.29 38.24
C ASN H 208 15.13 8.70 38.75
N MET H 209 15.23 7.62 39.51
CA MET H 209 14.05 7.00 40.12
C MET H 209 13.78 7.57 41.50
N ILE H 210 14.74 8.28 42.06
CA ILE H 210 14.59 8.85 43.40
C ILE H 210 13.75 10.13 43.37
N ASN H 211 12.44 9.98 43.14
CA ASN H 211 11.54 11.12 43.14
C ASN H 211 10.13 10.76 43.59
N PHE H 212 9.40 11.77 44.06
CA PHE H 212 8.10 11.55 44.67
C PHE H 212 7.06 10.99 43.69
N GLY H 213 7.24 11.30 42.41
CA GLY H 213 6.31 10.84 41.38
C GLY H 213 6.32 9.34 41.18
N VAL H 214 7.51 8.75 41.20
CA VAL H 214 7.68 7.32 41.05
C VAL H 214 7.20 6.60 42.31
N TYR H 215 7.56 7.15 43.46
CA TYR H 215 7.27 6.55 44.75
C TYR H 215 5.76 6.45 44.97
N LYS H 216 5.04 7.51 44.62
CA LYS H 216 3.58 7.51 44.73
C LYS H 216 3.00 6.44 43.82
N ASN H 217 3.55 6.32 42.61
CA ASN H 217 3.18 5.22 41.71
C ASN H 217 3.23 3.90 42.46
N ILE H 218 4.36 3.67 43.12
CA ILE H 218 4.61 2.40 43.78
C ILE H 218 3.72 2.19 45.01
N VAL H 219 3.70 3.18 45.90
CA VAL H 219 3.00 3.04 47.18
C VAL H 219 1.49 2.93 47.03
N ILE H 220 0.97 3.61 46.02
CA ILE H 220 -0.44 3.56 45.71
C ILE H 220 -0.86 2.16 45.29
N HIS H 221 -0.06 1.53 44.43
CA HIS H 221 -0.39 0.18 43.99
C HIS H 221 -0.10 -0.88 45.04
N LYS H 222 0.97 -0.67 45.80
CA LYS H 222 1.41 -1.68 46.75
C LYS H 222 0.57 -1.68 48.03
N THR H 223 -0.07 -0.55 48.32
CA THR H 223 -0.74 -0.39 49.61
C THR H 223 -2.17 0.15 49.56
N ALA H 224 -2.39 1.20 48.77
CA ALA H 224 -3.69 1.88 48.75
C ALA H 224 -4.86 0.97 48.42
N TYR H 225 -4.69 0.13 47.40
CA TYR H 225 -5.81 -0.69 46.93
C TYR H 225 -6.29 -1.78 47.87
N TYR H 226 -5.37 -2.53 48.48
CA TYR H 226 -5.79 -3.63 49.34
C TYR H 226 -6.01 -3.18 50.77
N SER H 227 -5.43 -2.05 51.15
CA SER H 227 -5.49 -1.60 52.53
C SER H 227 -6.65 -0.66 52.82
N PHE H 228 -7.15 0.03 51.79
CA PHE H 228 -8.17 1.03 52.00
C PHE H 228 -9.33 0.85 51.06
N PHE H 229 -9.04 0.92 49.77
CA PHE H 229 -10.06 0.73 48.76
C PHE H 229 -10.85 -0.57 48.95
N LEU H 230 -10.14 -1.68 49.12
CA LEU H 230 -10.80 -2.99 49.19
C LEU H 230 -11.76 -3.13 50.38
N PRO H 231 -11.30 -2.85 51.60
CA PRO H 231 -12.19 -2.98 52.74
C PRO H 231 -13.41 -2.05 52.66
N ILE H 232 -13.20 -0.83 52.16
CA ILE H 232 -14.31 0.11 52.06
C ILE H 232 -15.32 -0.37 51.03
N VAL H 233 -14.82 -0.80 49.87
CA VAL H 233 -15.69 -1.23 48.80
C VAL H 233 -16.45 -2.50 49.18
N CYS H 234 -15.84 -3.33 50.01
CA CYS H 234 -16.50 -4.55 50.47
C CYS H 234 -17.75 -4.22 51.26
N GLY H 235 -17.60 -3.34 52.25
CA GLY H 235 -18.73 -2.87 53.06
C GLY H 235 -19.82 -2.20 52.26
N MET H 236 -19.43 -1.36 51.30
CA MET H 236 -20.38 -0.65 50.46
C MET H 236 -21.12 -1.61 49.54
N LEU H 237 -20.36 -2.48 48.89
CA LEU H 237 -20.97 -3.48 48.02
C LEU H 237 -21.96 -4.32 48.79
N LEU H 238 -21.59 -4.74 50.00
CA LEU H 238 -22.44 -5.63 50.77
C LEU H 238 -23.71 -4.93 51.26
N ALA H 239 -23.60 -3.65 51.58
CA ALA H 239 -24.74 -2.85 52.04
C ALA H 239 -25.63 -2.36 50.90
N GLY H 240 -25.28 -2.74 49.67
CA GLY H 240 -26.16 -2.47 48.53
C GLY H 240 -25.88 -1.24 47.69
N ILE H 241 -24.83 -0.48 48.03
CA ILE H 241 -24.43 0.65 47.19
C ILE H 241 -23.81 0.17 45.88
N ASP H 244 -20.62 1.25 40.32
CA ASP H 244 -22.04 1.56 40.47
C ASP H 244 -22.24 3.07 40.65
N ASN H 245 -22.62 3.45 41.87
CA ASN H 245 -22.71 4.86 42.25
C ASN H 245 -21.40 5.58 41.96
N LEU H 246 -21.48 6.88 41.70
CA LEU H 246 -20.28 7.68 41.40
C LEU H 246 -19.45 7.93 42.65
N ILE H 247 -19.92 7.42 43.78
CA ILE H 247 -19.18 7.58 45.03
C ILE H 247 -17.95 6.67 45.10
N TYR H 248 -17.95 5.59 44.33
CA TYR H 248 -16.85 4.62 44.36
C TYR H 248 -15.55 5.23 43.83
N LYS H 249 -15.64 6.00 42.77
CA LYS H 249 -14.50 6.72 42.21
C LYS H 249 -13.95 7.68 43.26
N LYS H 250 -14.85 8.28 44.03
CA LYS H 250 -14.42 9.24 45.06
C LYS H 250 -13.76 8.53 46.23
N ILE H 251 -14.22 7.31 46.53
CA ILE H 251 -13.56 6.50 47.55
C ILE H 251 -12.19 6.01 47.07
N GLU H 252 -12.06 5.75 45.77
CA GLU H 252 -10.78 5.36 45.20
C GLU H 252 -9.73 6.46 45.33
N ASP H 253 -10.12 7.69 45.02
CA ASP H 253 -9.22 8.84 45.17
C ASP H 253 -8.76 9.02 46.61
N ILE H 254 -9.70 8.92 47.55
CA ILE H 254 -9.37 9.02 48.98
C ILE H 254 -8.43 7.90 49.41
N SER H 255 -8.69 6.70 48.91
CA SER H 255 -7.88 5.53 49.23
C SER H 255 -6.43 5.73 48.76
N MET H 256 -6.24 6.40 47.63
CA MET H 256 -4.89 6.68 47.16
C MET H 256 -4.16 7.60 48.12
N LEU H 257 -4.89 8.56 48.68
CA LEU H 257 -4.33 9.51 49.64
C LEU H 257 -3.99 8.85 50.96
N MET H 258 -4.85 7.95 51.41
CA MET H 258 -4.63 7.27 52.68
C MET H 258 -3.48 6.28 52.56
N GLY H 259 -3.36 5.63 51.41
CA GLY H 259 -2.31 4.63 51.22
C GLY H 259 -0.93 5.27 51.22
N GLU H 260 -0.82 6.41 50.56
CA GLU H 260 0.44 7.16 50.54
C GLU H 260 0.78 7.57 51.96
N TYR H 261 -0.22 8.11 52.65
CA TYR H 261 -0.12 8.49 54.06
C TYR H 261 0.35 7.30 54.92
N PHE H 262 -0.32 6.16 54.76
CA PHE H 262 0.03 4.98 55.53
C PHE H 262 1.49 4.51 55.28
N GLN H 263 1.89 4.47 54.01
CA GLN H 263 3.20 3.92 53.66
C GLN H 263 4.35 4.85 54.10
N ILE H 264 4.13 6.15 53.94
CA ILE H 264 5.14 7.13 54.34
C ILE H 264 5.37 7.06 55.85
N HIS H 265 4.30 6.81 56.59
CA HIS H 265 4.41 6.58 58.02
C HIS H 265 5.11 5.25 58.29
N ASP H 266 4.83 4.25 57.46
CA ASP H 266 5.49 2.96 57.57
C ASP H 266 6.98 3.14 57.29
N ASP H 267 7.32 3.98 56.32
CA ASP H 267 8.72 4.23 55.99
C ASP H 267 9.41 4.95 57.14
N TYR H 268 8.68 5.86 57.77
CA TYR H 268 9.21 6.65 58.87
C TYR H 268 9.60 5.79 60.07
N LEU H 269 8.76 4.80 60.38
CA LEU H 269 9.02 3.91 61.52
C LEU H 269 10.18 2.96 61.27
N ASP H 270 10.38 2.58 60.00
CA ASP H 270 11.44 1.65 59.65
C ASP H 270 12.80 2.14 60.14
N ILE H 271 12.97 3.46 60.22
CA ILE H 271 14.21 4.04 60.75
C ILE H 271 14.06 4.56 62.19
N PHE H 272 13.03 5.35 62.42
CA PHE H 272 12.81 6.00 63.72
C PHE H 272 11.89 5.20 64.65
N GLY H 273 11.64 3.94 64.32
CA GLY H 273 10.69 3.14 65.07
C GLY H 273 11.29 2.02 65.89
N ASP H 274 10.77 1.85 67.10
CA ASP H 274 11.15 0.74 67.98
C ASP H 274 10.55 -0.55 67.42
N SER H 275 11.38 -1.56 67.21
CA SER H 275 10.92 -2.82 66.65
C SER H 275 9.98 -3.58 67.60
N THR H 276 10.02 -3.18 68.87
CA THR H 276 9.08 -3.71 69.87
C THR H 276 7.68 -3.18 69.59
N LYS H 277 7.62 -2.00 68.96
CA LYS H 277 6.34 -1.40 68.59
C LYS H 277 5.83 -1.89 67.23
N THR H 278 6.72 -1.96 66.23
CA THR H 278 6.34 -2.38 64.88
C THR H 278 6.19 -3.89 64.74
N GLY H 279 6.99 -4.64 65.49
CA GLY H 279 6.95 -6.09 65.44
C GLY H 279 7.83 -6.70 64.36
N LYS H 280 8.51 -5.83 63.60
CA LYS H 280 9.40 -6.25 62.51
C LYS H 280 10.71 -5.47 62.61
N VAL H 281 11.77 -5.99 61.98
CA VAL H 281 13.08 -5.33 62.03
C VAL H 281 13.18 -4.18 61.02
N SER H 283 14.96 -2.34 57.98
CA SER H 283 15.92 -2.90 57.04
C SER H 283 15.78 -2.32 55.63
N ASP H 284 15.01 -1.25 55.50
CA ASP H 284 14.82 -0.61 54.21
C ASP H 284 16.15 -0.16 53.61
N ILE H 285 17.04 0.39 54.45
CA ILE H 285 18.33 0.91 53.99
C ILE H 285 19.22 -0.19 53.39
N GLN H 286 19.49 -1.25 54.17
CA GLN H 286 20.32 -2.33 53.65
C GLN H 286 19.64 -3.06 52.49
N ASN H 287 18.31 -3.04 52.47
CA ASN H 287 17.57 -3.63 51.36
C ASN H 287 17.42 -2.73 50.14
N ASN H 288 17.98 -1.53 50.21
CA ASN H 288 18.05 -0.67 49.03
C ASN H 288 16.66 -0.24 48.55
N LYS H 289 15.73 -0.04 49.49
CA LYS H 289 14.37 0.34 49.12
C LYS H 289 14.27 1.83 48.83
N LEU H 290 13.41 2.16 47.89
CA LEU H 290 13.02 3.54 47.65
C LEU H 290 12.02 3.92 48.74
N THR H 291 12.44 4.80 49.65
CA THR H 291 11.60 5.17 50.77
C THR H 291 11.40 6.68 50.76
N TRP H 292 10.47 7.15 51.59
CA TRP H 292 10.16 8.57 51.62
C TRP H 292 11.32 9.33 52.27
N PRO H 293 11.90 8.76 53.32
CA PRO H 293 13.07 9.39 53.94
C PRO H 293 14.28 9.51 53.00
N LEU H 294 14.51 8.50 52.15
CA LEU H 294 15.58 8.62 51.14
C LEU H 294 15.33 9.76 50.15
N ILE H 295 14.14 9.75 49.55
CA ILE H 295 13.75 10.78 48.59
C ILE H 295 13.87 12.19 49.17
N LYS H 296 13.32 12.40 50.36
CA LYS H 296 13.39 13.69 51.01
C LYS H 296 14.84 14.12 51.29
N THR H 297 15.63 13.21 51.83
CA THR H 297 17.02 13.50 52.15
C THR H 297 17.83 13.81 50.89
N PHE H 298 17.51 13.12 49.81
CA PHE H 298 18.27 13.26 48.57
C PHE H 298 18.07 14.61 47.92
N GLU H 299 16.85 15.12 47.96
CA GLU H 299 16.59 16.42 47.35
C GLU H 299 16.91 17.59 48.28
N LEU H 300 17.26 17.28 49.52
CA LEU H 300 17.62 18.30 50.50
C LEU H 300 19.12 18.50 50.65
N CYS H 301 19.90 17.45 50.42
CA CYS H 301 21.29 17.45 50.87
C CYS H 301 22.31 18.00 49.88
N SER H 302 23.47 18.40 50.41
CA SER H 302 24.57 18.91 49.60
C SER H 302 24.99 17.88 48.56
N GLU H 303 25.73 18.31 47.55
CA GLU H 303 26.15 17.42 46.47
C GLU H 303 27.12 16.35 46.95
N PRO H 304 27.90 16.64 48.01
CA PRO H 304 28.78 15.63 48.56
C PRO H 304 28.04 14.60 49.40
N ASP H 305 26.96 15.02 50.05
CA ASP H 305 26.17 14.09 50.84
C ASP H 305 25.41 13.13 49.94
N LYS H 306 25.18 13.54 48.70
CA LYS H 306 24.58 12.65 47.73
C LYS H 306 25.53 11.50 47.38
N ILE H 307 26.83 11.81 47.28
CA ILE H 307 27.82 10.79 47.01
C ILE H 307 27.85 9.80 48.17
N LYS H 308 27.77 10.33 49.39
CA LYS H 308 27.68 9.47 50.56
C LYS H 308 26.45 8.56 50.49
N ILE H 309 25.35 9.09 49.97
CA ILE H 309 24.13 8.30 49.84
C ILE H 309 24.36 7.15 48.87
N VAL H 310 24.80 7.49 47.66
CA VAL H 310 25.04 6.50 46.61
C VAL H 310 26.09 5.45 47.01
N LYS H 311 27.02 5.85 47.87
CA LYS H 311 28.09 4.94 48.28
C LYS H 311 27.70 4.05 49.45
N ASN H 312 26.72 4.49 50.23
CA ASN H 312 26.38 3.78 51.45
C ASN H 312 24.99 3.14 51.49
N TYR H 313 24.11 3.52 50.57
CA TYR H 313 22.76 2.98 50.57
C TYR H 313 22.73 1.56 50.01
N GLY H 314 21.88 0.74 50.61
CA GLY H 314 21.66 -0.61 50.10
C GLY H 314 22.85 -1.54 50.29
N LYS H 315 23.64 -1.27 51.31
CA LYS H 315 24.78 -2.11 51.64
C LYS H 315 24.55 -2.85 52.94
N ASN H 316 24.71 -4.16 52.89
CA ASN H 316 24.62 -4.99 54.08
C ASN H 316 25.93 -4.82 54.86
N ASN H 317 26.03 -3.66 55.52
CA ASN H 317 27.24 -3.25 56.20
C ASN H 317 26.91 -2.19 57.25
N LEU H 318 27.22 -2.48 58.51
CA LEU H 318 26.86 -1.62 59.63
C LEU H 318 27.24 -0.15 59.43
N ALA H 319 28.49 0.09 59.06
CA ALA H 319 28.99 1.45 58.87
C ALA H 319 28.23 2.16 57.75
N CYS H 320 27.87 1.43 56.71
CA CYS H 320 27.15 2.03 55.59
C CYS H 320 25.75 2.46 56.03
N VAL H 321 25.06 1.58 56.75
CA VAL H 321 23.73 1.92 57.25
C VAL H 321 23.77 3.10 58.24
N LYS H 322 24.75 3.09 59.13
CA LYS H 322 24.91 4.17 60.10
C LYS H 322 25.14 5.52 59.43
N VAL H 323 25.85 5.51 58.30
CA VAL H 323 26.02 6.73 57.52
C VAL H 323 24.66 7.26 57.08
N ILE H 324 23.82 6.35 56.59
CA ILE H 324 22.49 6.73 56.12
C ILE H 324 21.64 7.25 57.27
N ASP H 325 21.64 6.51 58.38
CA ASP H 325 20.95 6.92 59.60
C ASP H 325 21.35 8.34 59.98
N SER H 326 22.66 8.60 60.06
CA SER H 326 23.17 9.92 60.44
C SER H 326 22.71 11.03 59.50
N LEU H 327 22.67 10.74 58.21
CA LEU H 327 22.15 11.71 57.25
C LEU H 327 20.68 12.07 57.49
N TYR H 328 19.84 11.06 57.73
CA TYR H 328 18.43 11.31 58.03
C TYR H 328 18.29 12.17 59.27
N GLU H 329 19.14 11.92 60.25
CA GLU H 329 19.15 12.68 61.49
C GLU H 329 19.60 14.10 61.21
N GLN H 330 20.59 14.23 60.33
CA GLN H 330 21.19 15.52 60.01
C GLN H 330 20.22 16.41 59.26
N TYR H 331 19.52 15.83 58.29
CA TYR H 331 18.55 16.58 57.50
C TYR H 331 17.15 16.60 58.12
N LYS H 332 17.08 16.29 59.41
CA LYS H 332 15.85 16.43 60.19
C LYS H 332 14.61 15.78 59.55
N ILE H 333 14.79 14.57 59.05
CA ILE H 333 13.67 13.82 58.47
C ILE H 333 12.45 13.77 59.40
N ARG H 334 12.69 13.61 60.70
CA ARG H 334 11.60 13.60 61.68
C ARG H 334 10.68 14.82 61.51
N LYS H 335 11.27 16.01 61.57
CA LYS H 335 10.50 17.24 61.39
C LYS H 335 9.82 17.29 60.02
N HIS H 336 10.53 16.87 58.99
CA HIS H 336 9.93 16.82 57.67
C HIS H 336 8.78 15.82 57.57
N TYR H 337 8.82 14.77 58.39
CA TYR H 337 7.70 13.85 58.45
C TYR H 337 6.52 14.48 59.17
N GLU H 338 6.76 15.00 60.37
CA GLU H 338 5.70 15.67 61.13
C GLU H 338 4.96 16.66 60.26
N SER H 339 5.69 17.34 59.39
CA SER H 339 5.09 18.33 58.52
C SER H 339 4.23 17.67 57.44
N TYR H 340 4.76 16.59 56.84
CA TYR H 340 4.03 15.90 55.78
C TYR H 340 2.72 15.35 56.32
N GLU H 341 2.80 14.71 57.48
CA GLU H 341 1.64 14.09 58.10
C GLU H 341 0.50 15.08 58.21
N LYS H 342 0.81 16.29 58.67
CA LYS H 342 -0.21 17.31 58.91
C LYS H 342 -0.86 17.77 57.60
N ALA H 343 -0.05 17.96 56.57
CA ALA H 343 -0.56 18.43 55.29
C ALA H 343 -1.42 17.37 54.59
N GLN H 344 -0.99 16.11 54.68
CA GLN H 344 -1.70 15.01 54.03
C GLN H 344 -3.01 14.71 54.75
N LYS H 345 -2.99 14.79 56.08
CA LYS H 345 -4.19 14.62 56.89
C LYS H 345 -5.28 15.62 56.47
N ALA H 346 -4.88 16.86 56.20
CA ALA H 346 -5.82 17.88 55.72
C ALA H 346 -6.32 17.61 54.31
N LYS H 347 -5.43 17.16 53.42
CA LYS H 347 -5.87 16.80 52.08
C LYS H 347 -6.90 15.68 52.14
N ILE H 348 -6.69 14.73 53.04
CA ILE H 348 -7.59 13.58 53.16
C ILE H 348 -8.97 14.01 53.64
N LEU H 349 -8.99 14.77 54.74
CA LEU H 349 -10.24 15.25 55.32
C LEU H 349 -10.97 16.14 54.35
N SER H 350 -10.20 16.84 53.53
CA SER H 350 -10.80 17.69 52.51
C SER H 350 -11.45 16.84 51.42
N ALA H 351 -10.85 15.69 51.12
CA ALA H 351 -11.43 14.76 50.14
C ALA H 351 -12.62 14.01 50.75
N ILE H 352 -12.50 13.69 52.04
CA ILE H 352 -13.58 13.03 52.77
C ILE H 352 -14.83 13.91 52.81
N ASN H 353 -14.63 15.22 52.96
CA ASN H 353 -15.75 16.15 53.07
C ASN H 353 -16.49 16.42 51.76
N GLU H 354 -16.00 15.85 50.67
CA GLU H 354 -16.66 15.98 49.38
C GLU H 354 -17.35 14.67 48.97
N LEU H 355 -17.51 13.77 49.95
CA LEU H 355 -18.16 12.49 49.70
C LEU H 355 -19.68 12.58 49.57
N HIS H 356 -20.30 13.43 50.39
CA HIS H 356 -21.77 13.53 50.42
C HIS H 356 -22.39 12.26 50.98
N HIS H 357 -21.87 11.82 52.13
CA HIS H 357 -22.35 10.61 52.79
C HIS H 357 -21.84 10.59 54.21
N GLU H 358 -22.64 11.10 55.13
CA GLU H 358 -22.21 11.30 56.50
C GLU H 358 -21.79 10.01 57.20
N GLY H 359 -22.43 8.90 56.87
CA GLY H 359 -22.06 7.62 57.45
C GLY H 359 -20.61 7.25 57.17
N ILE H 360 -20.24 7.25 55.89
CA ILE H 360 -18.88 6.91 55.47
C ILE H 360 -17.85 7.97 55.88
N GLU H 361 -18.25 9.24 55.81
CA GLU H 361 -17.36 10.32 56.24
C GLU H 361 -16.98 10.16 57.70
N TYR H 362 -17.96 9.80 58.52
CA TYR H 362 -17.74 9.61 59.95
C TYR H 362 -16.74 8.48 60.18
N VAL H 363 -16.92 7.38 59.44
CA VAL H 363 -16.02 6.25 59.55
C VAL H 363 -14.60 6.60 59.10
N LEU H 364 -14.47 7.22 57.93
CA LEU H 364 -13.15 7.57 57.41
C LEU H 364 -12.41 8.57 58.31
N LYS H 365 -13.14 9.55 58.84
CA LYS H 365 -12.52 10.50 59.76
C LYS H 365 -12.06 9.81 61.03
N TYR H 366 -12.80 8.80 61.45
CA TYR H 366 -12.44 8.01 62.62
C TYR H 366 -11.22 7.14 62.32
N LEU H 367 -11.30 6.40 61.22
CA LEU H 367 -10.19 5.55 60.77
C LEU H 367 -8.89 6.37 60.75
N LEU H 368 -8.98 7.56 60.18
CA LEU H 368 -7.83 8.45 60.07
C LEU H 368 -7.19 8.66 61.43
N GLU H 369 -8.02 8.80 62.45
CA GLU H 369 -7.54 9.06 63.81
C GLU H 369 -6.76 7.89 64.41
N ILE H 370 -7.28 6.68 64.21
CA ILE H 370 -6.70 5.51 64.86
C ILE H 370 -5.87 4.68 63.89
N LEU H 371 -5.49 5.29 62.77
CA LEU H 371 -4.74 4.58 61.73
C LEU H 371 -3.43 3.97 62.22
N PHE H 372 -2.72 4.70 63.09
CA PHE H 372 -1.41 4.25 63.53
C PHE H 372 -1.44 3.34 64.76
N THR H 373 -2.41 3.55 65.63
CA THR H 373 -2.53 2.76 66.85
C THR H 373 -3.37 1.48 66.65
N GLY H 374 -4.36 1.56 65.77
CA GLY H 374 -5.23 0.41 65.49
C GLY H 374 -6.59 0.56 66.11
CAA 04M I . -38.80 -5.81 -18.89
OAB 04M I . -33.88 -18.42 -17.53
OAC 04M I . -34.88 -22.50 -14.31
OAD 04M I . -36.43 -23.21 -16.09
OAE 04M I . -34.77 -16.58 -16.70
CAF 04M I . -36.08 -13.80 -18.64
CAG 04M I . -36.62 -14.82 -17.86
CAH 04M I . -35.39 -12.77 -18.03
CAI 04M I . -37.92 -20.26 -15.17
CAJ 04M I . -38.20 -18.96 -15.56
CAK 04M I . -35.79 -13.75 -15.87
CAL 04M I . -35.63 -19.95 -15.86
CAM 04M I . -38.13 -7.14 -18.55
CAN 04M I . -36.81 -6.93 -17.81
CAO 04M I . -36.60 -7.97 -16.69
CAP 04M I . -35.60 -7.47 -15.64
CAQ 04M I . -34.45 -8.48 -15.46
CAR 04M I . -34.96 -9.72 -14.74
CAS 04M I . -35.61 -10.69 -15.71
CAT 04M I . -37.86 -22.46 -11.52
CAU 04M I . -36.20 -23.85 -11.83
CAV 04M I . -37.00 -15.82 -15.73
CAW 04M I . -37.96 -21.95 -12.92
CAX 04M I . -36.93 -24.18 -13.11
OAY 04M I . -36.48 -22.49 -11.65
OAZ 04M I . -34.64 -11.69 -16.05
OBA 04M I . -37.57 -16.89 -16.49
CBB 04M I . -34.78 -17.81 -16.90
CBC 04M I . -36.48 -14.78 -16.48
CBD 04M I . -35.26 -12.73 -16.64
CBE 04M I . -36.62 -20.74 -15.26
CBF 04M I . -37.20 -18.14 -16.05
CBG 04M I . -35.92 -18.66 -16.27
NBH 04M I . -37.37 -22.95 -13.79
SBI 04M I . -36.28 -22.38 -14.85
CAA 04M J . 26.95 8.25 8.26
OAB 04M J . 22.45 20.29 8.90
OAC 04M J . 27.59 24.24 9.10
OAD 04M J . 26.34 25.76 7.60
OAE 04M J . 24.25 20.62 10.16
CAF 04M J . 23.18 16.44 8.60
CAG 04M J . 23.53 17.61 7.95
CAH 04M J . 22.87 15.29 7.88
CAI 04M J . 25.78 22.76 5.94
CAJ 04M J . 24.92 21.71 5.63
CAK 04M J . 23.23 16.51 5.83
CAL 04M J . 25.23 22.50 8.26
CAM 04M J . 25.93 9.03 7.44
CAN 04M J . 26.60 9.75 6.28
CAO 04M J . 25.57 10.36 5.32
CAP 04M J . 24.18 9.73 5.47
CAQ 04M J . 23.07 10.78 5.23
CAR 04M J . 23.04 11.83 6.35
CAS 04M J . 23.62 13.17 5.86
CAT 04M J . 30.45 23.37 6.74
CAU 04M J . 30.56 25.53 6.97
CAV 04M J . 23.93 18.82 5.92
CAW 04M J . 28.98 23.21 6.91
CAX 04M J . 29.14 25.57 7.46
OAY 04M J . 30.25 24.55 6.00
OAZ 04M J . 22.62 14.19 5.78
OBA 04M J . 23.31 20.06 6.30
CBB 04M J . 23.61 20.75 9.09
CBC 04M J . 23.56 17.65 6.56
CBD 04M J . 22.95 15.31 6.49
CBE 04M J . 25.99 23.12 7.27
CBF 04M J . 24.23 21.04 6.63
CBG 04M J . 24.34 21.48 7.95
NBH 04M J . 28.35 24.52 6.77
SBI 04M J . 27.07 24.44 7.71
CAA 04M K . 28.91 -0.18 3.46
OAB 04M K . 31.36 -9.29 -3.64
OAC 04M K . 27.38 -13.92 -0.99
OAD 04M K . 27.19 -14.91 -3.22
OAE 04M K . 31.27 -10.62 -1.88
CAF 04M K . 27.95 -6.86 -2.13
CAG 04M K . 27.94 -7.61 -3.29
CAH 04M K . 28.92 -5.87 -1.95
CAI 04M K . 27.14 -11.94 -4.41
CAJ 04M K . 27.78 -10.94 -5.16
CAK 04M K . 29.85 -6.38 -4.11
CAL 04M K . 28.86 -11.80 -2.75
CAM 04M K . 29.91 0.45 2.47
CAN 04M K . 29.31 0.44 1.06
CAO 04M K . 30.30 0.93 -0.02
CAP 04M K . 31.09 -0.23 -0.65
CAQ 04M K . 30.22 -1.11 -1.58
CAR 04M K . 30.77 -2.53 -1.63
CAS 04M K . 30.16 -3.37 -2.75
CAT 04M K . 23.44 -13.35 -1.10
CAU 04M K . 24.51 -15.12 -0.70
CAV 04M K . 28.88 -8.15 -5.44
CAW 04M K . 24.66 -12.61 -1.58
CAX 04M K . 24.63 -14.88 -2.21
OAY 04M K . 24.28 -13.86 -0.17
OAZ 04M K . 30.80 -4.66 -2.77
OBA 04M K . 29.59 -9.42 -5.45
CBB 04M K . 30.81 -10.18 -2.96
CBC 04M K . 28.88 -7.37 -4.30
CBD 04M K . 29.88 -5.65 -2.94
CBE 04M K . 27.64 -12.32 -3.17
CBF 04M K . 28.96 -10.36 -4.69
CBG 04M K . 29.51 -10.80 -3.49
NBH 04M K . 25.27 -13.58 -2.46
SBI 04M K . 26.87 -13.70 -2.39
CAA 04M L . 6.74 11.70 -43.50
OAB 04M L . 9.08 -1.24 -43.87
OAC 04M L . 13.55 -0.29 -48.45
OAD 04M L . 14.89 -1.61 -46.89
OAE 04M L . 8.81 -0.29 -45.85
CAF 04M L . 6.77 2.93 -42.39
CAG 04M L . 8.02 2.42 -42.69
CAH 04M L . 6.65 4.05 -41.57
CAI 04M L . 13.54 0.91 -44.76
CAJ 04M L . 12.68 1.25 -43.74
CAK 04M L . 9.05 4.16 -41.36
CAL 04M L . 11.78 -0.33 -45.84
CAM 04M L . 5.70 11.17 -42.50
CAN 04M L . 6.40 10.32 -41.43
CAO 04M L . 5.93 10.68 -40.02
CAP 04M L . 5.17 9.51 -39.37
CAQ 04M L . 6.07 8.28 -39.21
CAR 04M L . 5.66 7.16 -40.16
CAS 04M L . 6.86 6.73 -41.00
CAT 04M L . 16.14 2.74 -48.38
CAU 04M L . 17.62 1.39 -47.45
CAV 04M L . 10.42 2.52 -42.48
CAW 04M L . 14.95 1.88 -48.08
CAX 04M L . 16.64 0.28 -47.21
OAY 04M L . 17.04 1.72 -48.67
OAZ 04M L . 7.67 5.78 -40.29
OBA 04M L . 10.53 1.11 -42.70
CBB 04M L . 9.47 -0.53 -44.83
CBC 04M L . 9.16 3.04 -42.18
CBD 04M L . 7.78 4.66 -41.05
CBE 04M L . 13.10 0.09 -45.81
CBF 04M L . 11.36 0.82 -43.74
CBG 04M L . 10.92 0.00 -44.79
NBH 04M L . 15.31 0.88 -47.07
SBI 04M L . 14.23 -0.29 -47.12
CAA 04M M . -32.91 1.68 -6.63
OAB 04M M . -36.16 10.34 -0.08
OAC 04M M . -33.26 15.42 -3.18
OAD 04M M . -35.45 16.56 -3.36
OAE 04M M . -34.14 11.22 -0.19
CAF 04M M . -35.55 6.51 -1.34
CAG 04M M . -35.77 7.78 -1.87
CAH 04M M . -36.29 5.43 -1.79
CAI 04M M . -36.46 13.39 -4.06
CAJ 04M M . -37.07 12.17 -3.81
CAK 04M M . -37.52 6.90 -3.26
CAL 04M M . -35.07 13.12 -2.11
CAM 04M M . -33.49 0.65 -5.64
CAN 04M M . -35.03 0.75 -5.60
CAO 04M M . -35.58 0.30 -4.23
CAP 04M M . -35.17 1.26 -3.10
CAQ 04M M . -36.36 2.08 -2.63
CAR 04M M . -37.31 2.37 -3.80
CAS 04M M . -37.28 3.85 -4.17
CAT 04M M . -32.77 15.29 -6.96
CAU 04M M . -34.46 16.37 -7.39
CAV 04M M . -36.96 9.24 -3.35
CAW 04M M . -33.26 14.63 -5.70
CAX 04M M . -35.14 16.29 -6.05
OAY 04M M . -33.30 16.57 -6.68
OAZ 04M M . -38.02 4.58 -3.18
OBA 04M M . -37.35 10.26 -2.43
CBB 04M M . -35.31 11.10 -0.60
CBC 04M M . -36.73 7.97 -2.85
CBD 04M M . -37.28 5.64 -2.74
CBE 04M M . -35.48 13.88 -3.20
CBF 04M M . -36.69 11.43 -2.70
CBG 04M M . -35.72 11.92 -1.84
NBH 04M M . -34.58 15.18 -5.31
SBI 04M M . -34.66 15.33 -3.72
CAA 04M N . -0.30 -22.60 43.32
OAB 04M N . 2.10 -32.76 38.10
OAC 04M N . 2.40 -31.79 31.58
OAD 04M N . 4.64 -32.74 31.28
OAE 04M N . 0.81 -32.37 36.34
CAF 04M N . 3.92 -28.64 37.48
CAG 04M N . 4.56 -29.87 37.44
CAH 04M N . 3.22 -28.26 38.61
CAI 04M N . 5.32 -32.25 34.24
CAJ 04M N . 5.53 -32.59 35.57
CAK 04M N . 3.85 -30.31 39.71
CAL 04M N . 2.96 -32.15 34.60
CAM 04M N . 1.23 -22.64 43.24
CAN 04M N . 1.83 -23.34 44.47
CAO 04M N . 2.44 -24.71 44.10
CAP 04M N . 1.37 -25.78 43.96
CAQ 04M N . 1.47 -26.51 42.61
CAR 04M N . 2.89 -26.53 42.07
CAS 04M N . 3.35 -27.96 41.76
CAT 04M N . 3.60 -28.43 30.24
CAU 04M N . 5.59 -29.19 29.85
CAV 04M N . 5.19 -31.94 38.51
CAW 04M N . 3.24 -29.43 31.32
CAX 04M N . 5.39 -30.45 30.64
OAY 04M N . 4.30 -29.29 29.36
OAZ 04M N . 2.50 -28.69 40.86
OBA 04M N . 4.66 -33.04 37.74
CBB 04M N . 1.92 -32.59 36.87
CBC 04M N . 4.52 -30.71 38.55
CBD 04M N . 3.20 -29.07 39.74
CBE 04M N . 4.04 -32.01 33.75
CBF 04M N . 4.45 -32.71 36.43
CBG 04M N . 3.15 -32.51 35.94
NBH 04M N . 4.40 -30.26 31.69
SBI 04M N . 3.84 -31.71 32.03
CAA 04M O . 3.92 20.41 -38.62
OAB 04M O . 3.85 31.61 -32.80
OAC 04M O . -2.51 31.46 -31.52
OAD 04M O . -1.85 32.10 -29.25
OAE 04M O . 2.08 31.33 -34.10
CAF 04M O . 5.64 28.99 -34.79
CAG 04M O . 4.98 29.04 -33.56
CAH 04M O . 5.91 27.77 -35.38
CAI 04M O . 0.40 29.57 -29.74
CAJ 04M O . 1.70 29.12 -29.95
CAK 04M O . 4.90 26.63 -33.52
CAL 04M O . 0.57 31.03 -31.64
CAM 04M O . 5.29 21.10 -38.76
CAN 04M O . 6.34 20.41 -37.89
CAO 04M O . 7.21 21.40 -37.10
CAP 04M O . 7.23 22.80 -37.72
CAQ 04M O . 7.24 23.85 -36.63
CAR 04M O . 6.67 23.25 -35.33
CAS 04M O . 6.11 24.36 -34.46
CAT 04M O . -4.38 28.58 -30.81
CAU 04M O . -4.34 28.72 -28.62
CAV 04M O . 3.92 27.93 -31.73
CAW 04M O . -2.88 28.66 -30.71
CAX 04M O . -3.26 29.75 -28.47
OAY 04M O . -4.76 29.43 -29.74
OAZ 04M O . 5.85 25.42 -35.37
OBA 04M O . 3.75 29.25 -31.14
CBB 04M O . 2.68 31.21 -33.01
CBC 04M O . 4.60 27.85 -32.93
CBD 04M O . 5.58 26.59 -34.73
CBE 04M O . -0.15 30.54 -30.57
CBF 04M O . 2.44 29.62 -31.02
CBG 04M O . 1.89 30.61 -31.84
NBH 04M O . -2.46 29.65 -29.69
SBI 04M O . -1.81 31.01 -30.28
CAA 04M P . -0.35 -12.83 47.90
OAB 04M P . 2.37 -1.76 52.90
OAC 04M P . -1.02 -2.82 58.27
OAD 04M P . 1.10 -2.25 59.38
OAE 04M P . 0.26 -2.40 53.00
CAF 04M P . 1.81 -4.69 49.82
CAG 04M P . 2.04 -4.77 51.19
CAH 04M P . 2.30 -5.70 49.00
CAI 04M P . 2.17 -4.59 57.05
CAJ 04M P . 2.86 -4.95 55.91
CAK 04M P . 3.24 -6.82 50.91
CAL 04M P . 1.00 -2.87 55.84
CAM 04M P . 0.45 -12.20 46.74
CAN 04M P . 1.93 -12.64 46.77
CAO 04M P . 2.84 -11.69 45.99
CAP 04M P . 2.23 -10.29 45.85
CAQ 04M P . 2.82 -9.30 46.87
CAR 04M P . 3.21 -10.02 48.15
CAS 04M P . 3.33 -9.03 49.31
CAT 04M P . -1.44 -6.21 59.79
CAU 04M P . 0.20 -5.91 61.26
CAV 04M P . 2.97 -5.85 53.10
CAW 04M P . -0.62 -5.62 58.68
CAX 04M P . 0.79 -4.69 60.62
OAY 04M P . -1.04 -5.45 60.89
OAZ 04M P . 3.46 -7.74 48.72
OBA 04M P . 3.39 -4.59 53.64
CBB 04M P . 1.44 -2.41 53.41
CBC 04M P . 2.70 -5.85 51.73
CBD 04M P . 2.99 -6.78 49.55
CBE 04M P . 1.27 -3.53 57.03
CBF 04M P . 2.62 -4.27 54.73
CBG 04M P . 1.72 -3.20 54.70
NBH 04M P . 0.45 -4.71 59.19
SBI 04M P . 0.39 -3.24 58.51
#